data_8UEE
#
_entry.id   8UEE
#
_cell.length_a   1.00
_cell.length_b   1.00
_cell.length_c   1.00
_cell.angle_alpha   90.00
_cell.angle_beta   90.00
_cell.angle_gamma   90.00
#
_symmetry.space_group_name_H-M   'P 1'
#
loop_
_entity.id
_entity.type
_entity.pdbx_description
1 polymer 'Actin, alpha skeletal muscle'
2 polymer 'Cell invasion protein SipA'
3 non-polymer "ADENOSINE-5'-DIPHOSPHATE"
4 non-polymer 'MAGNESIUM ION'
5 non-polymer 'PHOSPHATE ION'
6 water water
#
loop_
_entity_poly.entity_id
_entity_poly.type
_entity_poly.pdbx_seq_one_letter_code
_entity_poly.pdbx_strand_id
1 'polypeptide(L)'
;DEDETTALVCDNGSGLVKAGFAGDDAPRAVFPSIVGRPRHQGVMVGMGQKDSYVGDEAQSKRGILTLKYPIE(HIC)GII
TNWDDMEKIWHHTFYNELRVAPEEHPTLLTEAPLNPKANREKMTQIMFETFNVPAMYVAIQAVLSLYASGRTTGIVLDSG
DGVTHNVPIYEGYALPHAIMRLDLAGRDLTDYLMKILTERGYSFVTTAEREIVRDIKEKLCYVALDFENEMATAASSSSL
EKSYELPDGQVITIGNERFRCPETLFQPSFIGMESAGIHETTYNSIMKCDIDIRKDLYANNVMSGGTTMYPGIADRMQKE
ITALAPSTMKIKIIAPPERKYSVWIGGSILASLSTFQQMWITKQEYDEAGPSIVHRKCF
;
F,H,I,J,K,L,M
2 'polypeptide(L)'
;TGETTSFDEVDGVTSKSIIGKPVQATVHGVDDNKQQSQTAEIVNVKPLASQLAGVENVKTDTLQSDTTVITGNKAGTTDN
DNSQTDKTGPFSGLKFKQNSFLSTVPSVTNMHSMHFDARETFLGVIRKALEPDTSTPFPVRRAFDGLRAEILPNDTIKSA
ALKAQCSDIDKHPELKAKMETLKEVITHHPQKEKLAEIALQFAREAGLTRLKGETDYVLSNVLDGLIGDGSWRAGPAYES
YLNKPGVDRVITTVDGLHMQR
;
B,C,D,A
#
loop_
_chem_comp.id
_chem_comp.type
_chem_comp.name
_chem_comp.formula
ADP non-polymer ADENOSINE-5'-DIPHOSPHATE 'C10 H15 N5 O10 P2'
MG non-polymer 'MAGNESIUM ION' 'Mg 2'
PO4 non-polymer 'PHOSPHATE ION' 'O4 P -3'
#
# COMPACT_ATOMS: atom_id res chain seq x y z
N THR A 5 -67.70 -53.17 -31.35
CA THR A 5 -68.63 -52.67 -32.35
C THR A 5 -67.90 -51.87 -33.42
N THR A 6 -68.64 -51.47 -34.45
CA THR A 6 -68.09 -50.75 -35.59
C THR A 6 -68.56 -49.31 -35.59
N ALA A 7 -67.64 -48.38 -35.77
CA ALA A 7 -67.97 -46.97 -35.77
C ALA A 7 -68.54 -46.54 -37.11
N LEU A 8 -69.41 -45.54 -37.08
CA LEU A 8 -69.99 -44.94 -38.27
C LEU A 8 -69.35 -43.59 -38.53
N VAL A 9 -69.09 -43.32 -39.81
CA VAL A 9 -68.57 -42.03 -40.25
C VAL A 9 -69.51 -41.47 -41.31
N CYS A 10 -70.03 -40.27 -41.07
CA CYS A 10 -71.03 -39.65 -41.94
C CYS A 10 -70.53 -38.24 -42.27
N ASP A 11 -69.87 -38.11 -43.41
CA ASP A 11 -69.31 -36.82 -43.83
C ASP A 11 -70.41 -36.03 -44.53
N ASN A 12 -71.14 -35.23 -43.75
CA ASN A 12 -72.14 -34.36 -44.33
C ASN A 12 -71.48 -33.23 -45.11
N GLY A 13 -72.18 -32.76 -46.13
CA GLY A 13 -71.66 -31.69 -46.94
C GLY A 13 -72.77 -30.95 -47.65
N SER A 14 -72.39 -29.86 -48.31
CA SER A 14 -73.36 -29.08 -49.08
C SER A 14 -73.81 -29.81 -50.33
N GLY A 15 -73.03 -30.79 -50.79
CA GLY A 15 -73.36 -31.51 -52.00
C GLY A 15 -73.97 -32.87 -51.74
N LEU A 16 -73.14 -33.91 -51.82
CA LEU A 16 -73.59 -35.28 -51.67
C LEU A 16 -73.13 -35.87 -50.34
N VAL A 17 -73.94 -36.77 -49.79
CA VAL A 17 -73.70 -37.38 -48.49
C VAL A 17 -72.78 -38.59 -48.67
N LYS A 18 -71.81 -38.72 -47.78
CA LYS A 18 -70.89 -39.85 -47.76
C LYS A 18 -71.03 -40.57 -46.43
N ALA A 19 -71.33 -41.86 -46.49
CA ALA A 19 -71.49 -42.67 -45.29
C ALA A 19 -70.85 -44.03 -45.50
N GLY A 20 -70.44 -44.64 -44.40
CA GLY A 20 -69.84 -45.96 -44.46
C GLY A 20 -69.43 -46.41 -43.08
N PHE A 21 -68.70 -47.53 -43.05
CA PHE A 21 -68.17 -48.06 -41.82
C PHE A 21 -66.67 -47.83 -41.76
N ALA A 22 -66.16 -47.64 -40.55
CA ALA A 22 -64.73 -47.43 -40.37
C ALA A 22 -63.95 -48.65 -40.84
N GLY A 23 -62.81 -48.42 -41.47
CA GLY A 23 -61.97 -49.47 -41.97
C GLY A 23 -62.19 -49.83 -43.42
N ASP A 24 -63.29 -49.38 -44.01
CA ASP A 24 -63.54 -49.62 -45.43
C ASP A 24 -62.73 -48.63 -46.28
N ASP A 25 -62.69 -48.90 -47.58
CA ASP A 25 -61.94 -48.06 -48.49
C ASP A 25 -62.82 -47.19 -49.38
N ALA A 26 -63.99 -47.68 -49.78
CA ALA A 26 -64.91 -46.94 -50.62
C ALA A 26 -66.23 -46.77 -49.90
N PRO A 27 -66.86 -45.60 -50.01
CA PRO A 27 -68.12 -45.37 -49.29
C PRO A 27 -69.19 -46.36 -49.72
N ARG A 28 -70.04 -46.74 -48.77
CA ARG A 28 -71.12 -47.65 -49.11
C ARG A 28 -72.34 -46.93 -49.64
N ALA A 29 -72.54 -45.66 -49.27
CA ALA A 29 -73.69 -44.88 -49.72
C ALA A 29 -73.21 -43.51 -50.17
N VAL A 30 -73.53 -43.15 -51.40
CA VAL A 30 -73.23 -41.84 -51.96
C VAL A 30 -74.46 -41.38 -52.72
N PHE A 31 -75.15 -40.38 -52.18
CA PHE A 31 -76.34 -39.83 -52.79
C PHE A 31 -76.37 -38.32 -52.57
N PRO A 32 -76.96 -37.57 -53.49
CA PRO A 32 -77.05 -36.12 -53.29
C PRO A 32 -77.91 -35.78 -52.09
N SER A 33 -77.50 -34.73 -51.37
CA SER A 33 -78.21 -34.30 -50.17
C SER A 33 -79.32 -33.35 -50.57
N ILE A 34 -80.43 -33.92 -51.01
CA ILE A 34 -81.59 -33.16 -51.44
C ILE A 34 -82.83 -33.72 -50.78
N VAL A 35 -83.86 -32.87 -50.68
CA VAL A 35 -85.19 -33.25 -50.26
C VAL A 35 -86.17 -32.60 -51.21
N GLY A 36 -87.03 -33.41 -51.83
CA GLY A 36 -87.96 -32.91 -52.83
C GLY A 36 -89.40 -33.10 -52.40
N ARG A 37 -90.24 -32.16 -52.81
CA ARG A 37 -91.67 -32.24 -52.57
C ARG A 37 -92.42 -31.96 -53.87
N PRO A 38 -93.57 -32.60 -54.07
CA PRO A 38 -94.32 -32.36 -55.31
C PRO A 38 -94.79 -30.92 -55.43
N ARG A 39 -94.77 -30.43 -56.67
CA ARG A 39 -95.28 -29.10 -56.98
C ARG A 39 -96.48 -29.14 -57.91
N HIS A 40 -97.02 -30.33 -58.16
CA HIS A 40 -98.24 -30.49 -58.94
C HIS A 40 -99.24 -31.31 -58.13
N GLN A 41 -100.52 -31.20 -58.50
CA GLN A 41 -101.55 -31.96 -57.84
C GLN A 41 -101.70 -33.33 -58.49
N GLY A 42 -101.89 -34.35 -57.66
CA GLY A 42 -102.04 -35.70 -58.18
C GLY A 42 -103.48 -35.98 -58.58
N VAL A 43 -103.63 -36.75 -59.67
CA VAL A 43 -104.94 -37.12 -60.16
C VAL A 43 -105.19 -38.62 -60.06
N MET A 44 -104.16 -39.45 -60.19
CA MET A 44 -104.29 -40.89 -60.05
C MET A 44 -104.20 -41.22 -58.56
N VAL A 45 -105.34 -41.51 -57.94
CA VAL A 45 -105.35 -41.76 -56.50
C VAL A 45 -104.70 -43.10 -56.18
N GLY A 46 -104.81 -44.08 -57.07
CA GLY A 46 -104.31 -45.41 -56.78
C GLY A 46 -102.80 -45.44 -56.58
N MET A 47 -102.06 -44.71 -57.43
CA MET A 47 -100.60 -44.73 -57.33
C MET A 47 -100.11 -44.10 -56.03
N GLY A 48 -100.82 -43.12 -55.49
CA GLY A 48 -100.49 -42.56 -54.20
C GLY A 48 -99.32 -41.59 -54.22
N GLN A 49 -99.39 -40.56 -53.38
CA GLN A 49 -98.37 -39.51 -53.35
C GLN A 49 -97.57 -39.60 -52.06
N LYS A 50 -96.25 -39.67 -52.21
CA LYS A 50 -95.34 -39.57 -51.07
C LYS A 50 -95.17 -38.11 -50.69
N ASP A 51 -95.10 -37.86 -49.38
CA ASP A 51 -94.96 -36.49 -48.91
C ASP A 51 -93.63 -35.89 -49.35
N SER A 52 -92.55 -36.66 -49.29
CA SER A 52 -91.23 -36.16 -49.63
C SER A 52 -90.38 -37.29 -50.18
N TYR A 53 -89.34 -36.91 -50.92
CA TYR A 53 -88.39 -37.83 -51.52
C TYR A 53 -86.98 -37.45 -51.09
N VAL A 54 -86.15 -38.45 -50.83
CA VAL A 54 -84.81 -38.24 -50.30
C VAL A 54 -83.80 -38.95 -51.18
N GLY A 55 -82.72 -38.25 -51.51
CA GLY A 55 -81.58 -38.85 -52.19
C GLY A 55 -81.80 -39.11 -53.67
N ASP A 56 -81.34 -40.27 -54.14
CA ASP A 56 -81.47 -40.60 -55.56
C ASP A 56 -82.92 -40.62 -56.00
N GLU A 57 -83.81 -41.05 -55.11
CA GLU A 57 -85.22 -41.16 -55.46
C GLU A 57 -85.78 -39.83 -55.92
N ALA A 58 -85.32 -38.73 -55.31
CA ALA A 58 -85.76 -37.41 -55.75
C ALA A 58 -85.17 -37.06 -57.12
N GLN A 59 -83.93 -37.46 -57.37
CA GLN A 59 -83.30 -37.14 -58.65
C GLN A 59 -84.04 -37.78 -59.81
N SER A 60 -84.50 -39.02 -59.63
CA SER A 60 -85.23 -39.70 -60.70
C SER A 60 -86.55 -38.99 -61.01
N LYS A 61 -87.26 -38.54 -59.98
CA LYS A 61 -88.52 -37.83 -60.16
C LYS A 61 -88.35 -36.32 -60.05
N ARG A 62 -87.18 -35.79 -60.39
CA ARG A 62 -86.95 -34.36 -60.26
C ARG A 62 -87.82 -33.54 -61.20
N GLY A 63 -88.46 -34.17 -62.18
CA GLY A 63 -89.32 -33.45 -63.09
C GLY A 63 -90.59 -32.91 -62.45
N ILE A 64 -91.03 -33.52 -61.36
CA ILE A 64 -92.28 -33.11 -60.70
C ILE A 64 -92.02 -32.82 -59.23
N LEU A 65 -90.80 -32.41 -58.90
CA LEU A 65 -90.44 -32.09 -57.52
C LEU A 65 -89.66 -30.78 -57.49
N THR A 66 -89.72 -30.12 -56.34
CA THR A 66 -88.94 -28.90 -56.10
C THR A 66 -87.81 -29.27 -55.14
N LEU A 67 -86.60 -29.32 -55.65
CA LEU A 67 -85.46 -29.82 -54.90
C LEU A 67 -84.88 -28.71 -54.03
N LYS A 68 -84.69 -29.01 -52.75
CA LYS A 68 -84.13 -28.07 -51.78
C LYS A 68 -82.93 -28.70 -51.10
N TYR A 69 -81.82 -27.98 -51.05
CA TYR A 69 -80.64 -28.43 -50.35
C TYR A 69 -80.69 -27.95 -48.91
N PRO A 70 -80.77 -28.84 -47.92
CA PRO A 70 -80.88 -28.39 -46.53
C PRO A 70 -79.61 -27.76 -45.97
N ILE A 71 -78.46 -27.96 -46.60
CA ILE A 71 -77.20 -27.39 -46.13
C ILE A 71 -76.73 -26.36 -47.14
N GLU A 72 -76.43 -25.16 -46.65
CA GLU A 72 -75.94 -24.09 -47.49
C GLU A 72 -74.67 -23.48 -46.93
N HIC A 73 -73.65 -23.35 -47.77
CA HIC A 73 -72.33 -22.89 -47.39
C HIC A 73 -71.76 -23.67 -46.21
O HIC A 73 -70.91 -23.13 -45.45
CB HIC A 73 -72.28 -21.40 -47.03
CG HIC A 73 -73.59 -20.64 -47.24
ND1 HIC A 73 -74.35 -20.65 -48.31
CD2 HIC A 73 -74.17 -19.82 -46.33
CE1 HIC A 73 -75.40 -19.85 -48.09
NE2 HIC A 73 -75.28 -19.35 -46.85
CZ HIC A 73 -76.21 -18.43 -46.22
N GLY A 74 -72.19 -24.91 -46.02
CA GLY A 74 -71.69 -25.74 -44.95
C GLY A 74 -72.45 -25.61 -43.63
N ILE A 75 -73.39 -24.68 -43.57
CA ILE A 75 -74.22 -24.47 -42.39
C ILE A 75 -75.58 -25.09 -42.66
N ILE A 76 -76.03 -25.93 -41.74
CA ILE A 76 -77.32 -26.60 -41.89
C ILE A 76 -78.43 -25.61 -41.56
N THR A 77 -79.42 -25.51 -42.46
CA THR A 77 -80.50 -24.54 -42.33
C THR A 77 -81.84 -25.19 -42.03
N ASN A 78 -82.28 -26.14 -42.82
CA ASN A 78 -83.58 -26.77 -42.67
C ASN A 78 -83.42 -28.04 -41.84
N TRP A 79 -83.61 -27.93 -40.52
CA TRP A 79 -83.36 -29.06 -39.65
C TRP A 79 -84.35 -30.19 -39.86
N ASP A 80 -85.61 -29.87 -40.17
CA ASP A 80 -86.59 -30.92 -40.42
C ASP A 80 -86.16 -31.79 -41.59
N ASP A 81 -85.73 -31.16 -42.69
CA ASP A 81 -85.22 -31.91 -43.82
C ASP A 81 -83.91 -32.58 -43.49
N MET A 82 -83.08 -31.95 -42.66
CA MET A 82 -81.79 -32.55 -42.31
C MET A 82 -81.98 -33.84 -41.52
N GLU A 83 -82.95 -33.86 -40.61
CA GLU A 83 -83.23 -35.10 -39.88
C GLU A 83 -83.74 -36.18 -40.84
N LYS A 84 -84.49 -35.79 -41.87
CA LYS A 84 -85.02 -36.75 -42.82
C LYS A 84 -83.90 -37.47 -43.56
N ILE A 85 -82.87 -36.74 -43.97
CA ILE A 85 -81.75 -37.39 -44.66
C ILE A 85 -81.00 -38.31 -43.72
N TRP A 86 -80.77 -37.88 -42.47
CA TRP A 86 -80.08 -38.74 -41.52
C TRP A 86 -80.85 -40.03 -41.28
N HIS A 87 -82.19 -39.94 -41.14
CA HIS A 87 -82.99 -41.15 -41.02
C HIS A 87 -82.87 -42.01 -42.26
N HIS A 88 -82.91 -41.40 -43.45
CA HIS A 88 -82.72 -42.15 -44.67
C HIS A 88 -81.30 -42.71 -44.75
N THR A 89 -80.32 -41.93 -44.28
CA THR A 89 -78.94 -42.42 -44.28
C THR A 89 -78.79 -43.63 -43.38
N PHE A 90 -79.40 -43.59 -42.19
CA PHE A 90 -79.17 -44.65 -41.21
C PHE A 90 -79.91 -45.94 -41.58
N TYR A 91 -81.16 -45.83 -42.04
CA TYR A 91 -82.01 -47.01 -42.22
C TYR A 91 -82.06 -47.48 -43.67
N ASN A 92 -82.43 -46.60 -44.60
CA ASN A 92 -82.61 -47.03 -45.98
C ASN A 92 -81.27 -47.31 -46.65
N GLU A 93 -80.27 -46.48 -46.39
CA GLU A 93 -78.98 -46.60 -47.06
C GLU A 93 -78.03 -47.54 -46.33
N LEU A 94 -77.84 -47.32 -45.03
CA LEU A 94 -76.89 -48.13 -44.28
C LEU A 94 -77.50 -49.39 -43.67
N ARG A 95 -78.82 -49.40 -43.46
CA ARG A 95 -79.52 -50.56 -42.90
C ARG A 95 -78.91 -50.97 -41.56
N VAL A 96 -78.59 -49.99 -40.72
CA VAL A 96 -78.00 -50.24 -39.41
C VAL A 96 -78.80 -49.48 -38.37
N ALA A 97 -78.63 -49.89 -37.12
CA ALA A 97 -79.31 -49.26 -36.01
C ALA A 97 -78.44 -48.13 -35.47
N PRO A 98 -78.94 -46.89 -35.42
CA PRO A 98 -78.12 -45.78 -34.92
C PRO A 98 -77.77 -45.90 -33.44
N GLU A 99 -78.47 -46.74 -32.69
CA GLU A 99 -78.22 -46.84 -31.25
C GLU A 99 -77.11 -47.82 -30.90
N GLU A 100 -76.59 -48.56 -31.87
CA GLU A 100 -75.58 -49.58 -31.60
C GLU A 100 -74.25 -49.32 -32.30
N HIS A 101 -74.06 -48.16 -32.93
CA HIS A 101 -72.76 -47.79 -33.51
C HIS A 101 -72.48 -46.34 -33.20
N PRO A 102 -71.28 -46.02 -32.69
CA PRO A 102 -70.91 -44.61 -32.54
C PRO A 102 -70.75 -43.95 -33.91
N THR A 103 -71.01 -42.64 -33.94
CA THR A 103 -70.96 -41.88 -35.18
C THR A 103 -69.86 -40.83 -35.11
N LEU A 104 -69.17 -40.64 -36.23
CA LEU A 104 -68.18 -39.57 -36.40
C LEU A 104 -68.65 -38.65 -37.50
N LEU A 105 -68.72 -37.34 -37.21
CA LEU A 105 -69.26 -36.37 -38.14
C LEU A 105 -68.22 -35.30 -38.45
N THR A 106 -68.37 -34.67 -39.61
CA THR A 106 -67.43 -33.67 -40.11
C THR A 106 -68.08 -32.31 -40.18
N GLU A 107 -67.26 -31.29 -40.37
CA GLU A 107 -67.70 -29.91 -40.33
C GLU A 107 -66.55 -29.00 -40.78
N ALA A 108 -66.88 -27.96 -41.53
CA ALA A 108 -65.88 -27.03 -42.01
C ALA A 108 -65.44 -26.08 -40.89
N PRO A 109 -64.22 -25.55 -40.96
CA PRO A 109 -63.77 -24.62 -39.93
C PRO A 109 -64.46 -23.27 -40.01
N LEU A 110 -64.42 -22.56 -38.89
CA LEU A 110 -65.10 -21.27 -38.73
C LEU A 110 -66.61 -21.39 -38.94
N ASN A 111 -67.19 -22.54 -38.57
CA ASN A 111 -68.60 -22.83 -38.70
C ASN A 111 -69.34 -22.29 -37.48
N PRO A 112 -70.46 -21.57 -37.65
CA PRO A 112 -71.20 -21.08 -36.49
C PRO A 112 -71.36 -22.15 -35.41
N LYS A 113 -71.19 -21.72 -34.15
CA LYS A 113 -70.97 -22.65 -33.03
C LYS A 113 -72.19 -23.51 -32.77
N ALA A 114 -73.37 -22.94 -32.99
CA ALA A 114 -74.60 -23.65 -32.73
C ALA A 114 -74.85 -24.75 -33.73
N ASN A 115 -74.17 -24.74 -34.87
CA ASN A 115 -74.40 -25.77 -35.87
C ASN A 115 -74.01 -27.13 -35.33
N ARG A 116 -72.87 -27.22 -34.65
CA ARG A 116 -72.45 -28.47 -34.07
C ARG A 116 -73.28 -28.82 -32.83
N GLU A 117 -73.75 -27.80 -32.12
CA GLU A 117 -74.57 -28.08 -30.95
C GLU A 117 -75.87 -28.78 -31.34
N LYS A 118 -76.62 -28.19 -32.27
CA LYS A 118 -77.84 -28.84 -32.71
C LYS A 118 -77.54 -30.17 -33.40
N MET A 119 -76.35 -30.29 -33.97
CA MET A 119 -75.94 -31.59 -34.53
C MET A 119 -75.71 -32.61 -33.41
N THR A 120 -75.07 -32.19 -32.32
CA THR A 120 -74.88 -33.10 -31.19
C THR A 120 -76.21 -33.50 -30.58
N GLN A 121 -77.11 -32.53 -30.41
CA GLN A 121 -78.37 -32.81 -29.75
C GLN A 121 -79.18 -33.84 -30.52
N ILE A 122 -79.23 -33.71 -31.85
CA ILE A 122 -80.05 -34.61 -32.64
C ILE A 122 -79.51 -36.03 -32.57
N MET A 123 -78.19 -36.20 -32.57
CA MET A 123 -77.60 -37.53 -32.57
C MET A 123 -77.94 -38.29 -31.28
N PHE A 124 -77.93 -37.59 -30.14
CA PHE A 124 -78.09 -38.26 -28.86
C PHE A 124 -79.54 -38.47 -28.45
N GLU A 125 -80.45 -37.60 -28.86
CA GLU A 125 -81.85 -37.68 -28.45
C GLU A 125 -82.71 -38.39 -29.50
N THR A 126 -82.67 -37.91 -30.74
CA THR A 126 -83.55 -38.47 -31.76
C THR A 126 -83.08 -39.84 -32.21
N PHE A 127 -81.77 -40.02 -32.40
CA PHE A 127 -81.24 -41.30 -32.85
C PHE A 127 -80.58 -42.10 -31.74
N ASN A 128 -80.31 -41.49 -30.59
CA ASN A 128 -79.83 -42.21 -29.40
C ASN A 128 -78.55 -42.98 -29.68
N VAL A 129 -77.58 -42.31 -30.29
CA VAL A 129 -76.29 -42.91 -30.61
C VAL A 129 -75.52 -43.16 -29.32
N PRO A 130 -74.69 -44.21 -29.25
CA PRO A 130 -73.89 -44.41 -28.03
C PRO A 130 -72.92 -43.28 -27.74
N ALA A 131 -72.34 -42.67 -28.79
CA ALA A 131 -71.39 -41.59 -28.64
C ALA A 131 -71.17 -40.95 -30.01
N MET A 132 -70.73 -39.71 -30.01
CA MET A 132 -70.47 -39.01 -31.26
C MET A 132 -69.26 -38.10 -31.10
N TYR A 133 -68.76 -37.61 -32.23
CA TYR A 133 -67.58 -36.76 -32.27
C TYR A 133 -67.62 -35.94 -33.55
N VAL A 134 -67.08 -34.74 -33.49
CA VAL A 134 -67.07 -33.82 -34.62
C VAL A 134 -65.62 -33.51 -34.97
N ALA A 135 -65.27 -33.63 -36.24
CA ALA A 135 -63.91 -33.42 -36.70
C ALA A 135 -63.89 -32.39 -37.82
N ILE A 136 -62.76 -31.70 -37.95
CA ILE A 136 -62.59 -30.71 -39.00
C ILE A 136 -62.33 -31.42 -40.31
N GLN A 137 -63.03 -30.99 -41.37
CA GLN A 137 -62.94 -31.69 -42.64
C GLN A 137 -61.53 -31.66 -43.20
N ALA A 138 -60.85 -30.51 -43.11
CA ALA A 138 -59.53 -30.39 -43.71
C ALA A 138 -58.51 -31.29 -43.03
N VAL A 139 -58.68 -31.55 -41.72
CA VAL A 139 -57.72 -32.39 -41.03
C VAL A 139 -57.84 -33.83 -41.50
N LEU A 140 -59.06 -34.34 -41.66
CA LEU A 140 -59.23 -35.70 -42.14
C LEU A 140 -58.61 -35.89 -43.51
N SER A 141 -58.62 -34.84 -44.34
CA SER A 141 -57.98 -34.94 -45.64
C SER A 141 -56.49 -35.24 -45.49
N LEU A 142 -55.85 -34.66 -44.48
CA LEU A 142 -54.44 -34.90 -44.27
C LEU A 142 -54.18 -36.33 -43.84
N TYR A 143 -55.09 -36.91 -43.05
CA TYR A 143 -54.92 -38.30 -42.63
C TYR A 143 -54.97 -39.24 -43.82
N ALA A 144 -55.88 -38.99 -44.76
CA ALA A 144 -55.99 -39.85 -45.94
C ALA A 144 -54.72 -39.81 -46.78
N SER A 145 -53.97 -38.70 -46.73
CA SER A 145 -52.74 -38.59 -47.48
C SER A 145 -51.55 -39.23 -46.77
N GLY A 146 -51.74 -39.71 -45.55
CA GLY A 146 -50.64 -40.33 -44.82
C GLY A 146 -49.49 -39.40 -44.55
N ARG A 147 -49.79 -38.15 -44.19
CA ARG A 147 -48.77 -37.14 -43.93
C ARG A 147 -49.10 -36.42 -42.63
N THR A 148 -48.05 -35.85 -42.02
CA THR A 148 -48.22 -35.12 -40.77
C THR A 148 -47.83 -33.66 -40.90
N THR A 149 -47.75 -33.15 -42.13
CA THR A 149 -47.37 -31.75 -42.35
C THR A 149 -47.86 -31.32 -43.72
N GLY A 150 -48.41 -30.12 -43.80
CA GLY A 150 -48.80 -29.58 -45.08
C GLY A 150 -49.97 -28.62 -44.93
N ILE A 151 -50.29 -27.97 -46.04
CA ILE A 151 -51.44 -27.07 -46.13
C ILE A 151 -52.51 -27.76 -46.95
N VAL A 152 -53.74 -27.77 -46.44
CA VAL A 152 -54.84 -28.48 -47.06
C VAL A 152 -55.76 -27.45 -47.71
N LEU A 153 -56.03 -27.62 -49.00
CA LEU A 153 -56.97 -26.79 -49.73
C LEU A 153 -58.16 -27.68 -50.11
N ASP A 154 -59.18 -27.68 -49.26
CA ASP A 154 -60.38 -28.47 -49.49
C ASP A 154 -61.47 -27.57 -50.05
N SER A 155 -62.08 -28.01 -51.16
CA SER A 155 -63.13 -27.24 -51.81
C SER A 155 -64.18 -28.21 -52.31
N GLY A 156 -65.36 -28.18 -51.70
CA GLY A 156 -66.43 -29.05 -52.11
C GLY A 156 -67.55 -28.31 -52.81
N ASP A 157 -68.78 -28.52 -52.37
CA ASP A 157 -69.93 -27.89 -52.99
C ASP A 157 -70.25 -26.53 -52.40
N GLY A 158 -69.97 -26.32 -51.11
CA GLY A 158 -70.39 -25.09 -50.48
C GLY A 158 -69.28 -24.20 -49.96
N VAL A 159 -68.17 -24.78 -49.51
CA VAL A 159 -67.15 -24.03 -48.80
C VAL A 159 -65.77 -24.45 -49.30
N THR A 160 -64.87 -23.48 -49.39
CA THR A 160 -63.46 -23.71 -49.69
C THR A 160 -62.65 -23.16 -48.53
N HIS A 161 -61.86 -24.03 -47.89
CA HIS A 161 -61.14 -23.62 -46.70
C HIS A 161 -59.72 -24.17 -46.74
N ASN A 162 -58.84 -23.51 -45.99
CA ASN A 162 -57.43 -23.85 -45.91
C ASN A 162 -57.04 -24.06 -44.46
N VAL A 163 -56.33 -25.13 -44.17
CA VAL A 163 -55.88 -25.42 -42.81
C VAL A 163 -54.41 -25.82 -42.84
N PRO A 164 -53.49 -24.97 -42.36
CA PRO A 164 -52.08 -25.35 -42.34
C PRO A 164 -51.72 -26.13 -41.08
N ILE A 165 -51.14 -27.32 -41.26
CA ILE A 165 -50.76 -28.18 -40.16
C ILE A 165 -49.27 -28.51 -40.30
N TYR A 166 -48.52 -28.37 -39.20
CA TYR A 166 -47.10 -28.68 -39.18
C TYR A 166 -46.81 -29.66 -38.05
N GLU A 167 -46.30 -30.84 -38.41
CA GLU A 167 -45.90 -31.86 -37.44
C GLU A 167 -47.03 -32.17 -36.46
N GLY A 168 -48.25 -32.23 -36.98
CA GLY A 168 -49.40 -32.51 -36.15
C GLY A 168 -49.90 -31.31 -35.37
N TYR A 169 -49.29 -30.14 -35.52
CA TYR A 169 -49.73 -28.93 -34.86
C TYR A 169 -50.38 -28.00 -35.87
N ALA A 170 -51.57 -27.52 -35.54
CA ALA A 170 -52.29 -26.59 -36.39
C ALA A 170 -52.00 -25.17 -35.95
N LEU A 171 -52.30 -24.23 -36.84
CA LEU A 171 -52.21 -22.80 -36.54
C LEU A 171 -53.59 -22.20 -36.76
N PRO A 172 -54.41 -22.12 -35.71
CA PRO A 172 -55.79 -21.64 -35.91
C PRO A 172 -55.88 -20.23 -36.46
N HIS A 173 -54.88 -19.39 -36.20
CA HIS A 173 -54.91 -18.03 -36.72
C HIS A 173 -54.62 -17.96 -38.21
N ALA A 174 -54.19 -19.05 -38.83
CA ALA A 174 -53.86 -19.06 -40.25
C ALA A 174 -54.91 -19.77 -41.10
N ILE A 175 -56.05 -20.11 -40.52
CA ILE A 175 -57.10 -20.81 -41.27
C ILE A 175 -57.85 -19.81 -42.14
N MET A 176 -58.07 -20.19 -43.39
CA MET A 176 -58.83 -19.39 -44.34
C MET A 176 -60.13 -20.09 -44.70
N ARG A 177 -61.10 -19.29 -45.14
CA ARG A 177 -62.41 -19.81 -45.49
C ARG A 177 -63.03 -18.92 -46.56
N LEU A 178 -63.50 -19.53 -47.65
CA LEU A 178 -64.17 -18.80 -48.72
C LEU A 178 -65.48 -19.48 -49.04
N ASP A 179 -66.55 -18.68 -49.11
CA ASP A 179 -67.86 -19.19 -49.52
C ASP A 179 -67.98 -19.18 -51.05
N LEU A 180 -67.08 -19.93 -51.67
CA LEU A 180 -66.97 -19.97 -53.14
C LEU A 180 -66.59 -21.39 -53.53
N ALA A 181 -67.56 -22.16 -53.99
CA ALA A 181 -67.34 -23.57 -54.25
C ALA A 181 -68.25 -24.00 -55.41
N GLY A 182 -68.46 -25.30 -55.54
CA GLY A 182 -69.10 -25.83 -56.73
C GLY A 182 -70.48 -25.25 -56.99
N ARG A 183 -71.24 -24.98 -55.92
CA ARG A 183 -72.58 -24.44 -56.12
C ARG A 183 -72.52 -23.05 -56.74
N ASP A 184 -71.53 -22.24 -56.36
CA ASP A 184 -71.36 -20.95 -57.01
C ASP A 184 -71.03 -21.12 -58.49
N LEU A 185 -70.17 -22.07 -58.82
CA LEU A 185 -69.82 -22.29 -60.22
C LEU A 185 -71.02 -22.77 -61.02
N THR A 186 -71.83 -23.66 -60.43
CA THR A 186 -72.99 -24.16 -61.15
C THR A 186 -73.97 -23.05 -61.48
N ASP A 187 -74.20 -22.14 -60.52
CA ASP A 187 -75.06 -21.00 -60.80
C ASP A 187 -74.42 -20.04 -61.79
N TYR A 188 -73.10 -19.93 -61.77
CA TYR A 188 -72.42 -19.06 -62.72
C TYR A 188 -72.59 -19.55 -64.15
N LEU A 189 -72.47 -20.86 -64.36
CA LEU A 189 -72.63 -21.42 -65.70
C LEU A 189 -74.05 -21.20 -66.21
N MET A 190 -75.03 -21.30 -65.32
CA MET A 190 -76.42 -21.07 -65.72
C MET A 190 -76.63 -19.64 -66.20
N LYS A 191 -75.87 -18.69 -65.67
CA LYS A 191 -76.01 -17.30 -66.11
C LYS A 191 -75.42 -17.08 -67.49
N ILE A 192 -74.21 -17.62 -67.74
CA ILE A 192 -73.57 -17.35 -69.02
C ILE A 192 -74.11 -18.23 -70.13
N LEU A 193 -74.72 -19.38 -69.81
CA LEU A 193 -75.34 -20.19 -70.85
C LEU A 193 -76.48 -19.47 -71.53
N THR A 194 -77.02 -18.42 -70.90
CA THR A 194 -78.06 -17.62 -71.54
C THR A 194 -77.52 -16.88 -72.76
N GLU A 195 -76.21 -16.64 -72.83
CA GLU A 195 -75.65 -15.91 -73.95
C GLU A 195 -75.88 -16.63 -75.27
N ARG A 196 -75.86 -17.96 -75.27
CA ARG A 196 -76.06 -18.75 -76.47
C ARG A 196 -77.52 -19.09 -76.71
N GLY A 197 -78.42 -18.65 -75.83
CA GLY A 197 -79.83 -18.92 -75.99
C GLY A 197 -80.37 -20.07 -75.18
N TYR A 198 -79.58 -20.65 -74.27
CA TYR A 198 -80.04 -21.72 -73.41
C TYR A 198 -80.58 -21.14 -72.10
N SER A 199 -81.78 -21.59 -71.72
CA SER A 199 -82.44 -21.11 -70.51
C SER A 199 -82.67 -22.25 -69.54
N PHE A 200 -82.29 -22.04 -68.27
CA PHE A 200 -82.48 -23.02 -67.21
C PHE A 200 -82.83 -22.22 -65.96
N VAL A 201 -84.04 -22.37 -65.45
CA VAL A 201 -84.50 -21.51 -64.36
C VAL A 201 -84.94 -22.28 -63.13
N THR A 202 -85.56 -23.45 -63.26
CA THR A 202 -86.10 -24.14 -62.10
C THR A 202 -85.03 -25.05 -61.49
N THR A 203 -85.36 -25.63 -60.34
CA THR A 203 -84.37 -26.46 -59.65
C THR A 203 -83.96 -27.67 -60.49
N ALA A 204 -84.89 -28.24 -61.26
CA ALA A 204 -84.57 -29.45 -62.01
C ALA A 204 -83.44 -29.22 -63.02
N GLU A 205 -83.52 -28.13 -63.78
CA GLU A 205 -82.47 -27.85 -64.75
C GLU A 205 -81.15 -27.48 -64.10
N ARG A 206 -81.19 -26.96 -62.87
CA ARG A 206 -79.94 -26.66 -62.18
C ARG A 206 -79.09 -27.91 -62.04
N GLU A 207 -79.72 -29.07 -61.80
CA GLU A 207 -78.98 -30.33 -61.76
C GLU A 207 -78.40 -30.67 -63.13
N ILE A 208 -79.15 -30.41 -64.20
CA ILE A 208 -78.66 -30.71 -65.55
C ILE A 208 -77.41 -29.89 -65.84
N VAL A 209 -77.46 -28.59 -65.54
CA VAL A 209 -76.30 -27.73 -65.78
C VAL A 209 -75.13 -28.17 -64.90
N ARG A 210 -75.42 -28.64 -63.69
CA ARG A 210 -74.37 -29.19 -62.85
C ARG A 210 -73.71 -30.39 -63.51
N ASP A 211 -74.51 -31.24 -64.16
CA ASP A 211 -73.95 -32.39 -64.86
C ASP A 211 -73.07 -31.96 -66.02
N ILE A 212 -73.46 -30.91 -66.73
CA ILE A 212 -72.63 -30.40 -67.82
C ILE A 212 -71.29 -29.92 -67.28
N LYS A 213 -71.32 -29.22 -66.15
CA LYS A 213 -70.09 -28.66 -65.58
C LYS A 213 -69.10 -29.77 -65.23
N GLU A 214 -69.59 -30.87 -64.65
CA GLU A 214 -68.70 -31.96 -64.27
C GLU A 214 -68.11 -32.68 -65.47
N LYS A 215 -68.72 -32.55 -66.65
CA LYS A 215 -68.36 -33.39 -67.79
C LYS A 215 -67.63 -32.65 -68.89
N LEU A 216 -67.83 -31.34 -69.04
CA LEU A 216 -67.25 -30.59 -70.14
C LEU A 216 -66.32 -29.46 -69.72
N CYS A 217 -66.38 -29.01 -68.48
CA CYS A 217 -65.59 -27.87 -68.06
C CYS A 217 -64.17 -28.29 -67.70
N TYR A 218 -63.24 -27.36 -67.87
CA TYR A 218 -61.84 -27.59 -67.52
C TYR A 218 -61.18 -26.24 -67.26
N VAL A 219 -60.09 -26.27 -66.51
CA VAL A 219 -59.35 -25.08 -66.16
C VAL A 219 -58.21 -24.89 -67.15
N ALA A 220 -58.14 -23.71 -67.76
CA ALA A 220 -57.10 -23.41 -68.73
C ALA A 220 -55.83 -22.95 -68.02
N LEU A 221 -54.69 -23.29 -68.60
CA LEU A 221 -53.42 -22.88 -68.02
C LEU A 221 -53.23 -21.37 -68.12
N ASP A 222 -53.60 -20.76 -69.24
CA ASP A 222 -53.55 -19.32 -69.41
C ASP A 222 -54.91 -18.83 -69.88
N PHE A 223 -55.50 -17.92 -69.11
CA PHE A 223 -56.88 -17.49 -69.43
C PHE A 223 -56.92 -16.65 -70.69
N GLU A 224 -56.04 -15.64 -70.79
CA GLU A 224 -56.10 -14.73 -71.92
C GLU A 224 -55.73 -15.42 -73.23
N ASN A 225 -54.77 -16.34 -73.17
CA ASN A 225 -54.43 -17.12 -74.35
C ASN A 225 -55.61 -17.98 -74.79
N GLU A 226 -56.29 -18.62 -73.84
CA GLU A 226 -57.37 -19.54 -74.19
C GLU A 226 -58.55 -18.79 -74.79
N MET A 227 -58.88 -17.60 -74.26
CA MET A 227 -59.99 -16.83 -74.80
C MET A 227 -59.74 -16.46 -76.26
N ALA A 228 -58.51 -16.07 -76.59
CA ALA A 228 -58.18 -15.77 -77.97
C ALA A 228 -58.33 -17.00 -78.85
N THR A 229 -57.88 -18.16 -78.36
CA THR A 229 -57.97 -19.38 -79.14
C THR A 229 -59.42 -19.75 -79.43
N ALA A 230 -60.28 -19.66 -78.42
CA ALA A 230 -61.69 -19.98 -78.61
C ALA A 230 -62.35 -19.03 -79.60
N ALA A 231 -61.99 -17.76 -79.54
CA ALA A 231 -62.53 -16.76 -80.47
C ALA A 231 -61.92 -16.88 -81.86
N SER A 232 -60.91 -17.72 -82.05
CA SER A 232 -60.25 -17.85 -83.34
C SER A 232 -60.81 -19.01 -84.16
N SER A 233 -61.04 -20.16 -83.54
CA SER A 233 -61.49 -21.35 -84.27
C SER A 233 -62.55 -22.05 -83.43
N SER A 234 -62.90 -23.27 -83.82
CA SER A 234 -63.93 -24.06 -83.17
C SER A 234 -63.38 -25.38 -82.62
N SER A 235 -62.10 -25.40 -82.26
CA SER A 235 -61.52 -26.62 -81.71
C SER A 235 -62.11 -26.96 -80.35
N LEU A 236 -62.29 -25.94 -79.50
CA LEU A 236 -62.73 -26.17 -78.13
C LEU A 236 -64.20 -26.51 -78.01
N GLU A 237 -65.00 -26.26 -79.05
CA GLU A 237 -66.44 -26.44 -78.94
C GLU A 237 -66.79 -27.92 -78.80
N LYS A 238 -67.62 -28.23 -77.81
CA LYS A 238 -68.07 -29.59 -77.56
C LYS A 238 -69.59 -29.60 -77.52
N SER A 239 -70.16 -30.81 -77.56
CA SER A 239 -71.60 -30.98 -77.60
C SER A 239 -72.07 -31.83 -76.42
N TYR A 240 -73.27 -31.53 -75.95
CA TYR A 240 -73.90 -32.27 -74.87
C TYR A 240 -75.34 -32.58 -75.24
N GLU A 241 -75.82 -33.72 -74.77
CA GLU A 241 -77.17 -34.19 -75.08
C GLU A 241 -78.08 -33.95 -73.88
N LEU A 242 -79.13 -33.16 -74.09
CA LEU A 242 -80.11 -32.95 -73.05
C LEU A 242 -81.01 -34.16 -72.90
N PRO A 243 -81.63 -34.35 -71.74
CA PRO A 243 -82.50 -35.53 -71.55
C PRO A 243 -83.71 -35.56 -72.47
N ASP A 244 -84.10 -34.43 -73.05
CA ASP A 244 -85.26 -34.39 -73.94
C ASP A 244 -84.89 -34.56 -75.40
N GLY A 245 -83.60 -34.74 -75.71
CA GLY A 245 -83.15 -34.96 -77.07
C GLY A 245 -82.51 -33.74 -77.72
N GLN A 246 -82.71 -32.55 -77.15
CA GLN A 246 -82.07 -31.36 -77.69
C GLN A 246 -80.56 -31.43 -77.52
N VAL A 247 -79.84 -30.74 -78.39
CA VAL A 247 -78.39 -30.75 -78.40
C VAL A 247 -77.89 -29.33 -78.18
N ILE A 248 -76.96 -29.17 -77.24
CA ILE A 248 -76.37 -27.87 -76.95
C ILE A 248 -74.89 -27.92 -77.30
N THR A 249 -74.33 -26.75 -77.58
CA THR A 249 -72.91 -26.61 -77.88
C THR A 249 -72.35 -25.45 -77.08
N ILE A 250 -71.20 -25.65 -76.46
CA ILE A 250 -70.55 -24.63 -75.64
C ILE A 250 -69.11 -24.44 -76.09
N GLY A 251 -68.66 -23.19 -76.08
CA GLY A 251 -67.32 -22.86 -76.53
C GLY A 251 -66.41 -22.39 -75.41
N ASN A 252 -66.22 -21.07 -75.30
CA ASN A 252 -65.37 -20.54 -74.25
C ASN A 252 -66.00 -20.67 -72.87
N GLU A 253 -67.29 -21.01 -72.79
CA GLU A 253 -67.91 -21.23 -71.50
C GLU A 253 -67.29 -22.39 -70.74
N ARG A 254 -66.54 -23.25 -71.44
CA ARG A 254 -65.93 -24.40 -70.78
C ARG A 254 -64.94 -23.96 -69.71
N PHE A 255 -64.12 -22.97 -70.02
CA PHE A 255 -63.08 -22.52 -69.10
C PHE A 255 -63.33 -21.14 -68.52
N ARG A 256 -64.45 -20.50 -68.86
CA ARG A 256 -64.83 -19.28 -68.15
C ARG A 256 -65.46 -19.61 -66.80
N CYS A 257 -66.27 -20.67 -66.73
CA CYS A 257 -66.91 -21.04 -65.48
C CYS A 257 -65.92 -21.40 -64.39
N PRO A 258 -64.94 -22.29 -64.60
CA PRO A 258 -64.02 -22.62 -63.50
C PRO A 258 -63.00 -21.54 -63.22
N GLU A 259 -62.89 -20.51 -64.06
CA GLU A 259 -61.96 -19.44 -63.77
C GLU A 259 -62.37 -18.65 -62.54
N THR A 260 -63.65 -18.69 -62.16
CA THR A 260 -64.12 -17.92 -61.02
C THR A 260 -63.36 -18.27 -59.75
N LEU A 261 -62.81 -19.48 -59.66
CA LEU A 261 -62.03 -19.85 -58.49
C LEU A 261 -60.79 -18.98 -58.35
N PHE A 262 -60.22 -18.57 -59.48
CA PHE A 262 -59.02 -17.73 -59.44
C PHE A 262 -59.33 -16.25 -59.54
N GLN A 263 -60.47 -15.89 -60.12
CA GLN A 263 -60.91 -14.50 -60.25
C GLN A 263 -62.34 -14.42 -59.76
N PRO A 264 -62.54 -14.36 -58.44
CA PRO A 264 -63.91 -14.34 -57.91
C PRO A 264 -64.70 -13.11 -58.30
N SER A 265 -64.05 -12.10 -58.90
CA SER A 265 -64.77 -10.90 -59.30
C SER A 265 -65.77 -11.15 -60.41
N PHE A 266 -65.74 -12.32 -61.06
CA PHE A 266 -66.74 -12.64 -62.06
C PHE A 266 -68.13 -12.66 -61.45
N ILE A 267 -68.27 -13.24 -60.25
CA ILE A 267 -69.54 -13.30 -59.57
C ILE A 267 -69.68 -12.17 -58.55
N GLY A 268 -68.82 -11.16 -58.62
CA GLY A 268 -68.96 -9.99 -57.78
C GLY A 268 -68.36 -10.10 -56.40
N MET A 269 -67.68 -11.19 -56.09
CA MET A 269 -67.05 -11.33 -54.79
C MET A 269 -65.76 -10.52 -54.73
N GLU A 270 -65.58 -9.75 -53.67
CA GLU A 270 -64.39 -8.93 -53.52
C GLU A 270 -63.15 -9.76 -53.18
N SER A 271 -63.35 -10.92 -52.55
CA SER A 271 -62.24 -11.72 -52.05
C SER A 271 -61.32 -12.16 -53.18
N ALA A 272 -60.09 -12.50 -52.82
CA ALA A 272 -59.10 -12.95 -53.77
C ALA A 272 -59.34 -14.42 -54.14
N GLY A 273 -58.63 -14.87 -55.17
CA GLY A 273 -58.79 -16.22 -55.66
C GLY A 273 -58.17 -17.24 -54.73
N ILE A 274 -58.34 -18.51 -55.10
CA ILE A 274 -57.87 -19.60 -54.25
C ILE A 274 -56.35 -19.64 -54.23
N HIS A 275 -55.70 -19.33 -55.36
CA HIS A 275 -54.24 -19.35 -55.37
C HIS A 275 -53.67 -18.26 -54.48
N GLU A 276 -54.28 -17.08 -54.48
CA GLU A 276 -53.84 -16.02 -53.58
C GLU A 276 -54.12 -16.36 -52.13
N THR A 277 -55.29 -16.93 -51.84
CA THR A 277 -55.61 -17.29 -50.47
C THR A 277 -54.66 -18.35 -49.94
N THR A 278 -54.32 -19.33 -50.77
CA THR A 278 -53.35 -20.35 -50.35
C THR A 278 -52.01 -19.73 -50.00
N TYR A 279 -51.56 -18.76 -50.79
CA TYR A 279 -50.33 -18.06 -50.47
C TYR A 279 -50.46 -17.28 -49.17
N ASN A 280 -51.60 -16.61 -48.97
CA ASN A 280 -51.79 -15.81 -47.75
C ASN A 280 -51.77 -16.69 -46.50
N SER A 281 -52.33 -17.90 -46.60
CA SER A 281 -52.33 -18.79 -45.45
C SER A 281 -50.92 -19.25 -45.07
N ILE A 282 -50.04 -19.44 -46.06
CA ILE A 282 -48.69 -19.87 -45.76
C ILE A 282 -47.90 -18.74 -45.09
N MET A 283 -48.08 -17.51 -45.56
CA MET A 283 -47.34 -16.38 -44.98
C MET A 283 -47.70 -16.18 -43.51
N LYS A 284 -48.95 -16.43 -43.14
CA LYS A 284 -49.35 -16.22 -41.75
C LYS A 284 -48.76 -17.25 -40.81
N CYS A 285 -48.12 -18.29 -41.32
CA CYS A 285 -47.43 -19.25 -40.49
C CYS A 285 -46.02 -18.76 -40.19
N ASP A 286 -45.34 -19.48 -39.30
CA ASP A 286 -44.01 -19.08 -38.87
C ASP A 286 -43.01 -19.29 -40.01
N ILE A 287 -41.91 -18.53 -39.96
CA ILE A 287 -40.97 -18.48 -41.07
C ILE A 287 -40.26 -19.82 -41.27
N ASP A 288 -40.11 -20.61 -40.21
CA ASP A 288 -39.33 -21.83 -40.29
C ASP A 288 -40.13 -23.03 -40.75
N ILE A 289 -41.44 -22.89 -40.96
CA ILE A 289 -42.24 -23.98 -41.50
C ILE A 289 -42.76 -23.69 -42.88
N ARG A 290 -42.42 -22.53 -43.47
CA ARG A 290 -42.88 -22.23 -44.82
C ARG A 290 -42.29 -23.20 -45.83
N LYS A 291 -41.03 -23.57 -45.66
CA LYS A 291 -40.37 -24.42 -46.66
C LYS A 291 -41.07 -25.76 -46.80
N ASP A 292 -41.45 -26.38 -45.68
CA ASP A 292 -42.13 -27.66 -45.76
C ASP A 292 -43.55 -27.49 -46.30
N LEU A 293 -44.19 -26.37 -46.00
CA LEU A 293 -45.57 -26.17 -46.45
C LEU A 293 -45.64 -26.04 -47.97
N TYR A 294 -44.64 -25.42 -48.59
CA TYR A 294 -44.67 -25.27 -50.04
C TYR A 294 -44.71 -26.61 -50.74
N ALA A 295 -44.00 -27.61 -50.21
CA ALA A 295 -43.88 -28.91 -50.85
C ALA A 295 -44.98 -29.88 -50.47
N ASN A 296 -45.96 -29.45 -49.68
CA ASN A 296 -47.02 -30.36 -49.23
C ASN A 296 -48.38 -29.72 -49.41
N ASN A 297 -48.62 -29.08 -50.55
CA ASN A 297 -49.94 -28.55 -50.86
C ASN A 297 -50.88 -29.71 -51.18
N VAL A 298 -51.80 -30.01 -50.28
CA VAL A 298 -52.75 -31.11 -50.44
C VAL A 298 -54.05 -30.56 -50.99
N MET A 299 -54.56 -31.18 -52.05
CA MET A 299 -55.84 -30.82 -52.63
C MET A 299 -56.87 -31.88 -52.30
N SER A 300 -58.12 -31.47 -52.14
CA SER A 300 -59.18 -32.41 -51.85
C SER A 300 -60.51 -31.76 -52.17
N GLY A 301 -61.49 -32.59 -52.55
CA GLY A 301 -62.82 -32.09 -52.83
C GLY A 301 -63.20 -32.22 -54.29
N GLY A 302 -64.50 -32.26 -54.55
CA GLY A 302 -64.95 -32.41 -55.93
C GLY A 302 -64.56 -31.25 -56.82
N THR A 303 -64.54 -30.04 -56.25
CA THR A 303 -64.17 -28.87 -57.04
C THR A 303 -62.70 -28.89 -57.46
N THR A 304 -61.88 -29.74 -56.84
CA THR A 304 -60.49 -29.89 -57.24
C THR A 304 -60.28 -30.96 -58.29
N MET A 305 -61.36 -31.46 -58.88
CA MET A 305 -61.28 -32.52 -59.87
C MET A 305 -61.22 -31.99 -61.30
N TYR A 306 -61.31 -30.67 -61.48
CA TYR A 306 -61.27 -30.10 -62.82
C TYR A 306 -59.96 -30.48 -63.51
N PRO A 307 -59.99 -30.84 -64.78
CA PRO A 307 -58.73 -31.13 -65.49
C PRO A 307 -57.85 -29.90 -65.58
N GLY A 308 -56.59 -30.07 -65.18
CA GLY A 308 -55.64 -28.98 -65.23
C GLY A 308 -55.66 -28.04 -64.04
N ILE A 309 -56.46 -28.33 -63.02
CA ILE A 309 -56.50 -27.46 -61.86
C ILE A 309 -55.17 -27.50 -61.11
N ALA A 310 -54.50 -28.65 -61.09
CA ALA A 310 -53.23 -28.74 -60.37
C ALA A 310 -52.15 -27.90 -61.04
N ASP A 311 -52.04 -27.98 -62.37
CA ASP A 311 -51.00 -27.24 -63.06
C ASP A 311 -51.17 -25.75 -62.90
N ARG A 312 -52.40 -25.25 -63.03
CA ARG A 312 -52.64 -23.82 -62.83
C ARG A 312 -52.32 -23.41 -61.40
N MET A 313 -52.66 -24.26 -60.43
CA MET A 313 -52.27 -23.98 -59.05
C MET A 313 -50.76 -23.93 -58.90
N GLN A 314 -50.05 -24.87 -59.52
CA GLN A 314 -48.60 -24.91 -59.39
C GLN A 314 -47.96 -23.68 -60.03
N LYS A 315 -48.48 -23.24 -61.17
CA LYS A 315 -47.94 -22.06 -61.82
C LYS A 315 -48.21 -20.81 -61.01
N GLU A 316 -49.44 -20.64 -60.53
CA GLU A 316 -49.81 -19.42 -59.82
C GLU A 316 -49.02 -19.28 -58.51
N ILE A 317 -48.89 -20.37 -57.76
CA ILE A 317 -48.13 -20.29 -56.51
C ILE A 317 -46.67 -19.99 -56.79
N THR A 318 -46.13 -20.55 -57.87
CA THR A 318 -44.72 -20.32 -58.20
C THR A 318 -44.45 -18.86 -58.47
N ALA A 319 -45.37 -18.17 -59.14
CA ALA A 319 -45.20 -16.76 -59.40
C ALA A 319 -45.16 -15.96 -58.10
N LEU A 320 -46.02 -16.30 -57.15
CA LEU A 320 -46.06 -15.57 -55.89
C LEU A 320 -44.87 -15.89 -55.00
N ALA A 321 -44.49 -17.15 -54.92
CA ALA A 321 -43.43 -17.59 -54.03
C ALA A 321 -42.05 -17.25 -54.61
N PRO A 322 -41.04 -17.13 -53.75
CA PRO A 322 -39.69 -16.86 -54.26
C PRO A 322 -39.17 -18.00 -55.11
N SER A 323 -38.21 -17.65 -55.99
CA SER A 323 -37.75 -18.59 -57.00
C SER A 323 -37.03 -19.80 -56.40
N THR A 324 -36.34 -19.61 -55.27
CA THR A 324 -35.54 -20.70 -54.72
C THR A 324 -36.39 -21.84 -54.17
N MET A 325 -37.64 -21.59 -53.83
CA MET A 325 -38.46 -22.61 -53.20
C MET A 325 -39.00 -23.59 -54.23
N LYS A 326 -39.43 -24.76 -53.74
CA LYS A 326 -39.98 -25.81 -54.58
C LYS A 326 -41.46 -25.96 -54.27
N ILE A 327 -42.31 -25.73 -55.27
CA ILE A 327 -43.76 -25.81 -55.11
C ILE A 327 -44.23 -27.14 -55.68
N LYS A 328 -44.89 -27.93 -54.85
CA LYS A 328 -45.44 -29.22 -55.26
C LYS A 328 -46.92 -29.27 -54.93
N ILE A 329 -47.74 -29.67 -55.89
CA ILE A 329 -49.17 -29.79 -55.72
C ILE A 329 -49.52 -31.26 -55.67
N ILE A 330 -50.19 -31.69 -54.60
CA ILE A 330 -50.52 -33.08 -54.37
C ILE A 330 -52.00 -33.27 -54.66
N ALA A 331 -52.31 -34.01 -55.72
CA ALA A 331 -53.70 -34.26 -56.13
C ALA A 331 -53.87 -35.74 -56.42
N PRO A 332 -54.09 -36.55 -55.38
CA PRO A 332 -54.29 -37.98 -55.61
C PRO A 332 -55.55 -38.24 -56.39
N PRO A 333 -55.62 -39.33 -57.15
CA PRO A 333 -56.79 -39.58 -58.01
C PRO A 333 -58.10 -39.75 -57.24
N GLU A 334 -58.05 -40.15 -55.96
CA GLU A 334 -59.26 -40.42 -55.19
C GLU A 334 -59.59 -39.28 -54.23
N ARG A 335 -59.17 -38.06 -54.55
CA ARG A 335 -59.39 -36.95 -53.63
C ARG A 335 -60.87 -36.59 -53.49
N LYS A 336 -61.75 -37.14 -54.33
CA LYS A 336 -63.18 -36.93 -54.15
C LYS A 336 -63.72 -37.54 -52.87
N TYR A 337 -62.96 -38.42 -52.21
CA TYR A 337 -63.40 -39.02 -50.97
C TYR A 337 -62.32 -38.97 -49.89
N SER A 338 -61.34 -38.09 -50.04
CA SER A 338 -60.25 -38.02 -49.07
C SER A 338 -60.77 -37.67 -47.69
N VAL A 339 -61.77 -36.79 -47.61
CA VAL A 339 -62.32 -36.42 -46.32
C VAL A 339 -62.88 -37.65 -45.61
N TRP A 340 -63.62 -38.49 -46.33
CA TRP A 340 -64.17 -39.70 -45.74
C TRP A 340 -63.05 -40.66 -45.32
N ILE A 341 -62.09 -40.89 -46.22
CA ILE A 341 -61.08 -41.92 -45.98
C ILE A 341 -60.29 -41.61 -44.72
N GLY A 342 -59.89 -40.36 -44.55
CA GLY A 342 -59.24 -39.97 -43.32
C GLY A 342 -60.13 -40.19 -42.11
N GLY A 343 -61.43 -39.98 -42.26
CA GLY A 343 -62.34 -40.26 -41.17
C GLY A 343 -62.34 -41.71 -40.77
N SER A 344 -62.36 -42.61 -41.75
CA SER A 344 -62.34 -44.03 -41.44
C SER A 344 -61.04 -44.42 -40.74
N ILE A 345 -59.92 -43.87 -41.20
CA ILE A 345 -58.64 -44.17 -40.56
C ILE A 345 -58.62 -43.68 -39.13
N LEU A 346 -59.10 -42.44 -38.90
CA LEU A 346 -59.08 -41.89 -37.55
C LEU A 346 -59.94 -42.71 -36.61
N ALA A 347 -61.13 -43.14 -37.07
CA ALA A 347 -62.00 -43.93 -36.23
C ALA A 347 -61.36 -45.26 -35.88
N SER A 348 -60.65 -45.87 -36.81
CA SER A 348 -60.05 -47.18 -36.57
C SER A 348 -58.84 -47.10 -35.65
N LEU A 349 -58.28 -45.92 -35.44
CA LEU A 349 -57.10 -45.80 -34.60
C LEU A 349 -57.43 -46.18 -33.16
N SER A 350 -56.55 -46.95 -32.54
CA SER A 350 -56.77 -47.38 -31.17
C SER A 350 -56.70 -46.21 -30.20
N THR A 351 -55.80 -45.26 -30.45
CA THR A 351 -55.64 -44.15 -29.53
C THR A 351 -56.80 -43.16 -29.59
N PHE A 352 -57.61 -43.20 -30.64
CA PHE A 352 -58.74 -42.29 -30.77
C PHE A 352 -59.97 -42.75 -29.99
N GLN A 353 -59.98 -44.00 -29.52
CA GLN A 353 -61.16 -44.54 -28.86
C GLN A 353 -61.48 -43.84 -27.53
N GLN A 354 -60.54 -43.09 -26.98
CA GLN A 354 -60.77 -42.45 -25.69
C GLN A 354 -61.29 -41.01 -25.82
N MET A 355 -61.50 -40.54 -27.04
CA MET A 355 -61.92 -39.15 -27.23
C MET A 355 -63.40 -39.01 -27.57
N TRP A 356 -64.10 -40.12 -27.76
CA TRP A 356 -65.51 -40.05 -28.10
C TRP A 356 -66.29 -39.35 -27.00
N ILE A 357 -67.33 -38.62 -27.40
CA ILE A 357 -68.23 -37.97 -26.46
C ILE A 357 -69.39 -38.92 -26.19
N THR A 358 -69.38 -39.56 -25.01
CA THR A 358 -70.33 -40.61 -24.71
C THR A 358 -71.67 -40.03 -24.27
N LYS A 359 -72.67 -40.91 -24.20
CA LYS A 359 -74.00 -40.47 -23.79
C LYS A 359 -74.00 -40.00 -22.34
N GLN A 360 -73.25 -40.69 -21.47
CA GLN A 360 -73.21 -40.30 -20.06
C GLN A 360 -72.64 -38.90 -19.90
N GLU A 361 -71.58 -38.58 -20.65
CA GLU A 361 -70.99 -37.25 -20.56
C GLU A 361 -71.97 -36.19 -21.04
N TYR A 362 -72.72 -36.49 -22.10
CA TYR A 362 -73.64 -35.50 -22.66
C TYR A 362 -74.72 -35.10 -21.67
N ASP A 363 -75.25 -36.07 -20.93
CA ASP A 363 -76.30 -35.77 -19.94
C ASP A 363 -75.76 -34.90 -18.81
N GLU A 364 -74.48 -35.04 -18.48
CA GLU A 364 -73.93 -34.28 -17.36
C GLU A 364 -73.72 -32.81 -17.72
N ALA A 365 -73.24 -32.55 -18.93
CA ALA A 365 -72.87 -31.19 -19.32
C ALA A 365 -73.80 -30.54 -20.33
N GLY A 366 -74.55 -31.33 -21.09
CA GLY A 366 -75.45 -30.78 -22.07
C GLY A 366 -74.80 -30.66 -23.44
N PRO A 367 -75.51 -30.07 -24.40
CA PRO A 367 -74.96 -29.96 -25.76
C PRO A 367 -73.69 -29.14 -25.85
N SER A 368 -73.41 -28.30 -24.85
CA SER A 368 -72.23 -27.45 -24.89
C SER A 368 -70.92 -28.23 -24.73
N ILE A 369 -71.02 -29.52 -24.42
CA ILE A 369 -69.83 -30.33 -24.21
C ILE A 369 -69.05 -30.57 -25.49
N VAL A 370 -69.70 -30.45 -26.66
CA VAL A 370 -69.02 -30.71 -27.91
C VAL A 370 -67.96 -29.65 -28.17
N HIS A 371 -68.01 -28.52 -27.46
CA HIS A 371 -67.07 -27.43 -27.69
C HIS A 371 -65.83 -27.54 -26.85
N ARG A 372 -65.70 -28.62 -26.09
CA ARG A 372 -64.61 -28.76 -25.15
C ARG A 372 -63.71 -29.93 -25.48
N LYS A 373 -64.13 -30.81 -26.37
CA LYS A 373 -63.34 -31.96 -26.82
C LYS A 373 -63.09 -31.96 -28.32
N CYS A 374 -63.90 -31.29 -29.12
CA CYS A 374 -63.72 -31.23 -30.56
C CYS A 374 -63.09 -29.90 -30.94
N PHE A 375 -61.96 -29.97 -31.65
CA PHE A 375 -61.32 -28.76 -32.14
C PHE A 375 -62.19 -28.12 -33.22
N THR B 5 -45.49 33.22 -39.62
CA THR B 5 -46.35 32.25 -40.29
C THR B 5 -46.72 31.10 -39.35
N THR B 6 -47.88 30.52 -39.59
CA THR B 6 -48.41 29.46 -38.74
C THR B 6 -47.92 28.11 -39.21
N ALA B 7 -47.56 27.25 -38.26
CA ALA B 7 -47.03 25.93 -38.57
C ALA B 7 -48.17 24.92 -38.67
N LEU B 8 -47.92 23.86 -39.44
CA LEU B 8 -48.88 22.78 -39.65
C LEU B 8 -48.39 21.52 -38.94
N VAL B 9 -49.31 20.84 -38.28
CA VAL B 9 -49.04 19.56 -37.64
C VAL B 9 -49.97 18.52 -38.25
N CYS B 10 -49.39 17.48 -38.83
CA CYS B 10 -50.14 16.46 -39.55
C CYS B 10 -49.68 15.08 -39.07
N ASP B 11 -50.47 14.46 -38.19
CA ASP B 11 -50.14 13.16 -37.62
C ASP B 11 -50.71 12.08 -38.52
N ASN B 12 -49.84 11.44 -39.31
CA ASN B 12 -50.23 10.35 -40.19
C ASN B 12 -50.28 9.07 -39.37
N GLY B 13 -51.41 8.83 -38.73
CA GLY B 13 -51.60 7.58 -38.04
C GLY B 13 -51.91 6.45 -39.00
N SER B 14 -51.89 5.23 -38.46
CA SER B 14 -52.26 4.08 -39.27
C SER B 14 -53.73 4.12 -39.64
N GLY B 15 -54.58 4.54 -38.71
CA GLY B 15 -56.01 4.56 -38.95
C GLY B 15 -56.57 5.89 -39.37
N LEU B 16 -56.24 6.95 -38.64
CA LEU B 16 -56.80 8.27 -38.87
C LEU B 16 -55.69 9.27 -39.14
N VAL B 17 -56.04 10.34 -39.85
CA VAL B 17 -55.14 11.44 -40.15
C VAL B 17 -55.59 12.64 -39.34
N LYS B 18 -54.73 13.13 -38.46
CA LYS B 18 -55.04 14.29 -37.63
C LYS B 18 -54.21 15.47 -38.12
N ALA B 19 -54.89 16.53 -38.54
CA ALA B 19 -54.23 17.71 -39.09
C ALA B 19 -54.82 18.96 -38.44
N GLY B 20 -54.03 20.02 -38.43
CA GLY B 20 -54.46 21.26 -37.85
C GLY B 20 -53.35 22.27 -37.86
N PHE B 21 -53.57 23.38 -37.16
CA PHE B 21 -52.59 24.44 -37.06
C PHE B 21 -52.02 24.48 -35.65
N ALA B 22 -50.73 24.78 -35.55
CA ALA B 22 -50.11 24.91 -34.23
C ALA B 22 -50.76 26.04 -33.46
N GLY B 23 -50.96 25.82 -32.16
CA GLY B 23 -51.62 26.78 -31.30
C GLY B 23 -53.08 26.50 -31.06
N ASP B 24 -53.70 25.65 -31.87
CA ASP B 24 -55.08 25.25 -31.63
C ASP B 24 -55.13 24.14 -30.59
N ASP B 25 -56.31 23.94 -30.01
CA ASP B 25 -56.49 22.95 -28.96
C ASP B 25 -56.84 21.58 -29.49
N ALA B 26 -57.54 21.50 -30.61
CA ALA B 26 -57.95 20.24 -31.19
C ALA B 26 -57.71 20.27 -32.70
N PRO B 27 -57.46 19.12 -33.32
CA PRO B 27 -57.27 19.11 -34.77
C PRO B 27 -58.50 19.58 -35.50
N ARG B 28 -58.30 20.32 -36.58
CA ARG B 28 -59.44 20.84 -37.34
C ARG B 28 -60.08 19.74 -38.18
N ALA B 29 -59.26 18.85 -38.76
CA ALA B 29 -59.75 17.83 -39.67
C ALA B 29 -59.28 16.47 -39.17
N VAL B 30 -60.23 15.54 -38.98
CA VAL B 30 -59.93 14.16 -38.64
C VAL B 30 -60.75 13.28 -39.56
N PHE B 31 -60.10 12.64 -40.52
CA PHE B 31 -60.77 11.78 -41.49
C PHE B 31 -60.04 10.46 -41.58
N PRO B 32 -60.74 9.38 -41.91
CA PRO B 32 -60.08 8.08 -42.03
C PRO B 32 -59.07 8.07 -43.15
N SER B 33 -58.01 7.28 -42.95
CA SER B 33 -56.90 7.21 -43.90
C SER B 33 -57.09 6.02 -44.83
N ILE B 34 -58.09 6.13 -45.70
CA ILE B 34 -58.38 5.09 -46.68
C ILE B 34 -58.50 5.72 -48.06
N VAL B 35 -58.18 4.93 -49.08
CA VAL B 35 -58.33 5.31 -50.48
C VAL B 35 -59.11 4.20 -51.17
N GLY B 36 -60.24 4.54 -51.76
CA GLY B 36 -61.14 3.55 -52.33
C GLY B 36 -61.26 3.70 -53.83
N ARG B 37 -61.33 2.57 -54.53
CA ARG B 37 -61.53 2.54 -55.96
C ARG B 37 -62.71 1.65 -56.30
N PRO B 38 -63.46 1.99 -57.34
CA PRO B 38 -64.65 1.20 -57.68
C PRO B 38 -64.29 -0.22 -58.11
N ARG B 39 -65.18 -1.15 -57.81
CA ARG B 39 -65.03 -2.54 -58.24
C ARG B 39 -66.18 -3.02 -59.10
N HIS B 40 -66.96 -2.12 -59.67
CA HIS B 40 -68.00 -2.48 -60.64
C HIS B 40 -67.88 -1.56 -61.84
N GLN B 41 -68.66 -1.87 -62.89
CA GLN B 41 -68.62 -1.09 -64.12
C GLN B 41 -69.76 -0.08 -64.13
N GLY B 42 -69.41 1.18 -64.35
CA GLY B 42 -70.44 2.21 -64.44
C GLY B 42 -71.23 2.11 -65.72
N VAL B 43 -72.52 2.46 -65.62
CA VAL B 43 -73.42 2.34 -66.76
C VAL B 43 -74.07 3.68 -67.06
N MET B 44 -74.19 4.52 -66.04
CA MET B 44 -74.88 5.80 -66.18
C MET B 44 -73.86 6.89 -66.50
N VAL B 45 -73.96 7.43 -67.71
CA VAL B 45 -73.12 8.55 -68.13
C VAL B 45 -73.78 9.85 -67.69
N GLY B 46 -73.03 10.96 -67.76
CA GLY B 46 -73.59 12.25 -67.45
C GLY B 46 -73.48 12.68 -66.01
N MET B 47 -72.90 11.85 -65.15
CA MET B 47 -72.66 12.22 -63.76
C MET B 47 -71.18 12.03 -63.45
N GLY B 48 -70.68 12.86 -62.54
CA GLY B 48 -69.27 12.85 -62.20
C GLY B 48 -68.78 11.54 -61.62
N GLN B 49 -67.88 10.87 -62.32
CA GLN B 49 -67.26 9.63 -61.85
C GLN B 49 -65.76 9.87 -61.68
N LYS B 50 -65.26 9.58 -60.49
CA LYS B 50 -63.85 9.72 -60.17
C LYS B 50 -63.22 8.36 -59.96
N ASP B 51 -61.97 8.21 -60.38
CA ASP B 51 -61.30 6.93 -60.28
C ASP B 51 -60.98 6.54 -58.83
N SER B 52 -60.96 7.51 -57.91
CA SER B 52 -60.60 7.22 -56.54
C SER B 52 -61.32 8.20 -55.62
N TYR B 53 -61.49 7.78 -54.37
CA TYR B 53 -62.08 8.60 -53.33
C TYR B 53 -61.19 8.54 -52.09
N VAL B 54 -61.10 9.66 -51.38
CA VAL B 54 -60.21 9.79 -50.23
C VAL B 54 -61.01 10.29 -49.04
N GLY B 55 -60.84 9.64 -47.90
CA GLY B 55 -61.37 10.15 -46.66
C GLY B 55 -62.84 9.86 -46.42
N ASP B 56 -63.57 10.86 -45.91
CA ASP B 56 -64.98 10.64 -45.59
C ASP B 56 -65.79 10.29 -46.82
N GLU B 57 -65.50 10.94 -47.95
CA GLU B 57 -66.22 10.66 -49.18
C GLU B 57 -66.08 9.20 -49.59
N ALA B 58 -64.93 8.60 -49.30
CA ALA B 58 -64.78 7.17 -49.56
C ALA B 58 -65.65 6.34 -48.64
N GLN B 59 -65.83 6.79 -47.39
CA GLN B 59 -66.66 6.05 -46.46
C GLN B 59 -68.12 6.03 -46.90
N SER B 60 -68.63 7.17 -47.36
CA SER B 60 -70.05 7.25 -47.70
C SER B 60 -70.40 6.38 -48.90
N LYS B 61 -69.43 6.06 -49.74
CA LYS B 61 -69.66 5.23 -50.92
C LYS B 61 -68.98 3.88 -50.79
N ARG B 62 -68.79 3.40 -49.56
CA ARG B 62 -68.06 2.16 -49.35
C ARG B 62 -68.82 0.93 -49.83
N GLY B 63 -70.09 1.06 -50.20
CA GLY B 63 -70.82 -0.07 -50.72
C GLY B 63 -70.44 -0.45 -52.13
N ILE B 64 -69.73 0.42 -52.84
CA ILE B 64 -69.35 0.21 -54.22
C ILE B 64 -67.84 0.29 -54.41
N LEU B 65 -67.08 0.45 -53.32
CA LEU B 65 -65.65 0.69 -53.41
C LEU B 65 -64.87 -0.44 -52.76
N THR B 66 -63.58 -0.48 -53.06
CA THR B 66 -62.62 -1.37 -52.41
C THR B 66 -61.65 -0.49 -51.63
N LEU B 67 -61.75 -0.53 -50.31
CA LEU B 67 -60.97 0.35 -49.46
C LEU B 67 -59.61 -0.26 -49.17
N LYS B 68 -58.57 0.55 -49.26
CA LYS B 68 -57.20 0.11 -49.01
C LYS B 68 -56.51 1.10 -48.08
N TYR B 69 -55.84 0.58 -47.06
CA TYR B 69 -55.12 1.42 -46.11
C TYR B 69 -53.69 1.60 -46.58
N PRO B 70 -53.31 2.85 -46.86
CA PRO B 70 -51.98 3.08 -47.36
C PRO B 70 -50.96 3.12 -46.28
N ILE B 71 -51.23 2.58 -45.12
CA ILE B 71 -50.23 2.51 -44.06
C ILE B 71 -50.49 1.29 -43.23
N GLU B 72 -49.47 0.49 -42.94
CA GLU B 72 -49.68 -0.74 -42.23
C GLU B 72 -48.59 -1.05 -41.22
N HIC B 73 -48.97 -1.27 -39.98
CA HIC B 73 -48.04 -1.60 -38.95
C HIC B 73 -47.14 -0.47 -38.80
O HIC B 73 -46.00 -0.69 -38.41
CB HIC B 73 -47.11 -2.79 -39.19
CG HIC B 73 -47.41 -3.68 -40.36
ND1 HIC B 73 -48.61 -3.97 -40.88
CD2 HIC B 73 -46.46 -4.36 -41.08
CE1 HIC B 73 -48.41 -4.81 -41.92
NE2 HIC B 73 -47.10 -5.05 -42.04
CZ HIC B 73 -46.47 -5.93 -43.05
N GLY B 74 -47.57 0.73 -39.10
CA GLY B 74 -46.73 1.88 -38.86
C GLY B 74 -45.80 2.33 -39.96
N ILE B 75 -45.68 1.57 -41.04
CA ILE B 75 -44.80 1.91 -42.13
C ILE B 75 -45.60 2.13 -43.38
N ILE B 76 -45.31 3.16 -44.14
CA ILE B 76 -46.04 3.51 -45.35
C ILE B 76 -45.66 2.55 -46.47
N THR B 77 -46.66 1.99 -47.14
CA THR B 77 -46.45 0.99 -48.18
C THR B 77 -46.82 1.46 -49.57
N ASN B 78 -48.03 1.98 -49.75
CA ASN B 78 -48.51 2.43 -51.05
C ASN B 78 -48.24 3.93 -51.15
N TRP B 79 -47.09 4.28 -51.72
CA TRP B 79 -46.69 5.69 -51.73
C TRP B 79 -47.59 6.54 -52.61
N ASP B 80 -48.04 6.00 -53.75
CA ASP B 80 -48.91 6.77 -54.62
C ASP B 80 -50.24 7.09 -53.92
N ASP B 81 -50.80 6.12 -53.20
CA ASP B 81 -51.99 6.39 -52.42
C ASP B 81 -51.69 7.33 -51.26
N MET B 82 -50.53 7.18 -50.63
CA MET B 82 -50.17 8.06 -49.53
C MET B 82 -50.04 9.50 -50.01
N GLU B 83 -49.49 9.69 -51.20
CA GLU B 83 -49.39 11.04 -51.75
C GLU B 83 -50.75 11.67 -51.94
N LYS B 84 -51.75 10.87 -52.33
CA LYS B 84 -53.09 11.40 -52.53
C LYS B 84 -53.67 11.95 -51.24
N ILE B 85 -53.48 11.22 -50.13
CA ILE B 85 -54.07 11.64 -48.87
C ILE B 85 -53.49 12.97 -48.41
N TRP B 86 -52.17 13.13 -48.52
CA TRP B 86 -51.57 14.43 -48.20
C TRP B 86 -52.15 15.53 -49.07
N HIS B 87 -52.26 15.27 -50.37
CA HIS B 87 -52.84 16.27 -51.26
C HIS B 87 -54.28 16.60 -50.86
N HIS B 88 -55.04 15.57 -50.47
CA HIS B 88 -56.38 15.81 -49.93
C HIS B 88 -56.30 16.57 -48.62
N THR B 89 -55.29 16.26 -47.79
CA THR B 89 -55.17 16.91 -46.50
C THR B 89 -54.85 18.40 -46.65
N PHE B 90 -53.93 18.74 -47.54
CA PHE B 90 -53.51 20.13 -47.65
C PHE B 90 -54.51 21.01 -48.38
N TYR B 91 -55.20 20.48 -49.39
CA TYR B 91 -56.02 21.29 -50.28
C TYR B 91 -57.51 21.18 -50.02
N ASN B 92 -58.02 20.00 -49.69
CA ASN B 92 -59.45 19.82 -49.49
C ASN B 92 -59.88 19.88 -48.03
N GLU B 93 -59.01 19.51 -47.09
CA GLU B 93 -59.39 19.59 -45.69
C GLU B 93 -58.97 20.90 -45.05
N LEU B 94 -57.73 21.31 -45.28
CA LEU B 94 -57.18 22.50 -44.63
C LEU B 94 -57.35 23.78 -45.43
N ARG B 95 -57.53 23.68 -46.74
CA ARG B 95 -57.71 24.84 -47.61
C ARG B 95 -56.53 25.81 -47.49
N VAL B 96 -55.33 25.26 -47.55
CA VAL B 96 -54.10 26.04 -47.41
C VAL B 96 -53.15 25.67 -48.54
N ALA B 97 -52.06 26.43 -48.63
CA ALA B 97 -51.00 26.16 -49.58
C ALA B 97 -49.77 25.68 -48.84
N PRO B 98 -49.30 24.46 -49.06
CA PRO B 98 -48.14 23.97 -48.29
C PRO B 98 -46.87 24.76 -48.54
N GLU B 99 -46.77 25.52 -49.64
CA GLU B 99 -45.58 26.29 -49.92
C GLU B 99 -45.36 27.43 -48.92
N GLU B 100 -46.36 27.74 -48.09
CA GLU B 100 -46.29 28.87 -47.18
C GLU B 100 -46.12 28.47 -45.72
N HIS B 101 -46.60 27.28 -45.33
CA HIS B 101 -46.60 26.87 -43.93
C HIS B 101 -45.58 25.76 -43.72
N PRO B 102 -44.75 25.83 -42.68
CA PRO B 102 -43.95 24.67 -42.28
C PRO B 102 -44.84 23.55 -41.78
N THR B 103 -44.35 22.32 -41.93
CA THR B 103 -45.10 21.13 -41.54
C THR B 103 -44.29 20.30 -40.54
N LEU B 104 -44.96 19.78 -39.53
CA LEU B 104 -44.37 18.86 -38.57
C LEU B 104 -45.08 17.52 -38.68
N LEU B 105 -44.31 16.45 -38.89
CA LEU B 105 -44.84 15.12 -39.07
C LEU B 105 -44.52 14.26 -37.86
N THR B 106 -45.18 13.11 -37.78
CA THR B 106 -45.03 12.18 -36.67
C THR B 106 -44.66 10.80 -37.19
N GLU B 107 -44.01 10.01 -36.35
CA GLU B 107 -43.57 8.68 -36.75
C GLU B 107 -43.38 7.82 -35.51
N ALA B 108 -43.71 6.54 -35.63
CA ALA B 108 -43.48 5.60 -34.54
C ALA B 108 -41.98 5.32 -34.41
N PRO B 109 -41.52 4.97 -33.21
CA PRO B 109 -40.10 4.62 -33.04
C PRO B 109 -39.78 3.29 -33.73
N LEU B 110 -38.50 3.14 -34.07
CA LEU B 110 -37.96 1.92 -34.66
C LEU B 110 -38.54 1.61 -36.04
N ASN B 111 -38.96 2.63 -36.78
CA ASN B 111 -39.39 2.38 -38.15
C ASN B 111 -38.20 2.35 -39.08
N PRO B 112 -38.32 1.67 -40.23
CA PRO B 112 -37.22 1.65 -41.19
C PRO B 112 -36.86 3.05 -41.64
N LYS B 113 -35.56 3.28 -41.86
CA LYS B 113 -35.10 4.61 -42.21
C LYS B 113 -35.60 5.05 -43.58
N ALA B 114 -35.88 4.10 -44.47
CA ALA B 114 -36.41 4.47 -45.77
C ALA B 114 -37.75 5.17 -45.66
N ASN B 115 -38.54 4.83 -44.63
CA ASN B 115 -39.85 5.45 -44.48
C ASN B 115 -39.75 6.95 -44.24
N ARG B 116 -38.86 7.38 -43.36
CA ARG B 116 -38.78 8.79 -43.06
C ARG B 116 -37.98 9.56 -44.10
N GLU B 117 -37.08 8.91 -44.82
CA GLU B 117 -36.39 9.59 -45.92
C GLU B 117 -37.36 9.98 -47.01
N LYS B 118 -38.27 9.07 -47.38
CA LYS B 118 -39.26 9.40 -48.39
C LYS B 118 -40.16 10.53 -47.92
N MET B 119 -40.52 10.54 -46.64
CA MET B 119 -41.36 11.62 -46.14
C MET B 119 -40.69 12.97 -46.32
N THR B 120 -39.36 13.01 -46.31
CA THR B 120 -38.66 14.27 -46.59
C THR B 120 -38.75 14.64 -48.07
N GLN B 121 -38.50 13.66 -48.95
CA GLN B 121 -38.48 13.96 -50.38
C GLN B 121 -39.85 14.34 -50.89
N ILE B 122 -40.89 13.63 -50.44
CA ILE B 122 -42.25 13.90 -50.92
C ILE B 122 -42.80 15.21 -50.38
N MET B 123 -42.12 15.84 -49.43
CA MET B 123 -42.56 17.13 -48.93
C MET B 123 -41.69 18.30 -49.38
N PHE B 124 -40.44 18.07 -49.75
CA PHE B 124 -39.59 19.12 -50.26
C PHE B 124 -39.64 19.25 -51.78
N GLU B 125 -40.22 18.28 -52.47
CA GLU B 125 -40.28 18.30 -53.93
C GLU B 125 -41.70 18.24 -54.46
N THR B 126 -42.53 17.33 -53.94
CA THR B 126 -43.90 17.23 -54.44
C THR B 126 -44.75 18.40 -53.98
N PHE B 127 -44.63 18.79 -52.71
CA PHE B 127 -45.40 19.90 -52.17
C PHE B 127 -44.58 21.16 -51.94
N ASN B 128 -43.25 21.06 -51.87
CA ASN B 128 -42.37 22.22 -51.74
C ASN B 128 -42.68 23.03 -50.48
N VAL B 129 -42.57 22.35 -49.33
CA VAL B 129 -42.77 23.00 -48.04
C VAL B 129 -41.52 23.82 -47.69
N PRO B 130 -41.67 24.93 -46.97
CA PRO B 130 -40.46 25.69 -46.58
C PRO B 130 -39.51 24.90 -45.70
N ALA B 131 -40.04 24.07 -44.80
CA ALA B 131 -39.23 23.30 -43.88
C ALA B 131 -40.10 22.21 -43.28
N MET B 132 -39.46 21.22 -42.69
CA MET B 132 -40.18 20.10 -42.12
C MET B 132 -39.36 19.48 -41.00
N TYR B 133 -40.02 18.61 -40.23
CA TYR B 133 -39.39 17.95 -39.09
C TYR B 133 -40.19 16.70 -38.78
N VAL B 134 -39.52 15.68 -38.26
CA VAL B 134 -40.15 14.41 -37.91
C VAL B 134 -39.87 14.12 -36.45
N ALA B 135 -40.93 13.80 -35.71
CA ALA B 135 -40.83 13.61 -34.27
C ALA B 135 -41.41 12.26 -33.87
N ILE B 136 -40.96 11.78 -32.72
CA ILE B 136 -41.43 10.50 -32.18
C ILE B 136 -42.80 10.72 -31.55
N GLN B 137 -43.77 9.87 -31.90
CA GLN B 137 -45.13 10.09 -31.43
C GLN B 137 -45.22 10.00 -29.92
N ALA B 138 -44.48 9.07 -29.31
CA ALA B 138 -44.57 8.89 -27.87
C ALA B 138 -44.13 10.15 -27.12
N VAL B 139 -43.09 10.81 -27.62
CA VAL B 139 -42.63 12.03 -26.97
C VAL B 139 -43.69 13.12 -27.06
N LEU B 140 -44.31 13.29 -28.22
CA LEU B 140 -45.34 14.31 -28.37
C LEU B 140 -46.49 14.07 -27.40
N SER B 141 -46.79 12.81 -27.10
CA SER B 141 -47.83 12.50 -26.12
C SER B 141 -47.48 13.07 -24.76
N LEU B 142 -46.21 12.98 -24.37
CA LEU B 142 -45.80 13.48 -23.07
C LEU B 142 -45.91 15.00 -23.00
N TYR B 143 -45.65 15.70 -24.10
CA TYR B 143 -45.75 17.15 -24.11
C TYR B 143 -47.17 17.61 -23.79
N ALA B 144 -48.17 16.95 -24.38
CA ALA B 144 -49.55 17.35 -24.16
C ALA B 144 -49.97 17.14 -22.72
N SER B 145 -49.34 16.20 -22.02
CA SER B 145 -49.71 15.91 -20.64
C SER B 145 -49.11 16.88 -19.64
N GLY B 146 -48.29 17.82 -20.09
CA GLY B 146 -47.71 18.79 -19.17
C GLY B 146 -46.78 18.16 -18.15
N ARG B 147 -45.91 17.27 -18.58
CA ARG B 147 -44.98 16.59 -17.70
C ARG B 147 -43.59 16.66 -18.30
N THR B 148 -42.62 16.15 -17.55
CA THR B 148 -41.26 16.01 -18.05
C THR B 148 -40.64 14.68 -17.65
N THR B 149 -41.42 13.74 -17.13
CA THR B 149 -40.92 12.45 -16.71
C THR B 149 -42.06 11.46 -16.73
N GLY B 150 -41.74 10.22 -17.08
CA GLY B 150 -42.74 9.16 -17.07
C GLY B 150 -42.45 8.15 -18.15
N ILE B 151 -43.36 7.20 -18.28
CA ILE B 151 -43.29 6.17 -19.31
C ILE B 151 -44.58 6.23 -20.11
N VAL B 152 -44.44 6.33 -21.43
CA VAL B 152 -45.56 6.58 -22.33
C VAL B 152 -45.91 5.28 -23.03
N LEU B 153 -47.18 4.92 -22.99
CA LEU B 153 -47.70 3.78 -23.76
C LEU B 153 -48.71 4.33 -24.75
N ASP B 154 -48.28 4.48 -26.00
CA ASP B 154 -49.14 4.96 -27.08
C ASP B 154 -49.49 3.78 -27.96
N SER B 155 -50.79 3.50 -28.07
CA SER B 155 -51.29 2.39 -28.87
C SER B 155 -52.37 2.92 -29.79
N GLY B 156 -52.09 2.95 -31.08
CA GLY B 156 -53.04 3.47 -32.04
C GLY B 156 -53.71 2.39 -32.86
N ASP B 157 -53.67 2.54 -34.18
CA ASP B 157 -54.27 1.55 -35.06
C ASP B 157 -53.28 0.48 -35.49
N GLY B 158 -52.00 0.80 -35.52
CA GLY B 158 -51.03 -0.16 -36.02
C GLY B 158 -49.94 -0.61 -35.07
N VAL B 159 -49.49 0.25 -34.16
CA VAL B 159 -48.30 -0.01 -33.38
C VAL B 159 -48.53 0.39 -31.93
N THR B 160 -48.14 -0.49 -31.01
CA THR B 160 -48.12 -0.21 -29.57
C THR B 160 -46.67 -0.15 -29.12
N HIS B 161 -46.26 0.99 -28.57
CA HIS B 161 -44.87 1.18 -28.20
C HIS B 161 -44.77 1.89 -26.86
N ASN B 162 -43.63 1.69 -26.20
CA ASN B 162 -43.32 2.31 -24.92
C ASN B 162 -42.02 3.09 -25.04
N VAL B 163 -41.99 4.29 -24.46
CA VAL B 163 -40.81 5.14 -24.45
C VAL B 163 -40.63 5.76 -23.08
N PRO B 164 -39.74 5.22 -22.23
CA PRO B 164 -39.54 5.81 -20.91
C PRO B 164 -38.62 7.02 -20.99
N ILE B 165 -39.03 8.13 -20.38
CA ILE B 165 -38.27 9.38 -20.41
C ILE B 165 -38.14 9.88 -18.98
N TYR B 166 -36.92 10.24 -18.60
CA TYR B 166 -36.63 10.80 -17.28
C TYR B 166 -36.05 12.19 -17.44
N GLU B 167 -36.73 13.18 -16.89
CA GLU B 167 -36.26 14.57 -16.89
C GLU B 167 -35.85 15.03 -18.30
N GLY B 168 -36.66 14.67 -19.28
CA GLY B 168 -36.36 15.02 -20.65
C GLY B 168 -35.29 14.18 -21.31
N TYR B 169 -34.77 13.18 -20.63
CA TYR B 169 -33.77 12.28 -21.20
C TYR B 169 -34.42 10.93 -21.42
N ALA B 170 -34.36 10.42 -22.65
CA ALA B 170 -34.90 9.12 -22.98
C ALA B 170 -33.85 8.04 -22.81
N LEU B 171 -34.29 6.80 -22.78
CA LEU B 171 -33.41 5.64 -22.70
C LEU B 171 -33.68 4.75 -23.91
N PRO B 172 -32.98 4.96 -25.02
CA PRO B 172 -33.34 4.23 -26.25
C PRO B 172 -33.25 2.73 -26.11
N HIS B 173 -32.32 2.20 -25.30
CA HIS B 173 -32.24 0.76 -25.14
C HIS B 173 -33.45 0.18 -24.44
N ALA B 174 -34.29 1.02 -23.83
CA ALA B 174 -35.47 0.57 -23.11
C ALA B 174 -36.77 0.77 -23.89
N ILE B 175 -36.69 1.17 -25.15
CA ILE B 175 -37.87 1.39 -25.97
C ILE B 175 -38.40 0.05 -26.46
N MET B 176 -39.69 -0.18 -26.28
CA MET B 176 -40.35 -1.41 -26.70
C MET B 176 -41.37 -1.11 -27.79
N ARG B 177 -41.55 -2.06 -28.70
CA ARG B 177 -42.51 -1.93 -29.79
C ARG B 177 -43.22 -3.26 -30.00
N LEU B 178 -44.52 -3.19 -30.24
CA LEU B 178 -45.34 -4.35 -30.59
C LEU B 178 -46.23 -3.99 -31.76
N ASP B 179 -46.35 -4.89 -32.73
CA ASP B 179 -47.28 -4.72 -33.84
C ASP B 179 -48.62 -5.33 -33.47
N LEU B 180 -49.27 -4.71 -32.49
CA LEU B 180 -50.54 -5.21 -31.98
C LEU B 180 -51.36 -4.00 -31.54
N ALA B 181 -52.38 -3.65 -32.33
CA ALA B 181 -53.14 -2.44 -32.05
C ALA B 181 -54.56 -2.65 -32.57
N GLY B 182 -55.29 -1.54 -32.76
CA GLY B 182 -56.71 -1.63 -33.03
C GLY B 182 -57.04 -2.40 -34.29
N ARG B 183 -56.25 -2.21 -35.35
CA ARG B 183 -56.52 -2.94 -36.59
C ARG B 183 -56.43 -4.44 -36.39
N ASP B 184 -55.54 -4.88 -35.50
CA ASP B 184 -55.46 -6.31 -35.23
C ASP B 184 -56.67 -6.80 -34.43
N LEU B 185 -57.17 -5.97 -33.51
CA LEU B 185 -58.36 -6.34 -32.77
C LEU B 185 -59.59 -6.41 -33.68
N THR B 186 -59.71 -5.48 -34.62
CA THR B 186 -60.84 -5.51 -35.54
C THR B 186 -60.84 -6.80 -36.34
N ASP B 187 -59.67 -7.26 -36.77
CA ASP B 187 -59.60 -8.53 -37.47
C ASP B 187 -59.92 -9.69 -36.54
N TYR B 188 -59.59 -9.59 -35.26
CA TYR B 188 -59.92 -10.66 -34.33
C TYR B 188 -61.41 -10.72 -34.06
N LEU B 189 -62.05 -9.56 -33.85
CA LEU B 189 -63.48 -9.53 -33.65
C LEU B 189 -64.22 -10.05 -34.88
N MET B 190 -63.72 -9.71 -36.06
CA MET B 190 -64.33 -10.18 -37.29
C MET B 190 -64.24 -11.69 -37.43
N LYS B 191 -63.37 -12.33 -36.64
CA LYS B 191 -63.24 -13.79 -36.67
C LYS B 191 -64.15 -14.46 -35.64
N ILE B 192 -64.17 -13.98 -34.40
CA ILE B 192 -65.02 -14.60 -33.39
C ILE B 192 -66.48 -14.23 -33.55
N LEU B 193 -66.79 -13.23 -34.38
CA LEU B 193 -68.19 -12.97 -34.71
C LEU B 193 -68.76 -14.02 -35.65
N THR B 194 -67.91 -14.85 -36.26
CA THR B 194 -68.39 -15.99 -37.02
C THR B 194 -68.91 -17.10 -36.13
N GLU B 195 -68.72 -16.98 -34.82
CA GLU B 195 -69.21 -18.01 -33.90
C GLU B 195 -70.73 -18.00 -33.81
N ARG B 196 -71.36 -16.84 -33.95
CA ARG B 196 -72.80 -16.73 -33.82
C ARG B 196 -73.51 -16.65 -35.17
N GLY B 197 -72.78 -16.84 -36.27
CA GLY B 197 -73.36 -16.79 -37.60
C GLY B 197 -73.14 -15.50 -38.35
N TYR B 198 -72.51 -14.51 -37.74
CA TYR B 198 -72.23 -13.26 -38.42
C TYR B 198 -70.97 -13.41 -39.27
N SER B 199 -71.08 -13.09 -40.56
CA SER B 199 -69.95 -13.14 -41.47
C SER B 199 -69.67 -11.74 -42.00
N PHE B 200 -68.40 -11.37 -42.03
CA PHE B 200 -67.97 -10.09 -42.60
C PHE B 200 -66.67 -10.33 -43.34
N VAL B 201 -66.70 -10.20 -44.66
CA VAL B 201 -65.53 -10.54 -45.46
C VAL B 201 -65.03 -9.33 -46.23
N THR B 202 -65.95 -8.47 -46.65
CA THR B 202 -65.55 -7.36 -47.51
C THR B 202 -64.95 -6.22 -46.67
N THR B 203 -64.12 -5.42 -47.33
CA THR B 203 -63.55 -4.27 -46.66
C THR B 203 -64.62 -3.28 -46.21
N ALA B 204 -65.75 -3.25 -46.91
CA ALA B 204 -66.86 -2.42 -46.45
C ALA B 204 -67.40 -2.91 -45.12
N GLU B 205 -67.47 -4.23 -44.94
CA GLU B 205 -67.98 -4.77 -43.68
C GLU B 205 -66.97 -4.66 -42.56
N ARG B 206 -65.67 -4.66 -42.88
CA ARG B 206 -64.67 -4.45 -41.83
C ARG B 206 -64.85 -3.09 -41.16
N GLU B 207 -65.29 -2.08 -41.92
CA GLU B 207 -65.62 -0.80 -41.32
C GLU B 207 -66.80 -0.93 -40.37
N ILE B 208 -67.78 -1.77 -40.71
CA ILE B 208 -68.91 -1.98 -39.82
C ILE B 208 -68.45 -2.63 -38.53
N VAL B 209 -67.60 -3.65 -38.63
CA VAL B 209 -67.11 -4.32 -37.43
C VAL B 209 -66.27 -3.36 -36.60
N ARG B 210 -65.47 -2.53 -37.25
CA ARG B 210 -64.67 -1.54 -36.53
C ARG B 210 -65.57 -0.59 -35.73
N ASP B 211 -66.77 -0.31 -36.24
CA ASP B 211 -67.71 0.50 -35.48
C ASP B 211 -68.32 -0.28 -34.33
N ILE B 212 -68.56 -1.58 -34.53
CA ILE B 212 -69.09 -2.41 -33.45
C ILE B 212 -68.10 -2.46 -32.30
N LYS B 213 -66.83 -2.61 -32.61
CA LYS B 213 -65.81 -2.70 -31.56
C LYS B 213 -65.75 -1.43 -30.73
N GLU B 214 -65.91 -0.26 -31.38
CA GLU B 214 -65.79 0.99 -30.66
C GLU B 214 -66.93 1.20 -29.67
N LYS B 215 -68.16 0.87 -30.08
CA LYS B 215 -69.33 1.25 -29.31
C LYS B 215 -69.77 0.23 -28.29
N LEU B 216 -69.17 -0.97 -28.26
CA LEU B 216 -69.65 -2.02 -27.39
C LEU B 216 -68.57 -2.72 -26.58
N CYS B 217 -67.33 -2.73 -27.02
CA CYS B 217 -66.29 -3.49 -26.35
C CYS B 217 -65.79 -2.78 -25.11
N TYR B 218 -65.33 -3.57 -24.14
CA TYR B 218 -64.77 -3.05 -22.91
C TYR B 218 -63.83 -4.09 -22.33
N VAL B 219 -62.93 -3.65 -21.45
CA VAL B 219 -61.94 -4.52 -20.83
C VAL B 219 -62.45 -4.89 -19.45
N ALA B 220 -62.57 -6.19 -19.20
CA ALA B 220 -63.03 -6.68 -17.91
C ALA B 220 -61.88 -6.68 -16.92
N LEU B 221 -62.20 -6.37 -15.66
CA LEU B 221 -61.18 -6.33 -14.62
C LEU B 221 -60.62 -7.72 -14.34
N ASP B 222 -61.48 -8.73 -14.32
CA ASP B 222 -61.07 -10.12 -14.19
C ASP B 222 -61.65 -10.92 -15.34
N PHE B 223 -60.79 -11.62 -16.08
CA PHE B 223 -61.26 -12.31 -17.28
C PHE B 223 -62.09 -13.55 -16.91
N GLU B 224 -61.60 -14.33 -15.97
CA GLU B 224 -62.30 -15.56 -15.63
C GLU B 224 -63.68 -15.28 -15.07
N ASN B 225 -63.75 -14.38 -14.10
CA ASN B 225 -65.03 -14.09 -13.47
C ASN B 225 -66.02 -13.53 -14.47
N GLU B 226 -65.56 -12.66 -15.37
CA GLU B 226 -66.46 -12.10 -16.37
C GLU B 226 -66.95 -13.20 -17.32
N MET B 227 -66.08 -14.13 -17.67
CA MET B 227 -66.48 -15.22 -18.56
C MET B 227 -67.57 -16.06 -17.94
N ALA B 228 -67.44 -16.36 -16.64
CA ALA B 228 -68.48 -17.13 -15.95
C ALA B 228 -69.79 -16.36 -15.90
N THR B 229 -69.73 -15.05 -15.66
CA THR B 229 -70.95 -14.26 -15.57
C THR B 229 -71.69 -14.24 -16.90
N ALA B 230 -70.97 -13.97 -17.99
CA ALA B 230 -71.61 -13.91 -19.30
C ALA B 230 -72.14 -15.28 -19.71
N ALA B 231 -71.54 -16.35 -19.18
CA ALA B 231 -72.02 -17.70 -19.45
C ALA B 231 -73.17 -18.10 -18.54
N SER B 232 -73.47 -17.32 -17.51
CA SER B 232 -74.52 -17.68 -16.57
C SER B 232 -75.86 -17.06 -16.92
N SER B 233 -75.88 -15.77 -17.26
CA SER B 233 -77.12 -15.08 -17.56
C SER B 233 -76.92 -14.25 -18.82
N SER B 234 -77.95 -13.50 -19.20
CA SER B 234 -77.91 -12.65 -20.38
C SER B 234 -77.81 -11.16 -20.00
N SER B 235 -77.08 -10.87 -18.93
CA SER B 235 -76.94 -9.48 -18.50
C SER B 235 -76.04 -8.70 -19.44
N LEU B 236 -74.98 -9.32 -19.94
CA LEU B 236 -73.98 -8.61 -20.72
C LEU B 236 -74.35 -8.47 -22.20
N GLU B 237 -75.43 -9.11 -22.66
CA GLU B 237 -75.77 -9.03 -24.07
C GLU B 237 -76.29 -7.64 -24.43
N LYS B 238 -75.86 -7.16 -25.59
CA LYS B 238 -76.28 -5.86 -26.10
C LYS B 238 -76.60 -5.99 -27.59
N SER B 239 -77.43 -5.09 -28.08
CA SER B 239 -77.92 -5.14 -29.44
C SER B 239 -77.30 -4.03 -30.28
N TYR B 240 -77.10 -4.33 -31.56
CA TYR B 240 -76.58 -3.38 -32.53
C TYR B 240 -77.39 -3.49 -33.82
N GLU B 241 -77.57 -2.36 -34.49
CA GLU B 241 -78.39 -2.31 -35.71
C GLU B 241 -77.47 -2.14 -36.91
N LEU B 242 -77.50 -3.12 -37.82
CA LEU B 242 -76.71 -3.04 -39.03
C LEU B 242 -77.33 -2.02 -39.99
N PRO B 243 -76.54 -1.48 -40.92
CA PRO B 243 -77.07 -0.46 -41.83
C PRO B 243 -78.19 -0.94 -42.75
N ASP B 244 -78.37 -2.25 -42.93
CA ASP B 244 -79.48 -2.73 -43.72
C ASP B 244 -80.73 -3.01 -42.91
N GLY B 245 -80.70 -2.75 -41.60
CA GLY B 245 -81.83 -2.94 -40.73
C GLY B 245 -81.78 -4.19 -39.88
N GLN B 246 -80.93 -5.15 -40.22
CA GLN B 246 -80.80 -6.35 -39.43
C GLN B 246 -80.17 -6.03 -38.07
N VAL B 247 -80.51 -6.83 -37.07
CA VAL B 247 -80.10 -6.61 -35.69
C VAL B 247 -79.22 -7.77 -35.24
N ILE B 248 -78.11 -7.44 -34.57
CA ILE B 248 -77.19 -8.44 -34.06
C ILE B 248 -77.05 -8.29 -32.56
N THR B 249 -76.87 -9.42 -31.87
CA THR B 249 -76.72 -9.45 -30.43
C THR B 249 -75.44 -10.21 -30.08
N ILE B 250 -74.62 -9.60 -29.21
CA ILE B 250 -73.37 -10.20 -28.81
C ILE B 250 -73.31 -10.31 -27.30
N GLY B 251 -72.66 -11.36 -26.81
CA GLY B 251 -72.50 -11.58 -25.39
C GLY B 251 -71.07 -11.42 -24.93
N ASN B 252 -70.38 -12.53 -24.71
CA ASN B 252 -69.02 -12.48 -24.17
C ASN B 252 -68.00 -11.97 -25.17
N GLU B 253 -68.38 -11.80 -26.45
CA GLU B 253 -67.44 -11.22 -27.40
C GLU B 253 -67.09 -9.78 -27.06
N ARG B 254 -67.88 -9.13 -26.20
CA ARG B 254 -67.63 -7.72 -25.89
C ARG B 254 -66.27 -7.55 -25.21
N PHE B 255 -65.95 -8.40 -24.24
CA PHE B 255 -64.70 -8.26 -23.50
C PHE B 255 -63.66 -9.30 -23.88
N ARG B 256 -63.97 -10.22 -24.79
CA ARG B 256 -62.94 -11.10 -25.31
C ARG B 256 -62.05 -10.40 -26.34
N CYS B 257 -62.63 -9.48 -27.12
CA CYS B 257 -61.85 -8.80 -28.16
C CYS B 257 -60.71 -7.98 -27.58
N PRO B 258 -60.91 -7.11 -26.59
CA PRO B 258 -59.78 -6.33 -26.06
C PRO B 258 -58.88 -7.12 -25.13
N GLU B 259 -59.21 -8.38 -24.82
CA GLU B 259 -58.35 -9.17 -23.95
C GLU B 259 -57.06 -9.55 -24.64
N THR B 260 -57.05 -9.61 -25.98
CA THR B 260 -55.83 -9.94 -26.69
C THR B 260 -54.69 -9.01 -26.32
N LEU B 261 -55.00 -7.76 -25.97
CA LEU B 261 -53.98 -6.80 -25.57
C LEU B 261 -53.20 -7.30 -24.36
N PHE B 262 -53.80 -8.14 -23.52
CA PHE B 262 -53.12 -8.71 -22.37
C PHE B 262 -52.69 -10.16 -22.57
N GLN B 263 -53.30 -10.87 -23.51
CA GLN B 263 -52.94 -12.24 -23.84
C GLN B 263 -52.80 -12.34 -25.35
N PRO B 264 -51.67 -11.89 -25.91
CA PRO B 264 -51.53 -11.88 -27.37
C PRO B 264 -51.58 -13.25 -28.00
N SER B 265 -51.47 -14.34 -27.23
CA SER B 265 -51.48 -15.67 -27.80
C SER B 265 -52.80 -16.03 -28.46
N PHE B 266 -53.86 -15.25 -28.23
CA PHE B 266 -55.12 -15.48 -28.91
C PHE B 266 -54.95 -15.39 -30.42
N ILE B 267 -54.23 -14.39 -30.90
CA ILE B 267 -54.05 -14.17 -32.33
C ILE B 267 -52.76 -14.80 -32.84
N GLY B 268 -52.17 -15.71 -32.07
CA GLY B 268 -50.99 -16.43 -32.50
C GLY B 268 -49.67 -15.72 -32.25
N MET B 269 -49.68 -14.57 -31.62
CA MET B 269 -48.45 -13.84 -31.36
C MET B 269 -47.74 -14.42 -30.14
N GLU B 270 -46.42 -14.54 -30.24
CA GLU B 270 -45.61 -15.05 -29.13
C GLU B 270 -45.23 -13.98 -28.13
N SER B 271 -45.44 -12.71 -28.45
CA SER B 271 -45.05 -11.63 -27.55
C SER B 271 -45.95 -11.61 -26.32
N ALA B 272 -45.47 -10.93 -25.28
CA ALA B 272 -46.24 -10.79 -24.06
C ALA B 272 -47.21 -9.61 -24.16
N GLY B 273 -48.11 -9.53 -23.19
CA GLY B 273 -49.12 -8.49 -23.19
C GLY B 273 -48.52 -7.13 -22.93
N ILE B 274 -49.37 -6.11 -23.04
CA ILE B 274 -48.89 -4.74 -22.88
C ILE B 274 -48.46 -4.49 -21.44
N HIS B 275 -49.15 -5.09 -20.47
CA HIS B 275 -48.79 -4.84 -19.08
C HIS B 275 -47.40 -5.40 -18.77
N GLU B 276 -47.08 -6.58 -19.30
CA GLU B 276 -45.74 -7.14 -19.10
C GLU B 276 -44.70 -6.33 -19.86
N THR B 277 -45.03 -5.87 -21.07
CA THR B 277 -44.09 -5.04 -21.82
C THR B 277 -43.80 -3.75 -21.08
N THR B 278 -44.83 -3.10 -20.54
CA THR B 278 -44.61 -1.87 -19.79
C THR B 278 -43.74 -2.14 -18.57
N TYR B 279 -44.01 -3.23 -17.84
CA TYR B 279 -43.13 -3.60 -16.76
C TYR B 279 -41.73 -3.93 -17.26
N ASN B 280 -41.64 -4.68 -18.36
CA ASN B 280 -40.32 -5.02 -18.90
C ASN B 280 -39.57 -3.79 -19.36
N SER B 281 -40.27 -2.79 -19.88
CA SER B 281 -39.61 -1.56 -20.30
C SER B 281 -39.03 -0.82 -19.10
N ILE B 282 -39.75 -0.81 -17.97
CA ILE B 282 -39.26 -0.08 -16.81
C ILE B 282 -38.00 -0.71 -16.26
N MET B 283 -37.96 -2.04 -16.19
CA MET B 283 -36.81 -2.71 -15.60
C MET B 283 -35.55 -2.57 -16.43
N LYS B 284 -35.65 -2.12 -17.68
CA LYS B 284 -34.46 -1.84 -18.47
C LYS B 284 -33.85 -0.49 -18.16
N CYS B 285 -34.53 0.35 -17.38
CA CYS B 285 -34.02 1.66 -17.02
C CYS B 285 -33.16 1.58 -15.77
N ASP B 286 -32.65 2.71 -15.33
CA ASP B 286 -31.76 2.76 -14.18
C ASP B 286 -32.54 2.56 -12.89
N ILE B 287 -31.83 2.11 -11.85
CA ILE B 287 -32.49 1.72 -10.61
C ILE B 287 -33.08 2.92 -9.89
N ASP B 288 -32.48 4.10 -10.04
CA ASP B 288 -32.92 5.26 -9.26
C ASP B 288 -34.13 5.96 -9.85
N ILE B 289 -34.55 5.59 -11.07
CA ILE B 289 -35.68 6.26 -11.70
C ILE B 289 -36.90 5.38 -11.80
N ARG B 290 -36.85 4.15 -11.26
CA ARG B 290 -38.03 3.29 -11.34
C ARG B 290 -39.15 3.79 -10.46
N LYS B 291 -38.84 4.46 -9.35
CA LYS B 291 -39.90 4.95 -8.48
C LYS B 291 -40.76 5.99 -9.18
N ASP B 292 -40.14 6.89 -9.93
CA ASP B 292 -40.91 7.90 -10.64
C ASP B 292 -41.69 7.29 -11.80
N LEU B 293 -41.09 6.33 -12.50
CA LEU B 293 -41.75 5.77 -13.68
C LEU B 293 -43.01 5.01 -13.30
N TYR B 294 -43.02 4.36 -12.14
CA TYR B 294 -44.23 3.65 -11.70
C TYR B 294 -45.40 4.59 -11.53
N ALA B 295 -45.16 5.81 -11.06
CA ALA B 295 -46.24 6.74 -10.75
C ALA B 295 -46.59 7.66 -11.91
N ASN B 296 -45.99 7.47 -13.07
CA ASN B 296 -46.22 8.35 -14.21
C ASN B 296 -46.43 7.55 -15.48
N ASN B 297 -47.32 6.56 -15.43
CA ASN B 297 -47.74 5.86 -16.63
C ASN B 297 -48.71 6.73 -17.42
N VAL B 298 -48.30 7.13 -18.62
CA VAL B 298 -49.10 8.01 -19.48
C VAL B 298 -49.57 7.20 -20.67
N MET B 299 -50.87 7.26 -20.95
CA MET B 299 -51.46 6.56 -22.08
C MET B 299 -51.96 7.56 -23.11
N SER B 300 -52.00 7.11 -24.37
CA SER B 300 -52.54 7.91 -25.46
C SER B 300 -52.85 7.00 -26.62
N GLY B 301 -53.72 7.46 -27.50
CA GLY B 301 -54.10 6.72 -28.68
C GLY B 301 -55.49 6.13 -28.55
N GLY B 302 -56.05 5.77 -29.71
CA GLY B 302 -57.42 5.27 -29.74
C GLY B 302 -57.62 3.94 -29.05
N THR B 303 -56.62 3.06 -29.11
CA THR B 303 -56.75 1.74 -28.52
C THR B 303 -56.84 1.77 -27.00
N THR B 304 -56.56 2.92 -26.38
CA THR B 304 -56.62 3.04 -24.93
C THR B 304 -58.00 3.50 -24.44
N MET B 305 -58.90 3.84 -25.36
CA MET B 305 -60.20 4.39 -24.97
C MET B 305 -61.18 3.34 -24.46
N TYR B 306 -60.80 2.07 -24.35
CA TYR B 306 -61.75 1.06 -23.89
C TYR B 306 -62.17 1.36 -22.46
N PRO B 307 -63.45 1.18 -22.12
CA PRO B 307 -63.87 1.40 -20.73
C PRO B 307 -63.27 0.34 -19.81
N GLY B 308 -62.66 0.81 -18.72
CA GLY B 308 -62.09 -0.08 -17.73
C GLY B 308 -60.67 -0.53 -18.00
N ILE B 309 -60.03 -0.08 -19.08
CA ILE B 309 -58.68 -0.55 -19.36
C ILE B 309 -57.68 0.05 -18.38
N ALA B 310 -57.91 1.29 -17.93
CA ALA B 310 -56.99 1.90 -16.98
C ALA B 310 -56.97 1.13 -15.67
N ASP B 311 -58.13 0.69 -15.20
CA ASP B 311 -58.18 -0.12 -13.98
C ASP B 311 -57.50 -1.46 -14.18
N ARG B 312 -57.72 -2.12 -15.31
CA ARG B 312 -57.09 -3.41 -15.57
C ARG B 312 -55.58 -3.29 -15.64
N MET B 313 -55.09 -2.25 -16.30
CA MET B 313 -53.64 -2.01 -16.30
C MET B 313 -53.16 -1.71 -14.88
N GLN B 314 -53.94 -0.95 -14.12
CA GLN B 314 -53.55 -0.62 -12.75
C GLN B 314 -53.44 -1.87 -11.90
N LYS B 315 -54.38 -2.80 -12.06
CA LYS B 315 -54.34 -4.04 -11.29
C LYS B 315 -53.12 -4.89 -11.68
N GLU B 316 -52.84 -5.00 -12.98
CA GLU B 316 -51.80 -5.93 -13.43
C GLU B 316 -50.42 -5.42 -13.08
N ILE B 317 -50.14 -4.13 -13.28
CA ILE B 317 -48.81 -3.61 -13.00
C ILE B 317 -48.49 -3.75 -11.52
N THR B 318 -49.49 -3.57 -10.65
CA THR B 318 -49.27 -3.66 -9.22
C THR B 318 -48.75 -5.03 -8.83
N ALA B 319 -49.29 -6.09 -9.44
CA ALA B 319 -48.88 -7.45 -9.08
C ALA B 319 -47.41 -7.69 -9.41
N LEU B 320 -46.96 -7.24 -10.58
CA LEU B 320 -45.58 -7.47 -10.97
C LEU B 320 -44.61 -6.57 -10.21
N ALA B 321 -45.03 -5.37 -9.85
CA ALA B 321 -44.19 -4.45 -9.09
C ALA B 321 -44.15 -4.84 -7.62
N PRO B 322 -43.13 -4.40 -6.89
CA PRO B 322 -43.08 -4.68 -5.45
C PRO B 322 -44.20 -3.98 -4.71
N SER B 323 -44.47 -4.48 -3.50
CA SER B 323 -45.62 -4.01 -2.73
C SER B 323 -45.42 -2.58 -2.22
N THR B 324 -44.17 -2.13 -2.11
CA THR B 324 -43.92 -0.81 -1.55
C THR B 324 -44.31 0.31 -2.50
N MET B 325 -44.04 0.14 -3.80
CA MET B 325 -44.27 1.22 -4.75
C MET B 325 -45.75 1.47 -5.00
N LYS B 326 -46.03 2.70 -5.42
CA LYS B 326 -47.38 3.13 -5.78
C LYS B 326 -47.49 3.21 -7.28
N ILE B 327 -48.57 2.65 -7.83
CA ILE B 327 -48.80 2.64 -9.27
C ILE B 327 -49.93 3.61 -9.57
N LYS B 328 -49.66 4.57 -10.45
CA LYS B 328 -50.67 5.51 -10.90
C LYS B 328 -50.73 5.47 -12.42
N ILE B 329 -51.94 5.35 -12.96
CA ILE B 329 -52.17 5.32 -14.40
C ILE B 329 -52.85 6.63 -14.78
N ILE B 330 -52.31 7.30 -15.79
CA ILE B 330 -52.81 8.61 -16.22
C ILE B 330 -53.50 8.43 -17.55
N ALA B 331 -54.82 8.63 -17.56
CA ALA B 331 -55.63 8.52 -18.77
C ALA B 331 -56.52 9.75 -18.88
N PRO B 332 -55.97 10.86 -19.38
CA PRO B 332 -56.80 12.04 -19.57
C PRO B 332 -57.93 11.75 -20.54
N PRO B 333 -59.08 12.40 -20.36
CA PRO B 333 -60.25 12.06 -21.18
C PRO B 333 -60.05 12.27 -22.67
N GLU B 334 -59.17 13.19 -23.07
CA GLU B 334 -58.94 13.50 -24.48
C GLU B 334 -57.69 12.82 -25.03
N ARG B 335 -57.34 11.66 -24.50
CA ARG B 335 -56.11 11.00 -24.91
C ARG B 335 -56.17 10.46 -26.34
N LYS B 336 -57.33 10.47 -26.99
CA LYS B 336 -57.38 10.07 -28.38
C LYS B 336 -56.65 11.05 -29.29
N TYR B 337 -56.48 12.30 -28.85
CA TYR B 337 -55.75 13.30 -29.62
C TYR B 337 -54.51 13.80 -28.89
N SER B 338 -53.98 13.02 -27.95
CA SER B 338 -52.84 13.50 -27.17
C SER B 338 -51.63 13.76 -28.05
N VAL B 339 -51.35 12.85 -29.00
CA VAL B 339 -50.18 13.01 -29.84
C VAL B 339 -50.26 14.31 -30.63
N TRP B 340 -51.42 14.58 -31.22
CA TRP B 340 -51.57 15.82 -31.98
C TRP B 340 -51.52 17.04 -31.08
N ILE B 341 -52.13 16.96 -29.90
CA ILE B 341 -52.13 18.12 -29.01
C ILE B 341 -50.71 18.49 -28.63
N GLY B 342 -49.89 17.50 -28.27
CA GLY B 342 -48.49 17.77 -28.04
C GLY B 342 -47.78 18.31 -29.26
N GLY B 343 -48.23 17.90 -30.44
CA GLY B 343 -47.64 18.41 -31.66
C GLY B 343 -47.88 19.90 -31.84
N SER B 344 -49.09 20.36 -31.49
CA SER B 344 -49.37 21.78 -31.59
C SER B 344 -48.53 22.58 -30.60
N ILE B 345 -48.36 22.07 -29.38
CA ILE B 345 -47.52 22.75 -28.41
C ILE B 345 -46.08 22.84 -28.90
N LEU B 346 -45.53 21.70 -29.32
CA LEU B 346 -44.12 21.66 -29.67
C LEU B 346 -43.79 22.61 -30.82
N ALA B 347 -44.67 22.67 -31.82
CA ALA B 347 -44.46 23.60 -32.92
C ALA B 347 -44.65 25.04 -32.49
N SER B 348 -45.27 25.27 -31.34
CA SER B 348 -45.49 26.62 -30.84
C SER B 348 -44.43 27.09 -29.85
N LEU B 349 -43.46 26.25 -29.53
CA LEU B 349 -42.35 26.67 -28.68
C LEU B 349 -41.44 27.63 -29.44
N SER B 350 -41.04 28.71 -28.77
CA SER B 350 -40.08 29.63 -29.37
C SER B 350 -38.71 28.98 -29.50
N THR B 351 -38.35 28.11 -28.56
CA THR B 351 -37.05 27.45 -28.61
C THR B 351 -36.97 26.41 -29.72
N PHE B 352 -38.11 25.82 -30.08
CA PHE B 352 -38.12 24.75 -31.07
C PHE B 352 -37.80 25.24 -32.48
N GLN B 353 -37.91 26.56 -32.71
CA GLN B 353 -37.80 27.10 -34.06
C GLN B 353 -36.40 26.97 -34.65
N GLN B 354 -35.40 26.61 -33.85
CA GLN B 354 -34.06 26.40 -34.37
C GLN B 354 -33.82 24.97 -34.86
N MET B 355 -34.77 24.06 -34.63
CA MET B 355 -34.59 22.66 -34.99
C MET B 355 -35.23 22.29 -36.33
N TRP B 356 -35.86 23.22 -37.04
CA TRP B 356 -36.48 22.88 -38.31
C TRP B 356 -35.42 22.49 -39.33
N ILE B 357 -35.82 21.66 -40.28
CA ILE B 357 -34.97 21.26 -41.40
C ILE B 357 -35.40 22.11 -42.60
N THR B 358 -34.64 23.16 -42.89
CA THR B 358 -35.03 24.11 -43.91
C THR B 358 -34.83 23.53 -45.31
N LYS B 359 -35.42 24.22 -46.30
CA LYS B 359 -35.25 23.81 -47.69
C LYS B 359 -33.80 23.92 -48.12
N GLN B 360 -33.10 24.96 -47.66
CA GLN B 360 -31.70 25.12 -48.02
C GLN B 360 -30.87 23.95 -47.51
N GLU B 361 -31.13 23.51 -46.27
CA GLU B 361 -30.34 22.43 -45.70
C GLU B 361 -30.55 21.12 -46.46
N TYR B 362 -31.77 20.89 -46.94
CA TYR B 362 -32.05 19.64 -47.64
C TYR B 362 -31.27 19.56 -48.96
N ASP B 363 -31.24 20.65 -49.72
CA ASP B 363 -30.53 20.64 -50.99
C ASP B 363 -29.03 20.44 -50.82
N GLU B 364 -28.49 20.84 -49.68
CA GLU B 364 -27.07 20.62 -49.42
C GLU B 364 -26.76 19.17 -49.08
N ALA B 365 -27.61 18.53 -48.28
CA ALA B 365 -27.30 17.22 -47.72
C ALA B 365 -28.11 16.08 -48.31
N GLY B 366 -29.31 16.34 -48.82
CA GLY B 366 -30.13 15.28 -49.36
C GLY B 366 -31.12 14.74 -48.35
N PRO B 367 -31.83 13.68 -48.73
CA PRO B 367 -32.83 13.11 -47.82
C PRO B 367 -32.24 12.57 -46.52
N SER B 368 -30.94 12.28 -46.49
CA SER B 368 -30.33 11.72 -45.29
C SER B 368 -30.22 12.72 -44.16
N ILE B 369 -30.49 14.00 -44.40
CA ILE B 369 -30.37 14.99 -43.34
C ILE B 369 -31.43 14.76 -42.27
N VAL B 370 -32.51 14.04 -42.60
CA VAL B 370 -33.55 13.79 -41.62
C VAL B 370 -33.08 12.86 -40.52
N HIS B 371 -32.02 12.08 -40.76
CA HIS B 371 -31.52 11.18 -39.72
C HIS B 371 -30.69 11.89 -38.66
N ARG B 372 -30.23 13.11 -38.91
CA ARG B 372 -29.36 13.81 -37.97
C ARG B 372 -30.09 14.84 -37.14
N LYS B 373 -30.98 15.62 -37.73
CA LYS B 373 -31.73 16.63 -37.00
C LYS B 373 -32.96 16.08 -36.31
N CYS B 374 -33.27 14.80 -36.52
CA CYS B 374 -34.46 14.20 -35.95
C CYS B 374 -34.08 12.98 -35.13
N PHE B 375 -34.68 12.84 -33.96
CA PHE B 375 -34.45 11.67 -33.13
C PHE B 375 -35.28 10.52 -33.68
N THR C 5 -11.42 39.99 8.56
CA THR C 5 -12.82 39.71 8.83
C THR C 5 -13.01 38.23 9.20
N THR C 6 -14.25 37.76 9.13
CA THR C 6 -14.53 36.36 9.44
C THR C 6 -13.80 35.44 8.48
N ALA C 7 -13.30 34.33 9.01
CA ALA C 7 -12.49 33.40 8.24
C ALA C 7 -13.34 32.26 7.69
N LEU C 8 -12.81 31.61 6.65
CA LEU C 8 -13.47 30.50 6.00
C LEU C 8 -12.63 29.24 6.17
N VAL C 9 -13.28 28.13 6.46
CA VAL C 9 -12.64 26.82 6.54
C VAL C 9 -13.33 25.91 5.54
N CYS C 10 -12.54 25.23 4.71
CA CYS C 10 -13.08 24.38 3.64
C CYS C 10 -12.27 23.09 3.60
N ASP C 11 -12.71 22.09 4.35
CA ASP C 11 -12.03 20.80 4.42
C ASP C 11 -12.36 20.01 3.16
N ASN C 12 -11.46 20.03 2.19
CA ASN C 12 -11.63 19.26 0.97
C ASN C 12 -11.12 17.84 1.20
N GLY C 13 -12.05 16.90 1.36
CA GLY C 13 -11.73 15.49 1.43
C GLY C 13 -12.15 14.81 0.13
N SER C 14 -11.71 13.57 -0.02
CA SER C 14 -12.08 12.82 -1.21
C SER C 14 -13.57 12.55 -1.26
N GLY C 15 -14.16 12.22 -0.11
CA GLY C 15 -15.57 11.86 -0.07
C GLY C 15 -16.55 13.00 0.11
N LEU C 16 -16.42 13.76 1.19
CA LEU C 16 -17.35 14.82 1.51
C LEU C 16 -16.62 16.14 1.65
N VAL C 17 -17.21 17.20 1.10
CA VAL C 17 -16.68 18.55 1.25
C VAL C 17 -17.39 19.20 2.43
N LYS C 18 -16.64 19.54 3.46
CA LYS C 18 -17.17 20.22 4.63
C LYS C 18 -16.63 21.64 4.63
N ALA C 19 -17.54 22.61 4.68
CA ALA C 19 -17.15 24.01 4.63
C ALA C 19 -18.04 24.80 5.59
N GLY C 20 -17.58 25.99 5.94
CA GLY C 20 -18.34 26.84 6.82
C GLY C 20 -17.48 27.98 7.34
N PHE C 21 -18.15 28.87 8.06
CA PHE C 21 -17.49 30.04 8.63
C PHE C 21 -16.69 29.64 9.85
N ALA C 22 -15.47 30.18 9.97
CA ALA C 22 -14.62 29.84 11.10
C ALA C 22 -15.17 30.46 12.37
N GLY C 23 -14.69 29.95 13.51
CA GLY C 23 -15.19 30.40 14.78
C GLY C 23 -16.56 29.86 15.14
N ASP C 24 -17.05 28.86 14.40
CA ASP C 24 -18.34 28.24 14.66
C ASP C 24 -18.14 26.81 15.11
N ASP C 25 -19.12 26.31 15.87
CA ASP C 25 -18.98 25.00 16.50
C ASP C 25 -19.08 23.87 15.50
N ALA C 26 -19.93 24.00 14.49
CA ALA C 26 -20.19 22.93 13.55
C ALA C 26 -20.20 23.50 12.13
N PRO C 27 -19.93 22.67 11.14
CA PRO C 27 -20.00 23.14 9.74
C PRO C 27 -21.40 23.64 9.41
N ARG C 28 -21.50 24.27 8.25
CA ARG C 28 -22.79 24.70 7.73
C ARG C 28 -23.18 24.01 6.45
N ALA C 29 -22.22 23.58 5.63
CA ALA C 29 -22.50 22.93 4.36
C ALA C 29 -21.66 21.68 4.25
N VAL C 30 -22.32 20.54 4.11
CA VAL C 30 -21.67 19.25 3.86
C VAL C 30 -22.33 18.65 2.64
N PHE C 31 -21.61 18.59 1.53
CA PHE C 31 -22.13 17.99 0.31
C PHE C 31 -21.05 17.14 -0.33
N PRO C 32 -21.44 16.03 -0.96
CA PRO C 32 -20.44 15.11 -1.53
C PRO C 32 -19.70 15.74 -2.69
N SER C 33 -18.40 15.41 -2.78
CA SER C 33 -17.52 15.93 -3.83
C SER C 33 -17.67 15.09 -5.09
N ILE C 34 -18.79 15.31 -5.78
CA ILE C 34 -19.14 14.53 -6.96
C ILE C 34 -19.55 15.47 -8.08
N VAL C 35 -19.02 15.23 -9.28
CA VAL C 35 -19.37 15.98 -10.47
C VAL C 35 -20.02 15.01 -11.45
N GLY C 36 -21.20 15.38 -11.94
CA GLY C 36 -21.93 14.50 -12.82
C GLY C 36 -22.26 15.07 -14.18
N ARG C 37 -22.06 14.29 -15.23
CA ARG C 37 -22.42 14.62 -16.60
C ARG C 37 -23.53 13.70 -17.08
N PRO C 38 -24.50 14.23 -17.84
CA PRO C 38 -25.57 13.37 -18.35
C PRO C 38 -25.02 12.28 -19.25
N ARG C 39 -25.69 11.12 -19.22
CA ARG C 39 -25.24 9.96 -19.97
C ARG C 39 -26.15 9.61 -21.14
N HIS C 40 -27.45 9.57 -20.92
CA HIS C 40 -28.39 9.17 -21.96
C HIS C 40 -28.77 10.36 -22.85
N GLN C 41 -29.46 10.05 -23.94
CA GLN C 41 -29.85 11.07 -24.90
C GLN C 41 -30.98 11.92 -24.36
N GLY C 42 -30.92 13.23 -24.64
CA GLY C 42 -31.98 14.15 -24.29
C GLY C 42 -32.86 14.42 -25.50
N VAL C 43 -34.17 14.37 -25.28
CA VAL C 43 -35.11 14.30 -26.40
C VAL C 43 -36.16 15.39 -26.34
N MET C 44 -36.32 16.04 -25.19
CA MET C 44 -37.38 17.02 -25.01
C MET C 44 -36.79 18.42 -24.89
N VAL C 45 -37.37 19.36 -25.65
CA VAL C 45 -36.87 20.74 -25.65
C VAL C 45 -37.10 21.36 -24.28
N GLY C 46 -36.16 22.22 -23.88
CA GLY C 46 -36.24 22.93 -22.62
C GLY C 46 -35.69 22.17 -21.43
N MET C 47 -35.70 20.84 -21.49
CA MET C 47 -35.14 20.01 -20.43
C MET C 47 -33.73 19.58 -20.83
N GLY C 48 -32.76 19.90 -19.99
CA GLY C 48 -31.37 19.74 -20.33
C GLY C 48 -30.63 21.05 -20.15
N GLN C 49 -29.81 21.42 -21.13
CA GLN C 49 -29.07 22.68 -21.10
C GLN C 49 -28.23 22.80 -19.83
N LYS C 50 -27.75 21.67 -19.33
CA LYS C 50 -26.93 21.63 -18.11
C LYS C 50 -25.82 20.61 -18.37
N ASP C 51 -24.63 21.11 -18.67
CA ASP C 51 -23.54 20.22 -19.03
C ASP C 51 -23.08 19.37 -17.85
N SER C 52 -23.03 19.96 -16.65
CA SER C 52 -22.48 19.26 -15.50
C SER C 52 -23.28 19.63 -14.25
N TYR C 53 -23.80 18.60 -13.57
CA TYR C 53 -24.41 18.76 -12.26
C TYR C 53 -23.38 18.42 -11.20
N VAL C 54 -23.27 19.28 -10.19
CA VAL C 54 -22.24 19.17 -9.18
C VAL C 54 -22.86 19.37 -7.80
N GLY C 55 -22.47 18.52 -6.85
CA GLY C 55 -22.92 18.67 -5.47
C GLY C 55 -24.00 17.70 -5.06
N ASP C 56 -25.17 18.22 -4.69
CA ASP C 56 -26.30 17.39 -4.30
C ASP C 56 -27.24 17.07 -5.45
N GLU C 57 -27.41 18.00 -6.39
CA GLU C 57 -28.19 17.69 -7.58
C GLU C 57 -27.56 16.54 -8.36
N ALA C 58 -26.26 16.33 -8.18
CA ALA C 58 -25.61 15.15 -8.73
C ALA C 58 -25.96 13.88 -7.96
N GLN C 59 -26.56 14.01 -6.79
CA GLN C 59 -27.08 12.87 -6.03
C GLN C 59 -28.57 12.67 -6.22
N SER C 60 -29.31 13.73 -6.56
CA SER C 60 -30.74 13.55 -6.79
C SER C 60 -30.99 12.87 -8.13
N LYS C 61 -30.31 13.34 -9.18
CA LYS C 61 -30.53 12.82 -10.53
C LYS C 61 -29.51 11.75 -10.89
N ARG C 62 -29.31 10.75 -10.03
CA ARG C 62 -28.29 9.74 -10.33
C ARG C 62 -28.71 8.82 -11.46
N GLY C 63 -30.02 8.67 -11.70
CA GLY C 63 -30.45 7.75 -12.74
C GLY C 63 -29.89 8.10 -14.10
N ILE C 64 -29.81 9.38 -14.41
CA ILE C 64 -29.24 9.86 -15.66
C ILE C 64 -28.08 10.78 -15.31
N LEU C 65 -26.90 10.20 -15.08
CA LEU C 65 -25.62 10.86 -14.85
C LEU C 65 -24.53 9.80 -14.75
N THR C 66 -23.29 10.24 -14.97
CA THR C 66 -22.10 9.48 -14.61
C THR C 66 -21.36 10.28 -13.55
N LEU C 67 -21.12 9.68 -12.40
CA LEU C 67 -20.56 10.37 -11.26
C LEU C 67 -19.06 10.11 -11.20
N LYS C 68 -18.26 11.16 -11.29
CA LYS C 68 -16.82 11.08 -11.18
C LYS C 68 -16.36 11.75 -9.89
N TYR C 69 -15.34 11.17 -9.26
CA TYR C 69 -14.78 11.72 -8.04
C TYR C 69 -13.53 12.51 -8.37
N PRO C 70 -13.53 13.84 -8.23
CA PRO C 70 -12.33 14.61 -8.59
C PRO C 70 -11.14 14.31 -7.70
N ILE C 71 -11.36 14.09 -6.42
CA ILE C 71 -10.23 13.93 -5.51
C ILE C 71 -10.04 12.53 -5.06
N GLU C 72 -9.49 11.68 -5.89
CA GLU C 72 -9.21 10.32 -5.50
C GLU C 72 -8.02 10.19 -4.57
N HIC C 73 -7.94 9.10 -3.81
CA HIC C 73 -6.84 8.86 -2.87
C HIC C 73 -6.14 10.09 -2.42
O HIC C 73 -4.91 10.11 -2.43
CB HIC C 73 -5.79 7.97 -3.50
CG HIC C 73 -6.21 6.54 -3.28
ND1 HIC C 73 -6.83 6.05 -2.19
CD2 HIC C 73 -6.02 5.48 -4.14
CE1 HIC C 73 -7.03 4.73 -2.36
NE2 HIC C 73 -6.54 4.39 -3.56
CZ HIC C 73 -6.55 3.03 -4.14
N GLY C 74 -6.86 11.11 -2.03
CA GLY C 74 -6.27 12.30 -1.48
C GLY C 74 -5.77 13.29 -2.52
N ILE C 75 -5.10 12.80 -3.54
CA ILE C 75 -4.51 13.65 -4.56
C ILE C 75 -5.59 14.08 -5.55
N ILE C 76 -5.70 15.39 -5.79
CA ILE C 76 -6.63 15.89 -6.79
C ILE C 76 -6.13 15.53 -8.17
N THR C 77 -7.00 14.96 -8.99
CA THR C 77 -6.63 14.52 -10.34
C THR C 77 -7.27 15.38 -11.41
N ASN C 78 -8.59 15.50 -11.41
CA ASN C 78 -9.31 16.27 -12.43
C ASN C 78 -9.46 17.69 -11.91
N TRP C 79 -8.52 18.56 -12.29
CA TRP C 79 -8.47 19.89 -11.68
C TRP C 79 -9.64 20.76 -12.11
N ASP C 80 -10.19 20.53 -13.31
CA ASP C 80 -11.37 21.30 -13.71
C ASP C 80 -12.58 20.96 -12.83
N ASP C 81 -12.77 19.68 -12.52
CA ASP C 81 -13.85 19.31 -11.62
C ASP C 81 -13.65 19.92 -10.24
N MET C 82 -12.40 19.93 -9.76
CA MET C 82 -12.13 20.55 -8.48
C MET C 82 -12.44 22.03 -8.51
N GLU C 83 -12.12 22.69 -9.64
CA GLU C 83 -12.45 24.10 -9.77
C GLU C 83 -13.96 24.31 -9.73
N LYS C 84 -14.72 23.45 -10.41
CA LYS C 84 -16.17 23.57 -10.37
C LYS C 84 -16.69 23.41 -8.94
N ILE C 85 -16.15 22.44 -8.22
CA ILE C 85 -16.62 22.19 -6.85
C ILE C 85 -16.31 23.37 -5.96
N TRP C 86 -15.11 23.94 -6.09
CA TRP C 86 -14.77 25.11 -5.28
C TRP C 86 -15.67 26.29 -5.61
N HIS C 87 -15.92 26.52 -6.90
CA HIS C 87 -16.82 27.59 -7.30
C HIS C 87 -18.20 27.39 -6.69
N HIS C 88 -18.70 26.16 -6.73
CA HIS C 88 -20.00 25.85 -6.15
C HIS C 88 -20.01 26.14 -4.66
N THR C 89 -18.98 25.67 -3.94
CA THR C 89 -18.92 25.86 -2.50
C THR C 89 -18.92 27.34 -2.14
N PHE C 90 -18.13 28.13 -2.86
CA PHE C 90 -18.01 29.54 -2.49
C PHE C 90 -19.25 30.33 -2.87
N TYR C 91 -19.86 30.04 -4.03
CA TYR C 91 -20.89 30.91 -4.56
C TYR C 91 -22.31 30.45 -4.29
N ASN C 92 -22.55 29.19 -3.91
CA ASN C 92 -23.90 28.69 -3.78
C ASN C 92 -24.21 28.22 -2.36
N GLU C 93 -23.35 27.41 -1.76
CA GLU C 93 -23.62 26.91 -0.41
C GLU C 93 -23.30 27.96 0.65
N LEU C 94 -22.09 28.49 0.63
CA LEU C 94 -21.71 29.48 1.63
C LEU C 94 -22.32 30.85 1.34
N ARG C 95 -22.59 31.14 0.06
CA ARG C 95 -23.17 32.41 -0.37
C ARG C 95 -22.26 33.59 -0.05
N VAL C 96 -20.95 33.37 -0.08
CA VAL C 96 -20.00 34.40 0.32
C VAL C 96 -19.14 34.80 -0.87
N ALA C 97 -18.61 36.02 -0.80
CA ALA C 97 -17.68 36.51 -1.81
C ALA C 97 -16.28 36.01 -1.47
N PRO C 98 -15.63 35.25 -2.34
CA PRO C 98 -14.31 34.70 -2.00
C PRO C 98 -13.24 35.75 -1.81
N GLU C 99 -13.41 36.95 -2.38
CA GLU C 99 -12.40 37.99 -2.28
C GLU C 99 -12.51 38.81 -1.01
N GLU C 100 -13.49 38.51 -0.15
CA GLU C 100 -13.70 39.27 1.07
C GLU C 100 -13.66 38.38 2.32
N HIS C 101 -13.03 37.21 2.23
CA HIS C 101 -12.99 36.28 3.35
C HIS C 101 -11.73 35.42 3.28
N PRO C 102 -10.87 35.45 4.30
CA PRO C 102 -9.72 34.54 4.31
C PRO C 102 -10.20 33.09 4.35
N THR C 103 -9.41 32.21 3.73
CA THR C 103 -9.78 30.81 3.59
C THR C 103 -8.71 29.94 4.23
N LEU C 104 -9.03 28.65 4.36
CA LEU C 104 -8.11 27.68 4.94
C LEU C 104 -8.44 26.31 4.37
N LEU C 105 -7.44 25.65 3.80
CA LEU C 105 -7.60 24.35 3.18
C LEU C 105 -6.79 23.32 3.95
N THR C 106 -7.08 22.05 3.67
CA THR C 106 -6.42 20.94 4.35
C THR C 106 -5.80 19.99 3.35
N GLU C 107 -4.75 19.30 3.78
CA GLU C 107 -4.05 18.34 2.93
C GLU C 107 -3.49 17.23 3.81
N ALA C 108 -3.48 16.02 3.28
CA ALA C 108 -2.90 14.89 3.97
C ALA C 108 -1.38 14.96 3.90
N PRO C 109 -0.68 14.30 4.82
CA PRO C 109 0.78 14.23 4.73
C PRO C 109 1.23 13.42 3.52
N LEU C 110 2.48 13.65 3.13
CA LEU C 110 3.16 12.88 2.11
C LEU C 110 2.54 13.02 0.73
N ASN C 111 1.82 14.11 0.47
CA ASN C 111 1.25 14.36 -0.85
C ASN C 111 2.31 14.94 -1.78
N PRO C 112 2.11 14.80 -3.09
CA PRO C 112 3.02 15.45 -4.04
C PRO C 112 3.02 16.96 -3.89
N LYS C 113 4.20 17.56 -4.05
CA LYS C 113 4.31 19.02 -3.92
C LYS C 113 3.52 19.73 -5.02
N ALA C 114 3.53 19.18 -6.23
CA ALA C 114 2.82 19.81 -7.33
C ALA C 114 1.34 20.00 -7.00
N ASN C 115 0.77 19.08 -6.23
CA ASN C 115 -0.64 19.19 -5.87
C ASN C 115 -0.92 20.49 -5.13
N ARG C 116 -0.19 20.73 -4.04
CA ARG C 116 -0.45 21.92 -3.26
C ARG C 116 -0.01 23.19 -3.99
N GLU C 117 1.03 23.10 -4.81
CA GLU C 117 1.40 24.27 -5.60
C GLU C 117 0.28 24.67 -6.54
N LYS C 118 -0.32 23.70 -7.23
CA LYS C 118 -1.42 24.04 -8.11
C LYS C 118 -2.63 24.51 -7.32
N MET C 119 -2.83 23.97 -6.12
CA MET C 119 -3.90 24.45 -5.25
C MET C 119 -3.72 25.94 -4.96
N THR C 120 -2.52 26.33 -4.56
CA THR C 120 -2.26 27.73 -4.25
C THR C 120 -2.42 28.60 -5.50
N GLN C 121 -1.96 28.11 -6.65
CA GLN C 121 -2.10 28.90 -7.88
C GLN C 121 -3.56 29.14 -8.22
N ILE C 122 -4.40 28.11 -8.10
CA ILE C 122 -5.83 28.28 -8.38
C ILE C 122 -6.46 29.23 -7.36
N MET C 123 -6.09 29.09 -6.08
CA MET C 123 -6.71 29.93 -5.08
C MET C 123 -6.35 31.40 -5.26
N PHE C 124 -5.10 31.70 -5.61
CA PHE C 124 -4.66 33.08 -5.73
C PHE C 124 -4.90 33.70 -7.10
N GLU C 125 -5.11 32.90 -8.14
CA GLU C 125 -5.31 33.44 -9.48
C GLU C 125 -6.77 33.45 -9.91
N THR C 126 -7.44 32.30 -9.85
CA THR C 126 -8.83 32.23 -10.32
C THR C 126 -9.77 32.94 -9.35
N PHE C 127 -9.61 32.70 -8.05
CA PHE C 127 -10.56 33.22 -7.07
C PHE C 127 -10.14 34.57 -6.48
N ASN C 128 -8.90 35.00 -6.70
CA ASN C 128 -8.39 36.26 -6.17
C ASN C 128 -8.59 36.34 -4.65
N VAL C 129 -8.31 35.24 -3.98
CA VAL C 129 -8.52 35.16 -2.53
C VAL C 129 -7.54 36.12 -1.84
N PRO C 130 -7.94 36.82 -0.78
CA PRO C 130 -6.99 37.71 -0.09
C PRO C 130 -5.84 36.97 0.58
N ALA C 131 -6.15 35.93 1.35
CA ALA C 131 -5.13 35.18 2.07
C ALA C 131 -5.57 33.74 2.19
N MET C 132 -4.61 32.85 2.38
CA MET C 132 -4.90 31.43 2.42
C MET C 132 -3.80 30.70 3.18
N TYR C 133 -4.13 29.50 3.65
CA TYR C 133 -3.18 28.67 4.37
C TYR C 133 -3.59 27.21 4.24
N VAL C 134 -2.59 26.33 4.08
CA VAL C 134 -2.80 24.91 3.93
C VAL C 134 -2.27 24.23 5.18
N ALA C 135 -3.10 23.43 5.82
CA ALA C 135 -2.72 22.74 7.05
C ALA C 135 -2.92 21.24 6.92
N ILE C 136 -2.05 20.50 7.60
CA ILE C 136 -2.16 19.05 7.61
C ILE C 136 -3.35 18.65 8.48
N GLN C 137 -4.12 17.67 8.01
CA GLN C 137 -5.45 17.43 8.58
C GLN C 137 -5.37 16.97 10.04
N ALA C 138 -4.44 16.09 10.36
CA ALA C 138 -4.45 15.47 11.67
C ALA C 138 -4.08 16.46 12.78
N VAL C 139 -3.22 17.43 12.50
CA VAL C 139 -2.94 18.47 13.48
C VAL C 139 -4.20 19.26 13.79
N LEU C 140 -4.98 19.58 12.76
CA LEU C 140 -6.27 20.23 13.00
C LEU C 140 -7.16 19.36 13.87
N SER C 141 -7.18 18.05 13.58
CA SER C 141 -7.98 17.14 14.38
C SER C 141 -7.56 17.19 15.85
N LEU C 142 -6.26 17.22 16.10
CA LEU C 142 -5.78 17.32 17.48
C LEU C 142 -6.18 18.64 18.11
N TYR C 143 -6.12 19.73 17.35
CA TYR C 143 -6.61 21.01 17.84
C TYR C 143 -8.04 20.89 18.33
N ALA C 144 -8.89 20.21 17.54
CA ALA C 144 -10.30 20.10 17.93
C ALA C 144 -10.46 19.30 19.22
N SER C 145 -9.53 18.38 19.49
CA SER C 145 -9.63 17.52 20.66
C SER C 145 -9.22 18.20 21.96
N GLY C 146 -8.70 19.42 21.90
CA GLY C 146 -8.34 20.14 23.11
C GLY C 146 -7.14 19.59 23.83
N ARG C 147 -6.23 18.93 23.13
CA ARG C 147 -5.06 18.31 23.72
C ARG C 147 -3.80 18.87 23.08
N THR C 148 -2.67 18.61 23.72
CA THR C 148 -1.38 18.99 23.17
C THR C 148 -0.47 17.80 22.91
N THR C 149 -0.78 16.63 23.44
CA THR C 149 -0.01 15.42 23.16
C THR C 149 -0.95 14.30 22.75
N GLY C 150 -0.52 13.48 21.80
CA GLY C 150 -1.31 12.35 21.38
C GLY C 150 -0.94 11.93 19.97
N ILE C 151 -1.40 10.74 19.62
CA ILE C 151 -1.25 10.21 18.27
C ILE C 151 -2.62 10.12 17.64
N VAL C 152 -2.77 10.65 16.42
CA VAL C 152 -4.06 10.82 15.77
C VAL C 152 -4.16 9.83 14.62
N LEU C 153 -5.27 9.12 14.55
CA LEU C 153 -5.58 8.25 13.43
C LEU C 153 -6.76 8.86 12.68
N ASP C 154 -6.46 9.49 11.55
CA ASP C 154 -7.49 10.06 10.69
C ASP C 154 -7.70 9.13 9.50
N SER C 155 -8.93 8.68 9.32
CA SER C 155 -9.28 7.77 8.24
C SER C 155 -10.58 8.25 7.61
N GLY C 156 -10.49 8.74 6.38
CA GLY C 156 -11.68 9.22 5.68
C GLY C 156 -12.05 8.35 4.51
N ASP C 157 -12.40 8.98 3.38
CA ASP C 157 -12.75 8.22 2.20
C ASP C 157 -11.56 7.96 1.29
N GLY C 158 -10.52 8.78 1.36
CA GLY C 158 -9.38 8.58 0.50
C GLY C 158 -8.12 8.04 1.15
N VAL C 159 -7.71 8.61 2.29
CA VAL C 159 -6.41 8.34 2.86
C VAL C 159 -6.54 8.13 4.36
N THR C 160 -5.83 7.13 4.87
CA THR C 160 -5.69 6.88 6.29
C THR C 160 -4.27 7.23 6.70
N HIS C 161 -4.11 8.19 7.59
CA HIS C 161 -2.79 8.65 7.98
C HIS C 161 -2.68 8.76 9.48
N ASN C 162 -1.45 8.74 9.97
CA ASN C 162 -1.12 8.86 11.39
C ASN C 162 -0.02 9.88 11.56
N VAL C 163 -0.10 10.67 12.62
CA VAL C 163 1.01 11.53 13.00
C VAL C 163 1.09 11.63 14.52
N PRO C 164 2.21 11.26 15.12
CA PRO C 164 2.32 11.38 16.58
C PRO C 164 2.81 12.76 16.99
N ILE C 165 2.05 13.44 17.84
CA ILE C 165 2.36 14.79 18.30
C ILE C 165 2.56 14.76 19.80
N TYR C 166 3.71 15.28 20.26
CA TYR C 166 4.03 15.33 21.67
C TYR C 166 4.37 16.76 22.05
N GLU C 167 3.53 17.36 22.90
CA GLU C 167 3.74 18.72 23.39
C GLU C 167 3.90 19.71 22.24
N GLY C 168 3.12 19.53 21.19
CA GLY C 168 3.18 20.40 20.04
C GLY C 168 4.35 20.16 19.12
N TYR C 169 5.15 19.13 19.37
CA TYR C 169 6.29 18.79 18.51
C TYR C 169 5.95 17.53 17.73
N ALA C 170 5.68 17.69 16.43
CA ALA C 170 5.44 16.54 15.59
C ALA C 170 6.76 15.90 15.20
N LEU C 171 6.70 14.60 14.88
CA LEU C 171 7.87 13.84 14.48
C LEU C 171 7.66 13.37 13.05
N PRO C 172 8.19 14.10 12.06
CA PRO C 172 7.93 13.73 10.66
C PRO C 172 8.40 12.34 10.31
N HIS C 173 9.48 11.85 10.94
CA HIS C 173 9.99 10.54 10.57
C HIS C 173 9.09 9.42 11.07
N ALA C 174 8.07 9.70 11.87
CA ALA C 174 7.14 8.70 12.33
C ALA C 174 5.77 8.78 11.66
N ILE C 175 5.59 9.68 10.71
CA ILE C 175 4.30 9.80 10.03
C ILE C 175 4.12 8.62 9.09
N MET C 176 2.95 7.98 9.17
CA MET C 176 2.62 6.86 8.30
C MET C 176 1.37 7.18 7.50
N ARG C 177 1.38 6.79 6.24
CA ARG C 177 0.26 7.01 5.32
C ARG C 177 -0.05 5.70 4.63
N LEU C 178 -1.34 5.43 4.43
CA LEU C 178 -1.76 4.18 3.83
C LEU C 178 -2.99 4.43 2.97
N ASP C 179 -2.91 4.10 1.69
CA ASP C 179 -3.99 4.35 0.75
C ASP C 179 -5.06 3.24 0.83
N LEU C 180 -5.65 3.12 2.01
CA LEU C 180 -6.74 2.20 2.27
C LEU C 180 -7.76 2.92 3.15
N ALA C 181 -8.94 3.19 2.59
CA ALA C 181 -9.89 4.06 3.25
C ALA C 181 -11.30 3.65 2.86
N GLY C 182 -12.25 4.57 3.00
CA GLY C 182 -13.65 4.22 2.83
C GLY C 182 -14.00 3.74 1.43
N ARG C 183 -13.46 4.41 0.40
CA ARG C 183 -13.83 4.04 -0.96
C ARG C 183 -13.38 2.62 -1.29
N ASP C 184 -12.21 2.22 -0.81
CA ASP C 184 -11.76 0.86 -1.02
C ASP C 184 -12.69 -0.13 -0.31
N LEU C 185 -13.16 0.21 0.88
CA LEU C 185 -14.12 -0.66 1.55
C LEU C 185 -15.41 -0.76 0.75
N THR C 186 -15.88 0.35 0.18
CA THR C 186 -17.10 0.28 -0.63
C THR C 186 -16.90 -0.61 -1.85
N ASP C 187 -15.76 -0.49 -2.53
CA ASP C 187 -15.51 -1.34 -3.68
C ASP C 187 -15.40 -2.80 -3.27
N TYR C 188 -14.77 -3.07 -2.14
CA TYR C 188 -14.68 -4.44 -1.66
C TYR C 188 -16.06 -5.00 -1.35
N LEU C 189 -16.92 -4.19 -0.73
CA LEU C 189 -18.30 -4.61 -0.49
C LEU C 189 -19.02 -4.90 -1.81
N MET C 190 -18.71 -4.11 -2.84
CA MET C 190 -19.28 -4.37 -4.17
C MET C 190 -18.88 -5.75 -4.65
N LYS C 191 -17.59 -6.07 -4.53
CA LYS C 191 -17.08 -7.37 -4.98
C LYS C 191 -17.62 -8.50 -4.14
N ILE C 192 -18.09 -8.24 -2.93
CA ILE C 192 -18.54 -9.31 -2.06
C ILE C 192 -20.07 -9.46 -2.06
N LEU C 193 -20.82 -8.42 -2.39
CA LEU C 193 -22.25 -8.60 -2.53
C LEU C 193 -22.63 -9.44 -3.74
N THR C 194 -21.70 -9.68 -4.67
CA THR C 194 -22.02 -10.55 -5.79
C THR C 194 -22.24 -11.98 -5.34
N GLU C 195 -21.76 -12.34 -4.15
CA GLU C 195 -21.89 -13.70 -3.67
C GLU C 195 -23.33 -14.09 -3.35
N ARG C 196 -24.24 -13.12 -3.30
CA ARG C 196 -25.65 -13.40 -3.04
C ARG C 196 -26.53 -13.05 -4.23
N GLY C 197 -25.94 -12.90 -5.42
CA GLY C 197 -26.69 -12.56 -6.60
C GLY C 197 -26.93 -11.08 -6.81
N TYR C 198 -26.53 -10.24 -5.87
CA TYR C 198 -26.67 -8.81 -6.04
C TYR C 198 -25.53 -8.29 -6.89
N SER C 199 -25.86 -7.58 -7.96
CA SER C 199 -24.87 -7.00 -8.86
C SER C 199 -25.02 -5.48 -8.87
N PHE C 200 -23.90 -4.79 -8.67
CA PHE C 200 -23.86 -3.33 -8.74
C PHE C 200 -22.63 -2.95 -9.55
N VAL C 201 -22.83 -2.27 -10.67
CA VAL C 201 -21.71 -1.96 -11.55
C VAL C 201 -21.62 -0.49 -11.91
N THR C 202 -22.66 0.31 -11.75
CA THR C 202 -22.62 1.70 -12.18
C THR C 202 -22.41 2.64 -10.99
N THR C 203 -22.16 3.90 -11.30
CA THR C 203 -21.81 4.87 -10.27
C THR C 203 -22.95 5.13 -9.31
N ALA C 204 -24.19 5.21 -9.82
CA ALA C 204 -25.33 5.34 -8.92
C ALA C 204 -25.43 4.12 -8.01
N GLU C 205 -25.18 2.93 -8.57
CA GLU C 205 -25.08 1.75 -7.72
C GLU C 205 -23.91 1.84 -6.76
N ARG C 206 -22.82 2.54 -7.14
CA ARG C 206 -21.74 2.74 -6.18
C ARG C 206 -22.24 3.53 -4.97
N GLU C 207 -22.97 4.60 -5.21
CA GLU C 207 -23.48 5.39 -4.10
C GLU C 207 -24.45 4.57 -3.25
N ILE C 208 -25.26 3.74 -3.88
CA ILE C 208 -26.19 2.91 -3.12
C ILE C 208 -25.45 1.95 -2.21
N VAL C 209 -24.41 1.29 -2.73
CA VAL C 209 -23.66 0.34 -1.91
C VAL C 209 -22.94 1.07 -0.79
N ARG C 210 -22.46 2.28 -1.05
CA ARG C 210 -21.83 3.07 0.01
C ARG C 210 -22.83 3.38 1.11
N ASP C 211 -24.08 3.69 0.73
CA ASP C 211 -25.11 3.94 1.75
C ASP C 211 -25.38 2.69 2.58
N ILE C 212 -25.44 1.53 1.93
CA ILE C 212 -25.62 0.28 2.67
C ILE C 212 -24.50 0.10 3.67
N LYS C 213 -23.26 0.34 3.24
CA LYS C 213 -22.12 0.16 4.12
C LYS C 213 -22.20 1.10 5.31
N GLU C 214 -22.61 2.35 5.08
CA GLU C 214 -22.74 3.30 6.18
C GLU C 214 -23.80 2.83 7.17
N LYS C 215 -24.90 2.28 6.67
CA LYS C 215 -26.05 2.07 7.54
C LYS C 215 -26.10 0.70 8.20
N LEU C 216 -25.36 -0.30 7.69
CA LEU C 216 -25.49 -1.64 8.25
C LEU C 216 -24.22 -2.26 8.79
N CYS C 217 -23.04 -1.82 8.37
CA CYS C 217 -21.81 -2.50 8.75
C CYS C 217 -21.38 -2.14 10.17
N TYR C 218 -20.59 -3.03 10.76
CA TYR C 218 -20.03 -2.83 12.09
C TYR C 218 -18.78 -3.69 12.22
N VAL C 219 -17.93 -3.35 13.19
CA VAL C 219 -16.64 -4.02 13.35
C VAL C 219 -16.76 -5.07 14.44
N ALA C 220 -16.45 -6.32 14.09
CA ALA C 220 -16.58 -7.44 15.01
C ALA C 220 -15.35 -7.55 15.90
N LEU C 221 -15.59 -7.79 17.19
CA LEU C 221 -14.50 -7.85 18.15
C LEU C 221 -13.56 -9.02 17.86
N ASP C 222 -14.11 -10.19 17.58
CA ASP C 222 -13.34 -11.37 17.20
C ASP C 222 -13.83 -11.84 15.84
N PHE C 223 -13.06 -11.56 14.79
CA PHE C 223 -13.51 -11.90 13.44
C PHE C 223 -13.76 -13.39 13.29
N GLU C 224 -12.86 -14.21 13.83
CA GLU C 224 -13.05 -15.66 13.72
C GLU C 224 -14.28 -16.11 14.51
N ASN C 225 -14.48 -15.57 15.70
CA ASN C 225 -15.66 -15.93 16.48
C ASN C 225 -16.94 -15.44 15.82
N GLU C 226 -16.93 -14.19 15.35
CA GLU C 226 -18.14 -13.66 14.70
C GLU C 226 -18.46 -14.42 13.42
N MET C 227 -17.45 -14.89 12.70
CA MET C 227 -17.70 -15.61 11.47
C MET C 227 -18.41 -16.93 11.75
N ALA C 228 -18.08 -17.58 12.87
CA ALA C 228 -18.81 -18.79 13.24
C ALA C 228 -20.26 -18.50 13.56
N THR C 229 -20.53 -17.43 14.30
CA THR C 229 -21.91 -17.11 14.67
C THR C 229 -22.76 -16.84 13.44
N ALA C 230 -22.24 -16.07 12.48
CA ALA C 230 -23.00 -15.75 11.28
C ALA C 230 -23.33 -17.01 10.50
N ALA C 231 -22.39 -17.93 10.39
CA ALA C 231 -22.63 -19.18 9.69
C ALA C 231 -23.48 -20.16 10.50
N SER C 232 -23.65 -19.92 11.80
CA SER C 232 -24.43 -20.83 12.62
C SER C 232 -25.92 -20.50 12.62
N SER C 233 -26.28 -19.22 12.71
CA SER C 233 -27.68 -18.80 12.79
C SER C 233 -27.87 -17.58 11.91
N SER C 234 -29.02 -16.92 12.07
CA SER C 234 -29.38 -15.77 11.24
C SER C 234 -29.65 -14.52 12.06
N SER C 235 -29.09 -14.44 13.27
CA SER C 235 -29.32 -13.25 14.09
C SER C 235 -28.64 -12.02 13.51
N LEU C 236 -27.50 -12.20 12.86
CA LEU C 236 -26.74 -11.07 12.34
C LEU C 236 -27.35 -10.47 11.08
N GLU C 237 -28.15 -11.23 10.34
CA GLU C 237 -28.65 -10.77 9.06
C GLU C 237 -29.64 -9.62 9.25
N LYS C 238 -29.57 -8.64 8.36
CA LYS C 238 -30.48 -7.50 8.36
C LYS C 238 -31.05 -7.32 6.96
N SER C 239 -31.96 -6.35 6.82
CA SER C 239 -32.61 -6.06 5.55
C SER C 239 -32.49 -4.58 5.23
N TYR C 240 -32.32 -4.28 3.94
CA TYR C 240 -32.22 -2.93 3.43
C TYR C 240 -33.12 -2.83 2.21
N GLU C 241 -33.70 -1.65 2.00
CA GLU C 241 -34.62 -1.43 0.89
C GLU C 241 -33.93 -0.64 -0.21
N LEU C 242 -33.81 -1.25 -1.38
CA LEU C 242 -33.22 -0.57 -2.52
C LEU C 242 -34.15 0.54 -2.98
N PRO C 243 -33.62 1.53 -3.70
CA PRO C 243 -34.48 2.65 -4.15
C PRO C 243 -35.66 2.24 -4.99
N ASP C 244 -35.61 1.11 -5.69
CA ASP C 244 -36.70 0.71 -6.57
C ASP C 244 -37.62 -0.33 -5.95
N GLY C 245 -37.55 -0.55 -4.63
CA GLY C 245 -38.49 -1.37 -3.93
C GLY C 245 -38.01 -2.78 -3.60
N GLN C 246 -36.97 -3.27 -4.27
CA GLN C 246 -36.44 -4.58 -3.94
C GLN C 246 -35.80 -4.55 -2.56
N VAL C 247 -35.83 -5.71 -1.89
CA VAL C 247 -35.29 -5.88 -0.55
C VAL C 247 -34.10 -6.83 -0.61
N ILE C 248 -32.98 -6.41 -0.06
CA ILE C 248 -31.79 -7.25 0.01
C ILE C 248 -31.49 -7.54 1.47
N THR C 249 -30.88 -8.70 1.71
CA THR C 249 -30.44 -9.10 3.05
C THR C 249 -28.98 -9.50 2.98
N ILE C 250 -28.17 -8.99 3.90
CA ILE C 250 -26.75 -9.27 3.94
C ILE C 250 -26.40 -9.84 5.30
N GLY C 251 -25.48 -10.79 5.32
CA GLY C 251 -25.10 -11.46 6.55
C GLY C 251 -23.68 -11.16 6.99
N ASN C 252 -22.75 -12.07 6.74
CA ASN C 252 -21.37 -11.87 7.15
C ASN C 252 -20.70 -10.72 6.41
N GLU C 253 -21.31 -10.20 5.34
CA GLU C 253 -20.77 -9.00 4.71
C GLU C 253 -20.87 -7.78 5.62
N ARG C 254 -21.63 -7.85 6.72
CA ARG C 254 -21.72 -6.71 7.62
C ARG C 254 -20.39 -6.42 8.28
N PHE C 255 -19.68 -7.46 8.72
CA PHE C 255 -18.39 -7.25 9.38
C PHE C 255 -17.20 -7.74 8.60
N ARG C 256 -17.39 -8.40 7.46
CA ARG C 256 -16.26 -8.70 6.60
C ARG C 256 -15.82 -7.48 5.80
N CYS C 257 -16.74 -6.59 5.46
CA CYS C 257 -16.35 -5.37 4.76
C CYS C 257 -15.42 -4.48 5.58
N PRO C 258 -15.73 -4.13 6.83
CA PRO C 258 -14.80 -3.26 7.57
C PRO C 258 -13.55 -3.98 8.07
N GLU C 259 -13.48 -5.30 7.94
CA GLU C 259 -12.28 -6.00 8.40
C GLU C 259 -11.07 -5.68 7.56
N THR C 260 -11.26 -5.21 6.32
CA THR C 260 -10.13 -4.84 5.48
C THR C 260 -9.29 -3.74 6.11
N LEU C 261 -9.86 -2.97 7.04
CA LEU C 261 -9.07 -1.98 7.76
C LEU C 261 -7.99 -2.64 8.61
N PHE C 262 -8.24 -3.85 9.11
CA PHE C 262 -7.27 -4.56 9.92
C PHE C 262 -6.45 -5.57 9.13
N GLN C 263 -6.99 -6.10 8.05
CA GLN C 263 -6.29 -7.07 7.22
C GLN C 263 -6.36 -6.59 5.77
N PRO C 264 -5.47 -5.69 5.38
CA PRO C 264 -5.45 -5.24 3.98
C PRO C 264 -5.13 -6.35 3.00
N SER C 265 -4.85 -7.56 3.48
CA SER C 265 -4.69 -8.70 2.58
C SER C 265 -5.97 -9.05 1.85
N PHE C 266 -7.13 -8.57 2.32
CA PHE C 266 -8.39 -8.91 1.68
C PHE C 266 -8.48 -8.32 0.28
N ILE C 267 -8.01 -7.09 0.08
CA ILE C 267 -8.02 -6.48 -1.24
C ILE C 267 -6.68 -6.63 -1.94
N GLY C 268 -5.82 -7.53 -1.46
CA GLY C 268 -4.59 -7.85 -2.14
C GLY C 268 -3.40 -6.99 -1.82
N MET C 269 -3.51 -6.08 -0.85
CA MET C 269 -2.41 -5.20 -0.50
C MET C 269 -1.47 -5.88 0.48
N GLU C 270 -0.17 -5.63 0.30
CA GLU C 270 0.87 -6.20 1.15
C GLU C 270 1.04 -5.44 2.46
N SER C 271 0.50 -4.23 2.56
CA SER C 271 0.69 -3.43 3.75
C SER C 271 -0.02 -4.06 4.95
N ALA C 272 0.38 -3.62 6.14
CA ALA C 272 -0.17 -4.14 7.38
C ALA C 272 -1.44 -3.39 7.78
N GLY C 273 -2.11 -3.92 8.81
CA GLY C 273 -3.36 -3.34 9.25
C GLY C 273 -3.17 -2.00 9.92
N ILE C 274 -4.29 -1.32 10.17
CA ILE C 274 -4.20 0.02 10.75
C ILE C 274 -3.70 -0.05 12.18
N HIS C 275 -4.07 -1.09 12.93
CA HIS C 275 -3.60 -1.21 14.30
C HIS C 275 -2.09 -1.38 14.34
N GLU C 276 -1.55 -2.23 13.47
CA GLU C 276 -0.11 -2.42 13.45
C GLU C 276 0.61 -1.19 12.89
N THR C 277 -0.05 -0.45 11.99
CA THR C 277 0.51 0.82 11.54
C THR C 277 0.61 1.82 12.68
N THR C 278 -0.43 1.91 13.52
CA THR C 278 -0.37 2.78 14.68
C THR C 278 0.71 2.33 15.66
N TYR C 279 0.83 1.02 15.87
CA TYR C 279 1.87 0.50 16.75
C TYR C 279 3.26 0.87 16.23
N ASN C 280 3.50 0.66 14.93
CA ASN C 280 4.81 1.02 14.37
C ASN C 280 5.04 2.52 14.47
N SER C 281 3.98 3.32 14.30
CA SER C 281 4.13 4.77 14.34
C SER C 281 4.64 5.24 15.69
N ILE C 282 4.27 4.55 16.76
CA ILE C 282 4.76 4.91 18.08
C ILE C 282 6.20 4.43 18.29
N MET C 283 6.52 3.22 17.84
CA MET C 283 7.88 2.73 18.03
C MET C 283 8.92 3.51 17.23
N LYS C 284 8.53 4.35 16.29
CA LYS C 284 9.51 5.21 15.62
C LYS C 284 9.76 6.52 16.37
N CYS C 285 9.12 6.76 17.51
CA CYS C 285 9.40 7.97 18.27
C CYS C 285 10.25 7.66 19.48
N ASP C 286 10.67 8.72 20.16
CA ASP C 286 11.65 8.61 21.23
C ASP C 286 11.05 7.90 22.43
N ILE C 287 11.92 7.19 23.16
CA ILE C 287 11.45 6.24 24.17
C ILE C 287 10.72 6.92 25.32
N ASP C 288 11.02 8.19 25.58
CA ASP C 288 10.44 8.83 26.76
C ASP C 288 9.01 9.29 26.55
N ILE C 289 8.52 9.36 25.31
CA ILE C 289 7.17 9.82 25.05
C ILE C 289 6.23 8.70 24.65
N ARG C 290 6.68 7.45 24.65
CA ARG C 290 5.80 6.36 24.28
C ARG C 290 4.66 6.20 25.29
N LYS C 291 4.95 6.41 26.56
CA LYS C 291 3.93 6.28 27.59
C LYS C 291 2.76 7.23 27.34
N ASP C 292 3.07 8.48 27.01
CA ASP C 292 2.01 9.45 26.75
C ASP C 292 1.28 9.12 25.45
N LEU C 293 2.00 8.68 24.43
CA LEU C 293 1.35 8.41 23.17
C LEU C 293 0.47 7.17 23.21
N TYR C 294 0.71 6.24 24.15
CA TYR C 294 -0.26 5.16 24.32
C TYR C 294 -1.58 5.66 24.88
N ALA C 295 -1.55 6.69 25.73
CA ALA C 295 -2.73 7.09 26.47
C ALA C 295 -3.56 8.16 25.77
N ASN C 296 -3.24 8.47 24.51
CA ASN C 296 -3.94 9.55 23.82
C ASN C 296 -4.19 9.19 22.36
N ASN C 297 -4.74 8.00 22.12
CA ASN C 297 -5.17 7.64 20.77
C ASN C 297 -6.41 8.44 20.42
N VAL C 298 -6.26 9.43 19.56
CA VAL C 298 -7.36 10.25 19.08
C VAL C 298 -7.68 9.80 17.66
N MET C 299 -8.96 9.57 17.39
CA MET C 299 -9.38 9.06 16.10
C MET C 299 -10.51 9.92 15.54
N SER C 300 -10.46 10.14 14.23
CA SER C 300 -11.38 11.07 13.58
C SER C 300 -11.57 10.67 12.13
N GLY C 301 -12.65 11.17 11.54
CA GLY C 301 -12.98 10.85 10.17
C GLY C 301 -14.16 9.90 10.09
N GLY C 302 -14.81 9.90 8.93
CA GLY C 302 -16.01 9.10 8.76
C GLY C 302 -15.75 7.61 8.85
N THR C 303 -14.63 7.14 8.28
CA THR C 303 -14.35 5.71 8.28
C THR C 303 -14.14 5.19 9.70
N THR C 304 -13.93 6.07 10.65
CA THR C 304 -13.73 5.69 12.04
C THR C 304 -15.05 5.54 12.79
N MET C 305 -16.18 5.80 12.13
CA MET C 305 -17.47 5.88 12.81
C MET C 305 -18.12 4.51 12.99
N TYR C 306 -17.52 3.44 12.51
CA TYR C 306 -18.14 2.12 12.60
C TYR C 306 -18.36 1.75 14.07
N PRO C 307 -19.49 1.11 14.41
CA PRO C 307 -19.73 0.75 15.80
C PRO C 307 -18.75 -0.30 16.29
N GLY C 308 -18.09 0.01 17.40
CA GLY C 308 -17.17 -0.91 18.04
C GLY C 308 -15.73 -0.83 17.57
N ILE C 309 -15.42 0.00 16.58
CA ILE C 309 -14.06 0.05 16.06
C ILE C 309 -13.10 0.55 17.12
N ALA C 310 -13.58 1.40 18.04
CA ALA C 310 -12.72 1.87 19.12
C ALA C 310 -12.30 0.71 20.01
N ASP C 311 -13.24 -0.19 20.32
CA ASP C 311 -12.91 -1.31 21.20
C ASP C 311 -11.95 -2.27 20.53
N ARG C 312 -12.13 -2.55 19.25
CA ARG C 312 -11.19 -3.42 18.54
C ARG C 312 -9.81 -2.78 18.47
N MET C 313 -9.75 -1.46 18.21
CA MET C 313 -8.48 -0.76 18.25
C MET C 313 -7.81 -0.91 19.61
N GLN C 314 -8.58 -0.72 20.68
CA GLN C 314 -8.03 -0.79 22.03
C GLN C 314 -7.48 -2.19 22.29
N LYS C 315 -8.25 -3.21 21.93
CA LYS C 315 -7.81 -4.59 22.17
C LYS C 315 -6.56 -4.92 21.39
N GLU C 316 -6.50 -4.52 20.11
CA GLU C 316 -5.34 -4.85 19.30
C GLU C 316 -4.09 -4.14 19.81
N ILE C 317 -4.19 -2.85 20.13
CA ILE C 317 -3.02 -2.14 20.62
C ILE C 317 -2.58 -2.71 21.96
N THR C 318 -3.53 -3.06 22.83
CA THR C 318 -3.17 -3.68 24.11
C THR C 318 -2.46 -5.00 23.89
N ALA C 319 -2.88 -5.78 22.89
CA ALA C 319 -2.17 -7.00 22.56
C ALA C 319 -0.75 -6.71 22.10
N LEU C 320 -0.56 -5.66 21.31
CA LEU C 320 0.79 -5.32 20.85
C LEU C 320 1.61 -4.65 21.95
N ALA C 321 0.98 -3.82 22.77
CA ALA C 321 1.69 -2.97 23.72
C ALA C 321 2.21 -3.75 24.92
N PRO C 322 3.17 -3.18 25.66
CA PRO C 322 3.62 -3.81 26.91
C PRO C 322 2.51 -3.88 27.94
N SER C 323 2.61 -4.88 28.82
CA SER C 323 1.53 -5.16 29.77
C SER C 323 1.33 -4.03 30.76
N THR C 324 2.39 -3.32 31.13
CA THR C 324 2.25 -2.26 32.13
C THR C 324 1.52 -1.03 31.59
N MET C 325 1.65 -0.75 30.31
CA MET C 325 1.16 0.51 29.77
C MET C 325 -0.35 0.51 29.68
N LYS C 326 -0.94 1.70 29.82
CA LYS C 326 -2.38 1.89 29.76
C LYS C 326 -2.75 2.39 28.37
N ILE C 327 -3.64 1.66 27.69
CA ILE C 327 -4.12 2.04 26.37
C ILE C 327 -5.50 2.67 26.54
N LYS C 328 -5.64 3.91 26.09
CA LYS C 328 -6.89 4.65 26.16
C LYS C 328 -7.24 5.17 24.77
N ILE C 329 -8.47 4.94 24.33
CA ILE C 329 -8.93 5.38 23.02
C ILE C 329 -9.88 6.55 23.24
N ILE C 330 -9.61 7.67 22.57
CA ILE C 330 -10.46 8.86 22.65
C ILE C 330 -11.24 8.94 21.34
N ALA C 331 -12.55 8.77 21.42
CA ALA C 331 -13.43 8.80 20.26
C ALA C 331 -14.59 9.74 20.54
N PRO C 332 -14.37 11.05 20.39
CA PRO C 332 -15.46 12.00 20.57
C PRO C 332 -16.57 11.74 19.57
N PRO C 333 -17.83 11.92 19.96
CA PRO C 333 -18.93 11.60 19.04
C PRO C 333 -18.92 12.41 17.76
N GLU C 334 -18.42 13.66 17.78
CA GLU C 334 -18.41 14.48 16.60
C GLU C 334 -17.14 14.31 15.78
N ARG C 335 -16.46 13.18 15.91
CA ARG C 335 -15.19 13.01 15.22
C ARG C 335 -15.35 12.97 13.71
N LYS C 336 -16.58 12.84 13.20
CA LYS C 336 -16.80 12.97 11.77
C LYS C 336 -16.43 14.35 11.27
N TYR C 337 -16.42 15.36 12.13
CA TYR C 337 -16.05 16.71 11.76
C TYR C 337 -14.92 17.28 12.60
N SER C 338 -14.05 16.41 13.11
CA SER C 338 -12.95 16.90 13.95
C SER C 338 -12.02 17.81 13.16
N VAL C 339 -11.74 17.47 11.90
CA VAL C 339 -10.83 18.28 11.11
C VAL C 339 -11.39 19.69 10.93
N TRP C 340 -12.68 19.79 10.60
CA TRP C 340 -13.29 21.10 10.42
C TRP C 340 -13.32 21.89 11.72
N ILE C 341 -13.61 21.22 12.83
CA ILE C 341 -13.64 21.93 14.11
C ILE C 341 -12.26 22.45 14.46
N GLY C 342 -11.22 21.64 14.22
CA GLY C 342 -9.87 22.10 14.48
C GLY C 342 -9.47 23.26 13.57
N GLY C 343 -9.90 23.22 12.32
CA GLY C 343 -9.68 24.36 11.45
C GLY C 343 -10.36 25.61 11.98
N SER C 344 -11.58 25.46 12.48
CA SER C 344 -12.29 26.60 13.06
C SER C 344 -11.56 27.16 14.27
N ILE C 345 -11.03 26.27 15.11
CA ILE C 345 -10.25 26.73 16.27
C ILE C 345 -9.02 27.49 15.81
N LEU C 346 -8.24 26.89 14.91
CA LEU C 346 -6.97 27.47 14.53
C LEU C 346 -7.14 28.77 13.76
N ALA C 347 -8.24 28.92 13.03
CA ALA C 347 -8.46 30.16 12.30
C ALA C 347 -8.91 31.29 13.20
N SER C 348 -9.25 31.00 14.45
CA SER C 348 -9.73 32.01 15.38
C SER C 348 -8.77 32.31 16.52
N LEU C 349 -7.68 31.58 16.65
CA LEU C 349 -6.68 31.90 17.66
C LEU C 349 -5.95 33.19 17.28
N SER C 350 -5.66 34.02 18.28
CA SER C 350 -5.00 35.28 18.01
C SER C 350 -3.60 35.08 17.44
N THR C 351 -2.86 34.12 17.98
CA THR C 351 -1.48 33.90 17.56
C THR C 351 -1.37 33.29 16.17
N PHE C 352 -2.45 33.20 15.40
CA PHE C 352 -2.38 32.59 14.07
C PHE C 352 -2.35 33.61 12.94
N GLN C 353 -2.89 34.82 13.15
CA GLN C 353 -3.02 35.79 12.08
C GLN C 353 -1.68 36.26 11.53
N GLN C 354 -0.57 35.84 12.10
CA GLN C 354 0.75 36.14 11.55
C GLN C 354 1.31 35.02 10.71
N MET C 355 0.57 33.91 10.56
CA MET C 355 1.02 32.76 9.78
C MET C 355 0.22 32.61 8.49
N TRP C 356 -0.34 33.70 7.98
CA TRP C 356 -1.07 33.67 6.73
C TRP C 356 -0.11 33.76 5.54
N ILE C 357 -0.67 33.60 4.36
CA ILE C 357 0.03 33.81 3.10
C ILE C 357 -0.76 34.82 2.29
N THR C 358 -0.10 35.88 1.84
CA THR C 358 -0.78 37.01 1.24
C THR C 358 -0.35 37.19 -0.20
N LYS C 359 -1.26 37.74 -1.03
CA LYS C 359 -0.98 37.91 -2.45
C LYS C 359 0.32 38.68 -2.68
N GLN C 360 0.61 39.66 -1.82
CA GLN C 360 1.86 40.39 -1.98
C GLN C 360 3.05 39.45 -1.83
N GLU C 361 2.99 38.54 -0.87
CA GLU C 361 4.03 37.52 -0.75
C GLU C 361 4.02 36.57 -1.93
N TYR C 362 2.82 36.22 -2.44
CA TYR C 362 2.73 35.28 -3.56
C TYR C 362 3.44 35.83 -4.78
N ASP C 363 3.23 37.12 -5.09
CA ASP C 363 3.81 37.69 -6.29
C ASP C 363 5.33 37.66 -6.25
N GLU C 364 5.92 37.84 -5.07
CA GLU C 364 7.37 37.89 -4.97
C GLU C 364 8.00 36.50 -5.08
N ALA C 365 7.40 35.51 -4.43
CA ALA C 365 8.03 34.19 -4.31
C ALA C 365 7.48 33.14 -5.27
N GLY C 366 6.26 33.32 -5.77
CA GLY C 366 5.67 32.36 -6.66
C GLY C 366 5.04 31.20 -5.92
N PRO C 367 4.55 30.21 -6.66
CA PRO C 367 3.89 29.06 -6.01
C PRO C 367 4.80 28.27 -5.09
N SER C 368 6.11 28.47 -5.16
CA SER C 368 7.02 27.73 -4.30
C SER C 368 6.93 28.17 -2.84
N ILE C 369 6.23 29.26 -2.55
CA ILE C 369 6.17 29.75 -1.18
C ILE C 369 5.45 28.79 -0.25
N VAL C 370 4.60 27.92 -0.77
CA VAL C 370 3.74 27.13 0.10
C VAL C 370 4.56 26.12 0.91
N HIS C 371 5.60 25.54 0.32
CA HIS C 371 6.40 24.59 1.08
C HIS C 371 7.24 25.28 2.13
N ARG C 372 7.65 26.53 1.88
CA ARG C 372 8.51 27.23 2.82
C ARG C 372 7.74 27.76 4.02
N LYS C 373 6.49 28.17 3.83
CA LYS C 373 5.71 28.76 4.91
C LYS C 373 4.88 27.76 5.67
N CYS C 374 4.39 26.71 5.01
CA CYS C 374 3.51 25.72 5.61
C CYS C 374 4.28 24.45 5.89
N PHE C 375 3.68 23.59 6.72
CA PHE C 375 4.25 22.27 6.97
C PHE C 375 3.44 21.20 6.26
N THR D 5 -11.07 -45.43 -14.00
CA THR D 5 -12.21 -44.99 -14.80
C THR D 5 -11.91 -43.66 -15.48
N THR D 6 -12.67 -43.33 -16.51
CA THR D 6 -12.44 -42.14 -17.30
C THR D 6 -13.29 -40.99 -16.80
N ALA D 7 -12.68 -39.82 -16.69
CA ALA D 7 -13.38 -38.64 -16.21
C ALA D 7 -14.26 -38.04 -17.29
N LEU D 8 -15.26 -37.28 -16.87
CA LEU D 8 -16.13 -36.52 -17.76
C LEU D 8 -15.92 -35.03 -17.53
N VAL D 9 -15.97 -34.25 -18.62
CA VAL D 9 -15.89 -32.80 -18.55
C VAL D 9 -17.08 -32.22 -19.30
N CYS D 10 -17.78 -31.29 -18.66
CA CYS D 10 -19.04 -30.75 -19.18
C CYS D 10 -19.06 -29.25 -18.95
N ASP D 11 -18.83 -28.47 -20.01
CA ASP D 11 -18.78 -27.02 -19.92
C ASP D 11 -20.15 -26.46 -20.26
N ASN D 12 -20.98 -26.30 -19.24
CA ASN D 12 -22.34 -25.80 -19.42
C ASN D 12 -22.27 -24.28 -19.59
N GLY D 13 -21.90 -23.87 -20.80
CA GLY D 13 -21.81 -22.47 -21.11
C GLY D 13 -23.18 -21.84 -21.20
N SER D 14 -23.18 -20.53 -21.43
CA SER D 14 -24.43 -19.80 -21.52
C SER D 14 -25.22 -20.18 -22.76
N GLY D 15 -24.53 -20.45 -23.87
CA GLY D 15 -25.21 -20.72 -25.11
C GLY D 15 -25.08 -22.14 -25.62
N LEU D 16 -23.93 -22.76 -25.41
CA LEU D 16 -23.66 -24.08 -25.95
C LEU D 16 -23.11 -24.98 -24.85
N VAL D 17 -23.41 -26.27 -24.96
CA VAL D 17 -22.93 -27.29 -24.04
C VAL D 17 -21.82 -28.07 -24.73
N LYS D 18 -20.66 -28.15 -24.09
CA LYS D 18 -19.56 -28.96 -24.57
C LYS D 18 -19.31 -30.11 -23.60
N ALA D 19 -19.28 -31.33 -24.13
CA ALA D 19 -19.07 -32.50 -23.30
C ALA D 19 -18.14 -33.47 -24.01
N GLY D 20 -17.50 -34.31 -23.22
CA GLY D 20 -16.59 -35.31 -23.76
C GLY D 20 -15.86 -36.03 -22.66
N PHE D 21 -14.96 -36.92 -23.06
CA PHE D 21 -14.17 -37.69 -22.11
C PHE D 21 -12.79 -37.08 -21.96
N ALA D 22 -12.24 -37.18 -20.75
CA ALA D 22 -10.91 -36.67 -20.50
C ALA D 22 -9.88 -37.40 -21.35
N GLY D 23 -8.88 -36.67 -21.82
CA GLY D 23 -7.86 -37.23 -22.67
C GLY D 23 -8.15 -37.14 -24.14
N ASP D 24 -9.35 -36.74 -24.54
CA ASP D 24 -9.67 -36.52 -25.93
C ASP D 24 -9.38 -35.08 -26.31
N ASP D 25 -9.07 -34.88 -27.59
CA ASP D 25 -8.62 -33.58 -28.08
C ASP D 25 -9.76 -32.65 -28.48
N ALA D 26 -11.01 -33.13 -28.47
CA ALA D 26 -12.12 -32.33 -28.94
C ALA D 26 -13.40 -32.82 -28.29
N PRO D 27 -14.39 -31.97 -28.10
CA PRO D 27 -15.65 -32.42 -27.51
C PRO D 27 -16.34 -33.43 -28.40
N ARG D 28 -17.09 -34.33 -27.77
CA ARG D 28 -17.83 -35.34 -28.50
C ARG D 28 -19.27 -34.96 -28.78
N ALA D 29 -19.83 -34.03 -28.02
CA ALA D 29 -21.20 -33.57 -28.20
C ALA D 29 -21.24 -32.06 -28.02
N VAL D 30 -21.72 -31.36 -29.04
CA VAL D 30 -21.87 -29.91 -28.99
C VAL D 30 -23.26 -29.57 -29.50
N PHE D 31 -24.15 -29.16 -28.61
CA PHE D 31 -25.49 -28.77 -28.98
C PHE D 31 -25.89 -27.50 -28.23
N PRO D 32 -26.73 -26.67 -28.84
CA PRO D 32 -27.17 -25.45 -28.15
C PRO D 32 -28.02 -25.78 -26.94
N SER D 33 -27.84 -24.98 -25.88
CA SER D 33 -28.54 -25.19 -24.61
C SER D 33 -29.84 -24.41 -24.64
N ILE D 34 -30.85 -25.02 -25.24
CA ILE D 34 -32.20 -24.45 -25.29
C ILE D 34 -33.20 -25.56 -25.02
N VAL D 35 -34.24 -25.24 -24.26
CA VAL D 35 -35.36 -26.14 -24.01
C VAL D 35 -36.62 -25.45 -24.52
N GLY D 36 -37.34 -26.10 -25.42
CA GLY D 36 -38.50 -25.51 -26.05
C GLY D 36 -39.75 -26.33 -25.78
N ARG D 37 -40.88 -25.64 -25.68
CA ARG D 37 -42.19 -26.26 -25.52
C ARG D 37 -43.13 -25.75 -26.61
N PRO D 38 -44.09 -26.57 -27.06
CA PRO D 38 -44.99 -26.12 -28.12
C PRO D 38 -45.85 -24.95 -27.69
N ARG D 39 -46.19 -24.09 -28.66
CA ARG D 39 -47.04 -22.94 -28.41
C ARG D 39 -48.29 -22.91 -29.27
N HIS D 40 -48.53 -23.92 -30.09
CA HIS D 40 -49.77 -24.04 -30.85
C HIS D 40 -50.50 -25.30 -30.41
N GLN D 41 -51.79 -25.37 -30.73
CA GLN D 41 -52.63 -26.45 -30.24
C GLN D 41 -52.60 -27.62 -31.22
N GLY D 42 -52.20 -28.79 -30.74
CA GLY D 42 -52.07 -29.93 -31.60
C GLY D 42 -53.42 -30.48 -32.03
N VAL D 43 -53.44 -31.11 -33.20
CA VAL D 43 -54.69 -31.56 -33.78
C VAL D 43 -54.66 -33.01 -34.25
N MET D 44 -53.49 -33.59 -34.53
CA MET D 44 -53.43 -34.97 -35.01
C MET D 44 -53.04 -35.89 -33.87
N VAL D 45 -53.86 -36.92 -33.64
CA VAL D 45 -53.60 -37.86 -32.55
C VAL D 45 -52.44 -38.77 -32.92
N GLY D 46 -51.65 -39.14 -31.91
CA GLY D 46 -50.52 -40.02 -32.11
C GLY D 46 -49.26 -39.36 -32.63
N MET D 47 -49.31 -38.06 -32.92
CA MET D 47 -48.14 -37.33 -33.38
C MET D 47 -47.64 -36.30 -32.38
N GLY D 48 -48.54 -35.51 -31.81
CA GLY D 48 -48.15 -34.64 -30.72
C GLY D 48 -48.26 -35.34 -29.39
N GLN D 49 -47.14 -35.85 -28.88
CA GLN D 49 -47.15 -36.56 -27.59
C GLN D 49 -46.00 -36.17 -26.68
N LYS D 50 -45.08 -35.31 -27.13
CA LYS D 50 -43.97 -34.87 -26.30
C LYS D 50 -44.28 -33.53 -25.65
N ASP D 51 -43.59 -33.27 -24.53
CA ASP D 51 -43.81 -32.06 -23.77
C ASP D 51 -42.75 -30.99 -23.99
N SER D 52 -41.50 -31.40 -24.22
CA SER D 52 -40.43 -30.44 -24.40
C SER D 52 -39.28 -31.11 -25.14
N TYR D 53 -38.56 -30.31 -25.92
CA TYR D 53 -37.45 -30.80 -26.71
C TYR D 53 -36.15 -30.15 -26.22
N VAL D 54 -35.05 -30.88 -26.36
CA VAL D 54 -33.77 -30.47 -25.81
C VAL D 54 -32.73 -30.48 -26.92
N GLY D 55 -31.96 -29.40 -27.01
CA GLY D 55 -30.82 -29.37 -27.90
C GLY D 55 -31.18 -29.23 -29.36
N ASP D 56 -30.51 -30.00 -30.22
CA ASP D 56 -30.70 -29.86 -31.66
C ASP D 56 -32.14 -30.11 -32.07
N GLU D 57 -32.85 -30.98 -31.35
CA GLU D 57 -34.24 -31.24 -31.69
C GLU D 57 -35.08 -29.98 -31.56
N ALA D 58 -34.81 -29.15 -30.57
CA ALA D 58 -35.52 -27.89 -30.42
C ALA D 58 -35.18 -26.94 -31.56
N GLN D 59 -33.92 -26.94 -32.01
CA GLN D 59 -33.54 -26.09 -33.13
C GLN D 59 -34.25 -26.51 -34.41
N SER D 60 -34.37 -27.81 -34.65
CA SER D 60 -35.01 -28.26 -35.88
C SER D 60 -36.49 -27.95 -35.91
N LYS D 61 -37.16 -27.99 -34.77
CA LYS D 61 -38.60 -27.76 -34.69
C LYS D 61 -38.92 -26.40 -34.10
N ARG D 62 -38.03 -25.43 -34.26
CA ARG D 62 -38.22 -24.13 -33.63
C ARG D 62 -39.37 -23.33 -34.23
N GLY D 63 -39.97 -23.80 -35.32
CA GLY D 63 -41.09 -23.09 -35.90
C GLY D 63 -42.35 -23.15 -35.09
N ILE D 64 -42.48 -24.15 -34.20
CA ILE D 64 -43.68 -24.32 -33.43
C ILE D 64 -43.37 -24.44 -31.95
N LEU D 65 -42.20 -23.96 -31.53
CA LEU D 65 -41.79 -24.01 -30.15
C LEU D 65 -41.46 -22.62 -29.64
N THR D 66 -41.37 -22.49 -28.32
CA THR D 66 -40.87 -21.30 -27.67
C THR D 66 -39.54 -21.66 -27.02
N LEU D 67 -38.44 -21.17 -27.58
CA LEU D 67 -37.12 -21.54 -27.12
C LEU D 67 -36.71 -20.68 -25.94
N LYS D 68 -36.33 -21.32 -24.85
CA LYS D 68 -35.88 -20.65 -23.64
C LYS D 68 -34.48 -21.12 -23.28
N TYR D 69 -33.64 -20.18 -22.87
CA TYR D 69 -32.27 -20.50 -22.46
C TYR D 69 -32.24 -20.69 -20.95
N PRO D 70 -31.85 -21.86 -20.45
CA PRO D 70 -31.81 -22.07 -19.00
C PRO D 70 -30.67 -21.36 -18.29
N ILE D 71 -29.83 -20.62 -19.00
CA ILE D 71 -28.76 -19.84 -18.39
C ILE D 71 -28.86 -18.41 -18.86
N GLU D 72 -28.74 -17.47 -17.94
CA GLU D 72 -28.74 -16.06 -18.29
C GLU D 72 -27.57 -15.35 -17.64
N HIC D 73 -26.57 -14.98 -18.45
CA HIC D 73 -25.37 -14.32 -18.00
C HIC D 73 -24.58 -15.23 -17.06
O HIC D 73 -24.14 -14.79 -15.97
CB HIC D 73 -25.71 -12.99 -17.30
CG HIC D 73 -26.27 -12.03 -18.34
ND1 HIC D 73 -26.00 -12.04 -19.63
CD2 HIC D 73 -27.14 -11.01 -18.11
CE1 HIC D 73 -26.69 -11.05 -20.21
NE2 HIC D 73 -27.39 -10.42 -19.25
CZ HIC D 73 -28.26 -9.28 -19.46
N GLY D 74 -24.40 -16.48 -17.46
CA GLY D 74 -23.58 -17.41 -16.72
C GLY D 74 -24.19 -17.95 -15.44
N ILE D 75 -25.35 -17.42 -15.07
CA ILE D 75 -26.05 -17.79 -13.85
C ILE D 75 -27.27 -18.60 -14.24
N ILE D 76 -27.44 -19.76 -13.62
CA ILE D 76 -28.57 -20.63 -13.94
C ILE D 76 -29.82 -20.11 -13.26
N THR D 77 -30.88 -19.88 -14.04
CA THR D 77 -32.11 -19.30 -13.52
C THR D 77 -33.30 -20.25 -13.54
N ASN D 78 -33.29 -21.27 -14.38
CA ASN D 78 -34.37 -22.26 -14.45
C ASN D 78 -33.77 -23.62 -14.19
N TRP D 79 -33.90 -24.11 -12.96
CA TRP D 79 -33.17 -25.33 -12.58
C TRP D 79 -33.79 -26.60 -13.14
N ASP D 80 -35.09 -26.63 -13.38
CA ASP D 80 -35.68 -27.82 -13.99
C ASP D 80 -35.19 -28.01 -15.42
N ASP D 81 -35.14 -26.93 -16.19
CA ASP D 81 -34.59 -27.02 -17.54
C ASP D 81 -33.13 -27.44 -17.51
N MET D 82 -32.38 -26.96 -16.52
CA MET D 82 -30.99 -27.39 -16.40
C MET D 82 -30.89 -28.86 -16.08
N GLU D 83 -31.80 -29.37 -15.24
CA GLU D 83 -31.82 -30.81 -14.99
C GLU D 83 -32.08 -31.57 -16.28
N LYS D 84 -33.02 -31.09 -17.10
CA LYS D 84 -33.26 -31.73 -18.38
C LYS D 84 -32.03 -31.70 -19.26
N ILE D 85 -31.34 -30.56 -19.30
CA ILE D 85 -30.15 -30.43 -20.16
C ILE D 85 -29.08 -31.41 -19.73
N TRP D 86 -28.82 -31.50 -18.42
CA TRP D 86 -27.79 -32.40 -17.93
C TRP D 86 -28.18 -33.85 -18.19
N HIS D 87 -29.46 -34.19 -17.98
CA HIS D 87 -29.93 -35.54 -18.25
C HIS D 87 -29.71 -35.91 -19.71
N HIS D 88 -30.04 -34.99 -20.62
CA HIS D 88 -29.83 -35.25 -22.03
C HIS D 88 -28.35 -35.43 -22.33
N THR D 89 -27.50 -34.56 -21.79
CA THR D 89 -26.06 -34.65 -22.05
C THR D 89 -25.51 -35.98 -21.58
N PHE D 90 -25.92 -36.43 -20.41
CA PHE D 90 -25.39 -37.69 -19.87
C PHE D 90 -25.90 -38.89 -20.65
N TYR D 91 -27.17 -38.91 -21.02
CA TYR D 91 -27.77 -40.12 -21.58
C TYR D 91 -27.82 -40.16 -23.10
N ASN D 92 -28.39 -39.13 -23.73
CA ASN D 92 -28.63 -39.21 -25.17
C ASN D 92 -27.44 -38.78 -26.02
N GLU D 93 -26.55 -37.94 -25.49
CA GLU D 93 -25.39 -37.49 -26.26
C GLU D 93 -24.16 -38.35 -26.00
N LEU D 94 -23.85 -38.60 -24.73
CA LEU D 94 -22.65 -39.36 -24.37
C LEU D 94 -22.92 -40.85 -24.14
N ARG D 95 -24.17 -41.22 -23.86
CA ARG D 95 -24.55 -42.62 -23.67
C ARG D 95 -23.72 -43.30 -22.58
N VAL D 96 -23.56 -42.61 -21.46
CA VAL D 96 -22.86 -43.15 -20.30
C VAL D 96 -23.73 -42.97 -19.07
N ALA D 97 -23.48 -43.81 -18.07
CA ALA D 97 -24.16 -43.68 -16.80
C ALA D 97 -23.34 -42.77 -15.89
N PRO D 98 -23.87 -41.61 -15.47
CA PRO D 98 -23.06 -40.68 -14.68
C PRO D 98 -22.64 -41.25 -13.34
N GLU D 99 -23.28 -42.33 -12.87
CA GLU D 99 -22.90 -42.93 -11.60
C GLU D 99 -21.58 -43.67 -11.65
N GLU D 100 -20.95 -43.78 -12.82
CA GLU D 100 -19.68 -44.47 -12.96
C GLU D 100 -18.54 -43.58 -13.40
N HIS D 101 -18.76 -42.27 -13.56
CA HIS D 101 -17.71 -41.39 -14.05
C HIS D 101 -17.68 -40.10 -13.25
N PRO D 102 -16.50 -39.67 -12.78
CA PRO D 102 -16.38 -38.33 -12.19
C PRO D 102 -16.62 -37.28 -13.26
N THR D 103 -17.15 -36.13 -12.82
CA THR D 103 -17.48 -35.03 -13.72
C THR D 103 -16.71 -33.79 -13.32
N LEU D 104 -16.33 -33.00 -14.31
CA LEU D 104 -15.71 -31.69 -14.11
C LEU D 104 -16.61 -30.65 -14.75
N LEU D 105 -17.01 -29.66 -13.98
CA LEU D 105 -17.87 -28.59 -14.45
C LEU D 105 -17.08 -27.29 -14.53
N THR D 106 -17.67 -26.29 -15.15
CA THR D 106 -17.03 -25.00 -15.33
C THR D 106 -17.94 -23.88 -14.83
N GLU D 107 -17.33 -22.79 -14.41
CA GLU D 107 -18.09 -21.64 -13.91
C GLU D 107 -17.26 -20.38 -14.10
N ALA D 108 -17.95 -19.28 -14.33
CA ALA D 108 -17.28 -18.00 -14.45
C ALA D 108 -16.91 -17.47 -13.07
N PRO D 109 -15.88 -16.63 -12.98
CA PRO D 109 -15.55 -16.03 -11.69
C PRO D 109 -16.61 -15.04 -11.24
N LEU D 110 -16.58 -14.74 -9.95
CA LEU D 110 -17.52 -13.79 -9.33
C LEU D 110 -18.97 -14.18 -9.58
N ASN D 111 -19.24 -15.48 -9.56
CA ASN D 111 -20.59 -15.97 -9.75
C ASN D 111 -21.26 -16.12 -8.39
N PRO D 112 -22.59 -15.98 -8.27
CA PRO D 112 -23.22 -16.17 -6.96
C PRO D 112 -22.91 -17.54 -6.37
N LYS D 113 -22.65 -17.56 -5.06
CA LYS D 113 -22.23 -18.80 -4.42
C LYS D 113 -23.33 -19.85 -4.44
N ALA D 114 -24.59 -19.43 -4.43
CA ALA D 114 -25.68 -20.39 -4.48
C ALA D 114 -25.65 -21.19 -5.78
N ASN D 115 -25.11 -20.60 -6.85
CA ASN D 115 -25.11 -21.26 -8.15
C ASN D 115 -24.30 -22.54 -8.11
N ARG D 116 -23.15 -22.53 -7.45
CA ARG D 116 -22.32 -23.73 -7.45
C ARG D 116 -22.76 -24.72 -6.38
N GLU D 117 -23.32 -24.25 -5.27
CA GLU D 117 -23.83 -25.17 -4.27
C GLU D 117 -24.96 -26.02 -4.83
N LYS D 118 -25.87 -25.40 -5.57
CA LYS D 118 -26.94 -26.19 -6.19
C LYS D 118 -26.40 -27.12 -7.26
N MET D 119 -25.35 -26.71 -7.98
CA MET D 119 -24.73 -27.62 -8.93
C MET D 119 -24.20 -28.85 -8.21
N THR D 120 -23.51 -28.64 -7.09
CA THR D 120 -23.00 -29.77 -6.32
C THR D 120 -24.14 -30.66 -5.84
N GLN D 121 -25.21 -30.05 -5.34
CA GLN D 121 -26.33 -30.84 -4.82
C GLN D 121 -26.99 -31.66 -5.92
N ILE D 122 -27.21 -31.05 -7.09
CA ILE D 122 -27.83 -31.77 -8.19
C ILE D 122 -26.96 -32.93 -8.63
N MET D 123 -25.64 -32.69 -8.73
CA MET D 123 -24.75 -33.77 -9.14
C MET D 123 -24.71 -34.89 -8.12
N PHE D 124 -24.68 -34.56 -6.82
CA PHE D 124 -24.47 -35.57 -5.80
C PHE D 124 -25.76 -36.24 -5.34
N GLU D 125 -26.93 -35.75 -5.75
CA GLU D 125 -28.18 -36.39 -5.37
C GLU D 125 -28.93 -36.95 -6.57
N THR D 126 -29.26 -36.12 -7.56
CA THR D 126 -30.09 -36.59 -8.66
C THR D 126 -29.33 -37.58 -9.55
N PHE D 127 -28.09 -37.27 -9.89
CA PHE D 127 -27.30 -38.11 -10.77
C PHE D 127 -26.36 -39.06 -10.03
N ASN D 128 -26.04 -38.77 -8.77
CA ASN D 128 -25.21 -39.64 -7.95
C ASN D 128 -23.83 -39.86 -8.57
N VAL D 129 -23.17 -38.76 -8.92
CA VAL D 129 -21.81 -38.86 -9.45
C VAL D 129 -20.85 -39.26 -8.34
N PRO D 130 -19.86 -40.11 -8.59
CA PRO D 130 -18.93 -40.48 -7.52
C PRO D 130 -18.15 -39.31 -6.97
N ALA D 131 -17.77 -38.37 -7.82
CA ALA D 131 -17.03 -37.18 -7.39
C ALA D 131 -17.16 -36.13 -8.48
N MET D 132 -16.99 -34.87 -8.09
CA MET D 132 -17.11 -33.79 -9.04
C MET D 132 -16.24 -32.62 -8.60
N TYR D 133 -15.88 -31.77 -9.55
CA TYR D 133 -15.03 -30.63 -9.27
C TYR D 133 -15.45 -29.47 -10.16
N VAL D 134 -15.40 -28.25 -9.62
CA VAL D 134 -15.79 -27.04 -10.33
C VAL D 134 -14.54 -26.22 -10.56
N ALA D 135 -14.33 -25.79 -11.80
CA ALA D 135 -13.15 -25.03 -12.17
C ALA D 135 -13.56 -23.72 -12.83
N ILE D 136 -12.75 -22.69 -12.61
CA ILE D 136 -12.98 -21.40 -13.25
C ILE D 136 -12.66 -21.53 -14.72
N GLN D 137 -13.55 -21.01 -15.59
CA GLN D 137 -13.36 -21.22 -17.02
C GLN D 137 -12.06 -20.60 -17.51
N ALA D 138 -11.74 -19.39 -17.05
CA ALA D 138 -10.56 -18.71 -17.58
C ALA D 138 -9.27 -19.44 -17.23
N VAL D 139 -9.20 -20.05 -16.04
CA VAL D 139 -7.99 -20.78 -15.67
C VAL D 139 -7.80 -21.98 -16.59
N LEU D 140 -8.87 -22.70 -16.87
CA LEU D 140 -8.75 -23.87 -17.75
C LEU D 140 -8.29 -23.47 -19.14
N SER D 141 -8.77 -22.32 -19.63
CA SER D 141 -8.36 -21.87 -20.96
C SER D 141 -6.87 -21.72 -21.07
N LEU D 142 -6.20 -21.38 -19.97
CA LEU D 142 -4.76 -21.21 -19.99
C LEU D 142 -4.03 -22.55 -20.00
N TYR D 143 -4.64 -23.60 -19.45
CA TYR D 143 -4.03 -24.93 -19.52
C TYR D 143 -3.86 -25.36 -20.97
N ALA D 144 -4.88 -25.17 -21.80
CA ALA D 144 -4.79 -25.57 -23.20
C ALA D 144 -4.11 -24.48 -24.04
N SER D 145 -2.98 -24.01 -23.54
CA SER D 145 -2.11 -23.13 -24.31
C SER D 145 -0.64 -23.39 -24.09
N GLY D 146 -0.28 -24.38 -23.27
CA GLY D 146 1.11 -24.64 -22.98
C GLY D 146 1.83 -23.51 -22.29
N ARG D 147 1.12 -22.78 -21.43
CA ARG D 147 1.70 -21.65 -20.73
C ARG D 147 1.24 -21.66 -19.28
N THR D 148 2.03 -21.01 -18.43
CA THR D 148 1.69 -20.82 -17.02
C THR D 148 1.73 -19.35 -16.62
N THR D 149 1.75 -18.44 -17.59
CA THR D 149 1.77 -17.02 -17.32
C THR D 149 1.01 -16.29 -18.42
N GLY D 150 0.12 -15.39 -18.04
CA GLY D 150 -0.62 -14.62 -19.01
C GLY D 150 -1.93 -14.13 -18.42
N ILE D 151 -2.60 -13.29 -19.19
CA ILE D 151 -3.93 -12.81 -18.85
C ILE D 151 -4.92 -13.35 -19.88
N VAL D 152 -6.01 -13.92 -19.40
CA VAL D 152 -6.97 -14.64 -20.24
C VAL D 152 -8.22 -13.78 -20.37
N LEU D 153 -8.62 -13.52 -21.62
CA LEU D 153 -9.85 -12.82 -21.94
C LEU D 153 -10.81 -13.86 -22.52
N ASP D 154 -11.68 -14.40 -21.67
CA ASP D 154 -12.67 -15.38 -22.09
C ASP D 154 -14.02 -14.69 -22.26
N SER D 155 -14.63 -14.85 -23.43
CA SER D 155 -15.88 -14.19 -23.75
C SER D 155 -16.78 -15.18 -24.48
N GLY D 156 -17.80 -15.68 -23.80
CA GLY D 156 -18.70 -16.64 -24.41
C GLY D 156 -20.03 -16.03 -24.80
N ASP D 157 -21.12 -16.72 -24.48
CA ASP D 157 -22.44 -16.20 -24.78
C ASP D 157 -22.99 -15.30 -23.69
N GLY D 158 -22.61 -15.53 -22.43
CA GLY D 158 -23.16 -14.73 -21.36
C GLY D 158 -22.22 -13.79 -20.64
N VAL D 159 -20.99 -14.22 -20.38
CA VAL D 159 -20.09 -13.49 -19.49
C VAL D 159 -18.75 -13.31 -20.18
N THR D 160 -18.21 -12.10 -20.11
CA THR D 160 -16.84 -11.79 -20.53
C THR D 160 -16.03 -11.44 -19.29
N HIS D 161 -14.99 -12.23 -19.01
CA HIS D 161 -14.23 -12.03 -17.79
C HIS D 161 -12.73 -12.12 -18.08
N ASN D 162 -11.95 -11.47 -17.21
CA ASN D 162 -10.50 -11.44 -17.30
C ASN D 162 -9.90 -12.04 -16.04
N VAL D 163 -8.89 -12.89 -16.20
CA VAL D 163 -8.21 -13.52 -15.08
C VAL D 163 -6.71 -13.46 -15.31
N PRO D 164 -5.97 -12.63 -14.58
CA PRO D 164 -4.51 -12.59 -14.77
C PRO D 164 -3.78 -13.63 -13.93
N ILE D 165 -2.95 -14.46 -14.57
CA ILE D 165 -2.24 -15.53 -13.89
C ILE D 165 -0.75 -15.39 -14.20
N TYR D 166 0.07 -15.35 -13.16
CA TYR D 166 1.52 -15.21 -13.28
C TYR D 166 2.19 -16.35 -12.53
N GLU D 167 2.92 -17.20 -13.25
CA GLU D 167 3.67 -18.31 -12.66
C GLU D 167 2.78 -19.19 -11.79
N GLY D 168 1.56 -19.43 -12.27
CA GLY D 168 0.62 -20.29 -11.59
C GLY D 168 -0.15 -19.64 -10.47
N TYR D 169 0.15 -18.40 -10.11
CA TYR D 169 -0.52 -17.71 -9.02
C TYR D 169 -1.50 -16.70 -9.59
N ALA D 170 -2.75 -16.76 -9.15
CA ALA D 170 -3.77 -15.84 -9.60
C ALA D 170 -3.84 -14.64 -8.67
N LEU D 171 -4.22 -13.50 -9.23
CA LEU D 171 -4.40 -12.27 -8.46
C LEU D 171 -5.89 -11.97 -8.39
N PRO D 172 -6.63 -12.55 -7.45
CA PRO D 172 -8.09 -12.43 -7.48
C PRO D 172 -8.60 -11.00 -7.40
N HIS D 173 -7.88 -10.11 -6.73
CA HIS D 173 -8.34 -8.73 -6.68
C HIS D 173 -8.27 -8.03 -8.02
N ALA D 174 -7.62 -8.64 -9.01
CA ALA D 174 -7.52 -8.08 -10.35
C ALA D 174 -8.42 -8.79 -11.36
N ILE D 175 -9.35 -9.63 -10.89
CA ILE D 175 -10.28 -10.29 -11.79
C ILE D 175 -11.40 -9.34 -12.16
N MET D 176 -11.60 -9.14 -13.46
CA MET D 176 -12.62 -8.24 -13.98
C MET D 176 -13.71 -9.08 -14.63
N ARG D 177 -14.97 -8.70 -14.41
CA ARG D 177 -16.10 -9.41 -15.00
C ARG D 177 -17.02 -8.39 -15.64
N LEU D 178 -17.60 -8.76 -16.78
CA LEU D 178 -18.46 -7.87 -17.55
C LEU D 178 -19.60 -8.66 -18.16
N ASP D 179 -20.83 -8.17 -17.97
CA ASP D 179 -22.01 -8.84 -18.52
C ASP D 179 -22.33 -8.29 -19.91
N LEU D 180 -21.46 -8.62 -20.85
CA LEU D 180 -21.61 -8.21 -22.25
C LEU D 180 -20.96 -9.28 -23.11
N ALA D 181 -21.76 -10.05 -23.82
CA ALA D 181 -21.26 -11.19 -24.55
C ALA D 181 -22.12 -11.43 -25.78
N GLY D 182 -22.05 -12.65 -26.33
CA GLY D 182 -22.65 -12.91 -27.62
C GLY D 182 -24.14 -12.66 -27.69
N ARG D 183 -24.87 -12.98 -26.61
CA ARG D 183 -26.31 -12.78 -26.63
C ARG D 183 -26.66 -11.30 -26.74
N ASP D 184 -25.94 -10.44 -26.03
CA ASP D 184 -26.18 -9.01 -26.15
C ASP D 184 -25.90 -8.51 -27.55
N LEU D 185 -24.84 -9.02 -28.19
CA LEU D 185 -24.55 -8.62 -29.56
C LEU D 185 -25.66 -9.07 -30.50
N THR D 186 -26.16 -10.29 -30.31
CA THR D 186 -27.27 -10.75 -31.16
C THR D 186 -28.50 -9.87 -30.97
N ASP D 187 -28.79 -9.48 -29.72
CA ASP D 187 -29.93 -8.61 -29.49
C ASP D 187 -29.73 -7.25 -30.13
N TYR D 188 -28.51 -6.70 -30.07
CA TYR D 188 -28.26 -5.42 -30.71
C TYR D 188 -28.40 -5.51 -32.23
N LEU D 189 -27.90 -6.60 -32.82
CA LEU D 189 -28.06 -6.79 -34.25
C LEU D 189 -29.53 -6.89 -34.62
N MET D 190 -30.32 -7.56 -33.78
CA MET D 190 -31.76 -7.61 -34.00
C MET D 190 -32.38 -6.23 -33.94
N LYS D 191 -31.92 -5.40 -32.99
CA LYS D 191 -32.48 -4.06 -32.86
C LYS D 191 -32.16 -3.21 -34.08
N ILE D 192 -30.92 -3.26 -34.57
CA ILE D 192 -30.56 -2.38 -35.68
C ILE D 192 -30.90 -2.95 -37.04
N LEU D 193 -31.32 -4.22 -37.11
CA LEU D 193 -31.76 -4.75 -38.40
C LEU D 193 -33.07 -4.14 -38.85
N THR D 194 -33.83 -3.53 -37.93
CA THR D 194 -35.07 -2.88 -38.30
C THR D 194 -34.85 -1.59 -39.08
N GLU D 195 -33.62 -1.09 -39.12
CA GLU D 195 -33.35 0.10 -39.91
C GLU D 195 -33.52 -0.14 -41.39
N ARG D 196 -33.31 -1.36 -41.86
CA ARG D 196 -33.48 -1.70 -43.26
C ARG D 196 -34.82 -2.35 -43.55
N GLY D 197 -35.67 -2.49 -42.55
CA GLY D 197 -36.99 -3.07 -42.74
C GLY D 197 -37.14 -4.52 -42.33
N TYR D 198 -36.07 -5.17 -41.89
CA TYR D 198 -36.14 -6.55 -41.44
C TYR D 198 -36.48 -6.58 -39.96
N SER D 199 -37.62 -7.15 -39.62
CA SER D 199 -38.07 -7.23 -38.24
C SER D 199 -38.11 -8.69 -37.79
N PHE D 200 -37.40 -8.99 -36.71
CA PHE D 200 -37.38 -10.32 -36.10
C PHE D 200 -37.76 -10.17 -34.64
N VAL D 201 -38.78 -10.89 -34.20
CA VAL D 201 -39.29 -10.69 -32.85
C VAL D 201 -39.34 -11.99 -32.06
N THR D 202 -39.50 -13.12 -32.74
CA THR D 202 -39.70 -14.38 -32.04
C THR D 202 -38.36 -15.04 -31.74
N THR D 203 -38.42 -16.08 -30.90
CA THR D 203 -37.20 -16.78 -30.50
C THR D 203 -36.54 -17.47 -31.70
N ALA D 204 -37.35 -18.07 -32.58
CA ALA D 204 -36.78 -18.66 -33.79
C ALA D 204 -36.09 -17.60 -34.65
N GLU D 205 -36.72 -16.43 -34.76
CA GLU D 205 -36.08 -15.34 -35.49
C GLU D 205 -34.84 -14.83 -34.75
N ARG D 206 -34.82 -14.94 -33.43
CA ARG D 206 -33.60 -14.64 -32.69
C ARG D 206 -32.47 -15.60 -33.09
N GLU D 207 -32.79 -16.88 -33.24
CA GLU D 207 -31.79 -17.83 -33.71
C GLU D 207 -31.32 -17.50 -35.12
N ILE D 208 -32.25 -17.07 -35.98
CA ILE D 208 -31.86 -16.68 -37.34
C ILE D 208 -30.88 -15.51 -37.30
N VAL D 209 -31.18 -14.51 -36.48
CA VAL D 209 -30.30 -13.35 -36.36
C VAL D 209 -28.93 -13.78 -35.82
N ARG D 210 -28.93 -14.71 -34.87
CA ARG D 210 -27.65 -15.20 -34.33
C ARG D 210 -26.82 -15.86 -35.41
N ASP D 211 -27.46 -16.68 -36.26
CA ASP D 211 -26.72 -17.30 -37.36
C ASP D 211 -26.16 -16.26 -38.31
N ILE D 212 -26.95 -15.25 -38.63
CA ILE D 212 -26.46 -14.18 -39.50
C ILE D 212 -25.24 -13.51 -38.87
N LYS D 213 -25.31 -13.22 -37.58
CA LYS D 213 -24.18 -12.60 -36.89
C LYS D 213 -22.94 -13.49 -36.97
N GLU D 214 -23.12 -14.79 -36.76
CA GLU D 214 -21.99 -15.71 -36.83
C GLU D 214 -21.36 -15.72 -38.21
N LYS D 215 -22.17 -15.58 -39.25
CA LYS D 215 -21.66 -15.81 -40.60
C LYS D 215 -21.21 -14.55 -41.33
N LEU D 216 -21.70 -13.36 -40.97
CA LEU D 216 -21.46 -12.17 -41.77
C LEU D 216 -20.85 -10.99 -41.03
N CYS D 217 -20.50 -11.12 -39.75
CA CYS D 217 -19.99 -10.01 -38.98
C CYS D 217 -18.47 -10.08 -38.85
N TYR D 218 -17.84 -8.90 -38.82
CA TYR D 218 -16.40 -8.81 -38.65
C TYR D 218 -16.07 -7.50 -37.96
N VAL D 219 -14.91 -7.46 -37.30
CA VAL D 219 -14.48 -6.32 -36.50
C VAL D 219 -13.61 -5.42 -37.36
N ALA D 220 -13.96 -4.13 -37.41
CA ALA D 220 -13.20 -3.18 -38.19
C ALA D 220 -11.97 -2.70 -37.41
N LEU D 221 -10.83 -2.63 -38.10
CA LEU D 221 -9.63 -2.10 -37.48
C LEU D 221 -9.79 -0.62 -37.12
N ASP D 222 -10.38 0.16 -38.02
CA ASP D 222 -10.64 1.58 -37.77
C ASP D 222 -12.10 1.90 -38.07
N PHE D 223 -12.87 2.16 -37.01
CA PHE D 223 -14.32 2.22 -37.13
C PHE D 223 -14.76 3.36 -38.04
N GLU D 224 -14.18 4.55 -37.87
CA GLU D 224 -14.71 5.72 -38.57
C GLU D 224 -14.39 5.66 -40.06
N ASN D 225 -13.19 5.22 -40.42
CA ASN D 225 -12.88 5.06 -41.84
C ASN D 225 -13.71 3.95 -42.47
N GLU D 226 -13.98 2.88 -41.71
CA GLU D 226 -14.84 1.82 -42.23
C GLU D 226 -16.27 2.32 -42.46
N MET D 227 -16.77 3.15 -41.55
CA MET D 227 -18.12 3.70 -41.72
C MET D 227 -18.18 4.56 -42.96
N ALA D 228 -17.15 5.36 -43.21
CA ALA D 228 -17.09 6.14 -44.45
C ALA D 228 -17.01 5.23 -45.66
N THR D 229 -16.21 4.17 -45.58
CA THR D 229 -16.03 3.29 -46.73
C THR D 229 -17.34 2.62 -47.12
N ALA D 230 -18.09 2.11 -46.15
CA ALA D 230 -19.36 1.46 -46.45
C ALA D 230 -20.41 2.47 -46.92
N ALA D 231 -20.33 3.71 -46.46
CA ALA D 231 -21.30 4.73 -46.85
C ALA D 231 -20.98 5.37 -48.20
N SER D 232 -19.77 5.16 -48.73
CA SER D 232 -19.39 5.75 -50.00
C SER D 232 -19.63 4.82 -51.18
N SER D 233 -19.58 3.50 -50.95
CA SER D 233 -19.76 2.53 -52.02
C SER D 233 -20.60 1.37 -51.49
N SER D 234 -20.65 0.28 -52.25
CA SER D 234 -21.40 -0.90 -51.90
C SER D 234 -20.51 -2.14 -51.83
N SER D 235 -19.21 -1.93 -51.58
CA SER D 235 -18.27 -3.05 -51.59
C SER D 235 -18.48 -3.97 -50.40
N LEU D 236 -18.86 -3.43 -49.25
CA LEU D 236 -18.98 -4.24 -48.04
C LEU D 236 -20.32 -4.96 -47.93
N GLU D 237 -21.29 -4.64 -48.77
CA GLU D 237 -22.61 -5.27 -48.66
C GLU D 237 -22.54 -6.75 -49.02
N LYS D 238 -23.30 -7.56 -48.28
CA LYS D 238 -23.34 -8.99 -48.51
C LYS D 238 -24.77 -9.48 -48.40
N SER D 239 -25.05 -10.61 -49.04
CA SER D 239 -26.39 -11.15 -49.13
C SER D 239 -26.51 -12.44 -48.34
N TYR D 240 -27.61 -12.59 -47.63
CA TYR D 240 -27.92 -13.78 -46.84
C TYR D 240 -29.34 -14.21 -47.18
N GLU D 241 -29.55 -15.52 -47.24
CA GLU D 241 -30.85 -16.08 -47.61
C GLU D 241 -31.57 -16.57 -46.36
N LEU D 242 -32.75 -16.00 -46.11
CA LEU D 242 -33.58 -16.47 -45.02
C LEU D 242 -34.10 -17.87 -45.34
N PRO D 243 -34.45 -18.64 -44.32
CA PRO D 243 -34.83 -20.05 -44.57
C PRO D 243 -36.05 -20.23 -45.46
N ASP D 244 -36.87 -19.20 -45.66
CA ASP D 244 -38.06 -19.33 -46.49
C ASP D 244 -37.82 -18.89 -47.94
N GLY D 245 -36.58 -18.58 -48.31
CA GLY D 245 -36.25 -18.19 -49.66
C GLY D 245 -36.04 -16.71 -49.86
N GLN D 246 -36.43 -15.88 -48.90
CA GLN D 246 -36.23 -14.45 -49.01
C GLN D 246 -34.75 -14.11 -48.84
N VAL D 247 -34.34 -12.98 -49.41
CA VAL D 247 -32.95 -12.56 -49.43
C VAL D 247 -32.85 -11.23 -48.71
N ILE D 248 -31.91 -11.12 -47.78
CA ILE D 248 -31.65 -9.88 -47.06
C ILE D 248 -30.24 -9.42 -47.36
N THR D 249 -30.05 -8.11 -47.37
CA THR D 249 -28.76 -7.49 -47.63
C THR D 249 -28.44 -6.53 -46.50
N ILE D 250 -27.22 -6.63 -45.96
CA ILE D 250 -26.81 -5.80 -44.84
C ILE D 250 -25.55 -5.03 -45.22
N GLY D 251 -25.39 -3.85 -44.63
CA GLY D 251 -24.29 -2.97 -44.95
C GLY D 251 -23.34 -2.71 -43.80
N ASN D 252 -23.36 -1.49 -43.25
CA ASN D 252 -22.48 -1.17 -42.14
C ASN D 252 -22.79 -1.98 -40.91
N GLU D 253 -23.94 -2.65 -40.89
CA GLU D 253 -24.35 -3.48 -39.76
C GLU D 253 -23.43 -4.67 -39.57
N ARG D 254 -22.58 -4.98 -40.56
CA ARG D 254 -21.63 -6.06 -40.43
C ARG D 254 -20.60 -5.78 -39.35
N PHE D 255 -20.06 -4.57 -39.32
CA PHE D 255 -19.06 -4.20 -38.33
C PHE D 255 -19.58 -3.28 -37.24
N ARG D 256 -20.85 -2.86 -37.31
CA ARG D 256 -21.40 -2.08 -36.20
C ARG D 256 -21.77 -2.97 -35.03
N CYS D 257 -22.29 -4.17 -35.30
CA CYS D 257 -22.69 -5.07 -34.21
C CYS D 257 -21.52 -5.48 -33.33
N PRO D 258 -20.39 -5.99 -33.85
CA PRO D 258 -19.28 -6.35 -32.96
C PRO D 258 -18.61 -5.15 -32.33
N GLU D 259 -18.92 -3.94 -32.78
CA GLU D 259 -18.26 -2.76 -32.23
C GLU D 259 -18.67 -2.48 -30.80
N THR D 260 -19.84 -2.97 -30.38
CA THR D 260 -20.29 -2.77 -29.01
C THR D 260 -19.31 -3.37 -28.00
N LEU D 261 -18.53 -4.36 -28.40
CA LEU D 261 -17.54 -4.94 -27.50
C LEU D 261 -16.52 -3.89 -27.05
N PHE D 262 -16.15 -2.98 -27.94
CA PHE D 262 -15.19 -1.95 -27.59
C PHE D 262 -15.85 -0.64 -27.15
N GLN D 263 -17.12 -0.45 -27.48
CA GLN D 263 -17.87 0.74 -27.06
C GLN D 263 -19.20 0.27 -26.50
N PRO D 264 -19.22 -0.19 -25.25
CA PRO D 264 -20.48 -0.70 -24.68
C PRO D 264 -21.57 0.36 -24.55
N SER D 265 -21.26 1.64 -24.77
CA SER D 265 -22.26 2.67 -24.64
C SER D 265 -23.34 2.60 -25.71
N PHE D 266 -23.15 1.81 -26.77
CA PHE D 266 -24.21 1.65 -27.76
C PHE D 266 -25.46 1.04 -27.16
N ILE D 267 -25.32 0.04 -26.29
CA ILE D 267 -26.46 -0.66 -25.75
C ILE D 267 -26.83 -0.15 -24.36
N GLY D 268 -26.46 1.07 -24.02
CA GLY D 268 -26.89 1.69 -22.78
C GLY D 268 -26.08 1.33 -21.56
N MET D 269 -25.04 0.53 -21.69
CA MET D 269 -24.21 0.18 -20.55
C MET D 269 -23.11 1.21 -20.36
N GLU D 270 -22.72 1.40 -19.10
CA GLU D 270 -21.75 2.42 -18.72
C GLU D 270 -20.32 1.89 -18.69
N SER D 271 -20.14 0.57 -18.65
CA SER D 271 -18.81 0.00 -18.53
C SER D 271 -17.97 0.30 -19.77
N ALA D 272 -16.66 0.18 -19.60
CA ALA D 272 -15.74 0.42 -20.69
C ALA D 272 -15.63 -0.83 -21.58
N GLY D 273 -14.93 -0.68 -22.70
CA GLY D 273 -14.79 -1.75 -23.65
C GLY D 273 -13.87 -2.84 -23.14
N ILE D 274 -13.75 -3.90 -23.96
CA ILE D 274 -12.95 -5.05 -23.55
C ILE D 274 -11.47 -4.68 -23.46
N HIS D 275 -11.00 -3.81 -24.35
CA HIS D 275 -9.59 -3.42 -24.29
C HIS D 275 -9.29 -2.62 -23.03
N GLU D 276 -10.17 -1.68 -22.67
CA GLU D 276 -9.96 -0.92 -21.44
C GLU D 276 -10.09 -1.81 -20.21
N THR D 277 -11.00 -2.79 -20.24
CA THR D 277 -11.09 -3.73 -19.14
C THR D 277 -9.81 -4.54 -19.00
N THR D 278 -9.25 -5.01 -20.13
CA THR D 278 -7.99 -5.73 -20.08
C THR D 278 -6.88 -4.88 -19.51
N TYR D 279 -6.81 -3.62 -19.95
CA TYR D 279 -5.77 -2.74 -19.46
C TYR D 279 -5.92 -2.46 -17.96
N ASN D 280 -7.15 -2.22 -17.51
CA ASN D 280 -7.37 -1.96 -16.09
C ASN D 280 -7.01 -3.19 -15.26
N SER D 281 -7.37 -4.37 -15.75
CA SER D 281 -7.05 -5.59 -15.01
C SER D 281 -5.56 -5.81 -14.92
N ILE D 282 -4.84 -5.54 -16.01
CA ILE D 282 -3.38 -5.66 -15.95
C ILE D 282 -2.79 -4.64 -15.00
N MET D 283 -3.27 -3.39 -15.03
CA MET D 283 -2.67 -2.36 -14.20
C MET D 283 -2.93 -2.55 -12.71
N LYS D 284 -3.80 -3.48 -12.33
CA LYS D 284 -4.03 -3.76 -10.92
C LYS D 284 -3.10 -4.85 -10.38
N CYS D 285 -2.21 -5.38 -11.20
CA CYS D 285 -1.24 -6.38 -10.77
C CYS D 285 0.01 -5.71 -10.22
N ASP D 286 0.98 -6.52 -9.81
CA ASP D 286 2.23 -5.98 -9.31
C ASP D 286 3.09 -5.47 -10.45
N ILE D 287 3.91 -4.46 -10.15
CA ILE D 287 4.66 -3.75 -11.19
C ILE D 287 5.69 -4.64 -11.87
N ASP D 288 6.08 -5.75 -11.25
CA ASP D 288 7.12 -6.60 -11.81
C ASP D 288 6.60 -7.68 -12.74
N ILE D 289 5.28 -7.81 -12.91
CA ILE D 289 4.72 -8.83 -13.77
C ILE D 289 3.94 -8.25 -14.94
N ARG D 290 3.87 -6.93 -15.06
CA ARG D 290 3.15 -6.34 -16.19
C ARG D 290 3.84 -6.66 -17.51
N LYS D 291 5.17 -6.68 -17.50
CA LYS D 291 5.90 -6.90 -18.75
C LYS D 291 5.60 -8.28 -19.32
N ASP D 292 5.47 -9.29 -18.47
CA ASP D 292 5.11 -10.62 -18.95
C ASP D 292 3.65 -10.68 -19.34
N LEU D 293 2.78 -9.96 -18.64
CA LEU D 293 1.36 -10.00 -18.97
C LEU D 293 1.09 -9.39 -20.33
N TYR D 294 1.78 -8.29 -20.67
CA TYR D 294 1.58 -7.69 -21.99
C TYR D 294 1.91 -8.65 -23.12
N ALA D 295 2.80 -9.62 -22.88
CA ALA D 295 3.28 -10.49 -23.94
C ALA D 295 2.50 -11.78 -24.05
N ASN D 296 1.50 -12.00 -23.20
CA ASN D 296 0.80 -13.28 -23.15
C ASN D 296 -0.70 -13.09 -22.96
N ASN D 297 -1.31 -12.25 -23.80
CA ASN D 297 -2.76 -12.20 -23.84
C ASN D 297 -3.30 -13.45 -24.52
N VAL D 298 -4.14 -14.19 -23.82
CA VAL D 298 -4.78 -15.38 -24.35
C VAL D 298 -6.26 -15.10 -24.51
N MET D 299 -6.78 -15.35 -25.71
CA MET D 299 -8.17 -15.07 -26.04
C MET D 299 -8.88 -16.37 -26.37
N SER D 300 -10.04 -16.58 -25.77
CA SER D 300 -10.80 -17.81 -26.00
C SER D 300 -12.28 -17.54 -25.82
N GLY D 301 -13.10 -18.38 -26.45
CA GLY D 301 -14.53 -18.23 -26.42
C GLY D 301 -15.10 -17.99 -27.82
N GLY D 302 -16.39 -18.28 -27.95
CA GLY D 302 -17.04 -18.14 -29.25
C GLY D 302 -17.13 -16.71 -29.74
N THR D 303 -17.33 -15.76 -28.82
CA THR D 303 -17.39 -14.35 -29.22
C THR D 303 -16.04 -13.84 -29.71
N THR D 304 -14.98 -14.62 -29.58
CA THR D 304 -13.63 -14.17 -29.91
C THR D 304 -13.26 -14.37 -31.38
N MET D 305 -13.98 -15.18 -32.14
CA MET D 305 -13.60 -15.48 -33.51
C MET D 305 -14.19 -14.52 -34.54
N TYR D 306 -14.53 -13.29 -34.19
CA TYR D 306 -14.83 -12.31 -35.23
C TYR D 306 -13.56 -12.06 -36.04
N PRO D 307 -13.65 -12.05 -37.37
CA PRO D 307 -12.44 -11.84 -38.18
C PRO D 307 -11.80 -10.49 -37.89
N GLY D 308 -10.51 -10.52 -37.57
CA GLY D 308 -9.74 -9.32 -37.34
C GLY D 308 -9.83 -8.73 -35.95
N ILE D 309 -10.53 -9.38 -35.02
CA ILE D 309 -10.66 -8.81 -33.68
C ILE D 309 -9.32 -8.82 -32.95
N ALA D 310 -8.45 -9.78 -33.27
CA ALA D 310 -7.14 -9.83 -32.63
C ALA D 310 -6.33 -8.59 -32.99
N ASP D 311 -6.34 -8.19 -34.26
CA ASP D 311 -5.60 -7.01 -34.65
C ASP D 311 -6.13 -5.75 -33.97
N ARG D 312 -7.46 -5.62 -33.90
CA ARG D 312 -8.04 -4.46 -33.23
C ARG D 312 -7.66 -4.45 -31.75
N MET D 313 -7.72 -5.60 -31.09
CA MET D 313 -7.36 -5.66 -29.68
C MET D 313 -5.91 -5.26 -29.49
N GLN D 314 -5.02 -5.76 -30.36
CA GLN D 314 -3.61 -5.42 -30.25
C GLN D 314 -3.38 -3.93 -30.46
N LYS D 315 -4.05 -3.35 -31.45
CA LYS D 315 -3.89 -1.92 -31.69
C LYS D 315 -4.34 -1.09 -30.48
N GLU D 316 -5.48 -1.47 -29.89
CA GLU D 316 -5.99 -0.72 -28.75
C GLU D 316 -5.04 -0.81 -27.55
N ILE D 317 -4.55 -2.02 -27.25
CA ILE D 317 -3.65 -2.15 -26.11
C ILE D 317 -2.34 -1.43 -26.39
N THR D 318 -1.85 -1.48 -27.63
CA THR D 318 -0.65 -0.72 -27.98
C THR D 318 -0.86 0.76 -27.74
N ALA D 319 -2.04 1.28 -28.09
CA ALA D 319 -2.32 2.67 -27.80
C ALA D 319 -2.35 2.95 -26.31
N LEU D 320 -2.83 2.00 -25.50
CA LEU D 320 -2.94 2.22 -24.07
C LEU D 320 -1.65 1.93 -23.31
N ALA D 321 -0.81 1.03 -23.81
CA ALA D 321 0.41 0.66 -23.10
C ALA D 321 1.57 1.59 -23.46
N PRO D 322 2.61 1.63 -22.63
CA PRO D 322 3.81 2.41 -22.99
C PRO D 322 4.50 1.86 -24.22
N SER D 323 5.28 2.74 -24.86
CA SER D 323 5.86 2.42 -26.16
C SER D 323 6.85 1.27 -26.07
N THR D 324 7.67 1.22 -25.02
CA THR D 324 8.74 0.25 -24.95
C THR D 324 8.25 -1.18 -24.75
N MET D 325 6.98 -1.37 -24.44
CA MET D 325 6.47 -2.72 -24.17
C MET D 325 6.00 -3.38 -25.46
N LYS D 326 6.09 -4.70 -25.49
CA LYS D 326 5.67 -5.49 -26.64
C LYS D 326 4.34 -6.16 -26.33
N ILE D 327 3.33 -5.86 -27.15
CA ILE D 327 2.00 -6.44 -27.00
C ILE D 327 1.85 -7.59 -27.98
N LYS D 328 1.54 -8.77 -27.47
CA LYS D 328 1.31 -9.95 -28.29
C LYS D 328 -0.02 -10.55 -27.90
N ILE D 329 -0.88 -10.78 -28.90
CA ILE D 329 -2.17 -11.42 -28.69
C ILE D 329 -2.05 -12.86 -29.17
N ILE D 330 -2.50 -13.80 -28.35
CA ILE D 330 -2.44 -15.22 -28.68
C ILE D 330 -3.86 -15.70 -28.92
N ALA D 331 -4.18 -16.02 -30.17
CA ALA D 331 -5.52 -16.47 -30.56
C ALA D 331 -5.38 -17.71 -31.43
N PRO D 332 -5.26 -18.89 -30.82
CA PRO D 332 -5.20 -20.11 -31.60
C PRO D 332 -6.51 -20.35 -32.33
N PRO D 333 -6.47 -21.05 -33.46
CA PRO D 333 -7.71 -21.27 -34.23
C PRO D 333 -8.77 -22.06 -33.47
N GLU D 334 -8.37 -22.86 -32.48
CA GLU D 334 -9.30 -23.71 -31.76
C GLU D 334 -9.80 -23.06 -30.46
N ARG D 335 -9.91 -21.74 -30.44
CA ARG D 335 -10.32 -21.07 -29.21
C ARG D 335 -11.81 -21.19 -28.93
N LYS D 336 -12.61 -21.80 -29.80
CA LYS D 336 -13.97 -22.11 -29.38
C LYS D 336 -14.01 -23.22 -28.35
N TYR D 337 -12.94 -23.99 -28.22
CA TYR D 337 -12.91 -25.13 -27.32
C TYR D 337 -11.70 -25.09 -26.40
N SER D 338 -11.06 -23.92 -26.26
CA SER D 338 -9.91 -23.85 -25.38
C SER D 338 -10.29 -24.20 -23.96
N VAL D 339 -11.44 -23.72 -23.50
CA VAL D 339 -11.88 -24.03 -22.14
C VAL D 339 -12.07 -25.53 -21.98
N TRP D 340 -12.74 -26.16 -22.95
CA TRP D 340 -12.98 -27.59 -22.85
C TRP D 340 -11.69 -28.39 -22.98
N ILE D 341 -10.80 -28.00 -23.87
CA ILE D 341 -9.53 -28.73 -23.99
C ILE D 341 -8.75 -28.64 -22.68
N GLY D 342 -8.69 -27.45 -22.10
CA GLY D 342 -8.01 -27.30 -20.83
C GLY D 342 -8.65 -28.15 -19.74
N GLY D 343 -9.98 -28.20 -19.71
CA GLY D 343 -10.66 -29.05 -18.75
C GLY D 343 -10.33 -30.52 -18.96
N SER D 344 -10.18 -30.93 -20.22
CA SER D 344 -9.79 -32.31 -20.48
C SER D 344 -8.37 -32.58 -20.00
N ILE D 345 -7.46 -31.63 -20.22
CA ILE D 345 -6.09 -31.82 -19.76
C ILE D 345 -6.05 -31.92 -18.24
N LEU D 346 -6.73 -31.01 -17.55
CA LEU D 346 -6.62 -30.94 -16.11
C LEU D 346 -7.16 -32.22 -15.45
N ALA D 347 -8.27 -32.74 -15.95
CA ALA D 347 -8.79 -33.99 -15.41
C ALA D 347 -7.90 -35.17 -15.77
N SER D 348 -7.02 -35.02 -16.74
CA SER D 348 -6.14 -36.10 -17.16
C SER D 348 -4.79 -36.09 -16.44
N LEU D 349 -4.50 -35.06 -15.66
CA LEU D 349 -3.25 -35.00 -14.94
C LEU D 349 -3.26 -35.99 -13.78
N SER D 350 -2.09 -36.55 -13.48
CA SER D 350 -1.97 -37.47 -12.36
C SER D 350 -1.90 -36.75 -11.02
N THR D 351 -1.62 -35.45 -11.02
CA THR D 351 -1.58 -34.67 -9.79
C THR D 351 -2.94 -34.08 -9.43
N PHE D 352 -3.97 -34.38 -10.19
CA PHE D 352 -5.31 -33.87 -9.94
C PHE D 352 -6.21 -34.89 -9.25
N GLN D 353 -5.84 -36.17 -9.25
CA GLN D 353 -6.69 -37.22 -8.70
C GLN D 353 -6.84 -37.14 -7.19
N GLN D 354 -6.25 -36.15 -6.55
CA GLN D 354 -6.40 -35.96 -5.11
C GLN D 354 -7.30 -34.78 -4.75
N MET D 355 -7.74 -34.00 -5.73
CA MET D 355 -8.56 -32.83 -5.47
C MET D 355 -10.01 -33.00 -5.89
N TRP D 356 -10.43 -34.21 -6.27
CA TRP D 356 -11.84 -34.43 -6.51
C TRP D 356 -12.61 -34.30 -5.20
N ILE D 357 -13.84 -33.79 -5.29
CA ILE D 357 -14.75 -33.75 -4.15
C ILE D 357 -15.50 -35.08 -4.15
N THR D 358 -15.09 -35.99 -3.27
CA THR D 358 -15.66 -37.32 -3.26
C THR D 358 -17.06 -37.31 -2.65
N LYS D 359 -17.80 -38.40 -2.88
CA LYS D 359 -19.16 -38.49 -2.36
C LYS D 359 -19.16 -38.45 -0.84
N GLN D 360 -18.24 -39.18 -0.20
CA GLN D 360 -18.19 -39.19 1.25
C GLN D 360 -17.89 -37.80 1.80
N GLU D 361 -17.00 -37.06 1.15
CA GLU D 361 -16.64 -35.74 1.64
C GLU D 361 -17.81 -34.77 1.56
N TYR D 362 -18.73 -34.97 0.60
CA TYR D 362 -19.89 -34.08 0.52
C TYR D 362 -20.90 -34.39 1.61
N ASP D 363 -21.10 -35.68 1.91
CA ASP D 363 -22.06 -36.05 2.94
C ASP D 363 -21.62 -35.51 4.31
N GLU D 364 -20.32 -35.49 4.57
CA GLU D 364 -19.83 -35.05 5.87
C GLU D 364 -19.97 -33.54 6.04
N ALA D 365 -19.75 -32.77 4.97
CA ALA D 365 -19.70 -31.32 5.09
C ALA D 365 -20.93 -30.61 4.54
N GLY D 366 -21.60 -31.18 3.55
CA GLY D 366 -22.73 -30.53 2.95
C GLY D 366 -22.34 -29.74 1.71
N PRO D 367 -23.30 -29.03 1.13
CA PRO D 367 -23.00 -28.27 -0.09
C PRO D 367 -21.97 -27.17 0.11
N SER D 368 -21.66 -26.81 1.35
CA SER D 368 -20.63 -25.81 1.59
C SER D 368 -19.23 -26.30 1.27
N ILE D 369 -19.05 -27.60 1.04
CA ILE D 369 -17.70 -28.12 0.80
C ILE D 369 -17.14 -27.58 -0.51
N VAL D 370 -18.00 -27.28 -1.49
CA VAL D 370 -17.50 -26.85 -2.79
C VAL D 370 -16.86 -25.48 -2.70
N HIS D 371 -17.11 -24.72 -1.64
CA HIS D 371 -16.45 -23.43 -1.46
C HIS D 371 -15.02 -23.58 -0.97
N ARG D 372 -14.71 -24.64 -0.22
CA ARG D 372 -13.38 -24.78 0.35
C ARG D 372 -12.40 -25.42 -0.62
N LYS D 373 -12.77 -26.54 -1.23
CA LYS D 373 -11.84 -27.27 -2.07
C LYS D 373 -11.75 -26.71 -3.48
N CYS D 374 -12.52 -25.67 -3.81
CA CYS D 374 -12.51 -25.09 -5.13
C CYS D 374 -12.25 -23.59 -5.02
N PHE D 375 -11.70 -23.02 -6.09
CA PHE D 375 -11.44 -21.59 -6.16
C PHE D 375 -12.57 -20.91 -6.93
N THR E 5 43.12 -29.21 2.61
CA THR E 5 41.79 -28.80 2.18
C THR E 5 41.71 -27.29 1.96
N THR E 6 40.65 -26.85 1.29
CA THR E 6 40.47 -25.45 0.94
C THR E 6 39.48 -24.80 1.91
N ALA E 7 39.78 -23.55 2.28
CA ALA E 7 38.92 -22.82 3.20
C ALA E 7 37.88 -22.00 2.46
N LEU E 8 36.74 -21.77 3.11
CA LEU E 8 35.69 -20.91 2.62
C LEU E 8 35.62 -19.64 3.45
N VAL E 9 35.35 -18.52 2.78
CA VAL E 9 35.08 -17.25 3.42
C VAL E 9 33.66 -16.86 3.07
N CYS E 10 32.84 -16.62 4.10
CA CYS E 10 31.42 -16.29 3.91
C CYS E 10 31.13 -14.99 4.66
N ASP E 11 31.06 -13.90 3.92
CA ASP E 11 30.78 -12.57 4.49
C ASP E 11 29.27 -12.35 4.40
N ASN E 12 28.55 -12.86 5.40
CA ASN E 12 27.09 -12.75 5.41
C ASN E 12 26.73 -11.34 5.88
N GLY E 13 26.77 -10.41 4.95
CA GLY E 13 26.39 -9.04 5.23
C GLY E 13 24.89 -8.89 5.34
N SER E 14 24.47 -7.67 5.62
CA SER E 14 23.05 -7.40 5.77
C SER E 14 22.34 -7.37 4.42
N GLY E 15 23.00 -6.89 3.38
CA GLY E 15 22.37 -6.75 2.08
C GLY E 15 22.70 -7.85 1.10
N LEU E 16 23.97 -8.19 0.98
CA LEU E 16 24.42 -9.22 0.05
C LEU E 16 25.29 -10.22 0.79
N VAL E 17 25.33 -11.45 0.26
CA VAL E 17 26.13 -12.52 0.81
C VAL E 17 27.26 -12.82 -0.18
N LYS E 18 28.49 -12.76 0.30
CA LYS E 18 29.66 -13.06 -0.51
C LYS E 18 30.28 -14.36 -0.05
N ALA E 19 30.60 -15.25 -0.98
CA ALA E 19 31.17 -16.54 -0.65
C ALA E 19 32.22 -16.91 -1.69
N GLY E 20 33.12 -17.79 -1.31
CA GLY E 20 34.14 -18.27 -2.22
C GLY E 20 35.17 -19.09 -1.49
N PHE E 21 36.19 -19.51 -2.23
CA PHE E 21 37.29 -20.28 -1.68
C PHE E 21 38.44 -19.36 -1.30
N ALA E 22 39.15 -19.73 -0.24
CA ALA E 22 40.31 -18.96 0.19
C ALA E 22 41.43 -19.07 -0.83
N GLY E 23 42.19 -17.98 -0.97
CA GLY E 23 43.23 -17.88 -1.95
C GLY E 23 42.79 -17.34 -3.30
N ASP E 24 41.48 -17.34 -3.56
CA ASP E 24 40.95 -16.79 -4.79
C ASP E 24 40.89 -15.27 -4.68
N ASP E 25 40.84 -14.61 -5.84
CA ASP E 25 40.89 -13.15 -5.85
C ASP E 25 39.53 -12.51 -5.63
N ALA E 26 38.45 -13.14 -6.08
CA ALA E 26 37.12 -12.55 -6.01
C ALA E 26 36.12 -13.60 -5.55
N PRO E 27 35.03 -13.19 -4.92
CA PRO E 27 34.01 -14.16 -4.54
C PRO E 27 33.40 -14.85 -5.75
N ARG E 28 33.18 -16.16 -5.61
CA ARG E 28 32.56 -16.92 -6.69
C ARG E 28 31.06 -16.66 -6.77
N ALA E 29 30.41 -16.53 -5.62
CA ALA E 29 28.96 -16.39 -5.55
C ALA E 29 28.62 -15.13 -4.77
N VAL E 30 27.81 -14.26 -5.37
CA VAL E 30 27.24 -13.10 -4.70
C VAL E 30 25.76 -13.07 -5.04
N PHE E 31 24.91 -13.11 -4.03
CA PHE E 31 23.47 -13.07 -4.22
C PHE E 31 22.84 -12.27 -3.08
N PRO E 32 21.70 -11.62 -3.33
CA PRO E 32 21.05 -10.86 -2.26
C PRO E 32 20.56 -11.76 -1.15
N SER E 33 20.62 -11.25 0.07
CA SER E 33 20.23 -12.00 1.26
C SER E 33 18.74 -11.77 1.52
N ILE E 34 17.91 -12.47 0.77
CA ILE E 34 16.46 -12.32 0.82
C ILE E 34 15.82 -13.70 0.86
N VAL E 35 14.83 -13.87 1.73
CA VAL E 35 14.01 -15.07 1.77
C VAL E 35 12.58 -14.65 1.51
N GLY E 36 11.97 -15.20 0.47
CA GLY E 36 10.66 -14.77 0.02
C GLY E 36 9.66 -15.89 0.02
N ARG E 37 8.40 -15.54 0.27
CA ARG E 37 7.29 -16.49 0.28
C ARG E 37 6.13 -15.91 -0.52
N PRO E 38 5.33 -16.76 -1.15
CA PRO E 38 4.21 -16.27 -1.96
C PRO E 38 3.15 -15.60 -1.10
N ARG E 39 2.51 -14.59 -1.70
CA ARG E 39 1.41 -13.88 -1.04
C ARG E 39 0.11 -13.97 -1.81
N HIS E 40 -0.01 -14.89 -2.76
CA HIS E 40 -1.24 -15.16 -3.49
C HIS E 40 -1.56 -16.65 -3.35
N GLN E 41 -2.55 -17.11 -4.12
CA GLN E 41 -2.92 -18.51 -4.12
C GLN E 41 -2.57 -19.13 -5.46
N GLY E 42 -1.97 -20.32 -5.43
CA GLY E 42 -1.58 -21.00 -6.64
C GLY E 42 -2.72 -21.80 -7.24
N VAL E 43 -3.30 -21.30 -8.33
CA VAL E 43 -4.49 -21.92 -8.91
C VAL E 43 -4.16 -22.99 -9.95
N MET E 44 -2.90 -23.13 -10.34
CA MET E 44 -2.50 -24.13 -11.32
C MET E 44 -1.79 -25.27 -10.60
N VAL E 45 -2.34 -26.47 -10.74
CA VAL E 45 -1.75 -27.66 -10.15
C VAL E 45 -0.86 -28.31 -11.21
N GLY E 46 0.15 -29.05 -10.74
CA GLY E 46 1.12 -29.66 -11.61
C GLY E 46 2.44 -28.93 -11.66
N MET E 47 2.48 -27.66 -11.24
CA MET E 47 3.75 -26.96 -11.15
C MET E 47 4.49 -27.30 -9.87
N GLY E 48 3.76 -27.66 -8.82
CA GLY E 48 4.38 -28.03 -7.56
C GLY E 48 5.16 -26.90 -6.94
N GLN E 49 4.50 -25.75 -6.77
CA GLN E 49 5.19 -24.57 -6.26
C GLN E 49 5.85 -24.85 -4.92
N LYS E 50 7.08 -24.38 -4.78
CA LYS E 50 7.79 -24.53 -3.52
C LYS E 50 7.32 -23.49 -2.51
N ASP E 51 7.84 -23.58 -1.29
CA ASP E 51 7.41 -22.71 -0.20
C ASP E 51 8.21 -21.42 -0.11
N SER E 52 9.54 -21.52 -0.14
CA SER E 52 10.41 -20.37 0.05
C SER E 52 11.41 -20.31 -1.09
N TYR E 53 11.58 -19.13 -1.68
CA TYR E 53 12.63 -18.88 -2.66
C TYR E 53 13.72 -18.05 -2.02
N VAL E 54 14.97 -18.43 -2.24
CA VAL E 54 16.11 -17.79 -1.60
C VAL E 54 17.11 -17.39 -2.67
N GLY E 55 17.55 -16.13 -2.63
CA GLY E 55 18.60 -15.67 -3.51
C GLY E 55 18.09 -15.05 -4.80
N ASP E 56 18.76 -15.38 -5.91
CA ASP E 56 18.36 -14.82 -7.19
C ASP E 56 16.95 -15.24 -7.57
N GLU E 57 16.61 -16.51 -7.34
CA GLU E 57 15.28 -16.98 -7.69
C GLU E 57 14.19 -16.22 -6.95
N ALA E 58 14.52 -15.61 -5.82
CA ALA E 58 13.57 -14.73 -5.15
C ALA E 58 13.45 -13.38 -5.86
N GLN E 59 14.57 -12.87 -6.37
CA GLN E 59 14.52 -11.59 -7.07
C GLN E 59 13.82 -11.71 -8.42
N SER E 60 14.05 -12.82 -9.12
CA SER E 60 13.45 -12.98 -10.45
C SER E 60 11.93 -13.03 -10.39
N LYS E 61 11.38 -13.70 -9.38
CA LYS E 61 9.95 -13.92 -9.29
C LYS E 61 9.29 -13.01 -8.25
N ARG E 62 9.94 -11.91 -7.89
CA ARG E 62 9.49 -11.09 -6.78
C ARG E 62 8.11 -10.47 -7.01
N GLY E 63 7.52 -10.63 -8.19
CA GLY E 63 6.21 -10.05 -8.44
C GLY E 63 5.10 -10.72 -7.67
N ILE E 64 5.33 -11.92 -7.15
CA ILE E 64 4.31 -12.70 -6.45
C ILE E 64 4.78 -13.13 -5.07
N LEU E 65 5.84 -12.51 -4.56
CA LEU E 65 6.43 -12.86 -3.28
C LEU E 65 6.44 -11.67 -2.34
N THR E 66 6.59 -11.95 -1.07
CA THR E 66 6.96 -10.95 -0.08
C THR E 66 8.40 -11.21 0.35
N LEU E 67 9.22 -10.17 0.26
CA LEU E 67 10.66 -10.30 0.47
C LEU E 67 10.99 -9.92 1.90
N LYS E 68 11.78 -10.74 2.57
CA LYS E 68 12.12 -10.53 3.97
C LYS E 68 13.63 -10.68 4.15
N TYR E 69 14.24 -9.72 4.83
CA TYR E 69 15.67 -9.74 5.08
C TYR E 69 15.94 -10.36 6.44
N PRO E 70 16.63 -11.49 6.52
CA PRO E 70 16.90 -12.09 7.83
C PRO E 70 17.94 -11.33 8.64
N ILE E 71 18.98 -10.83 8.01
CA ILE E 71 19.96 -10.00 8.71
C ILE E 71 19.50 -8.56 8.64
N GLU E 72 19.53 -7.87 9.77
CA GLU E 72 19.23 -6.46 9.79
C GLU E 72 20.03 -5.77 10.89
N HIC E 73 20.52 -4.58 10.58
CA HIC E 73 21.48 -3.83 11.39
C HIC E 73 22.57 -4.78 11.90
O HIC E 73 23.04 -4.65 13.06
CB HIC E 73 20.88 -3.07 12.58
CG HIC E 73 19.58 -3.57 13.17
ND1 HIC E 73 18.45 -3.67 12.50
CD2 HIC E 73 19.33 -3.95 14.46
CE1 HIC E 73 17.51 -4.13 13.33
NE2 HIC E 73 18.05 -4.29 14.54
CZ HIC E 73 17.33 -4.78 15.69
N GLY E 74 22.96 -5.71 11.04
CA GLY E 74 24.08 -6.60 11.32
C GLY E 74 23.79 -7.68 12.34
N ILE E 75 22.53 -7.74 12.78
CA ILE E 75 22.09 -8.66 13.82
C ILE E 75 21.07 -9.59 13.19
N ILE E 76 21.33 -10.90 13.28
CA ILE E 76 20.41 -11.87 12.70
C ILE E 76 19.14 -11.93 13.54
N THR E 77 17.99 -11.80 12.88
CA THR E 77 16.70 -11.76 13.56
C THR E 77 15.87 -13.01 13.35
N ASN E 78 15.85 -13.55 12.14
CA ASN E 78 15.08 -14.74 11.82
C ASN E 78 16.08 -15.87 11.57
N TRP E 79 16.25 -16.74 12.56
CA TRP E 79 17.29 -17.76 12.47
C TRP E 79 16.94 -18.85 11.46
N ASP E 80 15.66 -19.17 11.30
CA ASP E 80 15.30 -20.17 10.29
C ASP E 80 15.64 -19.68 8.89
N ASP E 81 15.35 -18.41 8.60
CA ASP E 81 15.66 -17.87 7.29
C ASP E 81 17.17 -17.83 7.06
N MET E 82 17.94 -17.47 8.10
CA MET E 82 19.39 -17.52 7.98
C MET E 82 19.87 -18.94 7.72
N GLU E 83 19.26 -19.91 8.39
CA GLU E 83 19.62 -21.30 8.14
C GLU E 83 19.38 -21.66 6.68
N LYS E 84 18.24 -21.23 6.13
CA LYS E 84 17.95 -21.51 4.73
C LYS E 84 18.98 -20.86 3.81
N ILE E 85 19.36 -19.61 4.10
CA ILE E 85 20.32 -18.92 3.25
C ILE E 85 21.67 -19.62 3.29
N TRP E 86 22.13 -20.02 4.48
CA TRP E 86 23.40 -20.74 4.57
C TRP E 86 23.34 -22.07 3.83
N HIS E 87 22.22 -22.77 3.95
CA HIS E 87 22.08 -24.04 3.24
C HIS E 87 22.20 -23.82 1.72
N HIS E 88 21.52 -22.78 1.22
CA HIS E 88 21.61 -22.48 -0.20
C HIS E 88 23.04 -22.13 -0.59
N THR E 89 23.71 -21.31 0.22
CA THR E 89 25.08 -20.90 -0.10
C THR E 89 26.01 -22.09 -0.19
N PHE E 90 25.92 -23.00 0.79
CA PHE E 90 26.80 -24.16 0.78
C PHE E 90 26.50 -25.10 -0.37
N TYR E 91 25.22 -25.34 -0.68
CA TYR E 91 24.91 -26.43 -1.61
C TYR E 91 24.67 -25.98 -3.04
N ASN E 92 23.80 -25.00 -3.27
CA ASN E 92 23.41 -24.67 -4.63
C ASN E 92 24.33 -23.64 -5.28
N GLU E 93 25.06 -22.84 -4.50
CA GLU E 93 25.89 -21.78 -5.06
C GLU E 93 27.37 -22.13 -5.11
N LEU E 94 27.87 -22.88 -4.12
CA LEU E 94 29.26 -23.29 -4.10
C LEU E 94 29.47 -24.76 -4.46
N ARG E 95 28.42 -25.57 -4.38
CA ARG E 95 28.49 -26.99 -4.73
C ARG E 95 29.58 -27.71 -3.95
N VAL E 96 29.66 -27.43 -2.66
CA VAL E 96 30.65 -28.04 -1.80
C VAL E 96 29.96 -28.63 -0.58
N ALA E 97 30.66 -29.59 0.05
CA ALA E 97 30.16 -30.21 1.26
C ALA E 97 30.75 -29.47 2.46
N PRO E 98 29.93 -28.87 3.31
CA PRO E 98 30.49 -28.07 4.42
C PRO E 98 31.28 -28.88 5.41
N GLU E 99 31.04 -30.19 5.49
CA GLU E 99 31.70 -31.01 6.50
C GLU E 99 33.17 -31.26 6.23
N GLU E 100 33.67 -30.89 5.05
CA GLU E 100 35.05 -31.18 4.67
C GLU E 100 35.92 -29.95 4.54
N HIS E 101 35.39 -28.75 4.80
CA HIS E 101 36.12 -27.53 4.51
C HIS E 101 36.08 -26.59 5.71
N PRO E 102 37.19 -25.97 6.07
CA PRO E 102 37.14 -24.89 7.08
C PRO E 102 36.40 -23.68 6.54
N THR E 103 35.71 -22.97 7.44
CA THR E 103 34.89 -21.83 7.07
C THR E 103 35.24 -20.64 7.95
N LEU E 104 35.18 -19.44 7.37
CA LEU E 104 35.43 -18.20 8.08
C LEU E 104 34.23 -17.29 7.94
N LEU E 105 33.77 -16.75 9.05
CA LEU E 105 32.61 -15.88 9.10
C LEU E 105 33.02 -14.50 9.62
N THR E 106 32.27 -13.48 9.19
CA THR E 106 32.58 -12.11 9.54
C THR E 106 31.43 -11.51 10.33
N GLU E 107 31.75 -10.53 11.17
CA GLU E 107 30.76 -9.90 12.05
C GLU E 107 31.15 -8.45 12.29
N ALA E 108 30.14 -7.62 12.51
CA ALA E 108 30.37 -6.22 12.83
C ALA E 108 30.82 -6.08 14.29
N PRO E 109 31.59 -5.04 14.60
CA PRO E 109 31.97 -4.81 16.00
C PRO E 109 30.77 -4.38 16.84
N LEU E 110 30.88 -4.64 18.14
CA LEU E 110 29.89 -4.21 19.13
C LEU E 110 28.52 -4.86 18.93
N ASN E 111 28.48 -6.05 18.33
CA ASN E 111 27.22 -6.76 18.26
C ASN E 111 26.91 -7.44 19.59
N PRO E 112 25.65 -7.75 19.84
CA PRO E 112 25.31 -8.57 21.01
C PRO E 112 26.04 -9.90 20.96
N LYS E 113 26.50 -10.35 22.12
CA LYS E 113 27.32 -11.55 22.16
C LYS E 113 26.53 -12.80 21.78
N ALA E 114 25.23 -12.81 22.05
CA ALA E 114 24.43 -13.97 21.69
C ALA E 114 24.35 -14.16 20.18
N ASN E 115 24.67 -13.13 19.40
CA ASN E 115 24.61 -13.26 17.95
C ASN E 115 25.63 -14.25 17.44
N ARG E 116 26.89 -14.12 17.87
CA ARG E 116 27.93 -15.02 17.38
C ARG E 116 27.84 -16.39 18.02
N GLU E 117 27.26 -16.48 19.23
CA GLU E 117 27.06 -17.77 19.86
C GLU E 117 26.22 -18.69 18.98
N LYS E 118 25.08 -18.19 18.51
CA LYS E 118 24.21 -19.02 17.70
C LYS E 118 24.83 -19.32 16.35
N MET E 119 25.62 -18.40 15.80
CA MET E 119 26.36 -18.71 14.58
C MET E 119 27.29 -19.89 14.80
N THR E 120 28.07 -19.85 15.88
CA THR E 120 28.97 -20.96 16.17
C THR E 120 28.21 -22.26 16.33
N GLN E 121 27.09 -22.21 17.08
CA GLN E 121 26.34 -23.43 17.32
C GLN E 121 25.75 -23.98 16.04
N ILE E 122 25.21 -23.13 15.17
CA ILE E 122 24.63 -23.61 13.92
C ILE E 122 25.70 -24.24 13.05
N MET E 123 26.86 -23.60 12.93
CA MET E 123 27.91 -24.18 12.11
C MET E 123 28.40 -25.50 12.67
N PHE E 124 28.49 -25.62 14.00
CA PHE E 124 29.06 -26.82 14.59
C PHE E 124 28.05 -27.92 14.83
N GLU E 125 26.76 -27.68 14.64
CA GLU E 125 25.76 -28.73 14.80
C GLU E 125 25.00 -29.03 13.51
N THR E 126 24.43 -28.01 12.87
CA THR E 126 23.63 -28.24 11.67
C THR E 126 24.50 -28.63 10.49
N PHE E 127 25.59 -27.91 10.26
CA PHE E 127 26.47 -28.19 9.13
C PHE E 127 27.66 -29.06 9.48
N ASN E 128 28.01 -29.17 10.77
CA ASN E 128 29.13 -30.01 11.22
C ASN E 128 30.43 -29.62 10.52
N VAL E 129 30.71 -28.33 10.49
CA VAL E 129 31.96 -27.87 9.84
C VAL E 129 33.15 -28.34 10.66
N PRO E 130 34.26 -28.74 10.03
CA PRO E 130 35.45 -29.12 10.81
C PRO E 130 36.01 -28.00 11.67
N ALA E 131 35.96 -26.76 11.18
CA ALA E 131 36.52 -25.65 11.92
C ALA E 131 35.86 -24.36 11.46
N MET E 132 35.93 -23.34 12.30
CA MET E 132 35.33 -22.05 11.97
C MET E 132 36.01 -20.96 12.80
N TYR E 133 35.82 -19.72 12.36
CA TYR E 133 36.40 -18.56 13.03
C TYR E 133 35.58 -17.32 12.67
N VAL E 134 35.49 -16.40 13.62
CA VAL E 134 34.72 -15.17 13.44
C VAL E 134 35.67 -14.00 13.56
N ALA E 135 35.73 -13.16 12.53
CA ALA E 135 36.56 -11.98 12.53
C ALA E 135 35.69 -10.74 12.39
N ILE E 136 36.22 -9.60 12.80
CA ILE E 136 35.51 -8.35 12.64
C ILE E 136 35.74 -7.81 11.24
N GLN E 137 34.66 -7.38 10.59
CA GLN E 137 34.71 -6.97 9.20
C GLN E 137 35.72 -5.84 8.99
N ALA E 138 35.80 -4.92 9.95
CA ALA E 138 36.69 -3.77 9.78
C ALA E 138 38.15 -4.19 9.68
N VAL E 139 38.56 -5.18 10.49
CA VAL E 139 39.95 -5.64 10.43
C VAL E 139 40.24 -6.28 9.08
N LEU E 140 39.34 -7.11 8.59
CA LEU E 140 39.57 -7.76 7.30
C LEU E 140 39.67 -6.74 6.17
N SER E 141 38.99 -5.60 6.30
CA SER E 141 39.10 -4.57 5.29
C SER E 141 40.53 -4.06 5.18
N LEU E 142 41.24 -4.02 6.30
CA LEU E 142 42.63 -3.55 6.27
C LEU E 142 43.56 -4.59 5.68
N TYR E 143 43.24 -5.88 5.83
CA TYR E 143 44.08 -6.92 5.25
C TYR E 143 44.11 -6.82 3.74
N ALA E 144 42.95 -6.58 3.11
CA ALA E 144 42.89 -6.48 1.66
C ALA E 144 43.63 -5.26 1.13
N SER E 145 43.79 -4.22 1.95
CA SER E 145 44.49 -3.02 1.52
C SER E 145 46.00 -3.15 1.59
N GLY E 146 46.51 -4.25 2.15
CA GLY E 146 47.94 -4.40 2.28
C GLY E 146 48.57 -3.38 3.20
N ARG E 147 47.85 -2.96 4.24
CA ARG E 147 48.32 -1.98 5.17
C ARG E 147 48.22 -2.54 6.57
N THR E 148 49.09 -2.05 7.46
CA THR E 148 49.06 -2.46 8.85
C THR E 148 48.86 -1.29 9.78
N THR E 149 48.44 -0.14 9.27
CA THR E 149 48.13 1.01 10.09
C THR E 149 47.17 1.93 9.36
N GLY E 150 46.06 2.24 9.99
CA GLY E 150 45.07 3.12 9.42
C GLY E 150 43.72 2.92 10.09
N ILE E 151 42.82 3.86 9.83
CA ILE E 151 41.46 3.81 10.35
C ILE E 151 40.53 3.42 9.21
N VAL E 152 39.67 2.44 9.47
CA VAL E 152 38.77 1.91 8.46
C VAL E 152 37.37 2.43 8.73
N LEU E 153 36.69 2.84 7.68
CA LEU E 153 35.28 3.23 7.73
C LEU E 153 34.52 2.26 6.85
N ASP E 154 33.89 1.27 7.47
CA ASP E 154 33.11 0.27 6.75
C ASP E 154 31.64 0.67 6.81
N SER E 155 31.01 0.75 5.64
CA SER E 155 29.61 1.14 5.55
C SER E 155 28.94 0.25 4.52
N GLY E 156 28.11 -0.67 4.99
CA GLY E 156 27.40 -1.57 4.10
C GLY E 156 25.92 -1.27 4.02
N ASP E 157 25.10 -2.31 4.15
CA ASP E 157 23.66 -2.14 4.08
C ASP E 157 23.04 -1.88 5.44
N GLY E 158 23.60 -2.44 6.50
CA GLY E 158 23.02 -2.25 7.82
C GLY E 158 23.79 -1.38 8.78
N VAL E 159 25.12 -1.50 8.79
CA VAL E 159 25.95 -0.95 9.85
C VAL E 159 27.10 -0.15 9.24
N THR E 160 27.35 1.03 9.79
CA THR E 160 28.52 1.84 9.48
C THR E 160 29.37 1.95 10.74
N HIS E 161 30.58 1.40 10.70
CA HIS E 161 31.42 1.38 11.88
C HIS E 161 32.85 1.77 11.55
N ASN E 162 33.55 2.30 12.57
CA ASN E 162 34.95 2.69 12.48
C ASN E 162 35.77 1.87 13.46
N VAL E 163 36.96 1.47 13.04
CA VAL E 163 37.88 0.73 13.91
C VAL E 163 39.30 1.23 13.67
N PRO E 164 39.93 1.87 14.64
CA PRO E 164 41.30 2.36 14.44
C PRO E 164 42.35 1.31 14.79
N ILE E 165 43.28 1.07 13.87
CA ILE E 165 44.35 0.11 14.09
C ILE E 165 45.67 0.80 13.79
N TYR E 166 46.61 0.71 14.72
CA TYR E 166 47.96 1.26 14.53
C TYR E 166 48.97 0.15 14.74
N GLU E 167 49.78 -0.12 13.73
CA GLU E 167 50.84 -1.13 13.81
C GLU E 167 50.29 -2.46 14.31
N GLY E 168 49.12 -2.85 13.79
CA GLY E 168 48.53 -4.11 14.18
C GLY E 168 47.95 -4.13 15.57
N TYR E 169 47.84 -2.98 16.22
CA TYR E 169 47.31 -2.87 17.57
C TYR E 169 46.01 -2.09 17.50
N ALA E 170 44.91 -2.75 17.80
CA ALA E 170 43.62 -2.08 17.80
C ALA E 170 43.39 -1.38 19.12
N LEU E 171 42.61 -0.30 19.08
CA LEU E 171 42.21 0.40 20.29
C LEU E 171 40.71 0.21 20.46
N PRO E 172 40.27 -0.77 21.25
CA PRO E 172 38.83 -1.05 21.34
C PRO E 172 38.02 0.13 21.83
N HIS E 173 38.58 0.97 22.71
CA HIS E 173 37.78 2.04 23.27
C HIS E 173 37.45 3.13 22.27
N ALA E 174 38.11 3.16 21.11
CA ALA E 174 37.83 4.16 20.09
C ALA E 174 36.96 3.62 18.97
N ILE E 175 36.40 2.43 19.13
CA ILE E 175 35.53 1.87 18.10
C ILE E 175 34.21 2.63 18.08
N MET E 176 33.78 3.03 16.89
CA MET E 176 32.49 3.67 16.69
C MET E 176 31.59 2.78 15.86
N ARG E 177 30.32 2.73 16.23
CA ARG E 177 29.31 1.98 15.49
C ARG E 177 28.10 2.88 15.29
N LEU E 178 27.58 2.89 14.07
CA LEU E 178 26.44 3.73 13.73
C LEU E 178 25.49 2.94 12.85
N ASP E 179 24.24 2.83 13.26
CA ASP E 179 23.23 2.08 12.50
C ASP E 179 22.54 3.01 11.51
N LEU E 180 23.32 3.39 10.49
CA LEU E 180 22.85 4.29 9.43
C LEU E 180 23.57 3.85 8.16
N ALA E 181 22.85 3.16 7.29
CA ALA E 181 23.52 2.51 6.16
C ALA E 181 22.55 2.44 4.98
N GLY E 182 22.86 1.55 4.04
CA GLY E 182 22.19 1.58 2.75
C GLY E 182 20.68 1.40 2.84
N ARG E 183 20.23 0.52 3.73
CA ARG E 183 18.79 0.30 3.85
C ARG E 183 18.08 1.58 4.29
N ASP E 184 18.71 2.32 5.21
CA ASP E 184 18.13 3.59 5.64
C ASP E 184 18.06 4.58 4.47
N LEU E 185 19.10 4.61 3.64
CA LEU E 185 19.07 5.49 2.48
C LEU E 185 17.98 5.09 1.49
N THR E 186 17.78 3.79 1.29
CA THR E 186 16.70 3.35 0.42
C THR E 186 15.35 3.76 0.97
N ASP E 187 15.14 3.60 2.27
CA ASP E 187 13.86 4.00 2.86
C ASP E 187 13.66 5.51 2.75
N TYR E 188 14.72 6.30 2.99
CA TYR E 188 14.57 7.74 2.88
C TYR E 188 14.30 8.16 1.44
N LEU E 189 14.93 7.49 0.47
CA LEU E 189 14.62 7.78 -0.93
C LEU E 189 13.18 7.43 -1.26
N MET E 190 12.67 6.34 -0.71
CA MET E 190 11.25 6.02 -0.87
C MET E 190 10.38 7.13 -0.31
N LYS E 191 10.72 7.62 0.88
CA LYS E 191 9.89 8.64 1.52
C LYS E 191 9.95 9.96 0.75
N ILE E 192 11.08 10.24 0.10
CA ILE E 192 11.18 11.49 -0.64
C ILE E 192 10.53 11.37 -2.03
N LEU E 193 10.58 10.18 -2.65
CA LEU E 193 10.05 10.04 -4.00
C LEU E 193 8.57 10.32 -4.08
N THR E 194 7.86 10.32 -2.95
CA THR E 194 6.45 10.67 -2.97
C THR E 194 6.25 12.15 -3.25
N GLU E 195 7.30 12.96 -3.21
CA GLU E 195 7.14 14.38 -3.51
C GLU E 195 6.83 14.61 -4.98
N ARG E 196 7.36 13.79 -5.87
CA ARG E 196 7.08 13.89 -7.29
C ARG E 196 5.91 13.04 -7.74
N GLY E 197 5.25 12.35 -6.81
CA GLY E 197 4.06 11.58 -7.12
C GLY E 197 4.30 10.09 -7.24
N TYR E 198 5.54 9.66 -7.40
CA TYR E 198 5.83 8.24 -7.49
C TYR E 198 5.59 7.58 -6.14
N SER E 199 4.90 6.45 -6.14
CA SER E 199 4.54 5.73 -4.93
C SER E 199 5.13 4.33 -4.96
N PHE E 200 5.87 3.98 -3.92
CA PHE E 200 6.42 2.65 -3.74
C PHE E 200 6.16 2.21 -2.31
N VAL E 201 5.44 1.10 -2.15
CA VAL E 201 5.10 0.61 -0.82
C VAL E 201 5.39 -0.87 -0.62
N THR E 202 5.41 -1.70 -1.66
CA THR E 202 5.59 -3.13 -1.47
C THR E 202 7.07 -3.48 -1.40
N THR E 203 7.35 -4.70 -0.90
CA THR E 203 8.73 -5.15 -0.79
C THR E 203 9.37 -5.29 -2.17
N ALA E 204 8.60 -5.76 -3.15
CA ALA E 204 9.11 -5.83 -4.51
C ALA E 204 9.47 -4.44 -5.03
N GLU E 205 8.68 -3.43 -4.65
CA GLU E 205 8.98 -2.06 -5.06
C GLU E 205 10.08 -1.44 -4.23
N ARG E 206 10.47 -2.06 -3.11
CA ARG E 206 11.66 -1.60 -2.40
C ARG E 206 12.92 -1.86 -3.23
N GLU E 207 12.98 -3.02 -3.88
CA GLU E 207 14.17 -3.36 -4.66
C GLU E 207 14.35 -2.45 -5.87
N ILE E 208 13.27 -1.93 -6.43
CA ILE E 208 13.41 -0.99 -7.54
C ILE E 208 14.01 0.32 -7.06
N VAL E 209 13.59 0.79 -5.89
CA VAL E 209 14.17 2.01 -5.33
C VAL E 209 15.65 1.80 -5.04
N ARG E 210 16.02 0.60 -4.58
CA ARG E 210 17.43 0.32 -4.37
C ARG E 210 18.20 0.41 -5.68
N ASP E 211 17.63 -0.12 -6.76
CA ASP E 211 18.31 -0.08 -8.04
C ASP E 211 18.48 1.35 -8.55
N ILE E 212 17.44 2.18 -8.42
CA ILE E 212 17.56 3.56 -8.89
C ILE E 212 18.55 4.32 -8.03
N LYS E 213 18.58 4.04 -6.72
CA LYS E 213 19.59 4.67 -5.87
C LYS E 213 20.99 4.28 -6.28
N GLU E 214 21.20 3.01 -6.62
CA GLU E 214 22.51 2.57 -7.07
C GLU E 214 22.90 3.24 -8.38
N LYS E 215 21.94 3.37 -9.30
CA LYS E 215 22.27 3.80 -10.66
C LYS E 215 22.16 5.30 -10.90
N LEU E 216 21.69 6.09 -9.92
CA LEU E 216 21.54 7.51 -10.19
C LEU E 216 22.06 8.45 -9.11
N CYS E 217 22.31 7.99 -7.89
CA CYS E 217 22.64 8.89 -6.79
C CYS E 217 24.13 9.19 -6.74
N TYR E 218 24.46 10.39 -6.28
CA TYR E 218 25.84 10.83 -6.15
C TYR E 218 25.95 11.79 -4.97
N VAL E 219 27.13 11.86 -4.39
CA VAL E 219 27.36 12.70 -3.21
C VAL E 219 27.88 14.06 -3.66
N ALA E 220 27.20 15.12 -3.22
CA ALA E 220 27.53 16.46 -3.66
C ALA E 220 28.72 17.00 -2.89
N LEU E 221 29.59 17.74 -3.59
CA LEU E 221 30.74 18.33 -2.92
C LEU E 221 30.32 19.43 -1.95
N ASP E 222 29.47 20.34 -2.41
CA ASP E 222 28.92 21.39 -1.55
C ASP E 222 27.40 21.31 -1.64
N PHE E 223 26.76 20.98 -0.53
CA PHE E 223 25.33 20.68 -0.56
C PHE E 223 24.52 21.90 -0.96
N GLU E 224 24.79 23.05 -0.34
CA GLU E 224 23.97 24.23 -0.60
C GLU E 224 24.13 24.73 -2.03
N ASN E 225 25.35 24.71 -2.57
CA ASN E 225 25.54 25.09 -3.96
C ASN E 225 24.85 24.09 -4.89
N GLU E 226 24.83 22.82 -4.50
CA GLU E 226 24.17 21.82 -5.34
C GLU E 226 22.66 22.03 -5.36
N MET E 227 22.06 22.39 -4.23
CA MET E 227 20.62 22.64 -4.23
C MET E 227 20.26 23.79 -5.15
N ALA E 228 21.02 24.89 -5.11
CA ALA E 228 20.69 26.04 -5.95
C ALA E 228 20.77 25.67 -7.43
N THR E 229 21.78 24.89 -7.81
CA THR E 229 21.89 24.46 -9.20
C THR E 229 20.70 23.61 -9.62
N ALA E 230 20.25 22.72 -8.74
CA ALA E 230 19.12 21.85 -9.07
C ALA E 230 17.84 22.67 -9.26
N ALA E 231 17.61 23.67 -8.43
CA ALA E 231 16.42 24.50 -8.56
C ALA E 231 16.52 25.50 -9.71
N SER E 232 17.73 25.87 -10.13
CA SER E 232 17.87 26.89 -11.16
C SER E 232 17.55 26.33 -12.55
N SER E 233 17.93 25.09 -12.82
CA SER E 233 17.83 24.53 -14.16
C SER E 233 17.38 23.07 -14.06
N SER E 234 17.50 22.36 -15.18
CA SER E 234 17.16 20.95 -15.26
C SER E 234 18.37 20.10 -15.62
N SER E 235 19.59 20.57 -15.31
CA SER E 235 20.79 19.86 -15.73
C SER E 235 20.97 18.55 -14.98
N LEU E 236 20.59 18.51 -13.70
CA LEU E 236 20.78 17.31 -12.90
C LEU E 236 19.65 16.30 -13.04
N GLU E 237 18.57 16.65 -13.75
CA GLU E 237 17.46 15.72 -13.91
C GLU E 237 17.86 14.57 -14.82
N LYS E 238 17.59 13.34 -14.38
CA LYS E 238 17.87 12.15 -15.16
C LYS E 238 16.63 11.27 -15.19
N SER E 239 16.60 10.34 -16.14
CA SER E 239 15.45 9.48 -16.36
C SER E 239 15.79 8.04 -16.02
N TYR E 240 14.82 7.33 -15.45
CA TYR E 240 14.93 5.91 -15.15
C TYR E 240 13.70 5.21 -15.69
N GLU E 241 13.89 4.03 -16.27
CA GLU E 241 12.80 3.26 -16.86
C GLU E 241 12.35 2.17 -15.88
N LEU E 242 11.10 2.25 -15.45
CA LEU E 242 10.56 1.26 -14.54
C LEU E 242 10.36 -0.07 -15.27
N PRO E 243 10.31 -1.19 -14.54
CA PRO E 243 10.23 -2.49 -15.21
C PRO E 243 9.00 -2.69 -16.06
N ASP E 244 7.94 -1.90 -15.88
CA ASP E 244 6.73 -2.05 -16.67
C ASP E 244 6.72 -1.18 -17.92
N GLY E 245 7.78 -0.41 -18.17
CA GLY E 245 7.85 0.48 -19.30
C GLY E 245 7.62 1.94 -18.98
N GLN E 246 7.00 2.23 -17.84
CA GLN E 246 6.82 3.61 -17.42
C GLN E 246 8.15 4.23 -17.02
N VAL E 247 8.30 5.52 -17.30
CA VAL E 247 9.55 6.24 -17.08
C VAL E 247 9.34 7.29 -16.01
N ILE E 248 10.35 7.47 -15.16
CA ILE E 248 10.32 8.47 -14.09
C ILE E 248 11.55 9.36 -14.22
N THR E 249 11.43 10.57 -13.67
CA THR E 249 12.52 11.53 -13.66
C THR E 249 12.67 12.09 -12.25
N ILE E 250 13.90 12.11 -11.74
CA ILE E 250 14.18 12.62 -10.41
C ILE E 250 15.15 13.78 -10.52
N GLY E 251 15.01 14.74 -9.60
CA GLY E 251 15.81 15.94 -9.64
C GLY E 251 16.87 16.00 -8.55
N ASN E 252 16.68 16.89 -7.57
CA ASN E 252 17.68 17.04 -6.52
C ASN E 252 17.76 15.81 -5.62
N GLU E 253 16.81 14.88 -5.74
CA GLU E 253 16.83 13.68 -4.91
C GLU E 253 18.05 12.82 -5.19
N ARG E 254 18.75 13.06 -6.30
CA ARG E 254 19.95 12.29 -6.60
C ARG E 254 21.00 12.47 -5.51
N PHE E 255 21.21 13.71 -5.05
CA PHE E 255 22.20 13.98 -4.04
C PHE E 255 21.63 14.29 -2.68
N ARG E 256 20.32 14.38 -2.53
CA ARG E 256 19.74 14.56 -1.21
C ARG E 256 19.74 13.26 -0.42
N CYS E 257 19.42 12.14 -1.07
CA CYS E 257 19.40 10.86 -0.37
C CYS E 257 20.74 10.49 0.24
N PRO E 258 21.87 10.52 -0.49
CA PRO E 258 23.15 10.19 0.16
C PRO E 258 23.61 11.23 1.16
N GLU E 259 23.01 12.42 1.18
CA GLU E 259 23.40 13.43 2.14
C GLU E 259 23.07 13.03 3.57
N THR E 260 22.18 12.04 3.74
CA THR E 260 21.84 11.57 5.08
C THR E 260 23.07 11.04 5.82
N LEU E 261 24.02 10.46 5.09
CA LEU E 261 25.23 9.93 5.72
C LEU E 261 25.96 11.02 6.49
N PHE E 262 25.94 12.25 5.98
CA PHE E 262 26.63 13.36 6.63
C PHE E 262 25.72 14.15 7.56
N GLN E 263 24.41 14.06 7.38
CA GLN E 263 23.43 14.75 8.22
C GLN E 263 22.37 13.74 8.63
N PRO E 264 22.61 12.99 9.70
CA PRO E 264 21.64 11.98 10.13
C PRO E 264 20.32 12.57 10.61
N SER E 265 20.26 13.87 10.87
CA SER E 265 19.00 14.45 11.34
C SER E 265 17.91 14.42 10.28
N PHE E 266 18.26 14.11 9.03
CA PHE E 266 17.23 14.01 7.99
C PHE E 266 16.25 12.90 8.31
N ILE E 267 16.74 11.75 8.77
CA ILE E 267 15.89 10.61 9.07
C ILE E 267 15.55 10.55 10.56
N GLY E 268 15.71 11.67 11.28
CA GLY E 268 15.33 11.74 12.68
C GLY E 268 16.36 11.23 13.66
N MET E 269 17.49 10.75 13.19
CA MET E 269 18.52 10.24 14.08
C MET E 269 19.32 11.39 14.67
N GLU E 270 19.77 11.23 15.91
CA GLU E 270 20.44 12.30 16.63
C GLU E 270 21.96 12.31 16.43
N SER E 271 22.56 11.15 16.19
CA SER E 271 24.01 11.05 16.12
C SER E 271 24.56 11.91 14.97
N ALA E 272 25.89 12.04 14.94
CA ALA E 272 26.56 12.86 13.96
C ALA E 272 26.79 12.09 12.67
N GLY E 273 27.18 12.82 11.63
CA GLY E 273 27.45 12.20 10.35
C GLY E 273 28.68 11.32 10.39
N ILE E 274 28.94 10.64 9.28
CA ILE E 274 30.06 9.70 9.25
C ILE E 274 31.39 10.44 9.41
N HIS E 275 31.50 11.63 8.81
CA HIS E 275 32.76 12.36 8.87
C HIS E 275 33.11 12.74 10.31
N GLU E 276 32.12 13.24 11.05
CA GLU E 276 32.39 13.65 12.43
C GLU E 276 32.67 12.45 13.31
N THR E 277 31.99 11.33 13.05
CA THR E 277 32.28 10.11 13.79
C THR E 277 33.70 9.62 13.52
N THR E 278 34.14 9.66 12.26
CA THR E 278 35.51 9.27 11.95
C THR E 278 36.52 10.18 12.65
N TYR E 279 36.28 11.49 12.59
CA TYR E 279 37.19 12.41 13.26
C TYR E 279 37.23 12.16 14.76
N ASN E 280 36.07 11.92 15.37
CA ASN E 280 36.00 11.68 16.81
C ASN E 280 36.72 10.39 17.18
N SER E 281 36.58 9.35 16.36
CA SER E 281 37.21 8.07 16.68
C SER E 281 38.74 8.18 16.66
N ILE E 282 39.29 8.93 15.70
CA ILE E 282 40.73 9.17 15.71
C ILE E 282 41.14 9.93 16.97
N MET E 283 40.36 10.94 17.35
CA MET E 283 40.74 11.81 18.45
C MET E 283 40.63 11.12 19.81
N LYS E 284 40.04 9.93 19.87
CA LYS E 284 40.04 9.16 21.10
C LYS E 284 41.29 8.30 21.27
N CYS E 285 42.18 8.29 20.28
CA CYS E 285 43.41 7.52 20.34
C CYS E 285 44.54 8.36 20.94
N ASP E 286 45.71 7.74 21.12
CA ASP E 286 46.87 8.45 21.61
C ASP E 286 47.34 9.49 20.60
N ILE E 287 47.87 10.61 21.10
CA ILE E 287 48.20 11.71 20.21
C ILE E 287 49.40 11.41 19.32
N ASP E 288 50.15 10.36 19.62
CA ASP E 288 51.33 10.04 18.83
C ASP E 288 51.03 9.19 17.60
N ILE E 289 49.79 8.73 17.43
CA ILE E 289 49.42 7.96 16.26
C ILE E 289 48.39 8.65 15.39
N ARG E 290 48.00 9.89 15.74
CA ARG E 290 46.97 10.57 14.96
C ARG E 290 47.47 10.91 13.55
N LYS E 291 48.77 11.14 13.37
CA LYS E 291 49.28 11.47 12.05
C LYS E 291 49.10 10.30 11.10
N ASP E 292 49.46 9.09 11.53
CA ASP E 292 49.27 7.92 10.69
C ASP E 292 47.80 7.70 10.38
N LEU E 293 46.93 7.88 11.38
CA LEU E 293 45.50 7.65 11.14
C LEU E 293 44.94 8.66 10.15
N TYR E 294 45.32 9.94 10.26
CA TYR E 294 44.93 10.88 9.21
C TYR E 294 45.47 10.47 7.86
N ALA E 295 46.65 9.87 7.82
CA ALA E 295 47.27 9.58 6.53
C ALA E 295 46.80 8.27 5.91
N ASN E 296 46.01 7.46 6.61
CA ASN E 296 45.65 6.14 6.09
C ASN E 296 44.17 5.83 6.30
N ASN E 297 43.29 6.76 5.94
CA ASN E 297 41.87 6.47 5.96
C ASN E 297 41.53 5.45 4.88
N VAL E 298 40.92 4.34 5.27
CA VAL E 298 40.51 3.29 4.34
C VAL E 298 38.99 3.17 4.40
N MET E 299 38.35 3.18 3.24
CA MET E 299 36.90 3.03 3.17
C MET E 299 36.54 1.74 2.45
N SER E 300 35.45 1.12 2.87
CA SER E 300 35.00 -0.11 2.25
C SER E 300 33.51 -0.25 2.47
N GLY E 301 32.90 -1.13 1.69
CA GLY E 301 31.48 -1.39 1.79
C GLY E 301 30.72 -0.79 0.61
N GLY E 302 29.50 -1.28 0.43
CA GLY E 302 28.71 -0.84 -0.71
C GLY E 302 28.30 0.61 -0.64
N THR E 303 27.95 1.10 0.56
CA THR E 303 27.52 2.47 0.70
C THR E 303 28.64 3.46 0.43
N THR E 304 29.85 2.97 0.17
CA THR E 304 30.98 3.81 -0.19
C THR E 304 31.15 3.99 -1.70
N MET E 305 30.36 3.31 -2.51
CA MET E 305 30.59 3.33 -3.95
C MET E 305 29.94 4.51 -4.66
N TYR E 306 29.31 5.42 -3.92
CA TYR E 306 28.69 6.57 -4.57
C TYR E 306 29.77 7.39 -5.27
N PRO E 307 29.50 7.91 -6.47
CA PRO E 307 30.51 8.72 -7.14
C PRO E 307 30.79 9.99 -6.36
N GLY E 308 32.08 10.28 -6.15
CA GLY E 308 32.47 11.49 -5.49
C GLY E 308 32.26 11.52 -3.99
N ILE E 309 32.19 10.37 -3.34
CA ILE E 309 32.06 10.37 -1.89
C ILE E 309 33.42 10.57 -1.22
N ALA E 310 34.49 10.09 -1.84
CA ALA E 310 35.81 10.23 -1.25
C ALA E 310 36.25 11.69 -1.19
N ASP E 311 35.95 12.46 -2.24
CA ASP E 311 36.29 13.88 -2.23
C ASP E 311 35.55 14.62 -1.13
N ARG E 312 34.27 14.29 -0.93
CA ARG E 312 33.51 14.92 0.15
C ARG E 312 34.09 14.53 1.51
N MET E 313 34.48 13.26 1.67
CA MET E 313 35.13 12.84 2.91
C MET E 313 36.40 13.62 3.17
N GLN E 314 37.23 13.78 2.14
CA GLN E 314 38.49 14.50 2.31
C GLN E 314 38.23 15.95 2.68
N LYS E 315 37.29 16.60 1.98
CA LYS E 315 36.97 17.99 2.28
C LYS E 315 36.44 18.14 3.70
N GLU E 316 35.64 17.18 4.15
CA GLU E 316 35.03 17.30 5.47
C GLU E 316 36.05 17.08 6.58
N ILE E 317 36.90 16.06 6.44
CA ILE E 317 37.86 15.80 7.50
C ILE E 317 38.93 16.90 7.53
N THR E 318 39.40 17.36 6.37
CA THR E 318 40.46 18.38 6.39
C THR E 318 39.97 19.66 7.05
N ALA E 319 38.67 19.93 7.00
CA ALA E 319 38.12 21.09 7.68
C ALA E 319 38.08 20.91 9.18
N LEU E 320 38.22 19.69 9.68
CA LEU E 320 38.20 19.43 11.12
C LEU E 320 39.60 19.24 11.70
N ALA E 321 40.47 18.55 10.98
CA ALA E 321 41.82 18.29 11.44
C ALA E 321 42.66 19.57 11.37
N PRO E 322 43.80 19.59 12.07
CA PRO E 322 44.67 20.77 12.00
C PRO E 322 45.21 20.99 10.59
N SER E 323 45.60 22.23 10.33
CA SER E 323 46.05 22.60 8.98
C SER E 323 47.33 21.89 8.58
N THR E 324 48.15 21.49 9.55
CA THR E 324 49.45 20.93 9.24
C THR E 324 49.39 19.48 8.78
N MET E 325 48.34 18.75 9.13
CA MET E 325 48.28 17.33 8.81
C MET E 325 47.80 17.12 7.38
N LYS E 326 48.16 15.98 6.82
CA LYS E 326 47.77 15.59 5.47
C LYS E 326 46.72 14.51 5.55
N ILE E 327 45.62 14.68 4.82
CA ILE E 327 44.51 13.73 4.80
C ILE E 327 44.55 13.00 3.47
N LYS E 328 44.75 11.69 3.51
CA LYS E 328 44.78 10.86 2.32
C LYS E 328 43.71 9.79 2.45
N ILE E 329 42.68 9.88 1.63
CA ILE E 329 41.59 8.91 1.64
C ILE E 329 41.91 7.83 0.62
N ILE E 330 41.76 6.57 1.03
CA ILE E 330 42.05 5.43 0.17
C ILE E 330 40.74 4.77 -0.21
N ALA E 331 40.41 4.80 -1.50
CA ALA E 331 39.18 4.23 -2.03
C ALA E 331 39.54 3.34 -3.22
N PRO E 332 39.98 2.12 -2.97
CA PRO E 332 40.32 1.23 -4.07
C PRO E 332 39.09 0.90 -4.89
N PRO E 333 39.25 0.63 -6.19
CA PRO E 333 38.08 0.39 -7.04
C PRO E 333 37.26 -0.82 -6.65
N GLU E 334 37.87 -1.82 -6.02
CA GLU E 334 37.16 -3.05 -5.65
C GLU E 334 36.75 -3.05 -4.18
N ARG E 335 36.60 -1.87 -3.57
CA ARG E 335 36.33 -1.81 -2.14
C ARG E 335 34.96 -2.35 -1.78
N LYS E 336 34.09 -2.60 -2.76
CA LYS E 336 32.83 -3.27 -2.46
C LYS E 336 33.06 -4.70 -1.99
N TYR E 337 34.17 -5.31 -2.39
CA TYR E 337 34.51 -6.67 -1.97
C TYR E 337 35.76 -6.70 -1.09
N SER E 338 36.04 -5.61 -0.36
CA SER E 338 37.25 -5.58 0.45
C SER E 338 37.21 -6.62 1.55
N VAL E 339 36.07 -6.77 2.22
CA VAL E 339 36.00 -7.68 3.36
C VAL E 339 36.27 -9.11 2.93
N TRP E 340 35.67 -9.53 1.81
CA TRP E 340 35.88 -10.90 1.37
C TRP E 340 37.32 -11.14 0.94
N ILE E 341 37.93 -10.17 0.25
CA ILE E 341 39.32 -10.34 -0.14
C ILE E 341 40.21 -10.45 1.08
N GLY E 342 39.96 -9.62 2.10
CA GLY E 342 40.73 -9.72 3.33
C GLY E 342 40.56 -11.05 4.02
N GLY E 343 39.33 -11.56 4.05
CA GLY E 343 39.10 -12.88 4.62
C GLY E 343 39.83 -13.97 3.86
N SER E 344 39.84 -13.88 2.53
CA SER E 344 40.55 -14.86 1.72
C SER E 344 42.05 -14.80 1.99
N ILE E 345 42.59 -13.60 2.17
CA ILE E 345 44.00 -13.48 2.53
C ILE E 345 44.25 -14.14 3.88
N LEU E 346 43.40 -13.84 4.87
CA LEU E 346 43.64 -14.31 6.22
C LEU E 346 43.56 -15.83 6.30
N ALA E 347 42.56 -16.43 5.66
CA ALA E 347 42.43 -17.87 5.71
C ALA E 347 43.57 -18.59 4.97
N SER E 348 44.29 -17.88 4.11
CA SER E 348 45.35 -18.49 3.32
C SER E 348 46.71 -18.40 4.00
N LEU E 349 46.86 -17.56 5.02
CA LEU E 349 48.14 -17.43 5.69
C LEU E 349 48.47 -18.68 6.47
N SER E 350 49.74 -19.10 6.44
CA SER E 350 50.15 -20.26 7.22
C SER E 350 50.06 -19.97 8.71
N THR E 351 50.41 -18.76 9.12
CA THR E 351 50.42 -18.42 10.54
C THR E 351 49.02 -18.31 11.14
N PHE E 352 47.97 -18.31 10.33
CA PHE E 352 46.60 -18.29 10.83
C PHE E 352 46.05 -19.68 11.09
N GLN E 353 46.75 -20.74 10.66
CA GLN E 353 46.21 -22.09 10.76
C GLN E 353 46.05 -22.56 12.20
N GLN E 354 46.68 -21.91 13.16
CA GLN E 354 46.56 -22.31 14.56
C GLN E 354 45.47 -21.56 15.30
N MET E 355 44.78 -20.64 14.65
CA MET E 355 43.75 -19.83 15.29
C MET E 355 42.35 -20.35 15.03
N TRP E 356 42.19 -21.43 14.29
CA TRP E 356 40.87 -22.00 14.05
C TRP E 356 40.28 -22.54 15.34
N ILE E 357 38.94 -22.54 15.40
CA ILE E 357 38.20 -23.17 16.47
C ILE E 357 37.72 -24.51 15.96
N THR E 358 38.31 -25.60 16.44
CA THR E 358 37.98 -26.93 15.94
C THR E 358 36.79 -27.51 16.69
N LYS E 359 36.20 -28.56 16.11
CA LYS E 359 35.08 -29.24 16.75
C LYS E 359 35.50 -29.82 18.10
N GLN E 360 36.69 -30.39 18.16
CA GLN E 360 37.19 -30.92 19.42
C GLN E 360 37.35 -29.81 20.47
N GLU E 361 37.65 -28.59 20.02
CA GLU E 361 37.73 -27.50 20.97
C GLU E 361 36.35 -26.92 21.27
N TYR E 362 35.42 -27.06 20.34
CA TYR E 362 34.08 -26.51 20.54
C TYR E 362 33.33 -27.24 21.63
N ASP E 363 33.18 -28.53 21.48
CA ASP E 363 32.41 -29.30 22.45
C ASP E 363 32.99 -29.16 23.84
N GLU E 364 34.31 -29.07 23.93
CA GLU E 364 34.95 -29.02 25.24
C GLU E 364 34.45 -27.85 26.08
N ALA E 365 34.30 -26.68 25.46
CA ALA E 365 33.91 -25.49 26.23
C ALA E 365 32.52 -24.98 25.89
N GLY E 366 31.83 -25.63 24.96
CA GLY E 366 30.54 -25.15 24.56
C GLY E 366 30.66 -23.94 23.65
N PRO E 367 29.51 -23.40 23.22
CA PRO E 367 29.55 -22.24 22.31
C PRO E 367 30.17 -21.00 22.92
N SER E 368 30.44 -21.00 24.22
CA SER E 368 31.08 -19.84 24.84
C SER E 368 32.50 -19.62 24.37
N ILE E 369 33.10 -20.60 23.69
CA ILE E 369 34.50 -20.49 23.29
C ILE E 369 34.73 -19.37 22.30
N VAL E 370 33.69 -18.95 21.58
CA VAL E 370 33.89 -17.96 20.52
C VAL E 370 34.31 -16.62 21.09
N HIS E 371 34.04 -16.35 22.37
CA HIS E 371 34.36 -15.06 22.95
C HIS E 371 35.82 -14.94 23.38
N ARG E 372 36.60 -16.01 23.26
CA ARG E 372 37.98 -16.01 23.71
C ARG E 372 38.98 -16.14 22.57
N LYS E 373 38.81 -17.13 21.70
CA LYS E 373 39.71 -17.29 20.57
C LYS E 373 39.44 -16.29 19.46
N CYS E 374 38.43 -15.45 19.59
CA CYS E 374 38.13 -14.43 18.59
C CYS E 374 38.10 -13.06 19.28
N PHE E 375 37.81 -12.04 18.49
CA PHE E 375 37.73 -10.68 18.98
C PHE E 375 36.63 -9.94 18.23
N THR F 5 93.76 -4.97 23.76
CA THR F 5 92.31 -4.91 23.61
C THR F 5 91.77 -3.52 23.97
N THR F 6 90.67 -3.14 23.33
CA THR F 6 90.08 -1.82 23.50
C THR F 6 88.97 -1.86 24.53
N ALA F 7 88.91 -0.83 25.38
CA ALA F 7 87.93 -0.76 26.44
C ALA F 7 86.63 -0.16 25.93
N LEU F 8 85.51 -0.64 26.46
CA LEU F 8 84.19 -0.11 26.15
C LEU F 8 83.72 0.73 27.33
N VAL F 9 83.86 2.05 27.21
CA VAL F 9 83.38 2.97 28.24
C VAL F 9 81.89 3.14 28.05
N CYS F 10 81.10 2.60 28.98
CA CYS F 10 79.64 2.61 28.90
C CYS F 10 79.10 3.32 30.13
N ASP F 11 78.58 4.54 29.93
CA ASP F 11 77.97 5.30 31.00
C ASP F 11 76.47 5.04 31.02
N ASN F 12 75.96 4.63 32.18
CA ASN F 12 74.53 4.44 32.39
C ASN F 12 74.00 5.58 33.24
N GLY F 13 72.98 6.27 32.72
CA GLY F 13 72.35 7.36 33.41
C GLY F 13 70.86 7.13 33.57
N SER F 14 70.23 8.01 34.33
CA SER F 14 68.80 7.88 34.55
C SER F 14 68.02 8.10 33.25
N GLY F 15 68.46 9.05 32.43
CA GLY F 15 67.72 9.42 31.24
C GLY F 15 68.30 8.89 29.94
N LEU F 16 69.62 8.89 29.82
CA LEU F 16 70.27 8.51 28.57
C LEU F 16 71.39 7.52 28.84
N VAL F 17 71.60 6.61 27.89
CA VAL F 17 72.71 5.66 27.93
C VAL F 17 73.76 6.14 26.96
N LYS F 18 74.93 6.50 27.47
CA LYS F 18 76.04 6.99 26.67
C LYS F 18 77.11 5.91 26.63
N ALA F 19 77.39 5.39 25.44
CA ALA F 19 78.30 4.27 25.26
C ALA F 19 79.25 4.56 24.11
N GLY F 20 80.40 3.90 24.14
CA GLY F 20 81.38 4.09 23.10
C GLY F 20 82.65 3.32 23.39
N PHE F 21 83.70 3.65 22.67
CA PHE F 21 85.00 3.01 22.78
C PHE F 21 85.99 3.90 23.50
N ALA F 22 86.98 3.28 24.12
CA ALA F 22 88.04 4.03 24.79
C ALA F 22 88.91 4.73 23.76
N GLY F 23 89.33 5.95 24.09
CA GLY F 23 90.20 6.72 23.21
C GLY F 23 89.47 7.60 22.23
N ASP F 24 88.17 7.43 22.05
CA ASP F 24 87.41 8.30 21.16
C ASP F 24 87.14 9.64 21.82
N ASP F 25 86.61 10.57 21.04
CA ASP F 25 86.24 11.87 21.56
C ASP F 25 84.76 11.97 21.88
N ALA F 26 83.92 11.22 21.18
CA ALA F 26 82.47 11.29 21.33
C ALA F 26 81.89 9.91 21.48
N PRO F 27 80.77 9.78 22.20
CA PRO F 27 80.09 8.49 22.26
C PRO F 27 79.54 8.10 20.90
N ARG F 28 79.52 6.80 20.65
CA ARG F 28 78.99 6.30 19.39
C ARG F 28 77.49 6.06 19.44
N ALA F 29 76.95 5.70 20.60
CA ALA F 29 75.53 5.41 20.74
C ALA F 29 74.97 6.22 21.90
N VAL F 30 73.86 6.91 21.65
CA VAL F 30 73.14 7.63 22.69
C VAL F 30 71.65 7.38 22.46
N PHE F 31 71.05 6.56 23.30
CA PHE F 31 69.62 6.28 23.22
C PHE F 31 69.01 6.38 24.60
N PRO F 32 67.76 6.80 24.71
CA PRO F 32 67.13 6.91 26.02
C PRO F 32 67.01 5.56 26.70
N SER F 33 67.17 5.57 28.02
CA SER F 33 67.12 4.35 28.82
C SER F 33 65.68 4.07 29.26
N ILE F 34 64.87 3.62 28.29
CA ILE F 34 63.49 3.28 28.56
C ILE F 34 63.20 1.90 28.01
N VAL F 35 62.22 1.23 28.63
CA VAL F 35 61.70 -0.05 28.16
C VAL F 35 60.19 0.11 28.02
N GLY F 36 59.66 -0.29 26.88
CA GLY F 36 58.24 -0.11 26.58
C GLY F 36 57.53 -1.42 26.32
N ARG F 37 56.32 -1.55 26.84
CA ARG F 37 55.51 -2.74 26.61
C ARG F 37 54.14 -2.32 26.10
N PRO F 38 53.56 -3.08 25.19
CA PRO F 38 52.25 -2.71 24.63
C PRO F 38 51.18 -2.68 25.71
N ARG F 39 50.21 -1.78 25.52
CA ARG F 39 49.09 -1.67 26.44
C ARG F 39 47.74 -1.86 25.75
N HIS F 40 47.71 -2.00 24.43
CA HIS F 40 46.49 -2.28 23.69
C HIS F 40 46.57 -3.68 23.12
N GLN F 41 45.42 -4.24 22.76
CA GLN F 41 45.36 -5.64 22.36
C GLN F 41 45.56 -5.74 20.85
N GLY F 42 46.55 -6.52 20.44
CA GLY F 42 46.84 -6.67 19.03
C GLY F 42 45.79 -7.52 18.34
N VAL F 43 45.58 -7.22 17.06
CA VAL F 43 44.54 -7.91 16.29
C VAL F 43 45.06 -8.48 14.97
N MET F 44 46.18 -8.02 14.44
CA MET F 44 46.64 -8.42 13.12
C MET F 44 47.58 -9.59 13.25
N VAL F 45 47.33 -10.65 12.48
CA VAL F 45 48.20 -11.81 12.50
C VAL F 45 49.60 -11.39 12.06
N GLY F 46 50.61 -12.02 12.63
CA GLY F 46 51.97 -11.54 12.43
C GLY F 46 52.14 -10.25 13.20
N MET F 47 52.76 -9.26 12.55
CA MET F 47 52.92 -7.94 13.16
C MET F 47 53.51 -8.01 14.56
N GLY F 48 52.79 -7.48 15.54
CA GLY F 48 53.27 -7.40 16.90
C GLY F 48 53.65 -8.75 17.48
N GLN F 49 54.93 -8.94 17.72
CA GLN F 49 55.43 -10.19 18.29
C GLN F 49 56.33 -9.93 19.48
N LYS F 50 56.79 -8.70 19.65
CA LYS F 50 57.76 -8.39 20.69
C LYS F 50 57.04 -7.99 21.97
N ASP F 51 57.41 -8.66 23.07
CA ASP F 51 56.83 -8.32 24.36
C ASP F 51 57.38 -7.02 24.93
N SER F 52 58.56 -6.60 24.48
CA SER F 52 59.18 -5.39 25.01
C SER F 52 59.91 -4.65 23.90
N TYR F 53 60.04 -3.35 24.07
CA TYR F 53 60.77 -2.49 23.15
C TYR F 53 61.76 -1.66 23.97
N VAL F 54 62.98 -1.53 23.46
CA VAL F 54 64.06 -0.87 24.19
C VAL F 54 64.70 0.16 23.27
N GLY F 55 65.08 1.30 23.84
CA GLY F 55 65.83 2.29 23.10
C GLY F 55 64.96 3.16 22.23
N ASP F 56 65.46 3.47 21.02
CA ASP F 56 64.72 4.36 20.14
C ASP F 56 63.40 3.75 19.68
N GLU F 57 63.33 2.42 19.56
CA GLU F 57 62.08 1.79 19.17
C GLU F 57 60.96 2.10 20.15
N ALA F 58 61.25 2.01 21.46
CA ALA F 58 60.26 2.34 22.45
C ALA F 58 59.94 3.83 22.44
N GLN F 59 60.85 4.65 21.91
CA GLN F 59 60.57 6.07 21.77
C GLN F 59 59.75 6.36 20.51
N SER F 60 59.96 5.59 19.44
CA SER F 60 59.21 5.81 18.21
C SER F 60 57.79 5.32 18.32
N LYS F 61 57.58 4.14 18.90
CA LYS F 61 56.26 3.54 19.03
C LYS F 61 55.59 3.87 20.36
N ARG F 62 55.92 5.02 20.95
CA ARG F 62 55.40 5.36 22.26
C ARG F 62 53.89 5.57 22.28
N GLY F 63 53.25 5.64 21.11
CA GLY F 63 51.81 5.79 21.11
C GLY F 63 51.06 4.60 21.68
N ILE F 64 51.67 3.41 21.59
CA ILE F 64 51.01 2.17 22.00
C ILE F 64 51.79 1.45 23.09
N LEU F 65 52.68 2.15 23.80
CA LEU F 65 53.53 1.51 24.79
C LEU F 65 53.47 2.28 26.10
N THR F 66 53.66 1.54 27.19
CA THR F 66 53.88 2.14 28.50
C THR F 66 55.38 2.09 28.79
N LEU F 67 55.96 3.25 29.07
CA LEU F 67 57.40 3.39 29.19
C LEU F 67 57.78 3.46 30.66
N LYS F 68 58.70 2.60 31.08
CA LYS F 68 59.19 2.58 32.44
C LYS F 68 60.69 2.80 32.44
N TYR F 69 61.16 3.66 33.32
CA TYR F 69 62.58 3.93 33.45
C TYR F 69 63.18 2.97 34.47
N PRO F 70 64.16 2.15 34.09
CA PRO F 70 64.76 1.25 35.09
C PRO F 70 65.58 1.95 36.14
N ILE F 71 65.99 3.19 35.92
CA ILE F 71 66.78 3.95 36.88
C ILE F 71 65.98 5.14 37.38
N GLU F 72 65.88 5.26 38.69
CA GLU F 72 65.29 6.44 39.31
C GLU F 72 66.20 6.94 40.41
N HIC F 73 66.41 8.25 40.44
CA HIC F 73 67.30 8.90 41.41
C HIC F 73 68.71 8.32 41.37
O HIC F 73 69.45 8.39 42.38
CB HIC F 73 66.71 8.78 42.80
CG HIC F 73 65.43 9.60 42.84
ND1 HIC F 73 65.22 10.71 42.17
CD2 HIC F 73 64.32 9.32 43.56
CE1 HIC F 73 63.98 11.14 42.46
NE2 HIC F 73 63.44 10.27 43.32
CZ HIC F 73 62.10 10.36 43.90
N GLY F 74 69.09 7.74 40.24
CA GLY F 74 70.42 7.20 40.07
C GLY F 74 70.64 5.83 40.68
N ILE F 75 69.55 5.21 41.12
CA ILE F 75 69.57 3.90 41.74
C ILE F 75 68.71 2.97 40.91
N ILE F 76 69.28 1.82 40.52
CA ILE F 76 68.57 0.87 39.69
C ILE F 76 67.49 0.18 40.52
N THR F 77 66.26 0.22 40.04
CA THR F 77 65.14 -0.42 40.73
C THR F 77 64.50 -1.56 39.96
N ASN F 78 64.69 -1.63 38.64
CA ASN F 78 64.19 -2.73 37.83
C ASN F 78 65.39 -3.38 37.16
N TRP F 79 65.85 -4.50 37.71
CA TRP F 79 67.08 -5.11 37.24
C TRP F 79 66.91 -5.87 35.93
N ASP F 80 65.73 -6.43 35.68
CA ASP F 80 65.52 -7.13 34.42
C ASP F 80 65.58 -6.16 33.24
N ASP F 81 64.94 -5.00 33.36
CA ASP F 81 65.02 -4.00 32.29
C ASP F 81 66.45 -3.49 32.12
N MET F 82 67.18 -3.31 33.23
CA MET F 82 68.56 -2.88 33.11
C MET F 82 69.40 -3.91 32.37
N GLU F 83 69.21 -5.19 32.68
CA GLU F 83 69.92 -6.24 31.95
C GLU F 83 69.54 -6.23 30.47
N LYS F 84 68.26 -5.98 30.18
CA LYS F 84 67.83 -5.89 28.79
C LYS F 84 68.53 -4.77 28.06
N ILE F 85 68.61 -3.60 28.68
CA ILE F 85 69.26 -2.45 28.04
C ILE F 85 70.75 -2.70 27.87
N TRP F 86 71.38 -3.34 28.86
CA TRP F 86 72.79 -3.66 28.73
C TRP F 86 73.03 -4.62 27.57
N HIS F 87 72.15 -5.62 27.42
CA HIS F 87 72.28 -6.53 26.28
C HIS F 87 72.13 -5.78 24.97
N HIS F 88 71.17 -4.87 24.91
CA HIS F 88 70.94 -4.13 23.68
C HIS F 88 72.14 -3.25 23.33
N THR F 89 72.67 -2.51 24.30
CA THR F 89 73.76 -1.59 24.03
C THR F 89 75.07 -2.29 23.74
N PHE F 90 75.10 -3.61 23.79
CA PHE F 90 76.28 -4.38 23.45
C PHE F 90 76.11 -5.20 22.20
N TYR F 91 74.90 -5.67 21.89
CA TYR F 91 74.70 -6.53 20.74
C TYR F 91 74.01 -5.88 19.57
N ASN F 92 73.38 -4.72 19.75
CA ASN F 92 72.64 -4.10 18.66
C ASN F 92 73.02 -2.66 18.37
N GLU F 93 73.85 -2.03 19.20
CA GLU F 93 74.22 -0.64 18.99
C GLU F 93 75.70 -0.44 18.74
N LEU F 94 76.57 -0.96 19.60
CA LEU F 94 78.00 -0.84 19.42
C LEU F 94 78.58 -1.95 18.56
N ARG F 95 77.81 -2.99 18.27
CA ARG F 95 78.25 -4.11 17.43
C ARG F 95 79.55 -4.71 17.94
N VAL F 96 79.52 -5.17 19.18
CA VAL F 96 80.69 -5.68 19.87
C VAL F 96 80.36 -7.02 20.50
N ALA F 97 81.39 -7.71 20.96
CA ALA F 97 81.27 -8.93 21.74
C ALA F 97 81.88 -8.69 23.11
N PRO F 98 81.07 -8.49 24.14
CA PRO F 98 81.60 -8.12 25.46
C PRO F 98 82.70 -9.02 25.98
N GLU F 99 82.76 -10.26 25.48
CA GLU F 99 83.76 -11.21 25.97
C GLU F 99 85.18 -10.71 25.79
N GLU F 100 85.42 -9.87 24.77
CA GLU F 100 86.76 -9.47 24.40
C GLU F 100 86.99 -7.97 24.56
N HIS F 101 86.31 -7.34 25.51
CA HIS F 101 86.36 -5.89 25.66
C HIS F 101 86.10 -5.51 27.11
N PRO F 102 87.12 -5.01 27.81
CA PRO F 102 86.89 -4.47 29.16
C PRO F 102 85.90 -3.31 29.11
N THR F 103 85.08 -3.21 30.15
CA THR F 103 84.02 -2.22 30.22
C THR F 103 84.23 -1.32 31.42
N LEU F 104 83.79 -0.06 31.29
CA LEU F 104 83.84 0.91 32.36
C LEU F 104 82.42 1.43 32.61
N LEU F 105 82.08 1.60 33.89
CA LEU F 105 80.75 2.04 34.28
C LEU F 105 80.86 3.23 35.22
N THR F 106 79.72 3.85 35.53
CA THR F 106 79.69 5.06 36.34
C THR F 106 78.58 4.95 37.38
N GLU F 107 78.76 5.66 38.49
CA GLU F 107 77.80 5.60 39.59
C GLU F 107 77.92 6.86 40.43
N ALA F 108 76.79 7.43 40.81
CA ALA F 108 76.78 8.62 41.63
C ALA F 108 77.24 8.29 43.05
N PRO F 109 77.83 9.25 43.75
CA PRO F 109 78.26 9.00 45.14
C PRO F 109 77.08 8.83 46.07
N LEU F 110 77.35 8.21 47.21
CA LEU F 110 76.34 7.93 48.25
C LEU F 110 75.21 7.04 47.73
N ASN F 111 75.54 6.09 46.89
CA ASN F 111 74.54 5.12 46.45
C ASN F 111 74.56 3.90 47.35
N PRO F 112 73.46 3.14 47.39
CA PRO F 112 73.47 1.89 48.16
C PRO F 112 74.51 0.93 47.65
N LYS F 113 75.14 0.20 48.57
CA LYS F 113 76.20 -0.73 48.19
C LYS F 113 75.66 -1.88 47.35
N ALA F 114 74.43 -2.33 47.65
CA ALA F 114 73.86 -3.46 46.93
C ALA F 114 73.73 -3.17 45.45
N ASN F 115 73.51 -1.91 45.08
CA ASN F 115 73.41 -1.56 43.66
C ASN F 115 74.70 -1.88 42.93
N ARG F 116 75.83 -1.40 43.45
CA ARG F 116 77.11 -1.65 42.80
C ARG F 116 77.49 -3.12 42.87
N GLU F 117 77.18 -3.79 43.99
CA GLU F 117 77.48 -5.21 44.09
C GLU F 117 76.74 -6.02 43.03
N LYS F 118 75.44 -5.76 42.90
CA LYS F 118 74.67 -6.45 41.89
C LYS F 118 75.29 -6.16 40.54
N MET F 119 75.55 -4.88 40.27
CA MET F 119 76.10 -4.51 38.98
C MET F 119 77.33 -5.35 38.65
N THR F 120 78.24 -5.51 39.62
CA THR F 120 79.43 -6.32 39.41
C THR F 120 79.05 -7.77 39.12
N GLN F 121 78.10 -8.30 39.89
CA GLN F 121 77.70 -9.69 39.68
C GLN F 121 77.13 -9.91 38.29
N ILE F 122 76.26 -9.00 37.84
CA ILE F 122 75.69 -9.11 36.50
C ILE F 122 76.79 -9.04 35.45
N MET F 123 77.72 -8.09 35.63
CA MET F 123 78.73 -7.90 34.60
C MET F 123 79.65 -9.11 34.49
N PHE F 124 80.01 -9.74 35.61
CA PHE F 124 80.87 -10.91 35.53
C PHE F 124 80.15 -12.20 35.22
N GLU F 125 78.83 -12.27 35.38
CA GLU F 125 78.16 -13.56 35.19
C GLU F 125 77.24 -13.64 33.98
N THR F 126 76.49 -12.58 33.68
CA THR F 126 75.59 -12.61 32.54
C THR F 126 76.25 -12.12 31.25
N PHE F 127 77.44 -11.54 31.35
CA PHE F 127 78.13 -11.01 30.19
C PHE F 127 79.55 -11.53 30.01
N ASN F 128 80.22 -11.95 31.08
CA ASN F 128 81.57 -12.52 31.02
C ASN F 128 82.58 -11.50 30.45
N VAL F 129 82.54 -10.28 30.97
CA VAL F 129 83.44 -9.23 30.51
C VAL F 129 84.86 -9.55 30.96
N PRO F 130 85.89 -9.11 30.23
CA PRO F 130 87.26 -9.32 30.73
C PRO F 130 87.55 -8.60 32.03
N ALA F 131 87.08 -7.36 32.17
CA ALA F 131 87.32 -6.59 33.39
C ALA F 131 86.32 -5.46 33.44
N MET F 132 86.18 -4.87 34.64
CA MET F 132 85.28 -3.74 34.82
C MET F 132 85.84 -2.82 35.89
N TYR F 133 85.30 -1.60 35.93
CA TYR F 133 85.70 -0.62 36.93
C TYR F 133 84.63 0.44 37.01
N VAL F 134 84.21 0.78 38.22
CA VAL F 134 83.16 1.76 38.46
C VAL F 134 83.81 3.01 39.03
N ALA F 135 83.63 4.13 38.34
CA ALA F 135 84.23 5.39 38.72
C ALA F 135 83.16 6.41 39.06
N ILE F 136 83.44 7.26 40.04
CA ILE F 136 82.49 8.29 40.44
C ILE F 136 82.29 9.25 39.29
N GLN F 137 81.02 9.57 39.00
CA GLN F 137 80.70 10.39 37.84
C GLN F 137 81.42 11.73 37.90
N ALA F 138 81.38 12.39 39.06
CA ALA F 138 82.00 13.70 39.18
C ALA F 138 83.51 13.61 38.98
N VAL F 139 84.13 12.52 39.44
CA VAL F 139 85.57 12.36 39.28
C VAL F 139 85.94 12.29 37.81
N LEU F 140 85.20 11.50 37.03
CA LEU F 140 85.48 11.39 35.60
C LEU F 140 85.27 12.73 34.91
N SER F 141 84.24 13.48 35.30
CA SER F 141 83.97 14.75 34.66
C SER F 141 85.14 15.71 34.79
N LEU F 142 85.98 15.52 35.82
CA LEU F 142 87.14 16.37 36.00
C LEU F 142 88.28 16.00 35.05
N TYR F 143 88.39 14.71 34.70
CA TYR F 143 89.42 14.31 33.73
C TYR F 143 89.20 15.00 32.39
N ALA F 144 87.96 15.05 31.93
CA ALA F 144 87.68 15.65 30.64
C ALA F 144 87.96 17.15 30.63
N SER F 145 87.78 17.81 31.77
CA SER F 145 88.05 19.24 31.85
C SER F 145 89.53 19.56 31.95
N GLY F 146 90.40 18.55 32.05
CA GLY F 146 91.82 18.80 32.11
C GLY F 146 92.27 19.56 33.34
N ARG F 147 91.78 19.17 34.52
CA ARG F 147 92.13 19.85 35.75
C ARG F 147 92.36 18.82 36.85
N THR F 148 93.13 19.23 37.85
CA THR F 148 93.29 18.44 39.06
C THR F 148 92.65 19.11 40.28
N THR F 149 92.16 20.34 40.14
CA THR F 149 91.48 21.04 41.21
C THR F 149 90.17 21.58 40.69
N GLY F 150 89.19 21.66 41.57
CA GLY F 150 87.90 22.26 41.25
C GLY F 150 86.76 21.42 41.80
N ILE F 151 85.62 22.07 41.97
CA ILE F 151 84.41 21.42 42.44
C ILE F 151 83.52 21.14 41.24
N VAL F 152 82.95 19.95 41.18
CA VAL F 152 82.15 19.49 40.05
C VAL F 152 80.70 19.40 40.49
N LEU F 153 79.81 20.03 39.73
CA LEU F 153 78.38 19.98 39.97
C LEU F 153 77.77 19.20 38.81
N ASP F 154 77.68 17.88 38.97
CA ASP F 154 77.13 17.01 37.94
C ASP F 154 75.66 16.78 38.22
N SER F 155 74.80 17.33 37.36
CA SER F 155 73.36 17.17 37.50
C SER F 155 72.80 16.71 36.17
N GLY F 156 72.02 15.63 36.21
CA GLY F 156 71.40 15.12 35.02
C GLY F 156 69.95 14.77 35.22
N ASP F 157 69.57 13.55 34.86
CA ASP F 157 68.19 13.12 35.03
C ASP F 157 67.94 12.59 36.44
N GLY F 158 68.96 12.00 37.07
CA GLY F 158 68.75 11.42 38.38
C GLY F 158 69.08 12.28 39.58
N VAL F 159 70.33 12.75 39.70
CA VAL F 159 70.81 13.40 40.91
C VAL F 159 71.67 14.60 40.56
N THR F 160 71.83 15.49 41.56
CA THR F 160 72.66 16.68 41.46
C THR F 160 73.68 16.61 42.60
N HIS F 161 74.89 16.16 42.30
CA HIS F 161 75.89 15.89 43.31
C HIS F 161 77.11 16.78 43.14
N ASN F 162 77.73 17.16 44.25
CA ASN F 162 78.93 17.98 44.27
C ASN F 162 80.08 17.17 44.84
N VAL F 163 81.20 17.16 44.13
CA VAL F 163 82.40 16.47 44.62
C VAL F 163 83.61 17.38 44.45
N PRO F 164 84.08 18.04 45.49
CA PRO F 164 85.30 18.84 45.36
C PRO F 164 86.54 17.96 45.35
N ILE F 165 87.47 18.32 44.48
CA ILE F 165 88.75 17.61 44.36
C ILE F 165 89.85 18.65 44.29
N TYR F 166 90.91 18.45 45.10
CA TYR F 166 92.04 19.36 45.09
C TYR F 166 93.33 18.56 44.94
N GLU F 167 94.12 18.91 43.92
CA GLU F 167 95.44 18.34 43.69
C GLU F 167 95.40 16.82 43.78
N GLY F 168 94.60 16.23 42.90
CA GLY F 168 94.47 14.78 42.86
C GLY F 168 93.94 14.16 44.13
N TYR F 169 93.33 14.96 44.99
CA TYR F 169 92.74 14.47 46.24
C TYR F 169 91.29 14.89 46.31
N ALA F 170 90.42 13.93 46.63
CA ALA F 170 88.99 14.19 46.80
C ALA F 170 88.70 14.24 48.30
N LEU F 171 88.07 15.31 48.74
CA LEU F 171 87.64 15.43 50.12
C LEU F 171 86.26 14.82 50.25
N PRO F 172 86.14 13.60 50.77
CA PRO F 172 84.84 12.93 50.76
C PRO F 172 83.86 13.49 51.78
N HIS F 173 84.33 14.16 52.82
CA HIS F 173 83.39 14.65 53.83
C HIS F 173 82.57 15.82 53.32
N ALA F 174 82.93 16.40 52.18
CA ALA F 174 82.21 17.53 51.60
C ALA F 174 81.34 17.11 50.42
N ILE F 175 81.16 15.82 50.19
CA ILE F 175 80.32 15.35 49.09
C ILE F 175 78.86 15.48 49.48
N MET F 176 78.07 16.08 48.61
CA MET F 176 76.65 16.29 48.86
C MET F 176 75.85 15.71 47.70
N ARG F 177 74.57 15.46 47.96
CA ARG F 177 73.71 14.86 46.96
C ARG F 177 72.31 15.43 47.12
N LEU F 178 71.55 15.44 46.02
CA LEU F 178 70.18 15.94 46.03
C LEU F 178 69.39 15.21 44.97
N ASP F 179 68.29 14.56 45.37
CA ASP F 179 67.42 13.86 44.44
C ASP F 179 66.46 14.84 43.75
N LEU F 180 67.04 15.86 43.13
CA LEU F 180 66.28 16.88 42.40
C LEU F 180 66.99 17.11 41.08
N ALA F 181 66.41 16.63 39.99
CA ALA F 181 67.10 16.60 38.72
C ALA F 181 66.07 16.76 37.60
N GLY F 182 66.46 16.37 36.38
CA GLY F 182 65.63 16.66 35.22
C GLY F 182 64.26 16.03 35.29
N ARG F 183 64.15 14.83 35.84
CA ARG F 183 62.85 14.18 35.92
C ARG F 183 61.92 14.94 36.85
N ASP F 184 62.43 15.44 37.98
CA ASP F 184 61.61 16.24 38.87
C ASP F 184 61.18 17.55 38.19
N LEU F 185 62.07 18.14 37.40
CA LEU F 185 61.70 19.34 36.67
C LEU F 185 60.59 19.04 35.66
N THR F 186 60.68 17.90 34.98
CA THR F 186 59.63 17.53 34.03
C THR F 186 58.30 17.31 34.75
N ASP F 187 58.34 16.66 35.91
CA ASP F 187 57.11 16.47 36.67
C ASP F 187 56.53 17.81 37.10
N TYR F 188 57.37 18.74 37.53
CA TYR F 188 56.86 20.06 37.93
C TYR F 188 56.26 20.78 36.74
N LEU F 189 56.90 20.68 35.58
CA LEU F 189 56.35 21.31 34.38
C LEU F 189 55.00 20.72 34.03
N MET F 190 54.87 19.40 34.12
CA MET F 190 53.57 18.76 33.88
C MET F 190 52.54 19.26 34.88
N LYS F 191 52.93 19.46 36.14
CA LYS F 191 51.99 19.95 37.13
C LYS F 191 51.55 21.37 36.81
N ILE F 192 52.47 22.23 36.36
CA ILE F 192 52.09 23.63 36.14
C ILE F 192 51.48 23.88 34.77
N LEU F 193 51.71 23.00 33.80
CA LEU F 193 51.08 23.19 32.50
C LEU F 193 49.56 23.07 32.58
N THR F 194 49.04 22.43 33.63
CA THR F 194 47.59 22.35 33.82
C THR F 194 46.99 23.68 34.19
N GLU F 195 47.80 24.68 34.56
CA GLU F 195 47.25 26.01 34.77
C GLU F 195 46.71 26.62 33.49
N ARG F 196 47.16 26.15 32.33
CA ARG F 196 46.70 26.66 31.04
C ARG F 196 45.76 25.69 30.33
N GLY F 197 45.33 24.64 31.01
CA GLY F 197 44.40 23.71 30.42
C GLY F 197 45.00 22.55 29.65
N TYR F 198 46.32 22.42 29.63
CA TYR F 198 46.97 21.29 28.98
C TYR F 198 47.14 20.16 30.01
N SER F 199 46.67 18.98 29.65
CA SER F 199 46.76 17.80 30.51
C SER F 199 47.71 16.79 29.89
N PHE F 200 48.70 16.35 30.66
CA PHE F 200 49.60 15.28 30.24
C PHE F 200 49.72 14.30 31.39
N VAL F 201 49.24 13.08 31.21
CA VAL F 201 49.25 12.11 32.31
C VAL F 201 49.96 10.83 31.89
N THR F 202 49.97 10.52 30.61
CA THR F 202 50.54 9.27 30.15
C THR F 202 52.04 9.41 29.93
N THR F 203 52.71 8.25 29.86
CA THR F 203 54.17 8.26 29.78
C THR F 203 54.67 8.91 28.50
N ALA F 204 53.99 8.65 27.38
CA ALA F 204 54.37 9.32 26.13
C ALA F 204 54.19 10.83 26.25
N GLU F 205 53.09 11.26 26.86
CA GLU F 205 52.92 12.70 27.06
C GLU F 205 53.94 13.25 28.04
N ARG F 206 54.43 12.43 28.96
CA ARG F 206 55.56 12.85 29.78
C ARG F 206 56.79 13.10 28.94
N GLU F 207 57.04 12.23 27.95
CA GLU F 207 58.16 12.46 27.04
C GLU F 207 57.97 13.73 26.23
N ILE F 208 56.74 14.00 25.80
CA ILE F 208 56.47 15.22 25.05
C ILE F 208 56.74 16.45 25.90
N VAL F 209 56.30 16.43 27.15
CA VAL F 209 56.58 17.56 28.06
C VAL F 209 58.08 17.69 28.25
N ARG F 210 58.80 16.57 28.33
CA ARG F 210 60.24 16.63 28.47
C ARG F 210 60.87 17.33 27.28
N ASP F 211 60.39 17.01 26.07
CA ASP F 211 60.90 17.69 24.88
C ASP F 211 60.60 19.18 24.92
N ILE F 212 59.40 19.55 25.36
CA ILE F 212 59.07 20.97 25.50
C ILE F 212 60.06 21.64 26.43
N LYS F 213 60.35 20.99 27.55
CA LYS F 213 61.30 21.56 28.51
C LYS F 213 62.67 21.74 27.89
N GLU F 214 63.13 20.74 27.13
CA GLU F 214 64.44 20.82 26.52
C GLU F 214 64.50 21.91 25.46
N LYS F 215 63.38 22.21 24.81
CA LYS F 215 63.39 23.12 23.67
C LYS F 215 62.88 24.53 23.98
N LEU F 216 62.34 24.79 25.17
CA LEU F 216 61.80 26.12 25.43
C LEU F 216 62.15 26.72 26.79
N CYS F 217 62.75 25.99 27.70
CA CYS F 217 62.99 26.50 29.05
C CYS F 217 64.35 27.19 29.14
N TYR F 218 64.45 28.10 30.11
CA TYR F 218 65.69 28.83 30.37
C TYR F 218 65.67 29.34 31.80
N VAL F 219 66.85 29.57 32.36
CA VAL F 219 66.98 30.02 33.73
C VAL F 219 67.09 31.55 33.74
N ALA F 220 66.25 32.19 34.55
CA ALA F 220 66.20 33.64 34.58
C ALA F 220 67.28 34.21 35.49
N LEU F 221 67.80 35.38 35.10
CA LEU F 221 68.78 36.07 35.94
C LEU F 221 68.15 36.62 37.20
N ASP F 222 66.94 37.18 37.09
CA ASP F 222 66.18 37.65 38.24
C ASP F 222 64.78 37.05 38.16
N PHE F 223 64.49 36.11 39.05
CA PHE F 223 63.19 35.47 39.02
C PHE F 223 62.10 36.52 39.12
N GLU F 224 62.25 37.42 40.07
CA GLU F 224 61.23 38.45 40.28
C GLU F 224 61.09 39.35 39.09
N ASN F 225 62.21 39.79 38.53
CA ASN F 225 62.18 40.68 37.38
C ASN F 225 61.55 39.97 36.20
N GLU F 226 61.80 38.68 36.08
CA GLU F 226 61.26 37.92 34.96
C GLU F 226 59.77 37.69 35.11
N MET F 227 59.32 37.29 36.30
CA MET F 227 57.89 37.10 36.52
C MET F 227 57.13 38.41 36.30
N ALA F 228 57.69 39.53 36.76
CA ALA F 228 57.05 40.82 36.54
C ALA F 228 56.98 41.15 35.05
N THR F 229 58.06 40.90 34.31
CA THR F 229 58.06 41.17 32.88
C THR F 229 57.06 40.28 32.15
N ALA F 230 57.02 39.00 32.50
CA ALA F 230 56.08 38.09 31.86
C ALA F 230 54.63 38.48 32.13
N ALA F 231 54.37 39.09 33.29
CA ALA F 231 53.03 39.49 33.66
C ALA F 231 52.66 40.88 33.17
N SER F 232 53.57 41.59 32.51
CA SER F 232 53.32 42.93 32.01
C SER F 232 52.96 42.94 30.53
N SER F 233 53.56 42.05 29.73
CA SER F 233 53.28 41.97 28.31
C SER F 233 53.35 40.51 27.89
N SER F 234 53.34 40.27 26.59
CA SER F 234 53.41 38.93 26.03
C SER F 234 54.73 38.68 25.30
N SER F 235 55.81 39.31 25.77
CA SER F 235 57.10 39.23 25.10
C SER F 235 57.72 37.84 25.23
N LEU F 236 57.53 37.20 26.39
CA LEU F 236 58.18 35.92 26.66
C LEU F 236 57.39 34.72 26.15
N GLU F 237 56.18 34.92 25.64
CA GLU F 237 55.38 33.80 25.18
C GLU F 237 55.98 33.19 23.93
N LYS F 238 55.93 31.87 23.84
CA LYS F 238 56.36 31.14 22.66
C LYS F 238 55.35 30.04 22.36
N SER F 239 55.47 29.46 21.17
CA SER F 239 54.56 28.42 20.72
C SER F 239 55.33 27.15 20.39
N TYR F 240 54.77 26.02 20.79
CA TYR F 240 55.32 24.70 20.52
C TYR F 240 54.26 23.88 19.81
N GLU F 241 54.71 22.96 18.96
CA GLU F 241 53.81 22.16 18.14
C GLU F 241 53.75 20.73 18.67
N LEU F 242 52.56 20.30 19.04
CA LEU F 242 52.37 18.92 19.47
C LEU F 242 52.45 18.00 18.26
N PRO F 243 52.74 16.72 18.47
CA PRO F 243 52.89 15.81 17.33
C PRO F 243 51.63 15.64 16.49
N ASP F 244 50.46 15.95 17.02
CA ASP F 244 49.22 15.81 16.27
C ASP F 244 48.76 17.09 15.60
N GLY F 245 49.56 18.16 15.65
CA GLY F 245 49.26 19.40 14.97
C GLY F 245 48.76 20.52 15.87
N GLN F 246 48.24 20.19 17.04
CA GLN F 246 47.79 21.22 17.97
C GLN F 246 48.97 22.03 18.47
N VAL F 247 48.73 23.32 18.70
CA VAL F 247 49.78 24.26 19.09
C VAL F 247 49.47 24.74 20.50
N ILE F 248 50.48 24.73 21.37
CA ILE F 248 50.36 25.23 22.73
C ILE F 248 51.23 26.46 22.89
N THR F 249 50.92 27.25 23.90
CA THR F 249 51.65 28.48 24.19
C THR F 249 51.93 28.57 25.67
N ILE F 250 53.20 28.80 26.03
CA ILE F 250 53.62 28.84 27.42
C ILE F 250 54.28 30.18 27.69
N GLY F 251 53.94 30.79 28.82
CA GLY F 251 54.45 32.09 29.18
C GLY F 251 55.50 32.04 30.27
N ASN F 252 55.11 32.35 31.51
CA ASN F 252 56.07 32.30 32.61
C ASN F 252 56.52 30.89 32.93
N GLU F 253 55.82 29.87 32.43
CA GLU F 253 56.20 28.51 32.71
C GLU F 253 57.56 28.15 32.13
N ARG F 254 58.09 28.96 31.22
CA ARG F 254 59.39 28.65 30.62
C ARG F 254 60.50 28.71 31.66
N PHE F 255 60.48 29.70 32.56
CA PHE F 255 61.55 29.85 33.54
C PHE F 255 61.15 29.46 34.95
N ARG F 256 59.86 29.28 35.23
CA ARG F 256 59.47 28.76 36.53
C ARG F 256 59.93 27.31 36.71
N CYS F 257 59.86 26.53 35.64
CA CYS F 257 60.25 25.12 35.74
C CYS F 257 61.71 24.94 36.15
N PRO F 258 62.70 25.62 35.56
CA PRO F 258 64.07 25.47 36.06
C PRO F 258 64.37 26.23 37.33
N GLU F 259 63.46 27.10 37.80
CA GLU F 259 63.68 27.75 39.08
C GLU F 259 63.66 26.77 40.24
N THR F 260 63.03 25.61 40.07
CA THR F 260 63.04 24.60 41.11
C THR F 260 64.46 24.22 41.51
N LEU F 261 65.41 24.33 40.58
CA LEU F 261 66.80 24.08 40.91
C LEU F 261 67.32 25.07 41.94
N PHE F 262 66.79 26.28 41.95
CA PHE F 262 67.23 27.30 42.89
C PHE F 262 66.29 27.49 44.07
N GLN F 263 65.06 27.00 43.99
CA GLN F 263 64.12 27.04 45.10
C GLN F 263 63.40 25.72 45.19
N PRO F 264 64.00 24.71 45.83
CA PRO F 264 63.37 23.39 45.89
C PRO F 264 62.05 23.37 46.61
N SER F 265 61.67 24.45 47.30
CA SER F 265 60.39 24.47 47.99
C SER F 265 59.22 24.52 47.02
N PHE F 266 59.47 24.72 45.73
CA PHE F 266 58.38 24.69 44.76
C PHE F 266 57.76 23.30 44.67
N ILE F 267 58.57 22.25 44.70
CA ILE F 267 58.07 20.89 44.66
C ILE F 267 57.94 20.28 46.04
N GLY F 268 57.94 21.11 47.08
CA GLY F 268 57.76 20.62 48.43
C GLY F 268 58.98 20.06 49.11
N MET F 269 60.16 20.25 48.53
CA MET F 269 61.39 19.79 49.15
C MET F 269 61.91 20.83 50.14
N GLU F 270 62.27 20.37 51.33
CA GLU F 270 62.83 21.25 52.35
C GLU F 270 64.29 21.61 52.05
N SER F 271 64.99 20.79 51.29
CA SER F 271 66.42 20.98 51.07
C SER F 271 66.68 22.30 50.36
N ALA F 272 67.92 22.77 50.48
CA ALA F 272 68.32 24.06 49.93
C ALA F 272 68.59 23.95 48.43
N GLY F 273 68.63 25.11 47.77
CA GLY F 273 68.90 25.14 46.36
C GLY F 273 70.34 24.78 46.04
N ILE F 274 70.61 24.62 44.73
CA ILE F 274 71.91 24.12 44.33
C ILE F 274 73.02 25.10 44.67
N HIS F 275 72.74 26.40 44.57
CA HIS F 275 73.77 27.39 44.91
C HIS F 275 74.17 27.27 46.37
N GLU F 276 73.19 27.15 47.27
CA GLU F 276 73.50 27.01 48.68
C GLU F 276 74.13 25.66 49.00
N THR F 277 73.75 24.61 48.28
CA THR F 277 74.40 23.32 48.45
C THR F 277 75.88 23.42 48.07
N THR F 278 76.18 24.06 46.95
CA THR F 278 77.57 24.24 46.56
C THR F 278 78.33 25.07 47.58
N TYR F 279 77.72 26.16 48.05
CA TYR F 279 78.39 26.98 49.06
C TYR F 279 78.69 26.19 50.33
N ASN F 280 77.72 25.41 50.81
CA ASN F 280 77.98 24.60 52.00
C ASN F 280 79.07 23.57 51.72
N SER F 281 79.12 23.05 50.50
CA SER F 281 80.07 21.99 50.19
C SER F 281 81.50 22.48 50.29
N ILE F 282 81.77 23.68 49.77
CA ILE F 282 83.12 24.23 49.85
C ILE F 282 83.47 24.58 51.30
N MET F 283 82.51 25.10 52.06
CA MET F 283 82.79 25.50 53.43
C MET F 283 83.13 24.32 54.34
N LYS F 284 82.89 23.08 53.91
CA LYS F 284 83.32 21.94 54.67
C LYS F 284 84.75 21.54 54.36
N CYS F 285 85.36 22.13 53.33
CA CYS F 285 86.76 21.90 53.02
C CYS F 285 87.64 22.80 53.88
N ASP F 286 88.93 22.46 53.92
CA ASP F 286 89.87 23.20 54.75
C ASP F 286 90.00 24.64 54.25
N ILE F 287 90.27 25.56 55.18
CA ILE F 287 90.20 26.98 54.87
C ILE F 287 91.24 27.38 53.83
N ASP F 288 92.34 26.62 53.74
CA ASP F 288 93.39 26.96 52.79
C ASP F 288 93.06 26.57 51.36
N ILE F 289 92.02 25.76 51.16
CA ILE F 289 91.67 25.27 49.84
C ILE F 289 90.54 26.06 49.20
N ARG F 290 89.74 26.77 50.01
CA ARG F 290 88.50 27.37 49.50
C ARG F 290 88.74 28.31 48.34
N LYS F 291 89.90 28.96 48.29
CA LYS F 291 90.15 29.95 47.25
C LYS F 291 90.19 29.30 45.86
N ASP F 292 90.85 28.15 45.75
CA ASP F 292 90.91 27.49 44.45
C ASP F 292 89.56 26.92 44.05
N LEU F 293 88.78 26.45 45.02
CA LEU F 293 87.48 25.89 44.71
C LEU F 293 86.47 26.97 44.36
N TYR F 294 86.64 28.20 44.86
CA TYR F 294 85.78 29.28 44.41
C TYR F 294 85.95 29.57 42.92
N ALA F 295 87.14 29.28 42.37
CA ALA F 295 87.49 29.73 41.03
C ALA F 295 87.62 28.57 40.04
N ASN F 296 86.99 27.43 40.32
CA ASN F 296 87.01 26.31 39.38
C ASN F 296 85.70 25.54 39.41
N ASN F 297 84.58 26.25 39.45
CA ASN F 297 83.27 25.60 39.40
C ASN F 297 83.08 24.98 38.03
N VAL F 298 83.09 23.65 37.95
CA VAL F 298 82.94 22.94 36.68
C VAL F 298 81.59 22.26 36.67
N MET F 299 80.77 22.57 35.68
CA MET F 299 79.45 22.01 35.54
C MET F 299 79.42 20.99 34.42
N SER F 300 78.53 20.00 34.55
CA SER F 300 78.44 18.94 33.56
C SER F 300 77.12 18.20 33.74
N GLY F 301 76.41 17.97 32.64
CA GLY F 301 75.19 17.20 32.70
C GLY F 301 74.06 17.82 31.90
N GLY F 302 73.01 17.03 31.62
CA GLY F 302 71.91 17.56 30.85
C GLY F 302 71.21 18.72 31.51
N THR F 303 70.96 18.60 32.82
CA THR F 303 70.33 19.69 33.55
C THR F 303 71.21 20.92 33.61
N THR F 304 72.50 20.79 33.31
CA THR F 304 73.39 21.94 33.26
C THR F 304 73.43 22.59 31.89
N MET F 305 72.50 22.25 31.00
CA MET F 305 72.47 22.82 29.66
C MET F 305 71.38 23.88 29.48
N TYR F 306 70.64 24.22 30.53
CA TYR F 306 69.67 25.29 30.41
C TYR F 306 70.40 26.59 30.10
N PRO F 307 70.04 27.30 29.03
CA PRO F 307 70.69 28.58 28.76
C PRO F 307 70.54 29.56 29.91
N GLY F 308 71.63 30.25 30.23
CA GLY F 308 71.65 31.23 31.29
C GLY F 308 71.86 30.66 32.68
N ILE F 309 72.08 29.35 32.82
CA ILE F 309 72.25 28.78 34.14
C ILE F 309 73.56 29.23 34.76
N ALA F 310 74.60 29.38 33.94
CA ALA F 310 75.91 29.76 34.47
C ALA F 310 75.87 31.13 35.11
N ASP F 311 75.23 32.10 34.45
CA ASP F 311 75.19 33.45 35.00
C ASP F 311 74.43 33.50 36.32
N ARG F 312 73.30 32.81 36.41
CA ARG F 312 72.56 32.79 37.66
C ARG F 312 73.35 32.12 38.78
N MET F 313 74.03 31.01 38.46
CA MET F 313 74.83 30.33 39.48
C MET F 313 75.97 31.23 39.95
N GLN F 314 76.64 31.91 39.01
CA GLN F 314 77.71 32.82 39.40
C GLN F 314 77.20 33.95 40.27
N LYS F 315 76.06 34.54 39.90
CA LYS F 315 75.49 35.62 40.70
C LYS F 315 75.18 35.15 42.12
N GLU F 316 74.54 33.99 42.23
CA GLU F 316 74.16 33.49 43.55
C GLU F 316 75.38 33.19 44.42
N ILE F 317 76.36 32.49 43.86
CA ILE F 317 77.53 32.13 44.65
C ILE F 317 78.29 33.39 45.06
N THR F 318 78.45 34.34 44.14
CA THR F 318 79.11 35.60 44.50
C THR F 318 78.34 36.31 45.60
N ALA F 319 77.02 36.22 45.58
CA ALA F 319 76.23 36.76 46.69
C ALA F 319 76.56 36.04 48.00
N LEU F 320 76.83 34.74 47.94
CA LEU F 320 77.15 34.00 49.16
C LEU F 320 78.63 34.05 49.51
N ALA F 321 79.51 34.08 48.51
CA ALA F 321 80.95 34.00 48.77
C ALA F 321 81.47 35.31 49.35
N PRO F 322 82.64 35.29 49.97
CA PRO F 322 83.25 36.54 50.43
C PRO F 322 83.57 37.46 49.27
N SER F 323 83.59 38.76 49.56
CA SER F 323 83.76 39.77 48.51
C SER F 323 85.11 39.65 47.82
N THR F 324 86.17 39.43 48.59
CA THR F 324 87.52 39.46 48.05
C THR F 324 87.85 38.24 47.21
N MET F 325 87.01 37.21 47.21
CA MET F 325 87.28 36.01 46.44
C MET F 325 86.73 36.15 45.02
N LYS F 326 87.30 35.37 44.10
CA LYS F 326 86.92 35.40 42.70
C LYS F 326 86.16 34.13 42.33
N ILE F 327 85.00 34.30 41.71
CA ILE F 327 84.11 33.20 41.34
C ILE F 327 84.14 33.05 39.83
N LYS F 328 84.39 31.83 39.36
CA LYS F 328 84.53 31.56 37.94
C LYS F 328 83.84 30.25 37.60
N ILE F 329 82.69 30.32 36.94
CA ILE F 329 81.97 29.12 36.51
C ILE F 329 82.54 28.66 35.17
N ILE F 330 82.87 27.38 35.08
CA ILE F 330 83.40 26.79 33.85
C ILE F 330 82.32 25.89 33.28
N ALA F 331 81.77 26.28 32.12
CA ALA F 331 80.68 25.56 31.46
C ALA F 331 81.11 25.24 30.04
N PRO F 332 81.88 24.17 29.84
CA PRO F 332 82.31 23.81 28.49
C PRO F 332 81.12 23.44 27.64
N PRO F 333 81.22 23.66 26.32
CA PRO F 333 80.07 23.38 25.45
C PRO F 333 79.66 21.92 25.37
N GLU F 334 80.54 20.99 25.74
CA GLU F 334 80.25 19.57 25.67
C GLU F 334 80.00 18.97 27.04
N ARG F 335 79.51 19.77 27.99
CA ARG F 335 79.30 19.28 29.34
C ARG F 335 78.21 18.24 29.43
N LYS F 336 77.41 18.05 28.38
CA LYS F 336 76.48 16.93 28.36
C LYS F 336 77.22 15.60 28.22
N TYR F 337 78.41 15.61 27.63
CA TYR F 337 79.20 14.40 27.46
C TYR F 337 80.51 14.44 28.22
N SER F 338 80.59 15.24 29.29
CA SER F 338 81.83 15.33 30.06
C SER F 338 82.17 14.00 30.72
N VAL F 339 81.17 13.34 31.31
CA VAL F 339 81.44 12.11 32.04
C VAL F 339 81.99 11.03 31.12
N TRP F 340 81.39 10.89 29.93
CA TRP F 340 81.84 9.85 29.01
C TRP F 340 83.25 10.13 28.51
N ILE F 341 83.56 11.37 28.18
CA ILE F 341 84.89 11.70 27.71
C ILE F 341 85.92 11.45 28.80
N GLY F 342 85.61 11.85 30.03
CA GLY F 342 86.51 11.60 31.13
C GLY F 342 86.74 10.11 31.35
N GLY F 343 85.69 9.31 31.22
CA GLY F 343 85.84 7.87 31.34
C GLY F 343 86.73 7.30 30.26
N SER F 344 86.57 7.78 29.02
CA SER F 344 87.41 7.31 27.93
C SER F 344 88.87 7.68 28.18
N ILE F 345 89.11 8.88 28.71
CA ILE F 345 90.49 9.28 29.02
C ILE F 345 91.06 8.38 30.11
N LEU F 346 90.29 8.12 31.16
CA LEU F 346 90.80 7.29 32.25
C LEU F 346 91.09 5.88 31.79
N ALA F 347 90.21 5.29 30.99
CA ALA F 347 90.45 3.93 30.51
C ALA F 347 91.62 3.86 29.55
N SER F 348 92.06 4.99 29.00
CA SER F 348 93.14 5.02 28.02
C SER F 348 94.49 5.37 28.62
N LEU F 349 94.56 5.61 29.93
CA LEU F 349 95.83 5.91 30.57
C LEU F 349 96.56 4.62 30.91
N SER F 350 97.88 4.64 30.79
CA SER F 350 98.69 3.46 31.07
C SER F 350 98.60 3.06 32.55
N THR F 351 98.70 4.03 33.45
CA THR F 351 98.71 3.72 34.88
C THR F 351 97.39 3.15 35.37
N PHE F 352 96.27 3.49 34.71
CA PHE F 352 94.98 2.96 35.12
C PHE F 352 94.86 1.46 34.90
N GLN F 353 95.75 0.86 34.11
CA GLN F 353 95.61 -0.55 33.75
C GLN F 353 95.83 -1.50 34.91
N GLN F 354 96.30 -1.02 36.05
CA GLN F 354 96.44 -1.86 37.23
C GLN F 354 95.23 -1.80 38.15
N MET F 355 94.20 -1.04 37.78
CA MET F 355 93.03 -0.87 38.63
C MET F 355 91.79 -1.59 38.13
N TRP F 356 91.89 -2.36 37.04
CA TRP F 356 90.75 -3.17 36.63
C TRP F 356 90.50 -4.30 37.63
N ILE F 357 89.25 -4.72 37.72
CA ILE F 357 88.87 -5.88 38.50
C ILE F 357 88.70 -7.02 37.51
N THR F 358 89.57 -8.03 37.60
CA THR F 358 89.56 -9.15 36.69
C THR F 358 88.77 -10.33 37.27
N LYS F 359 88.47 -11.30 36.41
CA LYS F 359 87.64 -12.43 36.84
C LYS F 359 88.32 -13.23 37.95
N GLN F 360 89.65 -13.32 37.91
CA GLN F 360 90.37 -14.04 38.96
C GLN F 360 90.17 -13.38 40.32
N GLU F 361 90.24 -12.05 40.35
CA GLU F 361 89.97 -11.34 41.61
C GLU F 361 88.50 -11.43 41.98
N TYR F 362 87.61 -11.42 40.98
CA TYR F 362 86.18 -11.50 41.27
C TYR F 362 85.82 -12.83 41.92
N ASP F 363 86.41 -13.93 41.44
CA ASP F 363 86.05 -15.24 41.96
C ASP F 363 86.55 -15.43 43.38
N GLU F 364 87.67 -14.80 43.74
CA GLU F 364 88.22 -15.00 45.07
C GLU F 364 87.39 -14.29 46.14
N ALA F 365 87.00 -13.04 45.88
CA ALA F 365 86.32 -12.25 46.91
C ALA F 365 84.82 -12.14 46.68
N GLY F 366 84.39 -12.08 45.43
CA GLY F 366 82.98 -11.93 45.13
C GLY F 366 82.71 -10.47 44.84
N PRO F 367 81.46 -10.13 44.50
CA PRO F 367 81.16 -8.75 44.13
C PRO F 367 81.74 -7.79 45.15
N SER F 368 81.62 -8.11 46.42
CA SER F 368 82.14 -7.26 47.47
C SER F 368 83.45 -6.59 47.10
N ILE F 369 84.35 -7.34 46.49
CA ILE F 369 85.66 -6.80 46.13
C ILE F 369 85.55 -5.40 45.53
N VAL F 370 84.38 -5.04 45.00
CA VAL F 370 84.25 -3.77 44.30
C VAL F 370 84.41 -2.59 45.26
N HIS F 371 83.95 -2.73 46.49
CA HIS F 371 84.12 -1.65 47.47
C HIS F 371 85.59 -1.41 47.75
N ARG F 372 86.39 -2.48 47.75
CA ARG F 372 87.79 -2.37 48.15
C ARG F 372 88.63 -1.67 47.08
N LYS F 373 88.39 -1.98 45.80
CA LYS F 373 89.21 -1.45 44.73
C LYS F 373 88.65 -0.21 44.05
N CYS F 374 87.43 0.20 44.40
CA CYS F 374 86.79 1.35 43.77
C CYS F 374 86.38 2.35 44.83
N PHE F 375 86.49 3.63 44.48
CA PHE F 375 86.08 4.69 45.39
C PHE F 375 84.60 5.01 45.18
N THR G 5 23.34 39.87 56.91
CA THR G 5 22.76 39.29 55.70
C THR G 5 23.07 37.80 55.64
N THR G 6 22.29 37.07 54.84
CA THR G 6 22.38 35.62 54.77
C THR G 6 23.25 35.23 53.58
N ALA G 7 24.16 34.27 53.81
CA ALA G 7 25.08 33.83 52.77
C ALA G 7 24.48 32.67 51.97
N LEU G 8 24.87 32.58 50.70
CA LEU G 8 24.41 31.53 49.81
C LEU G 8 25.58 30.61 49.47
N VAL G 9 25.31 29.32 49.46
CA VAL G 9 26.29 28.30 49.09
C VAL G 9 25.79 27.61 47.84
N CYS G 10 26.62 27.58 46.80
CA CYS G 10 26.25 27.01 45.51
C CYS G 10 27.38 26.10 45.05
N ASP G 11 27.13 24.79 45.10
CA ASP G 11 28.11 23.79 44.66
C ASP G 11 27.72 23.36 43.25
N ASN G 12 28.31 24.00 42.26
CA ASN G 12 28.02 23.72 40.85
C ASN G 12 28.85 22.55 40.33
N GLY G 13 28.48 21.36 40.79
CA GLY G 13 29.17 20.15 40.37
C GLY G 13 28.88 19.80 38.93
N SER G 14 29.63 18.81 38.42
CA SER G 14 29.49 18.42 37.03
C SER G 14 28.10 17.87 36.72
N GLY G 15 27.58 17.03 37.60
CA GLY G 15 26.30 16.37 37.35
C GLY G 15 25.12 17.11 37.95
N LEU G 16 25.18 17.40 39.24
CA LEU G 16 24.08 18.05 39.95
C LEU G 16 24.53 19.40 40.48
N VAL G 17 23.56 20.27 40.74
CA VAL G 17 23.80 21.58 41.31
C VAL G 17 23.14 21.62 42.67
N LYS G 18 23.92 21.89 43.71
CA LYS G 18 23.42 22.01 45.07
C LYS G 18 23.43 23.46 45.50
N ALA G 19 22.31 23.94 46.03
CA ALA G 19 22.19 25.32 46.45
C ALA G 19 21.41 25.38 47.75
N GLY G 20 21.56 26.50 48.45
CA GLY G 20 20.85 26.68 49.70
C GLY G 20 21.35 27.92 50.42
N PHE G 21 21.07 27.98 51.72
CA PHE G 21 21.48 29.09 52.55
C PHE G 21 22.49 28.63 53.60
N ALA G 22 23.40 29.52 53.94
CA ALA G 22 24.41 29.22 54.95
C ALA G 22 23.75 29.08 56.32
N GLY G 23 24.29 28.18 57.13
CA GLY G 23 23.73 27.90 58.42
C GLY G 23 22.67 26.81 58.43
N ASP G 24 22.27 26.32 57.26
CA ASP G 24 21.32 25.23 57.18
C ASP G 24 22.03 23.88 57.25
N ASP G 25 21.24 22.83 57.48
CA ASP G 25 21.77 21.49 57.57
C ASP G 25 21.77 20.74 56.25
N ALA G 26 20.91 21.13 55.31
CA ALA G 26 20.79 20.47 54.03
C ALA G 26 20.57 21.50 52.94
N PRO G 27 20.94 21.19 51.71
CA PRO G 27 20.62 22.10 50.59
C PRO G 27 19.12 22.17 50.36
N ARG G 28 18.67 23.34 49.90
CA ARG G 28 17.26 23.55 49.63
C ARG G 28 16.86 23.18 48.21
N ALA G 29 17.77 23.33 47.25
CA ALA G 29 17.48 23.00 45.87
C ALA G 29 18.59 22.12 45.32
N VAL G 30 18.21 21.01 44.68
CA VAL G 30 19.16 20.12 44.02
C VAL G 30 18.52 19.68 42.71
N PHE G 31 19.10 20.09 41.59
CA PHE G 31 18.59 19.77 40.27
C PHE G 31 19.75 19.43 39.35
N PRO G 32 19.51 18.63 38.31
CA PRO G 32 20.59 18.26 37.40
C PRO G 32 21.12 19.46 36.64
N SER G 33 22.41 19.40 36.30
CA SER G 33 23.07 20.49 35.60
C SER G 33 23.05 20.23 34.10
N ILE G 34 21.84 20.25 33.54
CA ILE G 34 21.64 19.98 32.12
C ILE G 34 20.83 21.11 31.50
N VAL G 35 21.17 21.44 30.26
CA VAL G 35 20.43 22.40 29.46
C VAL G 35 19.97 21.68 28.19
N GLY G 36 18.68 21.73 27.94
CA GLY G 36 18.08 20.98 26.84
C GLY G 36 17.43 21.90 25.82
N ARG G 37 17.55 21.53 24.56
CA ARG G 37 16.97 22.28 23.46
C ARG G 37 16.19 21.35 22.54
N PRO G 38 15.11 21.84 21.94
CA PRO G 38 14.29 20.97 21.09
C PRO G 38 15.06 20.52 19.85
N ARG G 39 14.75 19.31 19.39
CA ARG G 39 15.36 18.76 18.19
C ARG G 39 14.33 18.46 17.10
N HIS G 40 13.04 18.63 17.38
CA HIS G 40 11.99 18.45 16.38
C HIS G 40 11.30 19.77 16.14
N GLN G 41 10.70 19.90 14.96
CA GLN G 41 10.10 21.16 14.54
C GLN G 41 8.67 21.26 15.05
N GLY G 42 8.33 22.40 15.65
CA GLY G 42 7.04 22.55 16.28
C GLY G 42 5.94 22.81 15.27
N VAL G 43 4.74 22.30 15.60
CA VAL G 43 3.60 22.40 14.69
C VAL G 43 2.38 23.03 15.34
N MET G 44 2.21 22.99 16.65
CA MET G 44 1.02 23.53 17.29
C MET G 44 1.32 24.91 17.85
N VAL G 45 0.56 25.89 17.43
CA VAL G 45 0.72 27.26 17.88
C VAL G 45 -0.24 27.52 19.03
N GLY G 46 0.15 28.44 19.91
CA GLY G 46 -0.67 28.87 21.03
C GLY G 46 -0.12 28.50 22.39
N MET G 47 0.44 27.30 22.53
CA MET G 47 1.02 26.89 23.80
C MET G 47 2.31 27.65 24.07
N GLY G 48 3.11 27.86 23.04
CA GLY G 48 4.38 28.53 23.20
C GLY G 48 5.48 27.58 23.64
N GLN G 49 6.65 27.69 23.05
CA GLN G 49 7.78 26.87 23.43
C GLN G 49 8.97 27.76 23.73
N LYS G 50 9.62 27.54 24.86
CA LYS G 50 10.88 28.20 25.14
C LYS G 50 11.98 27.60 24.27
N ASP G 51 12.99 28.42 23.97
CA ASP G 51 14.11 27.94 23.16
C ASP G 51 14.96 26.93 23.90
N SER G 52 14.90 26.91 25.24
CA SER G 52 15.75 26.02 26.01
C SER G 52 15.04 25.68 27.32
N TYR G 53 15.47 24.58 27.92
CA TYR G 53 14.97 24.14 29.20
C TYR G 53 16.14 23.85 30.12
N VAL G 54 15.98 24.15 31.41
CA VAL G 54 17.05 24.08 32.39
C VAL G 54 16.57 23.27 33.58
N GLY G 55 17.39 22.30 33.99
CA GLY G 55 17.14 21.60 35.24
C GLY G 55 16.06 20.55 35.14
N ASP G 56 15.21 20.44 36.17
CA ASP G 56 14.18 19.41 36.18
C ASP G 56 13.24 19.52 35.00
N GLU G 57 12.98 20.75 34.54
CA GLU G 57 12.09 20.94 33.41
C GLU G 57 12.64 20.25 32.17
N ALA G 58 13.95 20.32 31.95
CA ALA G 58 14.55 19.62 30.83
C ALA G 58 14.53 18.11 31.02
N GLN G 59 14.50 17.65 32.27
CA GLN G 59 14.42 16.21 32.51
C GLN G 59 13.04 15.66 32.15
N SER G 60 11.98 16.40 32.49
CA SER G 60 10.63 15.90 32.25
C SER G 60 10.35 15.75 30.76
N LYS G 61 10.77 16.72 29.96
CA LYS G 61 10.50 16.73 28.52
C LYS G 61 11.68 16.18 27.72
N ARG G 62 12.44 15.26 28.30
CA ARG G 62 13.67 14.83 27.65
C ARG G 62 13.43 14.01 26.40
N GLY G 63 12.19 13.62 26.11
CA GLY G 63 11.92 12.87 24.90
C GLY G 63 11.98 13.68 23.63
N ILE G 64 12.03 15.00 23.72
CA ILE G 64 12.05 15.86 22.53
C ILE G 64 13.18 16.87 22.62
N LEU G 65 14.15 16.63 23.50
CA LEU G 65 15.23 17.56 23.72
C LEU G 65 16.57 16.84 23.60
N THR G 66 17.63 17.62 23.38
CA THR G 66 19.00 17.15 23.46
C THR G 66 19.65 17.84 24.66
N LEU G 67 20.09 17.04 25.63
CA LEU G 67 20.59 17.57 26.88
C LEU G 67 22.09 17.72 26.80
N LYS G 68 22.58 18.95 27.00
CA LYS G 68 24.01 19.25 26.94
C LYS G 68 24.49 19.67 28.33
N TYR G 69 25.53 19.00 28.81
CA TYR G 69 26.10 19.32 30.11
C TYR G 69 27.03 20.51 29.97
N PRO G 70 26.76 21.64 30.64
CA PRO G 70 27.69 22.77 30.54
C PRO G 70 29.05 22.50 31.15
N ILE G 71 29.17 21.56 32.08
CA ILE G 71 30.43 21.25 32.73
C ILE G 71 30.83 19.82 32.37
N GLU G 72 32.05 19.65 31.87
CA GLU G 72 32.54 18.34 31.48
C GLU G 72 33.36 17.70 32.59
N HIC G 73 34.68 17.73 32.43
CA HIC G 73 35.57 17.11 33.40
C HIC G 73 35.92 18.10 34.50
O HIC G 73 37.10 18.22 34.88
CB HIC G 73 36.84 16.60 32.73
CG HIC G 73 37.09 17.35 31.41
ND1 HIC G 73 37.17 16.82 30.22
CD2 HIC G 73 37.28 18.69 31.28
CE1 HIC G 73 37.40 17.79 29.33
NE2 HIC G 73 37.47 18.95 30.00
CZ HIC G 73 37.70 20.26 29.42
N GLY G 74 34.92 18.83 34.99
CA GLY G 74 35.14 19.78 36.07
C GLY G 74 35.45 21.18 35.59
N ILE G 75 35.62 21.32 34.27
CA ILE G 75 35.94 22.60 33.64
C ILE G 75 34.72 23.06 32.86
N ILE G 76 34.32 24.31 33.08
CA ILE G 76 33.15 24.89 32.42
C ILE G 76 33.50 25.08 30.94
N THR G 77 32.91 24.27 30.07
CA THR G 77 33.13 24.46 28.64
C THR G 77 32.20 25.52 28.08
N ASN G 78 30.89 25.31 28.21
CA ASN G 78 29.90 26.26 27.73
C ASN G 78 29.60 27.27 28.82
N TRP G 79 29.84 28.55 28.54
CA TRP G 79 29.59 29.59 29.52
C TRP G 79 28.17 30.14 29.47
N ASP G 80 27.57 30.22 28.29
CA ASP G 80 26.20 30.72 28.20
C ASP G 80 25.25 29.78 28.94
N ASP G 81 25.45 28.47 28.77
CA ASP G 81 24.62 27.50 29.49
C ASP G 81 24.82 27.62 31.00
N MET G 82 26.06 27.83 31.45
CA MET G 82 26.28 27.99 32.88
C MET G 82 25.64 29.29 33.38
N GLU G 83 25.63 30.34 32.56
CA GLU G 83 24.93 31.55 32.94
C GLU G 83 23.44 31.29 33.13
N LYS G 84 22.84 30.51 32.22
CA LYS G 84 21.44 30.16 32.38
C LYS G 84 21.23 29.29 33.61
N ILE G 85 22.17 28.38 33.90
CA ILE G 85 22.05 27.55 35.10
C ILE G 85 22.06 28.40 36.35
N TRP G 86 22.96 29.38 36.41
CA TRP G 86 23.00 30.24 37.59
C TRP G 86 21.77 31.13 37.67
N HIS G 87 21.28 31.61 36.52
CA HIS G 87 20.02 32.34 36.51
C HIS G 87 18.90 31.53 37.13
N HIS G 88 18.79 30.26 36.72
CA HIS G 88 17.78 29.39 37.28
C HIS G 88 17.99 29.23 38.78
N THR G 89 19.22 28.89 39.18
CA THR G 89 19.53 28.67 40.59
C THR G 89 19.20 29.87 41.46
N PHE G 90 19.30 31.08 40.91
CA PHE G 90 19.07 32.28 41.69
C PHE G 90 17.63 32.73 41.69
N TYR G 91 16.89 32.55 40.59
CA TYR G 91 15.57 33.16 40.49
C TYR G 91 14.41 32.18 40.48
N ASN G 92 14.63 30.87 40.33
CA ASN G 92 13.52 29.94 40.23
C ASN G 92 13.56 28.81 41.25
N GLU G 93 14.65 28.65 41.99
CA GLU G 93 14.75 27.60 42.99
C GLU G 93 14.96 28.14 44.39
N LEU G 94 15.88 29.09 44.56
CA LEU G 94 16.08 29.74 45.85
C LEU G 94 15.23 31.00 46.00
N ARG G 95 14.77 31.58 44.91
CA ARG G 95 13.93 32.77 44.91
C ARG G 95 14.58 33.90 45.71
N VAL G 96 15.80 34.24 45.31
CA VAL G 96 16.56 35.26 46.01
C VAL G 96 16.98 36.35 45.04
N ALA G 97 17.48 37.45 45.58
CA ALA G 97 18.07 38.52 44.78
C ALA G 97 19.57 38.49 45.02
N PRO G 98 20.38 38.21 43.99
CA PRO G 98 21.81 38.00 44.23
C PRO G 98 22.51 39.18 44.87
N GLU G 99 22.10 40.41 44.55
CA GLU G 99 22.80 41.58 45.07
C GLU G 99 22.75 41.67 46.59
N GLU G 100 21.83 40.96 47.25
CA GLU G 100 21.65 41.06 48.69
C GLU G 100 22.15 39.84 49.43
N HIS G 101 23.05 39.05 48.84
CA HIS G 101 23.55 37.85 49.48
C HIS G 101 24.98 37.58 49.05
N PRO G 102 25.89 37.31 49.98
CA PRO G 102 27.23 36.84 49.58
C PRO G 102 27.19 35.37 49.22
N THR G 103 27.70 35.03 48.05
CA THR G 103 27.62 33.69 47.50
C THR G 103 28.98 33.01 47.56
N LEU G 104 29.00 31.73 47.87
CA LEU G 104 30.21 30.93 47.91
C LEU G 104 30.18 29.92 46.77
N LEU G 105 31.36 29.53 46.31
CA LEU G 105 31.50 28.63 45.18
C LEU G 105 32.50 27.55 45.50
N THR G 106 32.51 26.50 44.69
CA THR G 106 33.45 25.41 44.84
C THR G 106 34.15 25.16 43.51
N GLU G 107 35.36 24.62 43.59
CA GLU G 107 36.14 24.32 42.40
C GLU G 107 37.08 23.15 42.70
N ALA G 108 37.21 22.27 41.71
CA ALA G 108 38.10 21.13 41.87
C ALA G 108 39.56 21.59 41.83
N PRO G 109 40.44 20.98 42.61
CA PRO G 109 41.84 21.39 42.60
C PRO G 109 42.51 21.07 41.27
N LEU G 110 43.57 21.83 40.99
CA LEU G 110 44.39 21.69 39.78
C LEU G 110 43.64 22.01 38.50
N ASN G 111 42.56 22.77 38.57
CA ASN G 111 41.84 23.17 37.38
C ASN G 111 42.52 24.35 36.71
N PRO G 112 42.22 24.59 35.43
CA PRO G 112 42.77 25.78 34.77
C PRO G 112 42.34 27.06 35.48
N LYS G 113 43.24 28.04 35.53
CA LYS G 113 42.97 29.26 36.28
C LYS G 113 41.99 30.15 35.55
N ALA G 114 41.89 30.02 34.22
CA ALA G 114 40.89 30.79 33.48
C ALA G 114 39.48 30.46 33.93
N ASN G 115 39.26 29.22 34.40
CA ASN G 115 37.93 28.83 34.84
C ASN G 115 37.48 29.67 36.03
N ARG G 116 38.30 29.72 37.07
CA ARG G 116 37.92 30.52 38.24
C ARG G 116 37.94 32.01 37.93
N GLU G 117 38.83 32.46 37.04
CA GLU G 117 38.83 33.87 36.68
C GLU G 117 37.50 34.27 36.03
N LYS G 118 37.04 33.48 35.07
CA LYS G 118 35.75 33.77 34.45
C LYS G 118 34.60 33.62 35.43
N MET G 119 34.67 32.65 36.35
CA MET G 119 33.63 32.54 37.37
C MET G 119 33.52 33.83 38.18
N THR G 120 34.66 34.33 38.66
CA THR G 120 34.65 35.54 39.44
C THR G 120 34.12 36.72 38.63
N GLN G 121 34.55 36.83 37.37
CA GLN G 121 34.09 37.95 36.55
C GLN G 121 32.58 37.88 36.32
N ILE G 122 32.06 36.70 36.00
CA ILE G 122 30.65 36.55 35.72
C ILE G 122 29.83 36.91 36.96
N MET G 123 30.25 36.43 38.13
CA MET G 123 29.47 36.74 39.31
C MET G 123 29.60 38.20 39.72
N PHE G 124 30.71 38.86 39.42
CA PHE G 124 30.80 40.26 39.80
C PHE G 124 30.23 41.21 38.76
N GLU G 125 29.88 40.74 37.57
CA GLU G 125 29.31 41.64 36.56
C GLU G 125 27.86 41.32 36.23
N THR G 126 27.56 40.08 35.86
CA THR G 126 26.18 39.75 35.48
C THR G 126 25.24 39.80 36.68
N PHE G 127 25.66 39.27 37.83
CA PHE G 127 24.78 39.19 38.98
C PHE G 127 25.08 40.22 40.07
N ASN G 128 26.23 40.89 40.00
CA ASN G 128 26.57 41.97 40.93
C ASN G 128 26.48 41.51 42.38
N VAL G 129 27.07 40.35 42.68
CA VAL G 129 27.03 39.86 44.05
C VAL G 129 27.87 40.77 44.94
N PRO G 130 27.43 41.07 46.16
CA PRO G 130 28.26 41.92 47.03
C PRO G 130 29.57 41.28 47.44
N ALA G 131 29.62 39.97 47.61
CA ALA G 131 30.85 39.31 48.01
C ALA G 131 30.79 37.85 47.57
N MET G 132 31.97 37.26 47.36
CA MET G 132 32.05 35.88 46.88
C MET G 132 33.33 35.24 47.40
N TYR G 133 33.44 33.94 47.19
CA TYR G 133 34.63 33.20 47.57
C TYR G 133 34.60 31.84 46.88
N VAL G 134 35.76 31.35 46.47
CA VAL G 134 35.90 30.06 45.82
C VAL G 134 36.74 29.17 46.72
N ALA G 135 36.20 28.01 47.08
CA ALA G 135 36.89 27.08 47.95
C ALA G 135 37.21 25.80 47.19
N ILE G 136 38.11 25.02 47.77
CA ILE G 136 38.46 23.71 47.22
C ILE G 136 37.54 22.67 47.83
N GLN G 137 36.94 21.84 46.97
CA GLN G 137 35.86 20.96 47.44
C GLN G 137 36.33 20.03 48.54
N ALA G 138 37.56 19.53 48.45
CA ALA G 138 38.06 18.61 49.47
C ALA G 138 38.13 19.28 50.84
N VAL G 139 38.53 20.55 50.88
CA VAL G 139 38.62 21.25 52.16
C VAL G 139 37.24 21.38 52.79
N LEU G 140 36.23 21.74 52.00
CA LEU G 140 34.87 21.81 52.54
C LEU G 140 34.41 20.44 53.00
N SER G 141 34.75 19.39 52.26
CA SER G 141 34.40 18.05 52.68
C SER G 141 35.00 17.74 54.04
N LEU G 142 36.23 18.18 54.29
CA LEU G 142 36.83 17.95 55.59
C LEU G 142 36.18 18.80 56.68
N TYR G 143 35.75 20.02 56.37
CA TYR G 143 34.98 20.78 57.34
C TYR G 143 33.71 20.06 57.74
N ALA G 144 33.01 19.47 56.76
CA ALA G 144 31.71 18.90 57.05
C ALA G 144 31.79 17.74 58.03
N SER G 145 32.89 16.99 58.02
CA SER G 145 33.02 15.83 58.88
C SER G 145 33.58 16.17 60.25
N GLY G 146 33.79 17.44 60.56
CA GLY G 146 34.25 17.84 61.87
C GLY G 146 35.64 17.36 62.22
N ARG G 147 36.53 17.28 61.24
CA ARG G 147 37.90 16.83 61.46
C ARG G 147 38.86 17.87 60.90
N THR G 148 40.06 17.91 61.47
CA THR G 148 41.12 18.76 60.96
C THR G 148 42.33 17.98 60.47
N THR G 149 42.29 16.65 60.54
CA THR G 149 43.36 15.82 60.01
C THR G 149 42.74 14.67 59.22
N GLY G 150 43.29 14.41 58.06
CA GLY G 150 42.80 13.31 57.24
C GLY G 150 43.00 13.59 55.77
N ILE G 151 42.80 12.55 54.97
CA ILE G 151 42.94 12.62 53.53
C ILE G 151 41.56 12.48 52.91
N VAL G 152 41.20 13.41 52.04
CA VAL G 152 39.86 13.48 51.48
C VAL G 152 39.89 12.89 50.08
N LEU G 153 38.98 11.97 49.81
CA LEU G 153 38.81 11.39 48.48
C LEU G 153 37.41 11.78 48.01
N ASP G 154 37.31 12.93 47.36
CA ASP G 154 36.05 13.40 46.82
C ASP G 154 35.92 12.93 45.37
N SER G 155 34.93 12.09 45.11
CA SER G 155 34.69 11.56 43.78
C SER G 155 33.29 11.93 43.36
N GLY G 156 33.17 12.92 42.48
CA GLY G 156 31.86 13.38 42.06
C GLY G 156 31.45 12.83 40.72
N ASP G 157 30.94 13.69 39.85
CA ASP G 157 30.49 13.27 38.54
C ASP G 157 31.55 13.38 37.47
N GLY G 158 32.50 14.31 37.63
CA GLY G 158 33.50 14.50 36.61
C GLY G 158 34.93 14.29 37.04
N VAL G 159 35.24 14.56 38.31
CA VAL G 159 36.62 14.56 38.79
C VAL G 159 36.70 13.76 40.08
N THR G 160 37.77 12.98 40.22
CA THR G 160 38.07 12.23 41.44
C THR G 160 39.47 12.65 41.90
N HIS G 161 39.55 13.33 43.04
CA HIS G 161 40.82 13.89 43.48
C HIS G 161 41.03 13.62 44.96
N ASN G 162 42.31 13.64 45.35
CA ASN G 162 42.75 13.39 46.71
C ASN G 162 43.48 14.61 47.24
N VAL G 163 43.19 15.02 48.46
CA VAL G 163 43.84 16.18 49.06
C VAL G 163 44.18 15.89 50.51
N PRO G 164 45.45 15.63 50.85
CA PRO G 164 45.79 15.32 52.24
C PRO G 164 45.96 16.60 53.05
N ILE G 165 45.34 16.63 54.24
CA ILE G 165 45.39 17.76 55.14
C ILE G 165 45.79 17.25 56.52
N TYR G 166 46.72 17.95 57.17
CA TYR G 166 47.18 17.60 58.50
C TYR G 166 47.17 18.83 59.38
N GLU G 167 46.42 18.77 60.49
CA GLU G 167 46.37 19.85 61.48
C GLU G 167 46.04 21.19 60.85
N GLY G 168 45.20 21.17 59.82
CA GLY G 168 44.87 22.39 59.11
C GLY G 168 45.88 22.83 58.07
N TYR G 169 46.96 22.07 57.89
CA TYR G 169 47.96 22.36 56.87
C TYR G 169 47.85 21.34 55.75
N ALA G 170 47.68 21.82 54.53
CA ALA G 170 47.62 20.94 53.37
C ALA G 170 49.01 20.81 52.75
N LEU G 171 49.17 19.75 51.97
CA LEU G 171 50.41 19.48 51.25
C LEU G 171 50.09 19.52 49.76
N PRO G 172 50.23 20.68 49.12
CA PRO G 172 49.84 20.78 47.70
C PRO G 172 50.59 19.82 46.80
N HIS G 173 51.84 19.52 47.11
CA HIS G 173 52.61 18.65 46.22
C HIS G 173 52.14 17.21 46.26
N ALA G 174 51.30 16.83 47.22
CA ALA G 174 50.77 15.48 47.29
C ALA G 174 49.36 15.37 46.74
N ILE G 175 48.79 16.47 46.25
CA ILE G 175 47.42 16.43 45.74
C ILE G 175 47.40 15.68 44.42
N MET G 176 46.49 14.72 44.30
CA MET G 176 46.29 13.96 43.07
C MET G 176 44.98 14.38 42.42
N ARG G 177 44.88 14.16 41.12
CA ARG G 177 43.65 14.41 40.38
C ARG G 177 43.56 13.39 39.26
N LEU G 178 42.36 12.82 39.08
CA LEU G 178 42.14 11.79 38.09
C LEU G 178 40.79 12.04 37.43
N ASP G 179 40.78 12.15 36.10
CA ASP G 179 39.56 12.43 35.36
C ASP G 179 38.81 11.13 35.06
N LEU G 180 38.38 10.48 36.14
CA LEU G 180 37.64 9.22 36.07
C LEU G 180 36.55 9.27 37.13
N ALA G 181 35.31 9.46 36.70
CA ALA G 181 34.24 9.70 37.65
C ALA G 181 32.94 9.15 37.08
N GLY G 182 31.82 9.61 37.64
CA GLY G 182 30.54 8.97 37.37
C GLY G 182 30.15 8.97 35.91
N ARG G 183 30.45 10.04 35.18
CA ARG G 183 30.06 10.10 33.78
C ARG G 183 30.78 9.04 32.96
N ASP G 184 32.07 8.82 33.24
CA ASP G 184 32.78 7.76 32.54
C ASP G 184 32.20 6.40 32.87
N LEU G 185 31.77 6.19 34.11
CA LEU G 185 31.11 4.93 34.44
C LEU G 185 29.81 4.78 33.69
N THR G 186 29.05 5.87 33.53
CA THR G 186 27.82 5.80 32.75
C THR G 186 28.11 5.43 31.30
N ASP G 187 29.15 6.04 30.73
CA ASP G 187 29.53 5.71 29.35
C ASP G 187 29.96 4.26 29.23
N TYR G 188 30.74 3.78 30.20
CA TYR G 188 31.17 2.39 30.15
C TYR G 188 30.00 1.43 30.26
N LEU G 189 29.03 1.75 31.11
CA LEU G 189 27.85 0.90 31.21
C LEU G 189 27.05 0.94 29.91
N MET G 190 26.95 2.11 29.28
CA MET G 190 26.27 2.18 28.00
C MET G 190 26.97 1.32 26.95
N LYS G 191 28.29 1.24 27.01
CA LYS G 191 29.00 0.37 26.09
C LYS G 191 28.79 -1.11 26.43
N ILE G 192 28.83 -1.46 27.72
CA ILE G 192 28.72 -2.85 28.12
C ILE G 192 27.30 -3.38 27.93
N LEU G 193 26.29 -2.52 28.10
CA LEU G 193 24.92 -2.98 27.96
C LEU G 193 24.62 -3.51 26.55
N THR G 194 25.44 -3.15 25.56
CA THR G 194 25.23 -3.68 24.22
C THR G 194 25.53 -5.17 24.14
N GLU G 195 26.25 -5.72 25.11
CA GLU G 195 26.52 -7.15 25.10
C GLU G 195 25.27 -7.98 25.31
N ARG G 196 24.21 -7.39 25.87
CA ARG G 196 22.95 -8.08 26.10
C ARG G 196 21.86 -7.59 25.15
N GLY G 197 22.24 -6.94 24.07
CA GLY G 197 21.28 -6.50 23.07
C GLY G 197 20.61 -5.18 23.35
N TYR G 198 20.89 -4.54 24.50
CA TYR G 198 20.31 -3.24 24.81
C TYR G 198 21.20 -2.15 24.25
N SER G 199 20.65 -1.30 23.39
CA SER G 199 21.40 -0.24 22.73
C SER G 199 20.81 1.10 23.16
N PHE G 200 21.63 1.94 23.77
CA PHE G 200 21.24 3.29 24.15
C PHE G 200 22.23 4.25 23.51
N VAL G 201 21.74 5.15 22.65
CA VAL G 201 22.63 6.01 21.89
C VAL G 201 22.26 7.48 22.08
N THR G 202 20.98 7.75 22.35
CA THR G 202 20.53 9.12 22.41
C THR G 202 20.80 9.73 23.79
N THR G 203 20.84 11.06 23.83
CA THR G 203 21.14 11.76 25.07
C THR G 203 20.09 11.51 26.13
N ALA G 204 18.82 11.36 25.73
CA ALA G 204 17.79 11.01 26.69
C ALA G 204 18.05 9.64 27.30
N GLU G 205 18.48 8.68 26.48
CA GLU G 205 18.75 7.34 26.98
C GLU G 205 20.02 7.28 27.83
N ARG G 206 20.88 8.29 27.74
CA ARG G 206 22.01 8.34 28.66
C ARG G 206 21.53 8.51 30.10
N GLU G 207 20.48 9.32 30.30
CA GLU G 207 19.95 9.51 31.64
C GLU G 207 19.39 8.21 32.21
N ILE G 208 18.74 7.41 31.37
CA ILE G 208 18.17 6.14 31.85
C ILE G 208 19.27 5.22 32.32
N VAL G 209 20.38 5.14 31.57
CA VAL G 209 21.50 4.31 31.99
C VAL G 209 22.05 4.81 33.32
N ARG G 210 22.05 6.13 33.51
CA ARG G 210 22.52 6.70 34.77
C ARG G 210 21.66 6.24 35.93
N ASP G 211 20.34 6.21 35.74
CA ASP G 211 19.46 5.74 36.79
C ASP G 211 19.65 4.25 37.05
N ILE G 212 19.84 3.45 36.00
CA ILE G 212 20.12 2.03 36.20
C ILE G 212 21.36 1.85 37.05
N LYS G 213 22.41 2.61 36.73
CA LYS G 213 23.66 2.50 37.48
C LYS G 213 23.46 2.92 38.93
N GLU G 214 22.68 3.97 39.15
CA GLU G 214 22.43 4.43 40.51
C GLU G 214 21.69 3.38 41.33
N LYS G 215 20.73 2.69 40.71
CA LYS G 215 19.82 1.83 41.47
C LYS G 215 20.20 0.36 41.49
N LEU G 216 21.16 -0.09 40.67
CA LEU G 216 21.43 -1.52 40.57
C LEU G 216 22.90 -1.91 40.66
N CYS G 217 23.83 -0.97 40.83
CA CYS G 217 25.25 -1.29 40.82
C CYS G 217 25.80 -1.36 42.24
N TYR G 218 26.92 -2.06 42.37
CA TYR G 218 27.61 -2.23 43.64
C TYR G 218 29.05 -2.64 43.34
N VAL G 219 29.92 -2.46 44.33
CA VAL G 219 31.33 -2.76 44.19
C VAL G 219 31.62 -4.08 44.89
N ALA G 220 32.15 -5.04 44.15
CA ALA G 220 32.39 -6.38 44.68
C ALA G 220 33.63 -6.41 45.56
N LEU G 221 33.55 -7.16 46.65
CA LEU G 221 34.69 -7.29 47.55
C LEU G 221 35.84 -8.06 46.88
N ASP G 222 35.52 -9.10 46.12
CA ASP G 222 36.51 -9.85 45.36
C ASP G 222 36.00 -9.97 43.92
N PHE G 223 36.68 -9.29 43.00
CA PHE G 223 36.16 -9.19 41.63
C PHE G 223 36.10 -10.55 40.96
N GLU G 224 37.21 -11.30 41.00
CA GLU G 224 37.23 -12.59 40.34
C GLU G 224 36.27 -13.57 41.01
N ASN G 225 36.15 -13.50 42.33
CA ASN G 225 35.20 -14.34 43.04
C ASN G 225 33.77 -13.99 42.66
N GLU G 226 33.47 -12.70 42.52
CA GLU G 226 32.12 -12.29 42.14
C GLU G 226 31.78 -12.70 40.72
N MET G 227 32.72 -12.54 39.79
CA MET G 227 32.45 -12.91 38.40
C MET G 227 32.14 -14.39 38.28
N ALA G 228 32.87 -15.23 39.02
CA ALA G 228 32.60 -16.66 38.98
C ALA G 228 31.19 -16.97 39.47
N THR G 229 30.75 -16.31 40.55
CA THR G 229 29.43 -16.59 41.09
C THR G 229 28.33 -16.23 40.11
N ALA G 230 28.44 -15.08 39.45
CA ALA G 230 27.41 -14.67 38.50
C ALA G 230 27.43 -15.53 37.25
N ALA G 231 28.57 -16.14 36.93
CA ALA G 231 28.63 -17.07 35.81
C ALA G 231 28.13 -18.47 36.18
N SER G 232 27.99 -18.76 37.48
CA SER G 232 27.57 -20.08 37.92
C SER G 232 26.05 -20.18 38.09
N SER G 233 25.41 -19.13 38.60
CA SER G 233 23.98 -19.15 38.86
C SER G 233 23.40 -17.81 38.45
N SER G 234 22.15 -17.57 38.83
CA SER G 234 21.43 -16.35 38.50
C SER G 234 21.10 -15.56 39.75
N SER G 235 21.90 -15.71 40.80
CA SER G 235 21.63 -15.02 42.06
C SER G 235 21.76 -13.51 41.92
N LEU G 236 22.78 -13.04 41.21
CA LEU G 236 23.06 -11.62 41.13
C LEU G 236 22.21 -10.90 40.10
N GLU G 237 21.42 -11.62 39.31
CA GLU G 237 20.61 -10.98 38.29
C GLU G 237 19.50 -10.15 38.91
N LYS G 238 19.27 -8.97 38.34
CA LYS G 238 18.16 -8.13 38.74
C LYS G 238 17.57 -7.50 37.49
N SER G 239 16.29 -7.14 37.57
CA SER G 239 15.56 -6.59 36.43
C SER G 239 15.13 -5.17 36.72
N TYR G 240 15.22 -4.32 35.71
CA TYR G 240 14.87 -2.91 35.80
C TYR G 240 13.83 -2.60 34.73
N GLU G 241 12.85 -1.77 35.10
CA GLU G 241 11.75 -1.45 34.21
C GLU G 241 12.04 -0.16 33.46
N LEU G 242 12.06 -0.25 32.14
CA LEU G 242 12.28 0.92 31.31
C LEU G 242 11.05 1.83 31.37
N PRO G 243 11.21 3.11 31.04
CA PRO G 243 10.07 4.04 31.16
C PRO G 243 8.90 3.69 30.26
N ASP G 244 9.11 2.93 29.19
CA ASP G 244 8.03 2.59 28.26
C ASP G 244 7.31 1.28 28.60
N GLY G 245 7.67 0.64 29.71
CA GLY G 245 7.05 -0.60 30.12
C GLY G 245 7.85 -1.86 29.86
N GLN G 246 8.90 -1.78 29.04
CA GLN G 246 9.74 -2.93 28.80
C GLN G 246 10.65 -3.17 30.00
N VAL G 247 11.13 -4.41 30.10
CA VAL G 247 11.93 -4.86 31.23
C VAL G 247 13.27 -5.36 30.71
N ILE G 248 14.35 -4.96 31.36
CA ILE G 248 15.69 -5.44 31.03
C ILE G 248 16.26 -6.12 32.27
N THR G 249 17.23 -7.02 32.05
CA THR G 249 17.85 -7.77 33.13
C THR G 249 19.36 -7.74 32.95
N ILE G 250 20.07 -7.36 34.01
CA ILE G 250 21.52 -7.20 33.96
C ILE G 250 22.15 -8.16 34.97
N GLY G 251 23.21 -8.84 34.53
CA GLY G 251 23.86 -9.85 35.36
C GLY G 251 25.13 -9.35 36.03
N ASN G 252 26.28 -9.73 35.48
CA ASN G 252 27.55 -9.26 36.04
C ASN G 252 27.86 -7.81 35.65
N GLU G 253 27.04 -7.19 34.80
CA GLU G 253 27.22 -5.78 34.54
C GLU G 253 27.07 -4.94 35.79
N ARG G 254 26.42 -5.47 36.83
CA ARG G 254 26.17 -4.70 38.04
C ARG G 254 27.46 -4.28 38.71
N PHE G 255 28.43 -5.19 38.83
CA PHE G 255 29.68 -4.89 39.49
C PHE G 255 30.86 -4.71 38.53
N ARG G 256 30.65 -4.93 37.22
CA ARG G 256 31.71 -4.60 36.28
C ARG G 256 31.79 -3.10 36.03
N CYS G 257 30.64 -2.43 35.95
CA CYS G 257 30.66 -0.99 35.67
C CYS G 257 31.40 -0.19 36.73
N PRO G 258 31.20 -0.40 38.04
CA PRO G 258 31.97 0.36 39.02
C PRO G 258 33.41 -0.09 39.16
N GLU G 259 33.77 -1.26 38.63
CA GLU G 259 35.14 -1.74 38.79
C GLU G 259 36.15 -0.87 38.04
N THR G 260 35.68 -0.05 37.10
CA THR G 260 36.58 0.87 36.42
C THR G 260 37.28 1.79 37.40
N LEU G 261 36.68 2.03 38.56
CA LEU G 261 37.31 2.89 39.55
C LEU G 261 38.62 2.28 40.06
N PHE G 262 38.67 0.96 40.21
CA PHE G 262 39.87 0.29 40.69
C PHE G 262 40.73 -0.26 39.58
N GLN G 263 40.20 -0.42 38.38
CA GLN G 263 40.97 -0.85 37.21
C GLN G 263 40.65 0.08 36.05
N PRO G 264 41.31 1.24 35.98
CA PRO G 264 41.00 2.18 34.91
C PRO G 264 41.31 1.66 33.52
N SER G 265 42.12 0.61 33.41
CA SER G 265 42.50 0.12 32.09
C SER G 265 41.34 -0.46 31.31
N PHE G 266 40.19 -0.66 31.95
CA PHE G 266 39.01 -1.15 31.23
C PHE G 266 38.61 -0.19 30.13
N ILE G 267 38.60 1.11 30.42
CA ILE G 267 38.18 2.11 29.45
C ILE G 267 39.36 2.73 28.72
N GLY G 268 40.53 2.11 28.79
CA GLY G 268 41.68 2.57 28.05
C GLY G 268 42.53 3.63 28.73
N MET G 269 42.32 3.90 30.00
CA MET G 269 43.16 4.85 30.71
C MET G 269 44.34 4.13 31.34
N GLU G 270 45.50 4.78 31.33
CA GLU G 270 46.72 4.21 31.88
C GLU G 270 46.89 4.44 33.38
N SER G 271 46.07 5.31 33.97
CA SER G 271 46.26 5.65 35.38
C SER G 271 46.03 4.43 36.26
N ALA G 272 46.38 4.57 37.53
CA ALA G 272 46.14 3.52 38.50
C ALA G 272 44.76 3.69 39.13
N GLY G 273 44.32 2.63 39.80
CA GLY G 273 43.03 2.69 40.48
C GLY G 273 43.03 3.70 41.61
N ILE G 274 41.83 4.04 42.06
CA ILE G 274 41.72 5.11 43.06
C ILE G 274 42.37 4.69 44.37
N HIS G 275 42.38 3.39 44.69
CA HIS G 275 43.07 2.95 45.89
C HIS G 275 44.57 3.21 45.76
N GLU G 276 45.14 2.90 44.60
CA GLU G 276 46.56 3.16 44.39
C GLU G 276 46.85 4.64 44.35
N THR G 277 45.94 5.45 43.80
CA THR G 277 46.13 6.89 43.83
C THR G 277 46.14 7.41 45.26
N THR G 278 45.24 6.92 46.10
CA THR G 278 45.23 7.34 47.50
C THR G 278 46.53 6.94 48.20
N TYR G 279 47.01 5.72 47.94
CA TYR G 279 48.25 5.29 48.55
C TYR G 279 49.43 6.14 48.08
N ASN G 280 49.50 6.45 46.78
CA ASN G 280 50.57 7.28 46.28
C ASN G 280 50.52 8.67 46.90
N SER G 281 49.31 9.22 47.06
CA SER G 281 49.17 10.53 47.67
C SER G 281 49.61 10.52 49.13
N ILE G 282 49.24 9.48 49.88
CA ILE G 282 49.66 9.39 51.27
C ILE G 282 51.17 9.29 51.35
N MET G 283 51.78 8.51 50.45
CA MET G 283 53.21 8.25 50.54
C MET G 283 54.03 9.48 50.18
N LYS G 284 53.46 10.46 49.49
CA LYS G 284 54.19 11.66 49.14
C LYS G 284 54.26 12.68 50.28
N CYS G 285 53.58 12.44 51.39
CA CYS G 285 53.63 13.35 52.52
C CYS G 285 54.81 13.00 53.43
N ASP G 286 54.99 13.77 54.48
CA ASP G 286 56.08 13.53 55.42
C ASP G 286 55.87 12.23 56.16
N ILE G 287 56.98 11.63 56.61
CA ILE G 287 56.90 10.34 57.29
C ILE G 287 56.19 10.44 58.63
N ASP G 288 56.20 11.62 59.26
CA ASP G 288 55.63 11.76 60.59
C ASP G 288 54.12 11.94 60.59
N ILE G 289 53.49 12.07 59.43
CA ILE G 289 52.04 12.29 59.38
C ILE G 289 51.32 11.18 58.62
N ARG G 290 52.02 10.11 58.27
CA ARG G 290 51.35 9.03 57.55
C ARG G 290 50.46 8.21 58.47
N LYS G 291 50.83 8.07 59.75
CA LYS G 291 50.01 7.29 60.67
C LYS G 291 48.64 7.92 60.86
N ASP G 292 48.59 9.25 60.95
CA ASP G 292 47.30 9.91 61.09
C ASP G 292 46.52 9.91 59.79
N LEU G 293 47.20 10.02 58.65
CA LEU G 293 46.49 10.02 57.37
C LEU G 293 45.94 8.65 57.03
N TYR G 294 46.58 7.58 57.49
CA TYR G 294 46.03 6.25 57.25
C TYR G 294 44.70 6.07 57.96
N ALA G 295 44.55 6.65 59.14
CA ALA G 295 43.42 6.38 60.01
C ALA G 295 42.32 7.43 59.93
N ASN G 296 42.33 8.27 58.89
CA ASN G 296 41.29 9.27 58.75
C ASN G 296 40.89 9.44 57.29
N ASN G 297 40.78 8.34 56.55
CA ASN G 297 40.27 8.41 55.19
C ASN G 297 38.81 8.87 55.22
N VAL G 298 38.52 9.95 54.51
CA VAL G 298 37.17 10.50 54.44
C VAL G 298 36.74 10.47 52.99
N MET G 299 35.64 9.80 52.69
CA MET G 299 35.08 9.80 51.35
C MET G 299 33.85 10.68 51.30
N SER G 300 33.65 11.34 50.16
CA SER G 300 32.47 12.15 49.95
C SER G 300 32.21 12.23 48.46
N GLY G 301 30.98 12.58 48.12
CA GLY G 301 30.59 12.71 46.73
C GLY G 301 29.67 11.58 46.29
N GLY G 302 29.04 11.80 45.14
CA GLY G 302 28.06 10.85 44.66
C GLY G 302 28.66 9.51 44.29
N THR G 303 29.84 9.52 43.67
CA THR G 303 30.43 8.28 43.20
C THR G 303 30.86 7.38 44.36
N THR G 304 30.92 7.90 45.58
CA THR G 304 31.23 7.08 46.73
C THR G 304 29.98 6.54 47.43
N MET G 305 28.85 6.47 46.73
CA MET G 305 27.63 5.90 47.29
C MET G 305 27.33 4.49 46.78
N TYR G 306 28.23 3.88 46.04
CA TYR G 306 28.01 2.48 45.65
C TYR G 306 28.10 1.62 46.90
N PRO G 307 27.14 0.72 47.12
CA PRO G 307 27.21 -0.14 48.31
C PRO G 307 28.47 -0.99 48.30
N GLY G 308 29.09 -1.11 49.47
CA GLY G 308 30.27 -1.93 49.63
C GLY G 308 31.57 -1.29 49.23
N ILE G 309 31.56 -0.05 48.75
CA ILE G 309 32.80 0.57 48.30
C ILE G 309 33.74 0.80 49.48
N ALA G 310 33.21 1.09 50.66
CA ALA G 310 34.07 1.33 51.82
C ALA G 310 34.89 0.10 52.16
N ASP G 311 34.26 -1.08 52.15
CA ASP G 311 35.00 -2.29 52.48
C ASP G 311 36.08 -2.58 51.45
N ARG G 312 35.77 -2.41 50.17
CA ARG G 312 36.78 -2.64 49.14
C ARG G 312 37.94 -1.68 49.28
N MET G 313 37.64 -0.40 49.57
CA MET G 313 38.72 0.55 49.78
C MET G 313 39.58 0.17 50.98
N GLN G 314 38.95 -0.24 52.08
CA GLN G 314 39.72 -0.63 53.25
C GLN G 314 40.61 -1.83 52.94
N LYS G 315 40.07 -2.81 52.22
CA LYS G 315 40.86 -3.99 51.89
C LYS G 315 42.05 -3.64 51.01
N GLU G 316 41.83 -2.81 49.98
CA GLU G 316 42.92 -2.45 49.09
C GLU G 316 44.00 -1.66 49.81
N ILE G 317 43.59 -0.66 50.61
CA ILE G 317 44.58 0.15 51.31
C ILE G 317 45.37 -0.71 52.29
N THR G 318 44.69 -1.60 53.02
CA THR G 318 45.40 -2.49 53.94
C THR G 318 46.38 -3.39 53.18
N ALA G 319 45.99 -3.82 51.98
CA ALA G 319 46.91 -4.59 51.16
C ALA G 319 48.11 -3.77 50.74
N LEU G 320 47.95 -2.45 50.61
CA LEU G 320 49.05 -1.60 50.19
C LEU G 320 49.91 -1.12 51.35
N ALA G 321 49.29 -0.83 52.49
CA ALA G 321 49.98 -0.22 53.61
C ALA G 321 50.73 -1.25 54.44
N PRO G 322 51.66 -0.82 55.28
CA PRO G 322 52.32 -1.74 56.20
C PRO G 322 51.33 -2.35 57.20
N SER G 323 51.69 -3.53 57.71
CA SER G 323 50.77 -4.29 58.55
C SER G 323 50.46 -3.56 59.85
N THR G 324 51.47 -2.98 60.48
CA THR G 324 51.27 -2.42 61.82
C THR G 324 50.43 -1.15 61.83
N MET G 325 50.17 -0.54 60.67
CA MET G 325 49.32 0.64 60.63
C MET G 325 47.85 0.23 60.70
N LYS G 326 47.03 1.15 61.23
CA LYS G 326 45.59 0.95 61.32
C LYS G 326 44.91 1.77 60.25
N ILE G 327 44.08 1.11 59.43
CA ILE G 327 43.37 1.76 58.35
C ILE G 327 41.91 1.90 58.75
N LYS G 328 41.40 3.12 58.70
CA LYS G 328 39.99 3.39 59.01
C LYS G 328 39.42 4.26 57.90
N ILE G 329 38.34 3.81 57.30
CA ILE G 329 37.67 4.51 56.20
C ILE G 329 36.36 5.08 56.71
N ILE G 330 36.20 6.39 56.61
CA ILE G 330 35.05 7.09 57.18
C ILE G 330 34.07 7.42 56.08
N ALA G 331 32.85 6.88 56.19
CA ALA G 331 31.81 7.06 55.19
C ALA G 331 30.53 7.51 55.89
N PRO G 332 30.40 8.79 56.15
CA PRO G 332 29.18 9.28 56.79
C PRO G 332 27.99 9.06 55.87
N PRO G 333 26.81 8.80 56.44
CA PRO G 333 25.63 8.53 55.60
C PRO G 333 25.22 9.70 54.74
N GLU G 334 25.56 10.93 55.11
CA GLU G 334 25.22 12.11 54.33
C GLU G 334 26.40 12.60 53.50
N ARG G 335 27.22 11.68 52.99
CA ARG G 335 28.42 12.10 52.28
C ARG G 335 28.15 12.63 50.88
N LYS G 336 26.95 12.37 50.33
CA LYS G 336 26.64 12.92 49.02
C LYS G 336 26.61 14.44 49.04
N TYR G 337 26.27 15.03 50.18
CA TYR G 337 26.19 16.47 50.33
C TYR G 337 27.25 17.01 51.28
N SER G 338 28.36 16.29 51.43
CA SER G 338 29.39 16.74 52.35
C SER G 338 29.99 18.07 51.91
N VAL G 339 30.18 18.26 50.60
CA VAL G 339 30.79 19.50 50.12
C VAL G 339 29.90 20.69 50.46
N TRP G 340 28.60 20.57 50.22
CA TRP G 340 27.70 21.67 50.53
C TRP G 340 27.60 21.91 52.02
N ILE G 341 27.58 20.84 52.82
CA ILE G 341 27.52 21.03 54.27
C ILE G 341 28.75 21.77 54.76
N GLY G 342 29.92 21.39 54.26
CA GLY G 342 31.13 22.11 54.62
C GLY G 342 31.09 23.56 54.19
N GLY G 343 30.58 23.81 52.99
CA GLY G 343 30.45 25.19 52.54
C GLY G 343 29.53 26.00 53.43
N SER G 344 28.45 25.39 53.91
CA SER G 344 27.55 26.08 54.83
C SER G 344 28.25 26.34 56.16
N ILE G 345 29.06 25.40 56.63
CA ILE G 345 29.77 25.60 57.89
C ILE G 345 30.79 26.73 57.75
N LEU G 346 31.53 26.75 56.64
CA LEU G 346 32.57 27.77 56.48
C LEU G 346 31.98 29.16 56.39
N ALA G 347 30.85 29.32 55.69
CA ALA G 347 30.26 30.64 55.55
C ALA G 347 29.65 31.16 56.85
N SER G 348 29.40 30.28 57.81
CA SER G 348 28.78 30.66 59.07
C SER G 348 29.79 30.85 60.19
N LEU G 349 31.09 30.70 59.91
CA LEU G 349 32.12 30.95 60.92
C LEU G 349 32.44 32.43 60.98
N SER G 350 32.63 32.95 62.19
CA SER G 350 32.89 34.37 62.35
C SER G 350 34.23 34.75 61.74
N THR G 351 35.27 33.95 61.96
CA THR G 351 36.59 34.29 61.47
C THR G 351 36.66 34.34 59.95
N PHE G 352 35.76 33.63 59.26
CA PHE G 352 35.79 33.59 57.81
C PHE G 352 35.26 34.87 57.18
N GLN G 353 34.48 35.67 57.91
CA GLN G 353 33.85 36.84 57.33
C GLN G 353 34.84 37.89 56.85
N GLN G 354 36.10 37.80 57.26
CA GLN G 354 37.12 38.74 56.79
C GLN G 354 37.77 38.28 55.49
N MET G 355 37.38 37.13 54.95
CA MET G 355 38.04 36.55 53.80
C MET G 355 37.24 36.65 52.52
N TRP G 356 36.10 37.34 52.54
CA TRP G 356 35.31 37.49 51.32
C TRP G 356 36.06 38.35 50.32
N ILE G 357 35.79 38.13 49.04
CA ILE G 357 36.28 39.00 47.98
C ILE G 357 35.18 40.02 47.70
N THR G 358 35.32 41.21 48.26
CA THR G 358 34.31 42.24 48.07
C THR G 358 34.37 42.78 46.66
N LYS G 359 33.28 43.38 46.20
CA LYS G 359 33.25 43.96 44.87
C LYS G 359 34.33 45.00 44.73
N GLN G 360 34.54 45.77 45.79
CA GLN G 360 35.55 46.81 45.74
C GLN G 360 36.89 46.21 45.42
N GLU G 361 37.23 45.11 46.10
CA GLU G 361 38.51 44.48 45.87
C GLU G 361 38.62 44.01 44.43
N TYR G 362 37.58 43.37 43.93
CA TYR G 362 37.60 42.86 42.56
C TYR G 362 37.76 44.02 41.59
N ASP G 363 37.04 45.11 41.85
CA ASP G 363 37.11 46.25 40.95
C ASP G 363 38.53 46.78 40.88
N GLU G 364 39.17 46.91 42.04
CA GLU G 364 40.53 47.43 42.08
C GLU G 364 41.52 46.44 41.50
N ALA G 365 41.41 45.18 41.87
CA ALA G 365 42.39 44.19 41.42
C ALA G 365 42.05 43.61 40.06
N GLY G 366 40.77 43.31 39.84
CA GLY G 366 40.38 42.71 38.58
C GLY G 366 40.21 41.22 38.77
N PRO G 367 39.73 40.52 37.74
CA PRO G 367 39.47 39.08 37.95
C PRO G 367 40.68 38.32 38.46
N SER G 368 41.86 38.93 38.47
CA SER G 368 43.05 38.25 38.95
C SER G 368 43.07 38.08 40.46
N ILE G 369 42.18 38.75 41.19
CA ILE G 369 42.21 38.67 42.65
C ILE G 369 41.84 37.27 43.14
N VAL G 370 41.22 36.44 42.30
CA VAL G 370 40.82 35.12 42.72
C VAL G 370 42.03 34.24 43.04
N HIS G 371 43.21 34.59 42.55
CA HIS G 371 44.40 33.78 42.76
C HIS G 371 45.15 34.15 44.03
N ARG G 372 44.64 35.09 44.82
CA ARG G 372 45.31 35.53 46.03
C ARG G 372 44.52 35.26 47.29
N LYS G 373 43.26 35.70 47.35
CA LYS G 373 42.45 35.51 48.53
C LYS G 373 41.79 34.14 48.58
N CYS G 374 42.06 33.29 47.60
CA CYS G 374 41.50 31.95 47.55
C CYS G 374 42.63 30.95 47.29
N PHE G 375 42.48 29.75 47.82
CA PHE G 375 43.45 28.69 47.57
C PHE G 375 42.99 27.82 46.42
N PRO H 90 77.34 57.72 62.14
CA PRO H 90 77.03 57.66 63.57
C PRO H 90 77.38 56.30 64.18
N PHE H 91 77.50 55.29 63.32
CA PHE H 91 77.83 53.92 63.73
C PHE H 91 79.04 53.43 62.96
N SER H 92 80.08 54.26 62.90
CA SER H 92 81.30 53.89 62.21
C SER H 92 81.94 52.67 62.87
N GLY H 93 82.19 51.63 62.06
CA GLY H 93 82.75 50.39 62.56
C GLY H 93 81.76 49.27 62.76
N LEU H 94 80.49 49.48 62.40
CA LEU H 94 79.48 48.44 62.57
C LEU H 94 79.62 47.38 61.48
N LYS H 95 79.56 46.11 61.88
CA LYS H 95 79.72 44.99 60.97
C LYS H 95 78.71 43.91 61.31
N PHE H 96 78.44 43.04 60.34
CA PHE H 96 77.48 41.96 60.51
C PHE H 96 78.06 40.63 60.08
N LYS H 97 77.23 39.59 60.04
CA LYS H 97 77.63 38.30 59.49
C LYS H 97 77.27 38.25 58.01
N GLN H 98 77.54 37.11 57.37
CA GLN H 98 77.34 36.98 55.93
C GLN H 98 75.93 36.55 55.58
N ASN H 99 75.50 35.40 56.09
CA ASN H 99 74.20 34.83 55.76
C ASN H 99 73.45 34.44 57.02
N SER H 100 73.45 35.34 58.01
CA SER H 100 72.74 35.05 59.25
C SER H 100 71.23 35.06 59.04
N PHE H 101 70.74 35.81 58.06
CA PHE H 101 69.31 35.98 57.85
C PHE H 101 68.71 34.91 56.94
N LEU H 102 69.53 34.04 56.36
CA LEU H 102 69.00 33.06 55.42
C LEU H 102 68.18 31.98 56.13
N SER H 103 68.48 31.72 57.40
CA SER H 103 67.75 30.69 58.14
C SER H 103 66.36 31.13 58.55
N THR H 104 66.02 32.41 58.41
CA THR H 104 64.72 32.92 58.83
C THR H 104 63.72 33.05 57.69
N VAL H 105 64.18 33.12 56.45
CA VAL H 105 63.25 33.29 55.32
C VAL H 105 62.33 32.08 55.25
N PRO H 106 61.01 32.26 55.26
CA PRO H 106 60.11 31.12 55.28
C PRO H 106 60.03 30.43 53.93
N SER H 107 59.44 29.23 53.95
CA SER H 107 59.22 28.49 52.72
C SER H 107 58.14 29.16 51.88
N VAL H 108 58.26 28.99 50.56
CA VAL H 108 57.27 29.58 49.65
C VAL H 108 55.91 28.96 49.86
N THR H 109 55.86 27.65 50.17
CA THR H 109 54.58 26.98 50.38
C THR H 109 53.85 27.57 51.58
N ASN H 110 54.58 27.78 52.69
CA ASN H 110 53.96 28.39 53.86
C ASN H 110 53.71 29.88 53.64
N MET H 111 54.42 30.49 52.68
CA MET H 111 54.20 31.90 52.40
C MET H 111 52.82 32.18 51.83
N HIS H 112 52.11 31.16 51.37
CA HIS H 112 50.74 31.28 50.91
C HIS H 112 49.73 30.81 51.94
N SER H 113 50.13 30.71 53.20
CA SER H 113 49.23 30.22 54.23
C SER H 113 48.05 31.16 54.41
N MET H 114 46.91 30.57 54.82
CA MET H 114 45.70 31.36 55.00
C MET H 114 45.84 32.36 56.15
N HIS H 115 46.54 31.96 57.21
CA HIS H 115 46.74 32.80 58.39
C HIS H 115 48.21 33.20 58.53
N PHE H 116 48.84 33.55 57.41
CA PHE H 116 50.22 34.01 57.41
C PHE H 116 50.24 35.52 57.57
N ASP H 117 50.98 36.00 58.55
CA ASP H 117 51.16 37.44 58.79
C ASP H 117 52.50 37.83 58.20
N ALA H 118 52.47 38.33 56.96
CA ALA H 118 53.71 38.63 56.24
C ALA H 118 54.52 39.72 56.91
N ARG H 119 53.86 40.67 57.59
CA ARG H 119 54.58 41.78 58.18
C ARG H 119 55.52 41.32 59.28
N GLU H 120 55.03 40.49 60.20
CA GLU H 120 55.88 40.04 61.30
C GLU H 120 57.05 39.20 60.79
N THR H 121 56.80 38.33 59.82
CA THR H 121 57.89 37.53 59.26
C THR H 121 58.93 38.40 58.58
N PHE H 122 58.50 39.39 57.80
CA PHE H 122 59.46 40.23 57.10
C PHE H 122 60.26 41.09 58.08
N LEU H 123 59.61 41.66 59.10
CA LEU H 123 60.36 42.44 60.09
C LEU H 123 61.32 41.55 60.87
N GLY H 124 60.93 40.31 61.16
CA GLY H 124 61.85 39.41 61.82
C GLY H 124 63.06 39.08 60.96
N VAL H 125 62.84 38.88 59.66
CA VAL H 125 63.95 38.66 58.75
C VAL H 125 64.87 39.88 58.74
N ILE H 126 64.27 41.08 58.67
CA ILE H 126 65.07 42.29 58.64
C ILE H 126 65.89 42.42 59.93
N ARG H 127 65.26 42.16 61.08
CA ARG H 127 65.99 42.26 62.34
C ARG H 127 67.13 41.26 62.40
N LYS H 128 66.87 40.01 62.00
CA LYS H 128 67.90 38.99 62.05
C LYS H 128 69.07 39.34 61.13
N ALA H 129 68.78 39.97 59.99
CA ALA H 129 69.86 40.44 59.13
C ALA H 129 70.68 41.55 59.75
N LEU H 130 70.11 42.29 60.71
CA LEU H 130 70.74 43.46 61.29
C LEU H 130 71.41 43.18 62.64
N GLU H 131 71.53 41.93 63.03
CA GLU H 131 72.18 41.61 64.29
C GLU H 131 73.66 41.91 64.20
N PRO H 132 74.22 42.74 65.07
CA PRO H 132 75.66 43.02 65.03
C PRO H 132 76.50 41.81 65.40
N ASP H 133 77.73 41.80 64.89
CA ASP H 133 78.68 40.73 65.17
C ASP H 133 79.53 41.06 66.39
N THR H 134 80.35 40.07 66.79
CA THR H 134 81.20 40.25 67.96
C THR H 134 82.30 41.27 67.71
N SER H 135 82.84 41.32 66.49
CA SER H 135 83.98 42.18 66.21
C SER H 135 83.64 43.66 66.29
N THR H 136 82.37 44.02 66.26
CA THR H 136 81.98 45.41 66.40
C THR H 136 82.33 45.91 67.80
N PRO H 137 82.87 47.13 67.92
CA PRO H 137 83.22 47.65 69.25
C PRO H 137 82.01 47.72 70.16
N PHE H 138 82.26 47.55 71.46
CA PHE H 138 81.18 47.40 72.43
C PHE H 138 80.23 48.59 72.47
N PRO H 139 80.68 49.85 72.55
CA PRO H 139 79.70 50.96 72.59
C PRO H 139 78.82 51.02 71.34
N VAL H 140 79.42 50.87 70.17
CA VAL H 140 78.65 50.90 68.93
C VAL H 140 77.68 49.73 68.88
N ARG H 141 78.14 48.54 69.29
CA ARG H 141 77.28 47.36 69.32
C ARG H 141 76.09 47.57 70.24
N ARG H 142 76.33 48.11 71.43
CA ARG H 142 75.24 48.36 72.38
C ARG H 142 74.26 49.40 71.83
N ALA H 143 74.78 50.46 71.22
CA ALA H 143 73.89 51.48 70.68
C ALA H 143 73.03 50.92 69.55
N PHE H 144 73.62 50.13 68.66
CA PHE H 144 72.84 49.56 67.56
C PHE H 144 71.85 48.53 68.06
N ASP H 145 72.22 47.75 69.08
CA ASP H 145 71.29 46.80 69.66
C ASP H 145 70.10 47.52 70.28
N GLY H 146 70.35 48.63 70.98
CA GLY H 146 69.26 49.42 71.51
C GLY H 146 68.37 50.00 70.42
N LEU H 147 68.98 50.48 69.34
CA LEU H 147 68.20 51.02 68.23
C LEU H 147 67.30 49.95 67.63
N ARG H 148 67.84 48.76 67.38
CA ARG H 148 67.03 47.67 66.85
C ARG H 148 65.93 47.28 67.82
N ALA H 149 66.24 47.27 69.11
CA ALA H 149 65.25 46.90 70.10
C ALA H 149 64.09 47.89 70.15
N GLU H 150 64.38 49.19 70.10
CA GLU H 150 63.31 50.17 70.21
C GLU H 150 62.53 50.33 68.92
N ILE H 151 63.16 50.07 67.77
CA ILE H 151 62.51 50.29 66.49
C ILE H 151 61.93 49.00 65.91
N LEU H 152 62.61 47.86 66.09
CA LEU H 152 62.14 46.57 65.57
C LEU H 152 62.09 45.56 66.70
N PRO H 153 61.09 45.63 67.56
CA PRO H 153 60.98 44.67 68.67
C PRO H 153 60.53 43.30 68.21
N ASN H 154 60.69 42.33 69.11
CA ASN H 154 60.26 40.97 68.85
C ASN H 154 58.90 40.64 69.45
N ASP H 155 58.57 41.20 70.60
CA ASP H 155 57.27 40.89 71.21
C ASP H 155 56.15 41.42 70.32
N THR H 156 55.11 40.60 70.16
CA THR H 156 53.97 41.01 69.35
C THR H 156 53.28 42.22 69.94
N ILE H 157 53.18 42.28 71.28
CA ILE H 157 52.56 43.42 71.94
C ILE H 157 53.37 44.70 71.69
N LYS H 158 54.70 44.60 71.76
CA LYS H 158 55.54 45.77 71.49
C LYS H 158 55.38 46.25 70.05
N SER H 159 55.35 45.31 69.10
CA SER H 159 55.18 45.69 67.70
C SER H 159 53.82 46.34 67.47
N ALA H 160 52.77 45.79 68.09
CA ALA H 160 51.45 46.40 67.95
C ALA H 160 51.41 47.80 68.56
N ALA H 161 52.02 47.98 69.73
CA ALA H 161 52.04 49.29 70.35
C ALA H 161 52.81 50.30 69.51
N LEU H 162 53.93 49.87 68.92
CA LEU H 162 54.68 50.76 68.05
C LEU H 162 53.88 51.12 66.81
N LYS H 163 53.26 50.11 66.17
CA LYS H 163 52.45 50.36 64.98
C LYS H 163 51.26 51.24 65.27
N ALA H 164 50.78 51.27 66.51
CA ALA H 164 49.66 52.14 66.86
C ALA H 164 50.01 53.60 66.64
N GLN H 165 51.19 54.03 67.08
CA GLN H 165 51.59 55.42 67.00
C GLN H 165 52.40 55.76 65.75
N CYS H 166 52.67 54.78 64.89
CA CYS H 166 53.36 55.07 63.63
C CYS H 166 52.43 55.68 62.58
N SER H 167 51.12 55.71 62.83
CA SER H 167 50.21 56.33 61.87
C SER H 167 50.48 57.83 61.74
N ASP H 168 50.75 58.49 62.86
CA ASP H 168 51.03 59.92 62.89
C ASP H 168 52.41 60.13 63.52
N ILE H 169 53.40 60.46 62.69
CA ILE H 169 54.75 60.69 63.19
C ILE H 169 54.94 62.12 63.67
N ASP H 170 54.13 63.06 63.22
CA ASP H 170 54.26 64.45 63.67
C ASP H 170 53.92 64.58 65.14
N LYS H 171 52.90 63.86 65.61
CA LYS H 171 52.54 63.89 67.02
C LYS H 171 53.60 63.26 67.92
N HIS H 172 54.54 62.51 67.35
CA HIS H 172 55.63 61.89 68.10
C HIS H 172 56.95 62.28 67.44
N PRO H 173 57.45 63.48 67.72
CA PRO H 173 58.73 63.89 67.13
C PRO H 173 59.88 63.09 67.69
N GLU H 174 61.02 63.17 66.99
CA GLU H 174 62.28 62.49 67.31
C GLU H 174 62.19 61.01 66.97
N LEU H 175 60.98 60.53 66.63
CA LEU H 175 60.84 59.16 66.17
C LEU H 175 61.37 59.02 64.74
N LYS H 176 61.17 60.04 63.92
CA LYS H 176 61.71 60.01 62.56
C LYS H 176 63.23 60.02 62.57
N ALA H 177 63.84 60.74 63.51
CA ALA H 177 65.30 60.82 63.56
C ALA H 177 65.92 59.43 63.78
N LYS H 178 65.40 58.68 64.74
CA LYS H 178 65.87 57.31 64.94
C LYS H 178 65.50 56.44 63.74
N MET H 179 64.30 56.62 63.20
CA MET H 179 63.88 55.85 62.03
C MET H 179 64.78 56.17 60.84
N GLU H 180 65.09 57.44 60.62
CA GLU H 180 66.00 57.81 59.53
C GLU H 180 67.40 57.25 59.77
N THR H 181 67.86 57.28 61.02
CA THR H 181 69.19 56.74 61.33
C THR H 181 69.25 55.24 61.01
N LEU H 182 68.19 54.51 61.37
CA LEU H 182 68.17 53.08 61.02
C LEU H 182 68.08 52.88 59.52
N LYS H 183 67.22 53.64 58.84
CA LYS H 183 67.08 53.48 57.40
C LYS H 183 68.37 53.79 56.67
N GLU H 184 69.22 54.64 57.25
CA GLU H 184 70.49 54.95 56.62
C GLU H 184 71.40 53.72 56.58
N VAL H 185 71.46 52.96 57.67
CA VAL H 185 72.41 51.85 57.73
C VAL H 185 71.93 50.64 56.92
N ILE H 186 70.64 50.55 56.61
CA ILE H 186 70.16 49.43 55.80
C ILE H 186 70.70 49.54 54.38
N THR H 187 70.81 50.77 53.86
CA THR H 187 71.33 50.96 52.50
C THR H 187 72.80 50.59 52.42
N HIS H 188 73.54 50.72 53.51
CA HIS H 188 74.96 50.37 53.53
C HIS H 188 75.22 48.91 53.86
N HIS H 189 74.17 48.11 54.04
CA HIS H 189 74.34 46.69 54.30
C HIS H 189 74.97 46.01 53.08
N PRO H 190 76.00 45.17 53.26
CA PRO H 190 76.60 44.49 52.11
C PRO H 190 75.64 43.55 51.40
N GLN H 191 74.60 43.07 52.07
CA GLN H 191 73.60 42.18 51.50
C GLN H 191 72.35 42.94 51.07
N LYS H 192 72.53 44.15 50.54
CA LYS H 192 71.38 44.94 50.10
C LYS H 192 70.65 44.27 48.95
N GLU H 193 71.39 43.68 48.00
CA GLU H 193 70.75 43.05 46.85
C GLU H 193 69.92 41.84 47.26
N LYS H 194 70.49 40.96 48.08
CA LYS H 194 69.76 39.77 48.53
C LYS H 194 68.54 40.16 49.35
N LEU H 195 68.69 41.15 50.24
CA LEU H 195 67.57 41.58 51.06
C LEU H 195 66.47 42.20 50.19
N ALA H 196 66.84 42.97 49.18
CA ALA H 196 65.86 43.53 48.26
C ALA H 196 65.12 42.43 47.51
N GLU H 197 65.85 41.39 47.08
CA GLU H 197 65.19 40.28 46.42
C GLU H 197 64.23 39.57 47.36
N ILE H 198 64.61 39.42 48.62
CA ILE H 198 63.72 38.80 49.60
C ILE H 198 62.45 39.62 49.77
N ALA H 199 62.59 40.95 49.85
CA ALA H 199 61.42 41.81 49.95
C ALA H 199 60.53 41.69 48.72
N LEU H 200 61.12 41.64 47.53
CA LEU H 200 60.35 41.49 46.31
C LEU H 200 59.60 40.16 46.30
N GLN H 201 60.25 39.09 46.74
CA GLN H 201 59.59 37.79 46.83
C GLN H 201 58.42 37.84 47.80
N PHE H 202 58.60 38.51 48.94
CA PHE H 202 57.51 38.65 49.90
C PHE H 202 56.34 39.40 49.28
N ALA H 203 56.64 40.45 48.52
CA ALA H 203 55.58 41.20 47.84
C ALA H 203 54.74 40.31 46.95
N ARG H 204 55.36 39.67 45.96
CA ARG H 204 54.63 38.84 45.00
C ARG H 204 53.92 37.63 45.59
N GLU H 205 54.58 36.92 46.50
CA GLU H 205 54.00 35.69 47.03
C GLU H 205 53.02 35.88 48.18
N ALA H 206 53.46 36.53 49.26
CA ALA H 206 52.60 36.67 50.43
C ALA H 206 51.67 37.85 50.32
N GLY H 207 52.11 38.93 49.68
CA GLY H 207 51.30 40.14 49.59
C GLY H 207 51.74 41.20 50.57
N LEU H 208 53.05 41.40 50.67
CA LEU H 208 53.60 42.33 51.66
C LEU H 208 53.09 43.75 51.44
N THR H 209 53.06 44.19 50.18
CA THR H 209 52.64 45.55 49.86
C THR H 209 51.18 45.57 49.41
N ARG H 210 50.29 45.34 50.38
CA ARG H 210 48.87 45.29 50.09
C ARG H 210 48.28 46.69 49.96
N LEU H 211 48.56 47.57 50.91
CA LEU H 211 48.04 48.92 50.85
C LEU H 211 48.70 49.73 49.74
N LYS H 212 49.92 49.36 49.35
CA LYS H 212 50.66 49.92 48.22
C LYS H 212 50.49 51.44 48.12
N GLY H 213 50.76 52.12 49.22
CA GLY H 213 50.64 53.56 49.29
C GLY H 213 50.11 54.04 50.62
N GLU H 214 49.46 53.16 51.37
CA GLU H 214 48.97 53.47 52.70
C GLU H 214 49.56 52.55 53.75
N THR H 215 50.68 51.90 53.44
CA THR H 215 51.30 50.97 54.37
C THR H 215 51.83 51.71 55.59
N ASP H 216 52.12 50.93 56.64
CA ASP H 216 52.60 51.51 57.88
C ASP H 216 53.98 52.13 57.69
N TYR H 217 54.34 53.01 58.62
CA TYR H 217 55.57 53.79 58.49
C TYR H 217 56.81 52.90 58.50
N VAL H 218 56.85 51.91 59.40
CA VAL H 218 58.06 51.11 59.56
C VAL H 218 58.33 50.28 58.31
N LEU H 219 57.31 49.57 57.84
CA LEU H 219 57.49 48.72 56.66
C LEU H 219 57.82 49.55 55.42
N SER H 220 57.15 50.69 55.25
CA SER H 220 57.42 51.54 54.10
C SER H 220 58.85 52.07 54.16
N ASN H 221 59.31 52.47 55.34
CA ASN H 221 60.68 52.97 55.45
C ASN H 221 61.70 51.87 55.19
N VAL H 222 61.44 50.66 55.68
CA VAL H 222 62.34 49.54 55.40
C VAL H 222 62.42 49.28 53.90
N LEU H 223 61.26 49.27 53.22
CA LEU H 223 61.25 49.04 51.78
C LEU H 223 61.97 50.16 51.04
N ASP H 224 61.79 51.41 51.47
CA ASP H 224 62.50 52.52 50.85
C ASP H 224 64.00 52.38 51.03
N GLY H 225 64.44 51.91 52.20
CA GLY H 225 65.86 51.67 52.39
C GLY H 225 66.39 50.56 51.51
N LEU H 226 65.60 49.50 51.33
CA LEU H 226 66.06 48.37 50.52
C LEU H 226 66.19 48.74 49.06
N ILE H 227 65.16 49.37 48.50
CA ILE H 227 65.17 49.81 47.11
C ILE H 227 64.92 51.31 47.08
N GLY H 228 65.84 52.04 46.44
CA GLY H 228 65.79 53.49 46.44
C GLY H 228 64.92 54.14 45.40
N ASP H 229 64.35 53.36 44.47
CA ASP H 229 63.53 53.91 43.41
C ASP H 229 62.05 53.98 43.77
N GLY H 230 61.64 53.38 44.88
CA GLY H 230 60.24 53.42 45.27
C GLY H 230 59.30 52.74 44.30
N SER H 231 59.73 51.63 43.69
CA SER H 231 58.93 50.90 42.74
C SER H 231 58.07 49.83 43.39
N TRP H 232 58.10 49.70 44.72
CA TRP H 232 57.26 48.74 45.41
C TRP H 232 55.86 49.25 45.67
N ARG H 233 55.61 50.54 45.44
CA ARG H 233 54.30 51.14 45.69
C ARG H 233 53.30 50.86 44.57
N ALA H 234 53.75 50.38 43.42
CA ALA H 234 52.87 50.12 42.29
C ALA H 234 52.26 48.72 42.30
N GLY H 235 52.68 47.86 43.22
CA GLY H 235 52.16 46.51 43.29
C GLY H 235 53.04 45.51 42.58
N PRO H 236 52.83 44.23 42.85
CA PRO H 236 53.69 43.18 42.27
C PRO H 236 53.44 42.91 40.80
N ALA H 237 52.48 43.58 40.17
CA ALA H 237 52.21 43.46 38.74
C ALA H 237 51.89 42.00 38.37
N TYR H 238 50.77 41.54 38.91
CA TYR H 238 50.35 40.16 38.73
C TYR H 238 49.88 39.91 37.29
N GLU H 239 49.47 38.68 37.02
CA GLU H 239 49.08 38.26 35.68
C GLU H 239 47.64 37.75 35.68
N SER H 240 46.95 38.00 34.57
CA SER H 240 45.57 37.54 34.37
C SER H 240 45.56 36.47 33.29
N TYR H 241 45.06 35.28 33.64
CA TYR H 241 44.87 34.22 32.66
C TYR H 241 43.57 34.35 31.89
N LEU H 242 42.98 35.55 31.88
CA LEU H 242 41.73 35.81 31.18
C LEU H 242 41.94 36.49 29.84
N ASN H 243 43.17 36.96 29.56
CA ASN H 243 43.46 37.58 28.27
C ASN H 243 43.21 36.59 27.14
N LYS H 244 43.16 35.31 27.46
CA LYS H 244 42.87 34.19 26.58
C LYS H 244 43.85 34.13 25.43
N PRO H 245 45.14 34.40 25.64
CA PRO H 245 45.99 34.67 24.46
C PRO H 245 46.51 33.41 23.79
N GLY H 246 46.81 32.37 24.56
CA GLY H 246 47.50 31.23 24.01
C GLY H 246 46.83 29.90 24.30
N VAL H 247 45.52 29.92 24.44
CA VAL H 247 44.77 28.69 24.68
C VAL H 247 44.36 28.12 23.35
N ASP H 248 44.33 26.78 23.26
CA ASP H 248 43.86 26.11 22.06
C ASP H 248 42.82 25.03 22.38
N ARG H 249 42.34 24.94 23.62
CA ARG H 249 41.49 23.82 24.03
C ARG H 249 42.12 22.50 23.62
N VAL H 250 43.42 22.36 23.86
CA VAL H 250 44.18 21.20 23.38
C VAL H 250 43.56 19.91 23.90
N ILE H 251 43.01 19.10 23.00
CA ILE H 251 42.52 17.78 23.36
C ILE H 251 43.71 16.83 23.43
N THR H 252 44.04 16.39 24.62
CA THR H 252 45.14 15.47 24.85
C THR H 252 44.60 14.04 24.89
N THR H 253 45.39 13.11 25.42
CA THR H 253 44.97 11.72 25.44
C THR H 253 43.67 11.53 26.22
N VAL H 254 43.62 12.03 27.45
CA VAL H 254 42.44 11.81 28.29
C VAL H 254 41.25 12.64 27.79
N ASP H 255 41.50 13.89 27.40
CA ASP H 255 40.41 14.74 26.94
C ASP H 255 39.77 14.23 25.66
N GLY H 256 40.47 13.36 24.92
CA GLY H 256 39.88 12.77 23.73
C GLY H 256 38.74 11.80 24.02
N LEU H 257 38.76 11.16 25.18
CA LEU H 257 37.78 10.12 25.48
C LEU H 257 36.40 10.71 25.71
N HIS H 258 36.25 11.51 26.75
CA HIS H 258 34.96 12.10 27.11
C HIS H 258 34.92 13.54 26.60
N MET H 259 34.32 13.71 25.42
CA MET H 259 34.16 15.02 24.80
C MET H 259 32.81 15.08 24.09
N GLN H 260 32.29 16.29 23.96
CA GLN H 260 30.99 16.54 23.33
C GLN H 260 31.18 17.37 22.07
N ARG H 261 30.57 16.93 20.98
CA ARG H 261 30.58 17.65 19.70
C ARG H 261 31.99 18.02 19.22
N PRO I 90 10.58 25.54 -27.78
CA PRO I 90 10.14 26.24 -26.57
C PRO I 90 9.33 25.34 -25.65
N PHE I 91 8.92 24.18 -26.15
CA PHE I 91 8.09 23.24 -25.41
C PHE I 91 8.65 21.84 -25.52
N SER I 92 9.95 21.70 -25.25
CA SER I 92 10.60 20.40 -25.28
C SER I 92 10.43 19.68 -23.95
N GLY I 93 10.23 18.36 -24.02
CA GLY I 93 10.10 17.56 -22.83
C GLY I 93 8.72 17.52 -22.21
N LEU I 94 7.72 18.11 -22.86
CA LEU I 94 6.36 18.13 -22.33
C LEU I 94 5.80 16.71 -22.33
N LYS I 95 5.74 16.11 -21.16
CA LYS I 95 5.15 14.78 -21.01
C LYS I 95 3.74 14.92 -20.45
N PHE I 96 2.87 14.00 -20.87
CA PHE I 96 1.46 14.04 -20.49
C PHE I 96 1.04 12.67 -19.98
N LYS I 97 -0.03 12.66 -19.18
CA LYS I 97 -0.61 11.41 -18.76
C LYS I 97 -1.17 10.66 -19.96
N GLN I 98 -0.99 9.33 -19.96
CA GLN I 98 -1.43 8.54 -21.10
C GLN I 98 -2.95 8.55 -21.26
N ASN I 99 -3.70 8.51 -20.16
CA ASN I 99 -5.14 8.33 -20.23
C ASN I 99 -5.88 9.45 -19.52
N SER I 100 -5.33 10.66 -19.53
CA SER I 100 -5.99 11.78 -18.86
C SER I 100 -7.31 12.13 -19.51
N PHE I 101 -7.36 12.10 -20.85
CA PHE I 101 -8.52 12.57 -21.59
C PHE I 101 -9.60 11.50 -21.78
N LEU I 102 -9.35 10.26 -21.36
CA LEU I 102 -10.35 9.21 -21.52
C LEU I 102 -11.61 9.50 -20.70
N SER I 103 -11.45 9.98 -19.48
CA SER I 103 -12.58 10.22 -18.61
C SER I 103 -13.42 11.41 -19.05
N THR I 104 -12.95 12.19 -20.03
CA THR I 104 -13.68 13.39 -20.44
C THR I 104 -14.61 13.16 -21.62
N VAL I 105 -14.27 12.22 -22.50
CA VAL I 105 -15.11 12.01 -23.69
C VAL I 105 -16.47 11.48 -23.26
N PRO I 106 -17.57 12.05 -23.74
CA PRO I 106 -18.89 11.62 -23.31
C PRO I 106 -19.32 10.34 -24.01
N SER I 107 -20.46 9.82 -23.56
CA SER I 107 -21.02 8.62 -24.15
C SER I 107 -21.56 8.91 -25.54
N VAL I 108 -21.62 7.87 -26.37
CA VAL I 108 -22.10 8.04 -27.75
C VAL I 108 -23.57 8.46 -27.75
N THR I 109 -24.35 7.93 -26.82
CA THR I 109 -25.77 8.27 -26.76
C THR I 109 -25.99 9.73 -26.42
N ASN I 110 -25.09 10.32 -25.62
CA ASN I 110 -25.23 11.73 -25.27
C ASN I 110 -24.84 12.66 -26.40
N MET I 111 -24.18 12.16 -27.45
CA MET I 111 -23.84 13.01 -28.58
C MET I 111 -25.09 13.51 -29.29
N HIS I 112 -26.09 12.64 -29.43
CA HIS I 112 -27.34 13.00 -30.10
C HIS I 112 -28.31 13.74 -29.20
N SER I 113 -27.83 14.30 -28.09
CA SER I 113 -28.70 15.09 -27.23
C SER I 113 -29.23 16.29 -27.99
N MET I 114 -30.46 16.69 -27.66
CA MET I 114 -31.07 17.81 -28.37
C MET I 114 -30.31 19.10 -28.12
N HIS I 115 -29.83 19.30 -26.90
CA HIS I 115 -29.02 20.46 -26.54
C HIS I 115 -27.63 19.96 -26.17
N PHE I 116 -26.78 19.77 -27.18
CA PHE I 116 -25.44 19.24 -26.99
C PHE I 116 -24.45 20.10 -27.75
N ASP I 117 -23.52 20.72 -27.03
CA ASP I 117 -22.47 21.54 -27.63
C ASP I 117 -21.29 20.65 -27.96
N ALA I 118 -21.25 20.15 -29.20
CA ALA I 118 -20.14 19.30 -29.62
C ALA I 118 -18.83 20.07 -29.60
N ARG I 119 -18.86 21.33 -29.99
CA ARG I 119 -17.65 22.16 -30.00
C ARG I 119 -17.05 22.26 -28.60
N GLU I 120 -17.87 22.62 -27.61
CA GLU I 120 -17.34 22.83 -26.27
C GLU I 120 -16.86 21.53 -25.64
N THR I 121 -17.60 20.45 -25.84
CA THR I 121 -17.16 19.17 -25.28
C THR I 121 -15.86 18.70 -25.94
N PHE I 122 -15.75 18.88 -27.27
CA PHE I 122 -14.52 18.50 -27.95
C PHE I 122 -13.34 19.34 -27.47
N LEU I 123 -13.54 20.65 -27.31
CA LEU I 123 -12.46 21.48 -26.82
C LEU I 123 -12.09 21.14 -25.38
N GLY I 124 -13.07 20.74 -24.57
CA GLY I 124 -12.76 20.28 -23.22
C GLY I 124 -11.93 19.01 -23.24
N VAL I 125 -12.26 18.07 -24.14
CA VAL I 125 -11.46 16.86 -24.27
C VAL I 125 -10.03 17.21 -24.67
N ILE I 126 -9.88 18.10 -25.64
CA ILE I 126 -8.54 18.51 -26.08
C ILE I 126 -7.80 19.20 -24.94
N ARG I 127 -8.50 20.05 -24.18
CA ARG I 127 -7.89 20.73 -23.05
C ARG I 127 -7.36 19.74 -22.01
N LYS I 128 -8.16 18.71 -21.71
CA LYS I 128 -7.71 17.68 -20.80
C LYS I 128 -6.53 16.91 -21.38
N ALA I 129 -6.50 16.73 -22.71
CA ALA I 129 -5.46 15.92 -23.32
C ALA I 129 -4.07 16.57 -23.26
N LEU I 130 -4.00 17.88 -23.05
CA LEU I 130 -2.73 18.59 -23.07
C LEU I 130 -2.29 19.10 -21.70
N GLU I 131 -2.76 18.46 -20.63
CA GLU I 131 -2.40 18.92 -19.30
C GLU I 131 -0.96 18.56 -18.98
N PRO I 132 -0.11 19.54 -18.64
CA PRO I 132 1.26 19.20 -18.26
C PRO I 132 1.27 18.37 -16.98
N ASP I 133 2.21 17.44 -16.92
CA ASP I 133 2.34 16.61 -15.73
C ASP I 133 3.40 17.20 -14.80
N THR I 134 3.67 16.49 -13.70
CA THR I 134 4.69 16.95 -12.76
C THR I 134 6.09 16.81 -13.35
N SER I 135 6.32 15.82 -14.20
CA SER I 135 7.65 15.59 -14.75
C SER I 135 8.15 16.79 -15.55
N THR I 136 7.23 17.57 -16.11
CA THR I 136 7.61 18.75 -16.87
C THR I 136 8.23 19.81 -15.94
N PRO I 137 9.33 20.44 -16.35
CA PRO I 137 9.91 21.50 -15.52
C PRO I 137 8.94 22.64 -15.30
N PHE I 138 9.08 23.29 -14.14
CA PHE I 138 8.09 24.29 -13.72
C PHE I 138 7.96 25.47 -14.65
N PRO I 139 9.03 26.12 -15.12
CA PRO I 139 8.84 27.32 -15.96
C PRO I 139 8.11 27.05 -17.27
N VAL I 140 8.54 26.03 -18.01
CA VAL I 140 7.84 25.71 -19.25
C VAL I 140 6.42 25.23 -18.95
N ARG I 141 6.23 24.55 -17.81
CA ARG I 141 4.89 24.12 -17.42
C ARG I 141 3.96 25.32 -17.23
N ARG I 142 4.43 26.32 -16.51
CA ARG I 142 3.64 27.52 -16.29
C ARG I 142 3.36 28.23 -17.60
N ALA I 143 4.39 28.39 -18.43
CA ALA I 143 4.22 29.09 -19.69
C ALA I 143 3.15 28.40 -20.55
N PHE I 144 3.21 27.07 -20.63
CA PHE I 144 2.20 26.34 -21.38
C PHE I 144 0.84 26.44 -20.73
N ASP I 145 0.77 26.47 -19.40
CA ASP I 145 -0.51 26.66 -18.73
C ASP I 145 -1.11 28.01 -19.07
N GLY I 146 -0.30 29.07 -19.08
CA GLY I 146 -0.81 30.38 -19.45
C GLY I 146 -1.29 30.44 -20.90
N LEU I 147 -0.50 29.87 -21.82
CA LEU I 147 -0.93 29.82 -23.22
C LEU I 147 -2.23 29.04 -23.37
N ARG I 148 -2.32 27.89 -22.70
CA ARG I 148 -3.52 27.06 -22.79
C ARG I 148 -4.73 27.80 -22.22
N ALA I 149 -4.54 28.52 -21.11
CA ALA I 149 -5.63 29.29 -20.53
C ALA I 149 -6.08 30.39 -21.47
N GLU I 150 -5.15 31.03 -22.17
CA GLU I 150 -5.55 32.09 -23.11
C GLU I 150 -6.29 31.52 -24.30
N ILE I 151 -5.82 30.40 -24.84
CA ILE I 151 -6.41 29.87 -26.08
C ILE I 151 -7.51 28.86 -25.81
N LEU I 152 -7.38 28.04 -24.76
CA LEU I 152 -8.36 26.99 -24.44
C LEU I 152 -8.83 27.19 -23.00
N PRO I 153 -9.73 28.12 -22.77
CA PRO I 153 -10.23 28.36 -21.41
C PRO I 153 -11.29 27.33 -21.03
N ASN I 154 -11.86 27.51 -19.84
CA ASN I 154 -12.94 26.68 -19.35
C ASN I 154 -14.25 27.43 -19.16
N ASP I 155 -14.21 28.72 -18.88
CA ASP I 155 -15.42 29.50 -18.73
C ASP I 155 -16.11 29.70 -20.07
N THR I 156 -17.44 29.71 -20.06
CA THR I 156 -18.20 29.89 -21.29
C THR I 156 -17.99 31.29 -21.87
N ILE I 157 -17.93 32.30 -21.01
CA ILE I 157 -17.77 33.67 -21.48
C ILE I 157 -16.41 33.84 -22.15
N LYS I 158 -15.36 33.22 -21.60
CA LYS I 158 -14.05 33.32 -22.22
C LYS I 158 -14.03 32.67 -23.60
N SER I 159 -14.64 31.49 -23.72
CA SER I 159 -14.70 30.82 -25.01
C SER I 159 -15.48 31.66 -26.02
N ALA I 160 -16.61 32.22 -25.60
CA ALA I 160 -17.41 33.04 -26.51
C ALA I 160 -16.65 34.28 -26.94
N ALA I 161 -15.96 34.94 -26.01
CA ALA I 161 -15.19 36.13 -26.35
C ALA I 161 -14.06 35.80 -27.31
N LEU I 162 -13.36 34.69 -27.06
CA LEU I 162 -12.29 34.28 -27.98
C LEU I 162 -12.83 33.99 -29.36
N LYS I 163 -13.96 33.28 -29.45
CA LYS I 163 -14.54 32.97 -30.75
C LYS I 163 -14.96 34.25 -31.47
N ALA I 164 -15.57 35.19 -30.75
CA ALA I 164 -16.00 36.44 -31.37
C ALA I 164 -14.82 37.25 -31.87
N GLN I 165 -13.75 37.33 -31.07
CA GLN I 165 -12.56 38.09 -31.49
C GLN I 165 -11.75 37.36 -32.54
N CYS I 166 -12.05 36.11 -32.83
CA CYS I 166 -11.30 35.32 -33.80
C CYS I 166 -11.93 35.35 -35.19
N SER I 167 -13.08 36.01 -35.35
CA SER I 167 -13.69 36.11 -36.68
C SER I 167 -12.78 36.86 -37.64
N ASP I 168 -12.32 38.04 -37.23
CA ASP I 168 -11.34 38.81 -37.99
C ASP I 168 -9.95 38.63 -37.35
N ILE I 169 -9.34 37.48 -37.65
CA ILE I 169 -8.10 37.08 -37.02
C ILE I 169 -6.86 37.70 -37.66
N ASP I 170 -6.98 38.29 -38.84
CA ASP I 170 -5.82 38.83 -39.54
C ASP I 170 -5.22 40.03 -38.83
N LYS I 171 -5.93 40.64 -37.89
CA LYS I 171 -5.44 41.80 -37.16
C LYS I 171 -4.78 41.44 -35.83
N HIS I 172 -4.62 40.16 -35.54
CA HIS I 172 -4.02 39.70 -34.29
C HIS I 172 -2.91 38.70 -34.61
N PRO I 173 -1.76 39.18 -35.09
CA PRO I 173 -0.65 38.27 -35.40
C PRO I 173 -0.15 37.50 -34.19
N GLU I 174 -0.29 38.08 -32.98
CA GLU I 174 0.10 37.35 -31.78
C GLU I 174 -0.75 36.10 -31.59
N LEU I 175 -2.04 36.19 -31.89
CA LEU I 175 -2.89 35.02 -31.85
C LEU I 175 -2.46 34.00 -32.89
N LYS I 176 -2.03 34.47 -34.07
CA LYS I 176 -1.48 33.56 -35.07
C LYS I 176 -0.28 32.80 -34.52
N ALA I 177 0.65 33.53 -33.89
CA ALA I 177 1.85 32.88 -33.35
C ALA I 177 1.50 31.89 -32.25
N LYS I 178 0.59 32.27 -31.35
CA LYS I 178 0.19 31.37 -30.29
C LYS I 178 -0.48 30.12 -30.84
N MET I 179 -1.35 30.29 -31.84
CA MET I 179 -2.01 29.13 -32.43
C MET I 179 -1.03 28.23 -33.15
N GLU I 180 -0.03 28.81 -33.82
CA GLU I 180 0.99 27.99 -34.46
C GLU I 180 1.79 27.20 -33.44
N THR I 181 2.14 27.84 -32.32
CA THR I 181 2.85 27.13 -31.26
C THR I 181 2.00 26.00 -30.70
N LEU I 182 0.69 26.24 -30.55
CA LEU I 182 -0.21 25.18 -30.12
C LEU I 182 -0.24 24.04 -31.13
N LYS I 183 -0.26 24.37 -32.42
CA LYS I 183 -0.27 23.33 -33.45
C LYS I 183 1.00 22.49 -33.38
N GLU I 184 2.15 23.13 -33.18
CA GLU I 184 3.41 22.39 -33.18
C GLU I 184 3.47 21.37 -32.04
N VAL I 185 2.95 21.73 -30.87
CA VAL I 185 2.95 20.78 -29.76
C VAL I 185 1.83 19.76 -29.91
N ILE I 186 0.71 20.15 -30.53
CA ILE I 186 -0.37 19.20 -30.76
C ILE I 186 0.07 18.11 -31.73
N THR I 187 0.77 18.49 -32.80
CA THR I 187 1.15 17.55 -33.85
C THR I 187 2.12 16.48 -33.36
N HIS I 188 2.79 16.71 -32.24
CA HIS I 188 3.73 15.74 -31.68
C HIS I 188 3.19 15.03 -30.45
N HIS I 189 1.89 15.12 -30.21
CA HIS I 189 1.30 14.43 -29.07
C HIS I 189 1.46 12.92 -29.22
N PRO I 190 1.94 12.22 -28.19
CA PRO I 190 2.07 10.76 -28.32
C PRO I 190 0.76 10.04 -28.52
N GLN I 191 -0.36 10.62 -28.09
CA GLN I 191 -1.68 10.02 -28.26
C GLN I 191 -2.45 10.65 -29.42
N LYS I 192 -1.75 11.00 -30.50
CA LYS I 192 -2.40 11.68 -31.61
C LYS I 192 -3.49 10.81 -32.25
N GLU I 193 -3.23 9.51 -32.39
CA GLU I 193 -4.18 8.64 -33.07
C GLU I 193 -5.50 8.56 -32.31
N LYS I 194 -5.45 8.41 -30.99
CA LYS I 194 -6.68 8.39 -30.20
C LYS I 194 -7.40 9.72 -30.29
N LEU I 195 -6.64 10.83 -30.24
CA LEU I 195 -7.26 12.14 -30.36
C LEU I 195 -7.90 12.30 -31.74
N ALA I 196 -7.23 11.84 -32.79
CA ALA I 196 -7.79 11.93 -34.13
C ALA I 196 -9.07 11.12 -34.26
N GLU I 197 -9.08 9.90 -33.72
CA GLU I 197 -10.29 9.08 -33.82
C GLU I 197 -11.42 9.65 -32.97
N ILE I 198 -11.10 10.28 -31.84
CA ILE I 198 -12.14 10.94 -31.05
C ILE I 198 -12.69 12.13 -31.81
N ALA I 199 -11.83 12.88 -32.50
CA ALA I 199 -12.31 13.98 -33.32
C ALA I 199 -13.23 13.48 -34.44
N LEU I 200 -12.86 12.37 -35.08
CA LEU I 200 -13.72 11.81 -36.13
C LEU I 200 -15.05 11.34 -35.56
N GLN I 201 -15.04 10.75 -34.37
CA GLN I 201 -16.29 10.33 -33.72
C GLN I 201 -17.17 11.53 -33.40
N PHE I 202 -16.57 12.61 -32.91
CA PHE I 202 -17.34 13.83 -32.65
C PHE I 202 -17.93 14.39 -33.94
N ALA I 203 -17.15 14.36 -35.02
CA ALA I 203 -17.63 14.88 -36.30
C ALA I 203 -18.78 14.04 -36.84
N ARG I 204 -18.71 12.72 -36.69
CA ARG I 204 -19.73 11.86 -37.28
C ARG I 204 -21.01 11.83 -36.43
N GLU I 205 -20.87 11.63 -35.12
CA GLU I 205 -22.03 11.45 -34.27
C GLU I 205 -22.72 12.78 -33.95
N ALA I 206 -22.01 13.67 -33.26
CA ALA I 206 -22.58 14.93 -32.84
C ALA I 206 -22.48 16.03 -33.88
N GLY I 207 -21.78 15.78 -34.99
CA GLY I 207 -21.63 16.80 -36.00
C GLY I 207 -20.76 17.95 -35.54
N LEU I 208 -19.50 17.66 -35.19
CA LEU I 208 -18.59 18.69 -34.76
C LEU I 208 -18.32 19.70 -35.87
N THR I 209 -18.12 19.22 -37.09
CA THR I 209 -17.88 20.08 -38.25
C THR I 209 -19.02 19.93 -39.26
N ARG I 210 -20.06 20.72 -39.05
CA ARG I 210 -21.19 20.78 -39.96
C ARG I 210 -21.08 21.91 -40.97
N LEU I 211 -20.19 22.87 -40.73
CA LEU I 211 -19.97 23.97 -41.65
C LEU I 211 -18.98 23.62 -42.75
N LYS I 212 -18.37 22.44 -42.68
CA LYS I 212 -17.54 21.84 -43.73
C LYS I 212 -16.64 22.87 -44.42
N GLY I 213 -15.73 23.44 -43.63
CA GLY I 213 -14.78 24.42 -44.12
C GLY I 213 -15.02 25.81 -43.59
N GLU I 214 -16.21 26.09 -43.06
CA GLU I 214 -16.51 27.36 -42.42
C GLU I 214 -16.42 27.27 -40.90
N THR I 215 -15.72 26.26 -40.39
CA THR I 215 -15.60 26.06 -38.96
C THR I 215 -14.75 27.19 -38.35
N ASP I 216 -14.86 27.34 -37.04
CA ASP I 216 -14.09 28.35 -36.34
C ASP I 216 -12.59 28.16 -36.58
N TYR I 217 -11.86 29.28 -36.53
CA TYR I 217 -10.42 29.24 -36.77
C TYR I 217 -9.70 28.41 -35.72
N VAL I 218 -10.08 28.57 -34.45
CA VAL I 218 -9.43 27.82 -33.39
C VAL I 218 -9.71 26.33 -33.52
N LEU I 219 -10.87 25.95 -34.08
CA LEU I 219 -11.11 24.55 -34.37
C LEU I 219 -10.37 24.09 -35.60
N SER I 220 -10.20 24.96 -36.59
CA SER I 220 -9.55 24.58 -37.84
C SER I 220 -8.12 24.11 -37.59
N ASN I 221 -7.34 24.91 -36.88
CA ASN I 221 -5.95 24.56 -36.63
C ASN I 221 -5.83 23.34 -35.71
N VAL I 222 -6.72 23.22 -34.74
CA VAL I 222 -6.68 22.06 -33.86
C VAL I 222 -6.93 20.80 -34.66
N LEU I 223 -7.98 20.79 -35.48
CA LEU I 223 -8.28 19.61 -36.29
C LEU I 223 -7.16 19.32 -37.27
N ASP I 224 -6.57 20.37 -37.86
CA ASP I 224 -5.43 20.17 -38.75
C ASP I 224 -4.28 19.50 -38.01
N GLY I 225 -4.08 19.86 -36.74
CA GLY I 225 -3.06 19.18 -35.95
C GLY I 225 -3.37 17.72 -35.71
N LEU I 226 -4.61 17.42 -35.33
CA LEU I 226 -4.97 16.03 -35.09
C LEU I 226 -4.94 15.21 -36.38
N ILE I 227 -5.48 15.76 -37.47
CA ILE I 227 -5.45 15.11 -38.78
C ILE I 227 -4.87 16.10 -39.78
N GLY I 228 -3.70 15.77 -40.32
CA GLY I 228 -2.98 16.69 -41.19
C GLY I 228 -3.38 16.65 -42.65
N ASP I 229 -4.23 15.71 -43.05
CA ASP I 229 -4.63 15.63 -44.44
C ASP I 229 -5.56 16.77 -44.83
N GLY I 230 -6.28 17.34 -43.87
CA GLY I 230 -7.25 18.37 -44.18
C GLY I 230 -8.54 17.88 -44.79
N SER I 231 -8.76 16.57 -44.83
CA SER I 231 -9.94 16.00 -45.46
C SER I 231 -11.22 16.26 -44.67
N TRP I 232 -11.12 16.75 -43.44
CA TRP I 232 -12.32 17.02 -42.65
C TRP I 232 -13.14 18.17 -43.22
N ARG I 233 -12.62 18.92 -44.18
CA ARG I 233 -13.42 19.95 -44.83
C ARG I 233 -14.58 19.35 -45.60
N ALA I 234 -14.44 18.12 -46.09
CA ALA I 234 -15.49 17.52 -46.90
C ALA I 234 -16.69 17.14 -46.04
N GLY I 235 -16.49 16.22 -45.09
CA GLY I 235 -17.56 15.80 -44.22
C GLY I 235 -17.53 14.31 -43.91
N PRO I 236 -18.40 13.89 -42.99
CA PRO I 236 -18.41 12.48 -42.56
C PRO I 236 -18.84 11.50 -43.65
N ALA I 237 -19.46 11.97 -44.73
CA ALA I 237 -19.92 11.11 -45.83
C ALA I 237 -20.92 10.07 -45.32
N TYR I 238 -22.09 10.58 -44.92
CA TYR I 238 -23.15 9.75 -44.39
C TYR I 238 -23.70 8.81 -45.46
N GLU I 239 -24.60 7.93 -45.05
CA GLU I 239 -25.18 6.91 -45.90
C GLU I 239 -26.62 7.26 -46.26
N SER I 240 -27.12 6.63 -47.32
CA SER I 240 -28.48 6.85 -47.79
C SER I 240 -29.15 5.51 -48.06
N TYR I 241 -30.47 5.49 -47.94
CA TYR I 241 -31.25 4.28 -48.13
C TYR I 241 -32.23 4.37 -49.29
N LEU I 242 -32.43 5.55 -49.89
CA LEU I 242 -33.42 5.72 -50.93
C LEU I 242 -32.98 5.20 -52.28
N ASN I 243 -31.70 4.87 -52.45
CA ASN I 243 -31.22 4.34 -53.73
C ASN I 243 -31.72 2.94 -54.01
N LYS I 244 -32.46 2.34 -53.08
CA LYS I 244 -32.97 0.97 -53.13
C LYS I 244 -31.94 -0.01 -53.72
N PRO I 245 -30.80 -0.21 -53.06
CA PRO I 245 -29.88 -1.28 -53.49
C PRO I 245 -30.48 -2.66 -53.30
N GLY I 246 -31.43 -2.81 -52.39
CA GLY I 246 -32.16 -4.05 -52.21
C GLY I 246 -33.65 -3.78 -52.23
N VAL I 247 -34.39 -4.50 -53.07
CA VAL I 247 -35.81 -4.23 -53.29
C VAL I 247 -36.64 -4.65 -52.09
N ASP I 248 -35.97 -5.18 -51.05
CA ASP I 248 -36.62 -5.54 -49.79
C ASP I 248 -37.67 -6.62 -50.02
N ARG I 249 -38.94 -6.25 -49.88
CA ARG I 249 -40.06 -7.18 -50.01
C ARG I 249 -39.89 -8.38 -49.09
N VAL I 250 -39.53 -8.10 -47.84
CA VAL I 250 -39.28 -9.12 -46.84
C VAL I 250 -40.46 -9.15 -45.88
N ILE I 251 -41.07 -10.32 -45.71
CA ILE I 251 -42.24 -10.51 -44.87
C ILE I 251 -41.88 -11.59 -43.85
N THR I 252 -41.60 -11.19 -42.63
CA THR I 252 -41.25 -12.15 -41.59
C THR I 252 -42.51 -12.66 -40.90
N THR I 253 -42.33 -13.31 -39.75
CA THR I 253 -43.44 -13.95 -39.06
C THR I 253 -44.49 -12.94 -38.61
N VAL I 254 -44.06 -11.91 -37.88
CA VAL I 254 -45.02 -10.93 -37.36
C VAL I 254 -45.62 -10.13 -38.50
N ASP I 255 -44.87 -9.86 -39.55
CA ASP I 255 -45.39 -9.10 -40.67
C ASP I 255 -46.28 -9.93 -41.58
N GLY I 256 -46.21 -11.26 -41.48
CA GLY I 256 -47.05 -12.11 -42.29
C GLY I 256 -48.48 -12.23 -41.79
N LEU I 257 -48.71 -11.96 -40.51
CA LEU I 257 -50.06 -12.04 -39.97
C LEU I 257 -50.91 -10.89 -40.50
N HIS I 258 -50.53 -9.66 -40.16
CA HIS I 258 -51.26 -8.47 -40.59
C HIS I 258 -50.75 -7.99 -41.94
N MET I 259 -50.94 -8.84 -42.95
CA MET I 259 -50.54 -8.53 -44.31
C MET I 259 -51.74 -7.95 -45.05
N GLN I 260 -51.54 -6.82 -45.72
CA GLN I 260 -52.59 -6.19 -46.52
C GLN I 260 -52.27 -6.40 -48.00
N ARG I 261 -53.24 -6.95 -48.73
CA ARG I 261 -53.10 -7.22 -50.16
C ARG I 261 -51.93 -8.14 -50.47
N PRO J 90 -43.46 -23.13 11.10
CA PRO J 90 -42.31 -24.03 10.90
C PRO J 90 -41.39 -23.55 9.79
N PHE J 91 -41.96 -22.82 8.84
CA PHE J 91 -41.23 -22.28 7.70
C PHE J 91 -41.28 -20.76 7.68
N SER J 92 -41.11 -20.15 8.86
CA SER J 92 -41.11 -18.70 8.96
C SER J 92 -39.90 -18.12 8.24
N GLY J 93 -40.09 -16.95 7.64
CA GLY J 93 -39.03 -16.30 6.91
C GLY J 93 -38.73 -16.89 5.57
N LEU J 94 -39.65 -17.66 4.99
CA LEU J 94 -39.46 -18.23 3.66
C LEU J 94 -39.88 -17.19 2.62
N LYS J 95 -38.95 -16.81 1.76
CA LYS J 95 -39.19 -15.79 0.74
C LYS J 95 -39.26 -16.44 -0.64
N PHE J 96 -39.84 -15.70 -1.58
CA PHE J 96 -40.06 -16.20 -2.93
C PHE J 96 -39.74 -15.12 -3.96
N LYS J 97 -39.35 -15.57 -5.15
CA LYS J 97 -39.11 -14.65 -6.26
C LYS J 97 -40.44 -14.11 -6.80
N GLN J 98 -40.38 -12.87 -7.31
CA GLN J 98 -41.61 -12.17 -7.66
C GLN J 98 -42.30 -12.78 -8.87
N ASN J 99 -41.55 -13.02 -9.95
CA ASN J 99 -42.13 -13.51 -11.19
C ASN J 99 -41.40 -14.74 -11.70
N SER J 100 -41.15 -15.70 -10.82
CA SER J 100 -40.49 -16.91 -11.25
C SER J 100 -41.42 -17.90 -11.95
N PHE J 101 -42.73 -17.68 -11.87
CA PHE J 101 -43.69 -18.61 -12.45
C PHE J 101 -44.39 -18.07 -13.70
N LEU J 102 -43.92 -16.94 -14.23
CA LEU J 102 -44.51 -16.41 -15.46
C LEU J 102 -44.03 -17.17 -16.69
N SER J 103 -42.80 -17.67 -16.67
CA SER J 103 -42.21 -18.33 -17.83
C SER J 103 -42.61 -19.78 -17.97
N THR J 104 -43.39 -20.32 -17.03
CA THR J 104 -43.77 -21.72 -17.06
C THR J 104 -45.16 -21.96 -17.62
N VAL J 105 -46.07 -21.00 -17.46
CA VAL J 105 -47.44 -21.19 -17.96
C VAL J 105 -47.41 -21.33 -19.47
N PRO J 106 -48.10 -22.32 -20.05
CA PRO J 106 -48.01 -22.54 -21.49
C PRO J 106 -48.87 -21.53 -22.25
N SER J 107 -48.81 -21.63 -23.57
CA SER J 107 -49.60 -20.76 -24.43
C SER J 107 -51.08 -21.07 -24.27
N VAL J 108 -51.91 -20.03 -24.34
CA VAL J 108 -53.35 -20.20 -24.26
C VAL J 108 -53.84 -21.12 -25.36
N THR J 109 -53.27 -20.98 -26.56
CA THR J 109 -53.63 -21.88 -27.65
C THR J 109 -53.26 -23.31 -27.31
N ASN J 110 -52.05 -23.53 -26.79
CA ASN J 110 -51.58 -24.89 -26.51
C ASN J 110 -52.42 -25.59 -25.45
N MET J 111 -53.20 -24.86 -24.67
CA MET J 111 -54.10 -25.46 -23.70
C MET J 111 -55.30 -26.11 -24.38
N HIS J 112 -55.33 -26.11 -25.72
CA HIS J 112 -56.36 -26.77 -26.50
C HIS J 112 -55.82 -27.93 -27.30
N SER J 113 -54.59 -28.35 -27.05
CA SER J 113 -53.99 -29.45 -27.78
C SER J 113 -54.70 -30.75 -27.44
N MET J 114 -54.53 -31.75 -28.32
CA MET J 114 -55.26 -33.00 -28.14
C MET J 114 -54.64 -33.84 -27.03
N HIS J 115 -53.36 -34.15 -27.14
CA HIS J 115 -52.65 -34.88 -26.09
C HIS J 115 -51.97 -33.94 -25.11
N PHE J 116 -52.74 -33.00 -24.56
CA PHE J 116 -52.23 -32.04 -23.59
C PHE J 116 -52.58 -32.50 -22.18
N ASP J 117 -51.67 -32.22 -21.24
CA ASP J 117 -51.83 -32.63 -19.86
C ASP J 117 -52.15 -31.40 -19.02
N ALA J 118 -53.30 -31.42 -18.35
CA ALA J 118 -53.76 -30.29 -17.56
C ALA J 118 -53.37 -30.38 -16.09
N ARG J 119 -52.82 -31.51 -15.65
CA ARG J 119 -52.39 -31.68 -14.26
C ARG J 119 -50.88 -31.59 -14.10
N GLU J 120 -50.13 -32.32 -14.93
CA GLU J 120 -48.68 -32.29 -14.85
C GLU J 120 -48.14 -30.89 -15.14
N THR J 121 -48.69 -30.23 -16.16
CA THR J 121 -48.25 -28.88 -16.49
C THR J 121 -48.61 -27.90 -15.37
N PHE J 122 -49.82 -28.02 -14.82
CA PHE J 122 -50.25 -27.09 -13.78
C PHE J 122 -49.42 -27.24 -12.52
N LEU J 123 -49.15 -28.48 -12.10
CA LEU J 123 -48.33 -28.70 -10.92
C LEU J 123 -46.93 -28.17 -11.14
N GLY J 124 -46.40 -28.30 -12.36
CA GLY J 124 -45.10 -27.73 -12.66
C GLY J 124 -45.07 -26.23 -12.47
N VAL J 125 -46.16 -25.55 -12.81
CA VAL J 125 -46.24 -24.11 -12.58
C VAL J 125 -46.18 -23.81 -11.08
N ILE J 126 -46.93 -24.58 -10.28
CA ILE J 126 -46.91 -24.38 -8.84
C ILE J 126 -45.56 -24.76 -8.26
N ARG J 127 -44.93 -25.80 -8.81
CA ARG J 127 -43.65 -26.24 -8.29
C ARG J 127 -42.59 -25.16 -8.44
N LYS J 128 -42.57 -24.47 -9.59
CA LYS J 128 -41.64 -23.38 -9.78
C LYS J 128 -42.01 -22.16 -8.94
N ALA J 129 -43.29 -22.02 -8.61
CA ALA J 129 -43.73 -20.85 -7.84
C ALA J 129 -43.27 -20.92 -6.39
N LEU J 130 -43.08 -22.11 -5.85
CA LEU J 130 -42.73 -22.31 -4.46
C LEU J 130 -41.23 -22.39 -4.21
N GLU J 131 -40.42 -22.23 -5.25
CA GLU J 131 -38.97 -22.40 -5.10
C GLU J 131 -38.41 -21.32 -4.18
N PRO J 132 -37.67 -21.69 -3.13
CA PRO J 132 -37.13 -20.69 -2.20
C PRO J 132 -35.91 -20.01 -2.81
N ASP J 133 -35.86 -18.69 -2.71
CA ASP J 133 -34.71 -17.95 -3.21
C ASP J 133 -33.55 -18.07 -2.22
N THR J 134 -32.41 -17.45 -2.58
CA THR J 134 -31.23 -17.55 -1.74
C THR J 134 -31.38 -16.76 -0.45
N SER J 135 -32.24 -15.74 -0.44
CA SER J 135 -32.41 -14.91 0.75
C SER J 135 -32.91 -15.73 1.93
N THR J 136 -33.59 -16.83 1.67
CA THR J 136 -34.02 -17.72 2.75
C THR J 136 -32.81 -18.38 3.39
N PRO J 137 -32.74 -18.44 4.72
CA PRO J 137 -31.59 -19.07 5.38
C PRO J 137 -31.47 -20.54 4.98
N PHE J 138 -30.23 -21.02 4.98
CA PHE J 138 -29.95 -22.37 4.50
C PHE J 138 -30.69 -23.47 5.28
N PRO J 139 -30.69 -23.48 6.62
CA PRO J 139 -31.42 -24.56 7.31
C PRO J 139 -32.90 -24.61 6.97
N VAL J 140 -33.56 -23.45 6.87
CA VAL J 140 -34.97 -23.43 6.51
C VAL J 140 -35.14 -23.83 5.05
N ARG J 141 -34.25 -23.34 4.18
CA ARG J 141 -34.37 -23.63 2.75
C ARG J 141 -34.24 -25.11 2.47
N ARG J 142 -33.33 -25.79 3.16
CA ARG J 142 -33.11 -27.22 2.92
C ARG J 142 -34.34 -28.04 3.29
N ALA J 143 -35.04 -27.65 4.36
CA ALA J 143 -36.20 -28.42 4.80
C ALA J 143 -37.31 -28.41 3.76
N PHE J 144 -37.59 -27.24 3.18
CA PHE J 144 -38.70 -27.13 2.24
C PHE J 144 -38.38 -27.85 0.93
N ASP J 145 -37.13 -27.78 0.48
CA ASP J 145 -36.76 -28.39 -0.79
C ASP J 145 -37.00 -29.89 -0.78
N GLY J 146 -36.60 -30.57 0.29
CA GLY J 146 -36.82 -32.00 0.38
C GLY J 146 -38.29 -32.35 0.39
N LEU J 147 -39.09 -31.55 1.09
CA LEU J 147 -40.53 -31.81 1.15
C LEU J 147 -41.18 -31.65 -0.21
N ARG J 148 -40.80 -30.60 -0.95
CA ARG J 148 -41.36 -30.38 -2.28
C ARG J 148 -40.98 -31.49 -3.24
N ALA J 149 -39.79 -32.07 -3.08
CA ALA J 149 -39.37 -33.16 -3.95
C ALA J 149 -40.17 -34.43 -3.72
N GLU J 150 -40.97 -34.49 -2.67
CA GLU J 150 -41.78 -35.67 -2.38
C GLU J 150 -43.26 -35.47 -2.66
N ILE J 151 -43.76 -34.23 -2.64
CA ILE J 151 -45.14 -33.95 -2.94
C ILE J 151 -45.33 -33.33 -4.33
N LEU J 152 -44.40 -32.48 -4.78
CA LEU J 152 -44.45 -31.89 -6.11
C LEU J 152 -43.14 -32.19 -6.84
N PRO J 153 -42.95 -33.44 -7.26
CA PRO J 153 -41.74 -33.77 -8.01
C PRO J 153 -41.82 -33.28 -9.45
N ASN J 154 -40.65 -33.02 -10.02
CA ASN J 154 -40.58 -32.64 -11.43
C ASN J 154 -40.63 -33.86 -12.35
N ASP J 155 -40.37 -35.06 -11.84
CA ASP J 155 -40.37 -36.26 -12.65
C ASP J 155 -41.79 -36.76 -12.90
N THR J 156 -41.90 -37.76 -13.77
CA THR J 156 -43.17 -38.39 -14.08
C THR J 156 -43.37 -39.72 -13.38
N ILE J 157 -42.31 -40.53 -13.26
CA ILE J 157 -42.42 -41.83 -12.60
C ILE J 157 -42.76 -41.64 -11.13
N LYS J 158 -42.10 -40.68 -10.46
CA LYS J 158 -42.40 -40.41 -9.07
C LYS J 158 -43.82 -39.91 -8.88
N SER J 159 -44.27 -39.03 -9.78
CA SER J 159 -45.64 -38.51 -9.68
C SER J 159 -46.66 -39.63 -9.85
N ALA J 160 -46.43 -40.52 -10.83
CA ALA J 160 -47.35 -41.63 -11.03
C ALA J 160 -47.40 -42.55 -9.82
N ALA J 161 -46.23 -42.87 -9.25
CA ALA J 161 -46.18 -43.72 -8.07
C ALA J 161 -46.84 -43.03 -6.87
N LEU J 162 -46.60 -41.73 -6.72
CA LEU J 162 -47.25 -40.98 -5.64
C LEU J 162 -48.77 -40.96 -5.82
N LYS J 163 -49.22 -40.74 -7.05
CA LYS J 163 -50.66 -40.69 -7.30
C LYS J 163 -51.33 -42.03 -7.00
N ALA J 164 -50.59 -43.13 -7.16
CA ALA J 164 -51.16 -44.44 -6.88
C ALA J 164 -51.54 -44.58 -5.41
N GLN J 165 -50.68 -44.11 -4.51
CA GLN J 165 -50.95 -44.17 -3.08
C GLN J 165 -51.69 -42.94 -2.57
N CYS J 166 -51.92 -41.94 -3.42
CA CYS J 166 -52.60 -40.73 -2.98
C CYS J 166 -54.13 -40.85 -3.05
N SER J 167 -54.65 -41.76 -3.89
CA SER J 167 -56.09 -41.95 -3.94
C SER J 167 -56.63 -42.45 -2.61
N ASP J 168 -56.04 -43.51 -2.08
CA ASP J 168 -56.41 -44.03 -0.77
C ASP J 168 -55.46 -43.46 0.29
N ILE J 169 -55.61 -42.16 0.52
CA ILE J 169 -54.68 -41.41 1.36
C ILE J 169 -54.85 -41.76 2.84
N ASP J 170 -56.01 -42.29 3.23
CA ASP J 170 -56.27 -42.52 4.65
C ASP J 170 -55.34 -43.56 5.25
N LYS J 171 -54.67 -44.36 4.42
CA LYS J 171 -53.74 -45.36 4.91
C LYS J 171 -52.31 -44.84 5.02
N HIS J 172 -52.09 -43.56 4.75
CA HIS J 172 -50.78 -42.93 4.88
C HIS J 172 -50.94 -41.67 5.73
N PRO J 173 -50.95 -41.82 7.05
CA PRO J 173 -51.12 -40.64 7.92
C PRO J 173 -50.03 -39.60 7.76
N GLU J 174 -48.79 -40.00 7.45
CA GLU J 174 -47.72 -39.03 7.31
C GLU J 174 -47.97 -38.11 6.11
N LEU J 175 -48.50 -38.66 5.02
CA LEU J 175 -48.78 -37.84 3.84
C LEU J 175 -49.88 -36.83 4.12
N LYS J 176 -50.88 -37.22 4.91
CA LYS J 176 -51.91 -36.25 5.31
C LYS J 176 -51.31 -35.11 6.11
N ALA J 177 -50.42 -35.42 7.05
CA ALA J 177 -49.77 -34.37 7.82
C ALA J 177 -48.74 -33.63 6.98
N LYS J 178 -48.07 -34.31 6.06
CA LYS J 178 -47.07 -33.66 5.22
C LYS J 178 -47.71 -32.65 4.29
N MET J 179 -48.77 -33.05 3.59
CA MET J 179 -49.44 -32.14 2.67
C MET J 179 -50.16 -31.02 3.41
N GLU J 180 -50.62 -31.28 4.64
CA GLU J 180 -51.27 -30.23 5.42
C GLU J 180 -50.34 -29.05 5.66
N THR J 181 -49.02 -29.29 5.66
CA THR J 181 -48.09 -28.18 5.71
C THR J 181 -48.21 -27.32 4.45
N LEU J 182 -48.38 -27.95 3.29
CA LEU J 182 -48.51 -27.19 2.05
C LEU J 182 -49.78 -26.35 2.01
N LYS J 183 -50.77 -26.65 2.86
CA LYS J 183 -51.92 -25.76 2.96
C LYS J 183 -51.51 -24.37 3.44
N GLU J 184 -50.67 -24.30 4.47
CA GLU J 184 -50.42 -23.01 5.10
C GLU J 184 -49.47 -22.15 4.26
N VAL J 185 -48.47 -22.76 3.63
CA VAL J 185 -47.52 -22.01 2.83
C VAL J 185 -48.17 -21.50 1.54
N ILE J 186 -49.01 -22.32 0.91
CA ILE J 186 -49.64 -21.91 -0.34
C ILE J 186 -50.59 -20.74 -0.12
N THR J 187 -51.42 -20.82 0.93
CA THR J 187 -52.36 -19.74 1.20
C THR J 187 -51.69 -18.50 1.74
N HIS J 188 -50.46 -18.61 2.22
CA HIS J 188 -49.70 -17.44 2.68
C HIS J 188 -48.75 -16.92 1.62
N HIS J 189 -48.74 -17.52 0.44
CA HIS J 189 -47.85 -17.08 -0.63
C HIS J 189 -48.19 -15.64 -1.04
N PRO J 190 -47.21 -14.75 -1.14
CA PRO J 190 -47.52 -13.36 -1.53
C PRO J 190 -48.09 -13.24 -2.93
N GLN J 191 -47.84 -14.21 -3.81
CA GLN J 191 -48.38 -14.20 -5.16
C GLN J 191 -49.60 -15.11 -5.29
N LYS J 192 -50.42 -15.20 -4.24
CA LYS J 192 -51.55 -16.12 -4.25
C LYS J 192 -52.57 -15.74 -5.33
N GLU J 193 -52.85 -14.44 -5.47
CA GLU J 193 -53.88 -14.01 -6.41
C GLU J 193 -53.49 -14.33 -7.85
N LYS J 194 -52.24 -14.08 -8.22
CA LYS J 194 -51.80 -14.34 -9.59
C LYS J 194 -51.88 -15.82 -9.92
N LEU J 195 -51.52 -16.68 -8.96
CA LEU J 195 -51.64 -18.12 -9.17
C LEU J 195 -53.09 -18.52 -9.33
N ALA J 196 -53.99 -17.92 -8.55
CA ALA J 196 -55.40 -18.25 -8.65
C ALA J 196 -55.96 -17.93 -10.02
N GLU J 197 -55.62 -16.75 -10.56
CA GLU J 197 -56.05 -16.41 -11.91
C GLU J 197 -55.44 -17.35 -12.94
N ILE J 198 -54.18 -17.73 -12.75
CA ILE J 198 -53.58 -18.76 -13.58
C ILE J 198 -54.28 -20.10 -13.37
N ALA J 199 -54.60 -20.42 -12.11
CA ALA J 199 -55.23 -21.70 -11.80
C ALA J 199 -56.58 -21.84 -12.49
N LEU J 200 -57.38 -20.78 -12.49
CA LEU J 200 -58.66 -20.81 -13.18
C LEU J 200 -58.51 -20.82 -14.69
N GLN J 201 -57.38 -20.32 -15.20
CA GLN J 201 -57.14 -20.35 -16.65
C GLN J 201 -57.06 -21.77 -17.16
N PHE J 202 -56.43 -22.66 -16.41
CA PHE J 202 -56.40 -24.07 -16.77
C PHE J 202 -57.80 -24.68 -16.70
N ALA J 203 -58.58 -24.30 -15.68
CA ALA J 203 -59.92 -24.87 -15.52
C ALA J 203 -60.83 -24.48 -16.67
N ARG J 204 -60.78 -23.22 -17.10
CA ARG J 204 -61.67 -22.76 -18.16
C ARG J 204 -61.39 -23.49 -19.47
N GLU J 205 -60.12 -23.65 -19.83
CA GLU J 205 -59.73 -24.13 -21.14
C GLU J 205 -59.20 -25.56 -21.10
N ALA J 206 -58.16 -25.81 -20.32
CA ALA J 206 -57.60 -27.17 -20.25
C ALA J 206 -58.54 -28.12 -19.52
N GLY J 207 -59.21 -27.61 -18.47
CA GLY J 207 -60.14 -28.42 -17.72
C GLY J 207 -59.48 -29.47 -16.84
N LEU J 208 -58.69 -29.03 -15.87
CA LEU J 208 -58.12 -29.95 -14.90
C LEU J 208 -59.13 -30.35 -13.82
N THR J 209 -60.21 -29.57 -13.66
CA THR J 209 -61.24 -29.86 -12.69
C THR J 209 -62.49 -30.44 -13.33
N ARG J 210 -62.32 -31.26 -14.37
CA ARG J 210 -63.46 -31.84 -15.06
C ARG J 210 -64.20 -32.82 -14.16
N LEU J 211 -63.50 -33.47 -13.24
CA LEU J 211 -64.12 -34.42 -12.33
C LEU J 211 -64.93 -33.76 -11.22
N LYS J 212 -64.79 -32.44 -11.07
CA LYS J 212 -65.64 -31.59 -10.22
C LYS J 212 -66.03 -32.27 -8.91
N GLY J 213 -65.00 -32.64 -8.15
CA GLY J 213 -65.23 -33.23 -6.84
C GLY J 213 -64.47 -34.53 -6.64
N GLU J 214 -64.39 -35.34 -7.68
CA GLU J 214 -63.57 -36.55 -7.63
C GLU J 214 -62.16 -36.28 -8.13
N THR J 215 -61.56 -35.23 -7.59
CA THR J 215 -60.21 -34.83 -7.97
C THR J 215 -59.20 -35.53 -7.06
N ASP J 216 -58.00 -35.71 -7.58
CA ASP J 216 -56.95 -36.37 -6.82
C ASP J 216 -56.66 -35.61 -5.54
N TYR J 217 -56.31 -36.34 -4.49
CA TYR J 217 -56.12 -35.72 -3.18
C TYR J 217 -55.02 -34.66 -3.24
N VAL J 218 -53.91 -34.96 -3.92
CA VAL J 218 -52.84 -33.99 -4.04
C VAL J 218 -53.27 -32.78 -4.85
N LEU J 219 -53.99 -33.00 -5.95
CA LEU J 219 -54.38 -31.88 -6.80
C LEU J 219 -55.51 -31.07 -6.17
N SER J 220 -56.51 -31.75 -5.60
CA SER J 220 -57.63 -31.03 -5.00
C SER J 220 -57.18 -30.22 -3.80
N ASN J 221 -56.25 -30.75 -3.01
CA ASN J 221 -55.78 -30.03 -1.84
C ASN J 221 -54.98 -28.79 -2.22
N VAL J 222 -54.20 -28.87 -3.30
CA VAL J 222 -53.44 -27.70 -3.74
C VAL J 222 -54.40 -26.57 -4.11
N LEU J 223 -55.46 -26.89 -4.85
CA LEU J 223 -56.42 -25.88 -5.25
C LEU J 223 -57.14 -25.28 -4.04
N ASP J 224 -57.25 -26.03 -2.95
CA ASP J 224 -57.90 -25.49 -1.75
C ASP J 224 -57.08 -24.34 -1.15
N GLY J 225 -55.76 -24.45 -1.19
CA GLY J 225 -54.93 -23.35 -0.71
C GLY J 225 -55.06 -22.11 -1.56
N LEU J 226 -55.15 -22.28 -2.88
CA LEU J 226 -55.26 -21.13 -3.78
C LEU J 226 -56.59 -20.42 -3.57
N ILE J 227 -57.69 -21.16 -3.56
CA ILE J 227 -59.02 -20.62 -3.31
C ILE J 227 -59.62 -21.39 -2.13
N GLY J 228 -59.90 -20.68 -1.04
CA GLY J 228 -60.32 -21.35 0.18
C GLY J 228 -61.76 -21.79 0.20
N ASP J 229 -62.61 -21.15 -0.60
CA ASP J 229 -64.02 -21.50 -0.62
C ASP J 229 -64.28 -22.91 -1.14
N GLY J 230 -63.34 -23.45 -1.92
CA GLY J 230 -63.55 -24.76 -2.50
C GLY J 230 -64.67 -24.80 -3.53
N SER J 231 -65.07 -23.64 -4.05
CA SER J 231 -66.18 -23.59 -5.00
C SER J 231 -65.80 -24.12 -6.38
N TRP J 232 -64.51 -24.38 -6.63
CA TRP J 232 -64.12 -24.91 -7.93
C TRP J 232 -64.75 -26.27 -8.20
N ARG J 233 -65.17 -27.00 -7.17
CA ARG J 233 -65.83 -28.28 -7.37
C ARG J 233 -67.18 -28.12 -8.03
N ALA J 234 -67.83 -26.96 -7.85
CA ALA J 234 -69.16 -26.76 -8.40
C ALA J 234 -69.15 -26.85 -9.92
N GLY J 235 -68.45 -25.93 -10.58
CA GLY J 235 -68.38 -25.91 -12.01
C GLY J 235 -67.82 -24.60 -12.54
N PRO J 236 -67.07 -24.68 -13.65
CA PRO J 236 -66.48 -23.46 -14.21
C PRO J 236 -67.47 -22.55 -14.91
N ALA J 237 -68.75 -22.91 -14.96
CA ALA J 237 -69.79 -22.08 -15.56
C ALA J 237 -69.53 -21.80 -17.04
N TYR J 238 -69.59 -22.84 -17.87
CA TYR J 238 -69.48 -22.68 -19.31
C TYR J 238 -70.80 -22.20 -19.89
N GLU J 239 -70.74 -21.76 -21.15
CA GLU J 239 -71.89 -21.16 -21.81
C GLU J 239 -72.50 -22.15 -22.80
N SER J 240 -73.83 -22.24 -22.78
CA SER J 240 -74.59 -23.04 -23.73
C SER J 240 -75.63 -22.12 -24.36
N TYR J 241 -75.59 -22.00 -25.68
CA TYR J 241 -76.52 -21.15 -26.40
C TYR J 241 -77.06 -21.85 -27.65
N LEU J 242 -77.42 -23.12 -27.50
CA LEU J 242 -78.11 -23.82 -28.59
C LEU J 242 -79.48 -23.20 -28.85
N ASN J 243 -80.19 -22.83 -27.78
CA ASN J 243 -81.46 -22.14 -27.95
C ASN J 243 -81.26 -20.82 -28.66
N LYS J 244 -80.20 -20.09 -28.29
CA LYS J 244 -79.87 -18.79 -28.87
C LYS J 244 -81.08 -17.87 -28.80
N PRO J 245 -81.42 -17.34 -27.63
CA PRO J 245 -82.56 -16.42 -27.54
C PRO J 245 -82.45 -15.25 -28.50
N GLY J 246 -81.24 -14.74 -28.69
CA GLY J 246 -81.00 -13.75 -29.73
C GLY J 246 -80.78 -14.40 -31.07
N VAL J 247 -81.83 -15.04 -31.60
CA VAL J 247 -81.73 -15.68 -32.91
C VAL J 247 -81.46 -14.62 -33.96
N ASP J 248 -80.53 -14.91 -34.87
CA ASP J 248 -79.98 -13.89 -35.76
C ASP J 248 -80.61 -13.93 -37.15
N ARG J 249 -80.42 -15.04 -37.87
CA ARG J 249 -80.90 -15.16 -39.25
C ARG J 249 -80.45 -13.97 -40.09
N VAL J 250 -79.19 -13.57 -39.93
CA VAL J 250 -78.66 -12.37 -40.57
C VAL J 250 -78.03 -12.75 -41.90
N ILE J 251 -78.43 -12.05 -42.95
CA ILE J 251 -77.89 -12.24 -44.29
C ILE J 251 -76.97 -11.07 -44.60
N THR J 252 -75.69 -11.37 -44.82
CA THR J 252 -74.70 -10.35 -45.11
C THR J 252 -74.47 -10.28 -46.62
N THR J 253 -73.41 -9.58 -47.04
CA THR J 253 -73.12 -9.42 -48.46
C THR J 253 -72.85 -10.76 -49.12
N VAL J 254 -71.91 -11.54 -48.57
CA VAL J 254 -71.58 -12.83 -49.16
C VAL J 254 -72.79 -13.77 -49.10
N ASP J 255 -73.49 -13.79 -47.97
CA ASP J 255 -74.68 -14.62 -47.86
C ASP J 255 -75.76 -14.17 -48.84
N GLY J 256 -75.76 -12.89 -49.20
CA GLY J 256 -76.75 -12.40 -50.16
C GLY J 256 -76.55 -12.99 -51.54
N LEU J 257 -75.30 -13.23 -51.93
CA LEU J 257 -75.01 -13.72 -53.27
C LEU J 257 -75.65 -15.09 -53.51
N HIS J 258 -75.46 -16.01 -52.57
CA HIS J 258 -75.98 -17.38 -52.70
C HIS J 258 -76.88 -17.67 -51.50
N MET J 259 -78.18 -17.67 -51.72
CA MET J 259 -79.16 -17.94 -50.68
C MET J 259 -80.30 -18.76 -51.27
N GLN J 260 -80.67 -19.84 -50.59
CA GLN J 260 -81.78 -20.67 -51.03
C GLN J 260 -83.10 -20.05 -50.58
N ARG J 261 -84.19 -20.60 -51.12
CA ARG J 261 -85.55 -20.16 -50.83
C ARG J 261 -85.67 -18.65 -51.10
N PRO K 90 66.04 -23.57 55.75
CA PRO K 90 67.01 -23.57 54.64
C PRO K 90 67.28 -22.18 54.09
N PHE K 91 66.23 -21.41 53.87
CA PHE K 91 66.31 -20.06 53.35
C PHE K 91 65.72 -19.06 54.35
N SER K 92 65.97 -19.28 55.63
CA SER K 92 65.45 -18.38 56.66
C SER K 92 66.11 -17.01 56.55
N GLY K 93 65.37 -15.98 56.98
CA GLY K 93 65.88 -14.63 56.90
C GLY K 93 65.66 -13.95 55.57
N LEU K 94 64.71 -14.41 54.77
CA LEU K 94 64.43 -13.82 53.47
C LEU K 94 63.23 -12.89 53.59
N LYS K 95 63.42 -11.63 53.20
CA LYS K 95 62.37 -10.63 53.16
C LYS K 95 62.29 -10.05 51.76
N PHE K 96 61.11 -9.57 51.39
CA PHE K 96 60.87 -9.03 50.07
C PHE K 96 60.33 -7.60 50.18
N LYS K 97 60.39 -6.89 49.07
CA LYS K 97 59.81 -5.55 49.01
C LYS K 97 58.30 -5.64 49.20
N GLN K 98 57.73 -4.58 49.79
CA GLN K 98 56.30 -4.57 50.07
C GLN K 98 55.47 -4.75 48.81
N ASN K 99 55.59 -3.82 47.87
CA ASN K 99 54.82 -3.89 46.62
C ASN K 99 55.73 -3.48 45.47
N SER K 100 56.32 -4.46 44.81
CA SER K 100 57.18 -4.21 43.66
C SER K 100 56.75 -4.96 42.40
N PHE K 101 55.88 -5.97 42.52
CA PHE K 101 55.41 -6.70 41.37
C PHE K 101 54.25 -5.99 40.65
N LEU K 102 53.73 -4.91 41.22
CA LEU K 102 52.59 -4.23 40.61
C LEU K 102 52.93 -3.59 39.27
N SER K 103 54.20 -3.30 39.03
CA SER K 103 54.63 -2.65 37.79
C SER K 103 54.90 -3.66 36.67
N THR K 104 54.68 -4.95 36.91
CA THR K 104 54.92 -5.97 35.91
C THR K 104 53.65 -6.51 35.28
N VAL K 105 52.51 -6.44 35.96
CA VAL K 105 51.27 -6.98 35.40
C VAL K 105 50.89 -6.19 34.16
N PRO K 106 50.57 -6.83 33.05
CA PRO K 106 50.18 -6.10 31.84
C PRO K 106 48.77 -5.54 31.95
N SER K 107 48.38 -4.75 30.96
CA SER K 107 47.04 -4.21 30.94
C SER K 107 46.04 -5.30 30.59
N VAL K 108 44.80 -5.16 31.05
CA VAL K 108 43.77 -6.14 30.75
C VAL K 108 43.62 -6.29 29.25
N THR K 109 43.74 -5.19 28.53
CA THR K 109 43.61 -5.23 27.08
C THR K 109 44.63 -6.17 26.44
N ASN K 110 45.91 -5.91 26.68
CA ASN K 110 46.96 -6.73 26.09
C ASN K 110 46.75 -8.12 26.52
N MET K 111 46.03 -8.31 27.62
CA MET K 111 45.73 -9.67 28.07
C MET K 111 44.72 -10.32 27.13
N HIS K 112 44.30 -9.63 26.10
CA HIS K 112 43.42 -10.24 25.11
C HIS K 112 44.08 -10.17 23.77
N SER K 113 45.34 -9.77 23.74
CA SER K 113 46.06 -9.63 22.48
C SER K 113 46.23 -10.98 21.80
N MET K 114 46.55 -10.93 20.51
CA MET K 114 46.57 -12.15 19.71
C MET K 114 47.69 -13.09 20.14
N HIS K 115 48.89 -12.55 20.38
CA HIS K 115 50.05 -13.36 20.73
C HIS K 115 50.58 -13.02 22.12
N PHE K 116 49.70 -12.74 23.07
CA PHE K 116 50.12 -12.50 24.44
C PHE K 116 50.61 -13.81 25.06
N ASP K 117 51.81 -13.80 25.62
CA ASP K 117 52.37 -14.98 26.28
C ASP K 117 51.95 -14.95 27.74
N ALA K 118 50.95 -15.76 28.08
CA ALA K 118 50.41 -15.77 29.44
C ALA K 118 51.40 -16.40 30.41
N ARG K 119 52.01 -17.52 30.02
CA ARG K 119 52.90 -18.22 30.95
C ARG K 119 54.17 -17.42 31.21
N GLU K 120 54.81 -16.93 30.16
CA GLU K 120 56.08 -16.23 30.32
C GLU K 120 55.93 -14.97 31.16
N THR K 121 54.88 -14.19 30.88
CA THR K 121 54.67 -12.96 31.64
C THR K 121 54.32 -13.25 33.08
N PHE K 122 53.49 -14.25 33.34
CA PHE K 122 53.07 -14.54 34.71
C PHE K 122 54.28 -14.94 35.56
N LEU K 123 55.14 -15.81 35.01
CA LEU K 123 56.36 -16.17 35.73
C LEU K 123 57.25 -14.95 35.94
N GLY K 124 57.14 -13.95 35.07
CA GLY K 124 57.83 -12.69 35.31
C GLY K 124 57.27 -11.94 36.50
N VAL K 125 55.95 -11.95 36.67
CA VAL K 125 55.34 -11.23 37.78
C VAL K 125 55.75 -11.85 39.11
N ILE K 126 55.70 -13.17 39.22
CA ILE K 126 56.08 -13.83 40.46
C ILE K 126 57.57 -13.64 40.72
N ARG K 127 58.39 -13.65 39.68
CA ARG K 127 59.82 -13.48 39.86
C ARG K 127 60.17 -12.10 40.39
N LYS K 128 59.54 -11.06 39.85
CA LYS K 128 59.78 -9.72 40.37
C LYS K 128 59.32 -9.61 41.81
N ALA K 129 58.31 -10.38 42.19
CA ALA K 129 57.88 -10.42 43.59
C ALA K 129 58.89 -11.16 44.46
N LEU K 130 59.53 -12.18 43.91
CA LEU K 130 60.44 -13.04 44.68
C LEU K 130 61.86 -12.49 44.74
N GLU K 131 62.11 -11.30 44.23
CA GLU K 131 63.44 -10.71 44.30
C GLU K 131 63.78 -10.37 45.74
N PRO K 132 64.87 -10.88 46.30
CA PRO K 132 65.18 -10.62 47.71
C PRO K 132 65.49 -9.16 47.98
N ASP K 133 65.10 -8.72 49.17
CA ASP K 133 65.35 -7.35 49.62
C ASP K 133 66.76 -7.26 50.18
N THR K 134 67.30 -6.04 50.20
CA THR K 134 68.65 -5.84 50.71
C THR K 134 68.74 -6.19 52.20
N SER K 135 67.62 -6.10 52.92
CA SER K 135 67.63 -6.39 54.35
C SER K 135 68.03 -7.83 54.65
N THR K 136 67.90 -8.74 53.68
CA THR K 136 68.36 -10.10 53.88
C THR K 136 69.87 -10.13 54.02
N PRO K 137 70.42 -10.95 54.92
CA PRO K 137 71.88 -11.11 54.98
C PRO K 137 72.43 -11.61 53.65
N PHE K 138 73.63 -11.14 53.32
CA PHE K 138 74.22 -11.50 52.04
C PHE K 138 74.38 -13.01 51.85
N PRO K 139 74.85 -13.79 52.83
CA PRO K 139 74.88 -15.25 52.61
C PRO K 139 73.52 -15.85 52.30
N VAL K 140 72.46 -15.35 52.93
CA VAL K 140 71.12 -15.85 52.60
C VAL K 140 70.69 -15.35 51.23
N ARG K 141 70.99 -14.09 50.90
CA ARG K 141 70.55 -13.53 49.63
C ARG K 141 71.21 -14.23 48.45
N ARG K 142 72.49 -14.55 48.58
CA ARG K 142 73.20 -15.20 47.49
C ARG K 142 72.64 -16.60 47.22
N ALA K 143 72.13 -17.26 48.26
CA ALA K 143 71.61 -18.61 48.09
C ALA K 143 70.31 -18.60 47.30
N PHE K 144 69.40 -17.67 47.61
CA PHE K 144 68.12 -17.63 46.92
C PHE K 144 68.26 -17.21 45.47
N ASP K 145 69.20 -16.29 45.17
CA ASP K 145 69.36 -15.81 43.82
C ASP K 145 69.71 -16.95 42.85
N GLY K 146 70.52 -17.90 43.32
CA GLY K 146 70.80 -19.08 42.52
C GLY K 146 69.57 -19.94 42.28
N LEU K 147 68.66 -20.00 43.26
CA LEU K 147 67.42 -20.74 43.06
C LEU K 147 66.55 -20.10 41.98
N ARG K 148 66.44 -18.77 41.99
CA ARG K 148 65.65 -18.08 40.98
C ARG K 148 66.32 -18.10 39.61
N ALA K 149 67.62 -18.39 39.56
CA ALA K 149 68.34 -18.38 38.30
C ALA K 149 68.14 -19.66 37.50
N GLU K 150 67.60 -20.72 38.11
CA GLU K 150 67.43 -21.99 37.44
C GLU K 150 65.99 -22.40 37.22
N ILE K 151 65.03 -21.78 37.91
CA ILE K 151 63.63 -22.13 37.76
C ILE K 151 62.81 -21.01 37.16
N LEU K 152 63.16 -19.75 37.42
CA LEU K 152 62.45 -18.59 36.86
C LEU K 152 63.46 -17.67 36.21
N PRO K 153 63.97 -18.02 35.04
CA PRO K 153 64.99 -17.21 34.38
C PRO K 153 64.36 -16.12 33.52
N ASN K 154 65.23 -15.29 32.94
CA ASN K 154 64.81 -14.21 32.05
C ASN K 154 64.97 -14.55 30.58
N ASP K 155 66.06 -15.20 30.20
CA ASP K 155 66.29 -15.48 28.79
C ASP K 155 65.29 -16.50 28.28
N THR K 156 64.89 -16.34 27.01
CA THR K 156 63.89 -17.21 26.42
C THR K 156 64.40 -18.64 26.28
N ILE K 157 65.68 -18.80 25.91
CA ILE K 157 66.21 -20.14 25.71
C ILE K 157 66.26 -20.91 27.03
N LYS K 158 66.53 -20.21 28.14
CA LYS K 158 66.57 -20.88 29.43
C LYS K 158 65.19 -21.43 29.81
N SER K 159 64.14 -20.64 29.59
CA SER K 159 62.79 -21.14 29.86
C SER K 159 62.38 -22.22 28.88
N ALA K 160 62.84 -22.11 27.62
CA ALA K 160 62.51 -23.13 26.63
C ALA K 160 63.13 -24.48 27.00
N ALA K 161 64.39 -24.47 27.45
CA ALA K 161 65.04 -25.70 27.86
C ALA K 161 64.39 -26.29 29.11
N LEU K 162 63.91 -25.43 30.01
CA LEU K 162 63.21 -25.93 31.19
C LEU K 162 61.88 -26.57 30.80
N LYS K 163 61.21 -26.02 29.79
CA LYS K 163 59.94 -26.59 29.34
C LYS K 163 60.13 -27.94 28.67
N ALA K 164 61.32 -28.20 28.12
CA ALA K 164 61.53 -29.43 27.37
C ALA K 164 61.78 -30.61 28.30
N GLN K 165 62.73 -30.48 29.23
CA GLN K 165 63.08 -31.58 30.10
C GLN K 165 62.09 -31.79 31.25
N CYS K 166 61.11 -30.91 31.39
CA CYS K 166 60.15 -31.00 32.48
C CYS K 166 58.97 -31.91 32.18
N SER K 167 58.83 -32.37 30.92
CA SER K 167 57.72 -33.23 30.59
C SER K 167 57.79 -34.54 31.36
N ASP K 168 58.92 -35.24 31.27
CA ASP K 168 59.18 -36.39 32.12
C ASP K 168 60.11 -35.98 33.26
N ILE K 169 59.55 -35.13 34.13
CA ILE K 169 60.35 -34.51 35.19
C ILE K 169 60.85 -35.52 36.21
N ASP K 170 60.20 -36.69 36.32
CA ASP K 170 60.58 -37.65 37.33
C ASP K 170 61.98 -38.20 37.12
N LYS K 171 62.52 -38.11 35.91
CA LYS K 171 63.87 -38.60 35.64
C LYS K 171 64.95 -37.71 36.24
N HIS K 172 64.59 -36.54 36.75
CA HIS K 172 65.54 -35.58 37.33
C HIS K 172 65.11 -35.30 38.77
N PRO K 173 65.52 -36.15 39.72
CA PRO K 173 65.15 -35.92 41.11
C PRO K 173 65.72 -34.64 41.70
N GLU K 174 66.81 -34.12 41.14
CA GLU K 174 67.41 -32.89 41.65
C GLU K 174 66.43 -31.73 41.55
N LEU K 175 65.75 -31.60 40.41
CA LEU K 175 64.85 -30.47 40.21
C LEU K 175 63.62 -30.59 41.09
N LYS K 176 63.19 -31.81 41.40
CA LYS K 176 62.00 -32.00 42.21
C LYS K 176 62.15 -31.36 43.59
N ALA K 177 63.31 -31.55 44.22
CA ALA K 177 63.57 -30.89 45.49
C ALA K 177 63.83 -29.41 45.30
N LYS K 178 64.53 -29.03 44.23
CA LYS K 178 64.78 -27.61 43.95
C LYS K 178 63.50 -26.86 43.67
N MET K 179 62.51 -27.53 43.09
CA MET K 179 61.24 -26.87 42.83
C MET K 179 60.39 -26.77 44.10
N GLU K 180 60.46 -27.78 44.95
CA GLU K 180 59.66 -27.78 46.18
C GLU K 180 60.12 -26.68 47.13
N THR K 181 61.42 -26.50 47.30
CA THR K 181 61.92 -25.45 48.18
C THR K 181 61.54 -24.06 47.68
N LEU K 182 61.24 -23.93 46.38
CA LEU K 182 60.71 -22.68 45.85
C LEU K 182 59.24 -22.53 46.17
N LYS K 183 58.50 -23.64 46.24
CA LYS K 183 57.07 -23.58 46.54
C LYS K 183 56.81 -23.13 47.97
N GLU K 184 57.59 -23.63 48.92
CA GLU K 184 57.35 -23.29 50.33
C GLU K 184 57.65 -21.82 50.60
N VAL K 185 58.51 -21.20 49.80
CA VAL K 185 58.76 -19.77 49.95
C VAL K 185 57.55 -18.96 49.52
N ILE K 186 56.87 -19.38 48.44
CA ILE K 186 55.71 -18.67 47.96
C ILE K 186 54.58 -18.71 48.99
N THR K 187 54.40 -19.85 49.65
CA THR K 187 53.29 -20.01 50.58
C THR K 187 53.38 -19.03 51.74
N HIS K 188 54.60 -18.62 52.10
CA HIS K 188 54.81 -17.70 53.21
C HIS K 188 55.04 -16.26 52.77
N HIS K 189 54.83 -15.96 51.49
CA HIS K 189 55.02 -14.60 51.00
C HIS K 189 54.01 -13.67 51.68
N PRO K 190 54.44 -12.53 52.22
CA PRO K 190 53.50 -11.62 52.88
C PRO K 190 52.40 -11.11 51.96
N GLN K 191 52.68 -10.94 50.67
CA GLN K 191 51.69 -10.48 49.70
C GLN K 191 51.07 -11.64 48.92
N LYS K 192 50.91 -12.79 49.57
CA LYS K 192 50.36 -13.96 48.87
C LYS K 192 48.94 -13.69 48.39
N GLU K 193 48.14 -12.98 49.20
CA GLU K 193 46.76 -12.70 48.80
C GLU K 193 46.72 -11.84 47.54
N LYS K 194 47.57 -10.83 47.46
CA LYS K 194 47.62 -10.01 46.24
C LYS K 194 48.08 -10.83 45.05
N LEU K 195 49.09 -11.69 45.25
CA LEU K 195 49.56 -12.53 44.16
C LEU K 195 48.51 -13.56 43.76
N ALA K 196 47.68 -14.00 44.69
CA ALA K 196 46.61 -14.94 44.36
C ALA K 196 45.63 -14.31 43.38
N GLU K 197 45.28 -13.04 43.61
CA GLU K 197 44.35 -12.36 42.71
C GLU K 197 44.96 -12.19 41.32
N ILE K 198 46.26 -11.89 41.26
CA ILE K 198 46.91 -11.66 39.97
C ILE K 198 46.84 -12.91 39.10
N ALA K 199 47.05 -14.08 39.71
CA ALA K 199 47.01 -15.32 38.95
C ALA K 199 45.62 -15.55 38.37
N LEU K 200 44.57 -15.30 39.15
CA LEU K 200 43.22 -15.49 38.64
C LEU K 200 42.89 -14.49 37.55
N GLN K 201 43.45 -13.28 37.61
CA GLN K 201 43.21 -12.28 36.57
C GLN K 201 43.79 -12.73 35.23
N PHE K 202 45.00 -13.31 35.25
CA PHE K 202 45.54 -13.89 34.01
C PHE K 202 44.69 -15.04 33.51
N ALA K 203 44.21 -15.90 34.42
CA ALA K 203 43.47 -17.08 34.01
C ALA K 203 42.18 -16.70 33.28
N ARG K 204 41.42 -15.78 33.84
CA ARG K 204 40.14 -15.42 33.26
C ARG K 204 40.32 -14.61 31.99
N GLU K 205 41.20 -13.61 32.00
CA GLU K 205 41.32 -12.71 30.87
C GLU K 205 42.17 -13.32 29.76
N ALA K 206 43.37 -13.78 30.08
CA ALA K 206 44.29 -14.29 29.08
C ALA K 206 44.07 -15.77 28.78
N GLY K 207 43.93 -16.59 29.81
CA GLY K 207 43.80 -18.02 29.60
C GLY K 207 44.96 -18.82 30.17
N LEU K 208 45.51 -18.34 31.29
CA LEU K 208 46.66 -19.01 31.89
C LEU K 208 46.36 -20.44 32.29
N THR K 209 45.11 -20.73 32.67
CA THR K 209 44.71 -22.06 33.11
C THR K 209 43.90 -22.79 32.04
N ARG K 210 44.28 -22.61 30.77
CA ARG K 210 43.57 -23.28 29.68
C ARG K 210 43.71 -24.79 29.77
N LEU K 211 44.91 -25.28 30.07
CA LEU K 211 45.15 -26.72 30.08
C LEU K 211 44.43 -27.40 31.24
N LYS K 212 44.13 -26.64 32.30
CA LYS K 212 43.26 -27.07 33.40
C LYS K 212 43.61 -28.46 33.94
N GLY K 213 44.90 -28.73 34.07
CA GLY K 213 45.34 -29.96 34.70
C GLY K 213 46.57 -30.62 34.11
N GLU K 214 46.95 -30.23 32.90
CA GLU K 214 48.12 -30.79 32.23
C GLU K 214 49.08 -29.68 31.83
N THR K 215 49.41 -28.81 32.80
CA THR K 215 50.32 -27.71 32.57
C THR K 215 51.77 -28.17 32.59
N ASP K 216 52.71 -27.22 32.62
CA ASP K 216 54.13 -27.49 32.46
C ASP K 216 54.78 -28.03 33.73
N TYR K 217 54.05 -28.07 34.84
CA TYR K 217 54.51 -28.50 36.17
C TYR K 217 55.42 -27.44 36.78
N VAL K 218 55.81 -26.44 35.99
CA VAL K 218 56.47 -25.26 36.54
C VAL K 218 55.42 -24.21 36.91
N LEU K 219 54.46 -24.00 36.02
CA LEU K 219 53.30 -23.17 36.32
C LEU K 219 52.39 -23.82 37.35
N SER K 220 52.47 -25.14 37.52
CA SER K 220 51.60 -25.81 38.49
C SER K 220 51.98 -25.44 39.91
N ASN K 221 53.25 -25.64 40.27
CA ASN K 221 53.69 -25.38 41.64
C ASN K 221 53.53 -23.90 42.01
N VAL K 222 53.74 -23.01 41.04
CA VAL K 222 53.58 -21.58 41.33
C VAL K 222 52.12 -21.27 41.66
N LEU K 223 51.19 -21.82 40.87
CA LEU K 223 49.78 -21.68 41.21
C LEU K 223 49.43 -22.43 42.49
N ASP K 224 49.99 -23.64 42.68
CA ASP K 224 49.72 -24.38 43.90
C ASP K 224 50.25 -23.63 45.12
N GLY K 225 51.38 -22.95 44.97
CA GLY K 225 51.89 -22.14 46.07
C GLY K 225 50.99 -20.95 46.39
N LEU K 226 50.44 -20.31 45.36
CA LEU K 226 49.60 -19.14 45.57
C LEU K 226 48.29 -19.54 46.25
N ILE K 227 47.51 -20.39 45.61
CA ILE K 227 46.26 -20.91 46.17
C ILE K 227 46.47 -22.41 46.44
N GLY K 228 46.38 -22.78 47.72
CA GLY K 228 46.63 -24.16 48.12
C GLY K 228 45.45 -25.10 48.01
N ASP K 229 44.26 -24.57 47.74
CA ASP K 229 43.09 -25.44 47.61
C ASP K 229 43.14 -26.27 46.33
N GLY K 230 43.96 -25.88 45.36
CA GLY K 230 44.01 -26.61 44.10
C GLY K 230 42.73 -26.55 43.30
N SER K 231 42.07 -25.39 43.29
CA SER K 231 40.82 -25.22 42.56
C SER K 231 41.01 -24.59 41.19
N TRP K 232 42.23 -24.17 40.84
CA TRP K 232 42.45 -23.53 39.55
C TRP K 232 42.44 -24.54 38.41
N ARG K 233 42.65 -25.82 38.71
CA ARG K 233 42.62 -26.85 37.68
C ARG K 233 41.21 -27.08 37.14
N ALA K 234 40.18 -26.65 37.86
CA ALA K 234 38.82 -26.78 37.35
C ALA K 234 38.62 -25.92 36.11
N GLY K 235 39.25 -24.75 36.08
CA GLY K 235 39.07 -23.81 35.00
C GLY K 235 38.24 -22.63 35.45
N PRO K 236 38.41 -21.48 34.81
CA PRO K 236 37.63 -20.30 35.17
C PRO K 236 36.21 -20.42 34.65
N ALA K 237 35.23 -20.26 35.55
CA ALA K 237 33.83 -20.32 35.16
C ALA K 237 33.48 -19.13 34.27
N TYR K 238 32.76 -19.41 33.19
CA TYR K 238 32.37 -18.39 32.22
C TYR K 238 30.87 -18.34 32.09
N GLU K 239 30.36 -17.16 31.75
CA GLU K 239 28.92 -16.93 31.62
C GLU K 239 28.52 -17.11 30.16
N SER K 240 27.50 -17.93 29.92
CA SER K 240 27.04 -18.24 28.58
C SER K 240 25.77 -17.46 28.26
N TYR K 241 25.81 -16.68 27.20
CA TYR K 241 24.66 -15.90 26.74
C TYR K 241 23.78 -16.66 25.77
N LEU K 242 24.06 -17.94 25.51
CA LEU K 242 23.22 -18.71 24.60
C LEU K 242 21.84 -18.97 25.18
N ASN K 243 21.78 -19.35 26.47
CA ASN K 243 20.50 -19.78 27.04
C ASN K 243 19.53 -18.60 27.19
N LYS K 244 20.01 -17.47 27.72
CA LYS K 244 19.14 -16.32 27.95
C LYS K 244 17.92 -16.65 28.79
N PRO K 245 18.07 -16.92 30.09
CA PRO K 245 16.88 -16.95 30.95
C PRO K 245 16.14 -15.62 30.98
N GLY K 246 16.86 -14.51 30.90
CA GLY K 246 16.24 -13.21 30.92
C GLY K 246 16.33 -12.46 29.60
N VAL K 247 16.18 -13.18 28.48
CA VAL K 247 16.22 -12.54 27.16
C VAL K 247 15.10 -11.50 27.09
N ASP K 248 15.48 -10.26 26.79
CA ASP K 248 14.53 -9.15 26.73
C ASP K 248 14.77 -8.38 25.44
N ARG K 249 14.11 -8.80 24.37
CA ARG K 249 14.11 -8.03 23.13
C ARG K 249 13.52 -6.64 23.38
N VAL K 250 14.36 -5.62 23.27
CA VAL K 250 13.99 -4.26 23.64
C VAL K 250 14.11 -3.38 22.41
N ILE K 251 13.01 -2.74 22.03
CA ILE K 251 13.02 -1.77 20.95
C ILE K 251 13.31 -0.40 21.57
N THR K 252 14.53 0.09 21.39
CA THR K 252 14.94 1.39 21.88
C THR K 252 14.67 2.43 20.82
N THR K 253 15.23 3.62 20.99
CA THR K 253 15.00 4.72 20.06
C THR K 253 15.43 4.34 18.64
N VAL K 254 16.68 3.88 18.48
CA VAL K 254 17.21 3.61 17.15
C VAL K 254 16.56 2.38 16.54
N ASP K 255 16.36 1.33 17.34
CA ASP K 255 15.81 0.08 16.82
C ASP K 255 14.37 0.24 16.35
N GLY K 256 13.69 1.29 16.78
CA GLY K 256 12.32 1.53 16.37
C GLY K 256 12.14 2.20 15.03
N LEU K 257 13.22 2.56 14.34
CA LEU K 257 13.13 3.18 13.03
C LEU K 257 13.22 2.16 11.90
N HIS K 258 13.36 0.88 12.25
CA HIS K 258 13.67 -0.17 11.31
C HIS K 258 13.47 -1.56 11.92
N MET K 259 12.40 -2.23 11.52
CA MET K 259 12.00 -3.52 12.07
C MET K 259 11.38 -4.38 10.97
N GLN K 260 10.89 -5.55 11.35
CA GLN K 260 10.08 -6.38 10.45
C GLN K 260 9.12 -7.21 11.27
N ARG K 261 7.83 -7.19 10.89
CA ARG K 261 6.78 -7.94 11.59
C ARG K 261 6.74 -7.68 13.11
PB ADP L . -69.38 -32.52 -50.40
O1B ADP L . -68.21 -32.97 -49.56
O2B ADP L . -70.09 -31.30 -49.88
O3B ADP L . -70.28 -33.66 -50.81
PA ADP L . -67.86 -33.02 -52.71
O1A ADP L . -66.42 -32.84 -52.33
O2A ADP L . -68.49 -34.40 -52.66
O3A ADP L . -68.70 -32.03 -51.77
O5' ADP L . -68.12 -32.42 -54.17
C5' ADP L . -69.25 -31.58 -54.38
C4' ADP L . -69.14 -30.82 -55.70
O4' ADP L . -68.06 -31.27 -56.51
C3' ADP L . -70.38 -30.95 -56.55
O3' ADP L . -71.25 -29.84 -56.37
C2' ADP L . -69.89 -30.96 -57.98
O2' ADP L . -70.31 -29.77 -58.64
C1' ADP L . -68.38 -30.99 -57.88
N9 ADP L . -67.83 -32.02 -58.80
C8 ADP L . -68.06 -33.34 -58.73
N7 ADP L . -67.42 -33.99 -59.73
C5 ADP L . -66.76 -33.08 -60.45
C6 ADP L . -65.88 -33.10 -61.64
N6 ADP L . -65.57 -34.25 -62.27
N1 ADP L . -65.39 -31.92 -62.08
C2 ADP L . -65.69 -30.76 -61.46
N3 ADP L . -66.48 -30.68 -60.39
C4 ADP L . -67.04 -31.78 -59.84
MG MG M . -67.14 -32.15 -48.01
P PO4 N . -67.51 -29.44 -48.17
O1 PO4 N . -66.28 -28.63 -47.89
O2 PO4 N . -68.02 -30.05 -46.90
O3 PO4 N . -68.58 -28.57 -48.77
O4 PO4 N . -67.16 -30.54 -49.16
PB ADP O . -53.46 6.28 -34.65
O1B ADP O . -52.64 6.57 -33.42
O2B ADP O . -52.84 5.27 -35.57
O3B ADP O . -53.97 7.52 -35.33
PA ADP O . -56.04 6.33 -33.49
O1A ADP O . -55.71 6.70 -32.07
O2A ADP O . -56.49 7.39 -34.46
O3A ADP O . -54.77 5.55 -34.08
O5' ADP O . -57.15 5.17 -33.47
C5' ADP O . -56.70 3.83 -33.56
C4' ADP O . -57.82 2.84 -33.27
O4' ADP O . -58.49 3.16 -32.05
C3' ADP O . -58.89 2.81 -34.33
O3' ADP O . -58.67 1.70 -35.20
C2' ADP O . -60.19 2.60 -33.57
O2' ADP O . -60.72 1.33 -33.92
C1' ADP O . -59.79 2.59 -32.11
N9 ADP O . -60.77 3.33 -31.29
C8 ADP O . -61.14 4.61 -31.47
N7 ADP O . -62.07 4.97 -30.55
C5 ADP O . -62.31 3.90 -29.77
C6 ADP O . -63.18 3.60 -28.61
N6 ADP O . -64.00 4.55 -28.09
N1 ADP O . -63.12 2.36 -28.09
C2 ADP O . -62.32 1.42 -28.60
N3 ADP O . -61.50 1.62 -29.64
C4 ADP O . -61.46 2.83 -30.27
MG MG P . -50.96 7.22 -34.04
P PO4 Q . -49.26 4.64 -35.28
O1 PO4 Q . -47.95 5.33 -35.57
O2 PO4 Q . -50.15 5.56 -34.48
O3 PO4 Q . -49.93 4.30 -36.59
O4 PO4 Q . -49.00 3.37 -34.51
PB ADP R . -13.23 12.86 4.42
O1B ADP R . -12.38 12.81 5.67
O2B ADP R . -12.50 12.49 3.16
O3B ADP R . -14.09 14.10 4.31
PA ADP R . -15.42 11.72 5.77
O1A ADP R . -14.72 11.55 7.09
O2A ADP R . -16.31 12.91 5.54
O3A ADP R . -14.30 11.68 4.61
O5' ADP R . -16.25 10.40 5.43
C5' ADP R . -15.91 9.70 4.23
C4' ADP R . -16.29 8.24 4.33
O4' ADP R . -16.70 7.92 5.66
C3' ADP R . -17.44 7.87 3.43
O3' ADP R . -16.94 7.26 2.24
C2' ADP R . -18.24 6.87 4.20
O2' ADP R . -18.07 5.59 3.61
C1' ADP R . -17.63 6.85 5.60
N9 ADP R . -18.70 7.03 6.61
C8 ADP R . -19.37 8.17 6.87
N7 ADP R . -20.28 7.98 7.85
C5 ADP R . -20.21 6.71 8.24
C6 ADP R . -20.90 5.85 9.24
N6 ADP R . -21.86 6.34 10.04
N1 ADP R . -20.52 4.56 9.31
C2 ADP R . -19.55 4.06 8.53
N3 ADP R . -18.89 4.77 7.61
C4 ADP R . -19.17 6.07 7.41
MG MG S . -11.27 14.47 5.80
P PO4 T . -8.88 12.10 3.46
O1 PO4 T . -7.53 12.07 4.13
O2 PO4 T . -9.93 12.52 4.46
O3 PO4 T . -8.85 13.09 2.32
O4 PO4 T . -9.21 10.74 2.91
PB ADP U . -19.85 -20.41 -24.12
O1B ADP U . -18.45 -19.97 -23.78
O2B ADP U . -20.92 -19.83 -23.22
O3B ADP U . -19.98 -21.88 -24.37
PA ADP U . -19.47 -20.26 -26.89
O1A ADP U . -18.00 -19.93 -26.82
O2A ADP U . -19.90 -21.67 -27.13
O3A ADP U . -20.15 -19.72 -25.53
O5' ADP U . -20.17 -19.32 -27.98
C5' ADP U . -20.73 -18.09 -27.53
C4' ADP U . -21.24 -17.25 -28.68
O4' ADP U . -20.25 -17.09 -29.69
C3' ADP U . -22.44 -17.84 -29.39
O3' ADP U . -23.65 -17.27 -28.87
C2' ADP U . -22.29 -17.41 -30.83
O2' ADP U . -23.29 -16.44 -31.14
C1' ADP U . -20.92 -16.77 -30.92
N9 ADP U . -20.15 -17.25 -32.09
C8 ADP U . -19.90 -18.52 -32.42
N7 ADP U . -19.18 -18.59 -33.57
C5 ADP U . -18.96 -17.34 -33.98
C6 ADP U . -18.28 -16.70 -35.12
N6 ADP U . -17.65 -17.44 -36.08
N1 ADP U . -18.29 -15.35 -35.20
C2 ADP U . -18.90 -14.61 -34.26
N3 ADP U . -19.55 -15.12 -33.20
C4 ADP U . -19.61 -16.45 -33.02
MG MG V . -17.88 -20.92 -22.25
P PO4 W . -19.87 -17.97 -20.42
O1 PO4 W . -19.00 -17.91 -19.20
O2 PO4 W . -19.06 -18.48 -21.58
O3 PO4 W . -21.03 -18.90 -20.18
O4 PO4 W . -20.40 -16.59 -20.74
PB ADP X . 27.16 -5.79 3.00
O1B ADP X . 28.50 -5.28 3.47
O2B ADP X . 26.10 -5.78 4.07
O3B ADP X . 27.24 -7.06 2.19
PA ADP X . 27.56 -4.25 0.71
O1A ADP X . 28.65 -3.36 1.26
O2A ADP X . 27.93 -5.47 -0.06
O3A ADP X . 26.65 -4.70 1.96
O5' ADP X . 26.51 -3.38 -0.13
C5' ADP X . 25.19 -3.25 0.38
C4' ADP X . 24.60 -1.91 -0.01
O4' ADP X . 25.48 -1.20 -0.87
C3' ADP X . 23.29 -2.06 -0.77
O3' ADP X . 22.20 -1.78 0.10
C2' ADP X . 23.35 -1.02 -1.87
O2' ADP X . 22.33 -0.05 -1.67
C1' ADP X . 24.71 -0.36 -1.72
N9 ADP X . 25.40 -0.21 -3.03
C8 ADP X . 25.97 -1.20 -3.73
N7 ADP X . 26.52 -0.73 -4.87
C5 ADP X . 26.29 0.59 -4.92
C6 ADP X . 26.60 1.69 -5.85
N6 ADP X . 27.28 1.46 -7.00
N1 ADP X . 26.17 2.93 -5.53
C2 ADP X . 25.49 3.16 -4.39
N3 ADP X . 25.19 2.21 -3.50
C4 ADP X . 25.55 0.93 -3.70
MG MG Y . 29.64 -6.27 4.85
P PO4 Z . 27.08 -4.66 7.07
O1 PO4 Z . 27.86 -3.66 7.88
O2 PO4 Z . 28.04 -5.43 6.20
O3 PO4 Z . 26.36 -5.60 7.99
O4 PO4 Z . 26.08 -3.94 6.21
PB ADP AA . 72.57 11.25 32.61
O1B ADP AA . 73.71 11.97 33.27
O2B ADP AA . 71.67 10.49 33.55
O3B ADP AA . 72.94 10.52 31.36
PA ADP AA . 72.13 13.50 30.99
O1A ADP AA . 73.02 14.49 31.69
O2A ADP AA . 72.63 12.76 29.78
O3A ADP AA . 71.62 12.44 32.08
O5' ADP AA . 70.74 14.20 30.64
C5' ADP AA . 69.66 13.95 31.55
C4' ADP AA . 68.51 14.92 31.37
O4' ADP AA . 68.97 16.16 30.86
C3' ADP AA . 67.48 14.41 30.39
O3' ADP AA . 66.32 13.99 31.10
C2' ADP AA . 67.12 15.59 29.53
O2' ADP AA . 65.73 15.88 29.66
C1' ADP AA . 67.94 16.75 30.08
N9 ADP AA . 68.52 17.56 29.00
C8 ADP AA . 69.33 17.11 28.02
N7 ADP AA . 69.69 18.12 27.19
C5 ADP AA . 69.10 19.24 27.64
C6 ADP AA . 69.07 20.66 27.23
N6 ADP AA . 69.76 21.09 26.14
N1 ADP AA . 68.35 21.51 27.98
C2 ADP AA . 67.67 21.10 29.06
N3 ADP AA . 67.65 19.82 29.49
C4 ADP AA . 68.34 18.87 28.82
MG MG BA . 75.23 12.21 34.37
P PO4 CA . 72.80 10.22 36.90
O1 PO4 CA . 73.60 9.18 37.64
O2 PO4 CA . 73.59 10.69 35.70
O3 PO4 CA . 71.49 9.62 36.44
O4 PO4 CA . 72.52 11.39 37.81
PB ADP DA . 28.79 16.53 41.52
O1B ADP DA . 29.86 16.48 42.58
O2B ADP DA . 29.28 16.76 40.12
O3B ADP DA . 27.58 17.36 41.92
PA ADP DA . 27.74 14.35 42.87
O1A ADP DA . 29.01 14.07 43.64
O2A ADP DA . 26.65 15.17 43.49
O3A ADP DA . 28.19 15.05 41.49
O5' ADP DA . 27.12 12.96 42.37
C5' ADP DA . 26.80 12.80 40.99
C4' ADP DA . 27.05 11.37 40.55
O4' ADP DA . 26.91 10.47 41.64
C3' ADP DA . 26.06 10.94 39.49
O3' ADP DA . 26.71 10.97 38.21
C2' ADP DA . 25.69 9.52 39.85
O2' ADP DA . 26.16 8.64 38.84
C1' ADP DA . 26.41 9.22 41.15
N9 ADP DA . 25.51 8.60 42.15
C8 ADP DA . 24.64 9.27 42.93
N7 ADP DA . 23.98 8.43 43.76
C5 ADP DA . 24.43 7.19 43.52
C6 ADP DA . 24.16 5.84 44.03
N6 ADP DA . 23.24 5.64 45.01
N1 ADP DA . 24.85 4.81 43.52
C2 ADP DA . 25.76 4.99 42.56
N3 ADP DA . 26.06 6.19 42.03
C4 ADP DA . 25.45 7.32 42.47
MG MG EA . 31.04 18.31 43.88
P PO4 FA . 33.06 17.61 40.46
O1 PO4 FA . 34.26 18.50 40.69
O2 PO4 FA . 32.46 17.25 41.80
O3 PO4 FA . 32.03 18.33 39.62
O4 PO4 FA . 33.49 16.37 39.73
#